data_6L54
#
_entry.id   6L54
#
_cell.length_a   1.00
_cell.length_b   1.00
_cell.length_c   1.00
_cell.angle_alpha   90.00
_cell.angle_beta   90.00
_cell.angle_gamma   90.00
#
_symmetry.space_group_name_H-M   'P 1'
#
loop_
_entity.id
_entity.type
_entity.pdbx_description
1 polymer 'Serine/threonine-protein kinase SMG1'
2 polymer 'Protein SMG8'
3 polymer 'Protein SMG9'
4 non-polymer "GUANOSINE-5'-TRIPHOSPHATE"
5 non-polymer 'MAGNESIUM ION'
#
loop_
_entity_poly.entity_id
_entity_poly.type
_entity_poly.pdbx_seq_one_letter_code
_entity_poly.pdbx_strand_id
1 'polypeptide(L)'
;MSRRAPGSRLSSGGGGGGTKYPRSWNDWQPRTDSASADPDNLKYSSSRDRGGSSSYGLQPSNSAVVSRQRHDDTRVHADI
QNDEKGGYSVNGGSGENTYGRKSLGQELRVNNVTSPEFTSVQHGSRALATKDMRKSQERSMSYSDESRLSNLLRRITRED
DRDRRLATVKQLKEFIQQPENKLVLVKQLDNILAAVHDVLNESSKLLQELRQEGACCLGLLCASLSYEAEKIFKWIFSKF
SSSAKDEVKLLYLCATYKALETVGEKKAFSSVMQLVMTSLQSILENVDTPELLCKCVKCILLVARCYPHIFSTNFRDTVD
ILVGWHIDHTQKPSLTQQVSGWLQSLEPFWVADLAFSTTLLGQFLEDMEAYAEDLSHVASGESVDEDVPPPSVSLPKLAA
LLRVFSTVVRSIGERFSPIRGPPITEAYVTDVLYRVMRCVTAANQVFFSEAVLTAANECVGVLLGSLDPSMTIHCDMVIT
YGLDQLENCQTCGTDYIISVLNLLTLIVEQINTKLPSSFVEKLFIPSSKLLFLRYHKEKEVVAVAHAVYQAVLSLKNIPV
LETAYKLILGEMTCALNNLLHSLQLPEACSEIKHEAFKNHVFNVDNAKFVVIFDLSALTTIGNAKNSLIGMWALSPTVFA
LLSKNLMIVHSDLAVHFPAIQYAVLYTLYSHCTRHDHFISSSLSSSSPSLFDGAVISTVTTATKKHFSIILNLLGILLKK
DNLNQDTRKLLMTWALEAAVLMKKSETYAPLFSLPSFHKFCKGLLANTLVEDVNICLQACSSLHALSSSLPDDLLQRCVD
VCRVQLVHSGTRIRQAFGKLLKSIPLDVVLSNNNHTEIQEISLALRSHMSKAPSNTFHPQDFSDVISFILYGNSHRTGKD
NWLERLFYSCQRLDKRDQSTIPRNLLKTDAVLWQWAIWEAAQFTVLSKLRTPLGRAQDTFQTIEGIIRSLAAHTLNPDQD
VSQWTTADNDEGHGNNQLRLVLLLQYLENLEKLMYNAYEGCANALTSPPKVIRTFFYTNRQTCQDWLTRIRLSIMRVGLL
AGQPAVTVRHGFDLLTEMKTTSLSQGNELEVTIMMVVEALCELHCPEAIQGIAVWSSSIVGKNLLWINSVAQQAEGRFEK
ASVEYQEHLCAMTGVDCCISSFDKSVLTLANAGRNSASPKHSLNGESRKTVLSKPTDSSPEVINYLGNKACECYISIADW
AAVQEWQNAIHDLKKSTSSTSLNLKADFNYIKSLSSFESGKFVECTEQLELLPGENINLLAGGSKEKIDMKKLLPNMLSP
DPRELQKSIEVQLLRSSVCLATALNPIEQDQKWQSITENVVKYLKQTSRIAIGPLRLSTLTVSQSLPVLSTLQLYCSSAL
ENTVSNRLSTEDCLIPLFSEALRSCKQHDVRPWMQALRYTMYQNQLLEKIKEQTVPIRSHLMELGLTAAKFARKRGNVSL
ATRLLAQCSEVQLGKTTTAQDLVQHFKKLSTQGQVDEKWGPELDIEKTKLLYTAGQSTHAMEMLSSCAISFCKSVKAEYA
VAKSILTLAKWIQAEWKEISGQLKQVYRAQHQQNFTGLSTLSKNILTLIELPSVNTMEEEYPRIESESTVHIGVGEPDFI
LGQLYHLSSVQAPEVAKSWAALASWAYRWGRKVVDNASQGEGVRLLPREKSEVQNLLPDTITEEEKERIYGILGQAVCRP
AGIQDEDITLQITESEDNEEDDMVDVIWRQLISSCPWLSELDESATEGVIKVWRKVVDRIFSLYKLSCSAYFTFLKLNAG
QIPLDEDDPRLHLSHRVEQSTDDMIVMATLRLLRLLVKHAGELRQYLEHGLETTPTAPWRGIIPQLFSRLNHPEVYVRQS
ICNLLCRVAQDSPHLILYPAIVGTISLSSESQASGNKFSTAIPTLLGNIQGEELLVSECEGGSPPASQDSNKDEPKSGLN
EDQAMMQDCYSKIVDKLSSANPTMVLQVQMLVAELRRVTVLWDELWLGVLLQQHMYVLRRIQQLEDEVKRVQNNNTLRKE
EKIAIMREKHTALMKPIVFALEHVRSITAAPAETPHEKWFQDNYGDAIENALEKLKTPLNPAKPGSSWIPFKEIMLSLQQ
RAQKRASYILRLEEISPWLAAMTNTEIALPGEVSARDTVTIHSVGGTITILPTKTKPKKLLFLGSDGKSYPYLFKGLEDL
HLDERIMQFLSIVNTMFATINRQETPRFHARHYSVTPLGTRSGLIQWVDGATPLFGLYKRWQQREAALQAQKAQDSYQTP
QNPGIVPRPSELYYSKIGPALKTVGLSLDVSRRDWPLHVMKAVLEELMEATPPNLLAKELWSSCTTPDEWWRVTQSYARS
TAVMSMVGYIIGLGDRHLDNVLIDMTTGEVVHIDYNVCFEKGKSLRVPEKVPFRMTQNIETALGVTGVEGVFRLSCEQVL
HIMRRGRETLLTLLEAFVYDPLVDWTAGGEAGFAGAVYGGGGQQAESKQSKREMEREITRSLFSSRVAEIKVNWFKNRDE
MLVVLPKLDGSLDEYLSLQEQLTDVEKLQGKLLEEIEFLEGAEGVDHPSHTLQHRYSEHTQLQTQQRAVQEAIQVKLNEF
EQWITHYQAAFNNLEATQLASLLQEISTQMDLGPPSYVPATAFLQNAGQAHLISQCEQLEGEVGALLQQRRSVLRGCLEQ
LHHYATVALQYPKAIFQKHRIEQWKTWMEELICNTTVERCQELYRKYEMQYAPQPPPTVCQFITATEMTLQRYAADINSR
LIRQVERLKQEAVTVPVCEDQLKEIERCIKVFLHENGEEGSLSLASVIISALCTLTRRNLMMEGAASSAGEQLVDLTSRD
GAWFLEELCSMSGNVTCLVQLLKQCHLVPQDLDIPNPMEASETVHLANGVYTSLQELNSNFRQIIFPEALRCLMKGEYTL
ESMLHELDGLIEQTTDGVPLQTLVESLQAYLRNAAMGLEEETHAHYIDVARLLHAQYGELIQPRNGSVDETPKMSAGQML
LVAFDGMFAQVETAFSLLVEKLNKMEIPIAWRKIDIIREARSTQVNFFDDDNHRQVLEEIFFLKRLQTIKEFFRLCGTFS
KTLSGSSSLEDQNTVNGPVQIVNVKTLFRNSCFSEDQMAKPIKAFTADFVRQLLIGLPNQALGLTLCSFISALGVDIIAQ
VEAKDFGAESKVSVDDLCKKAVEHNIQIGKFSQLVMNRATVLASSYDTAWKKHDLVRRLETSISSCKTSLQRVQLHIAMF
QWQHEDLLINRPQAMSVTPPPRSAILTSMKKKLHTLSQIETSIATVQEKLAALESSIEQRLKWAGGANPALAPVLQDFEA
TIAERRNLVLKESQRASQVTFLCSNIIHFESLRTRTAEALNLDAALFELIKRCQQMCSFASQFNSSVSELELRLLQRVDT
GLEHPIGSSEWLLSAHKQLTQDMSTQRAIQTEKEQQIETVCETIQNLVDNIKTVLTGHNRQLGDVKHLLKAMAKDEEAAL
ADGEDVPYENSVRQFLGEYKSWQDNIQTVLFTLVQAMGQVRSQEHVEMLQEITPTLKELKTQSQSIYNNLVSFASPLVTD
ATNECSSPTSSATYQPSFAAAVRSNTGQKTQPDVMSQNARKLIQKNLATSADTPPSTVPGTGKSVACSPKKAVRDPKTGK
AVQERNSYAVSVWKRVKAKLEGRDVDPNRRMSVAEQVDYVIKEATNLDNLAQLYEGWTAWV
;
A
2 'polypeptide(L)'
;MAGPVSLRDLLMGASAWMGSESPGGSPTEGGGSAAGGPEPPWREDEICVVGIFGKTALRLNSEKFSLVNTVCDRQVFPLF
RHQDPGDPGPGIRTEAGAVGEAGGAEDPGAAAGGSVRGSGAVAEGNRTEAGSQDYSLLQAYYSQESKVLYLLLTSICDNS
QLLRACRALQSGEAGGGLSLPHAEAHEFWKHQEKLQCLSLLYLFSVCHILLLVHPTCSFDITYDRVFRALDGLRQKVLPL
LKTAIKDCPVGKDWKLNCRPCPPRLLFLFQLNGALKVEPPRNQDPAHPDKPKKHSPKRRLQHALEDQIYRIFRKSRVLTN
QSINCLFTVPANQAFVYIVPGSQEEDPVGMLLDQLRSHCTVKDPESLLVPAPLSGPRRYQVMRQHSRQQLSFHIDSSSSS
SSGQLVDFTLREFLWQHVELVLSKKGFDDSVGRNPQPSHFELPTYQKWISAASKLYEVAIDGKEEDLGSPTGELTSKILS
SIKVLEGFLDIDTKFSENRCQKALPMAHSAYQSNLPHNYTMTVHKNQLAQALRVYSQHARGPAFHKYAMQLHEDCYKFWS
NGHQLCEERSLTDQHCVHKFHSLPKSGEKPEADRNPPVLYHNSRARSTGACNCGRKQAPRDDPFDIKAANYDFYQLLEEK
CCGKLDHINFPVFEPSTPDPAPAKNESSPAPPDSDADKLKEKEPQTQGESTSLSLALSLGQSTDSLGTYPADPQAGGDNP
EVHGQVEVKTEKRPNFVDRQASTVEYLPGMLHSNCPKGLLPKFSSWSLVKLGPAKSYNFHTGLDQQGFIPGTNYLMPWDI
VIRTRAEDEGDLDTNSWPAPNKAIPGKRSAVVMGRGRRRDDIARAFVGFEYEDSRGRRFMCSGPDKVMKVMGSGPKESAL
KALNSDMPLYILSSSQGRGLKPHYAQLMRLFVVVPDAPLQIILMPQVQPGPPPCPVFYPEKQEITLPPDGLWVLRFPYAY
VTERGPCFPPKENVQLMSYKVLRGVLKAVTQ
;
B
3 'polypeptide(L)'
;MSESGHSQPGLYGIERRRRWKEPGSGGPQNLSGPGGRERDYIAPWERERRDASEETSTSVMQKTPIILSKPPAERSKQPP
PPTAPAAPPAPAPLEKPIVLMKPREEGKGPVAVTGASTPEGTAPPPPAAPAPPKGEKEGQRPTQPVYQIQNRGMGTAAPA
AMDPVVGQAKLLPPERMKHSIKLVDDQMNWCDSAIEYLLDQTDVLVVGVLGLQGTGKSMVMSLLSANTPEEDQRTYVFRA
QSAEMKERGGNQTSGIDFFITQERIVFLDTQPILSPSILDHLINNDRKLPPEYNLPHTYVEMQSLQIAAFLFTVCHVVIV
VQDWFTDLSLYRFLQTAEMVKPSTPSPSHESSSSSGSDEGTEYYPHLVFLQNKARREDFCPRKLRQMHLMIDQLMAHSHL
RYKGTLSMLQCNVFPGLPPDFLDSEVNLFLVPFMDSEAESENPPRAGPGSSPLFSLLPGYRGHPSFQSLVSKLRSQVMSM
ARPQLSHTILTEKNWFHYAARIWDGVRKSSALAEYSRLLA
;
C
#
# COMPACT_ATOMS: atom_id res chain seq x y z
N SER A 36 45.00 -54.71 45.26
CA SER A 36 44.59 -55.88 46.01
C SER A 36 43.84 -55.48 47.29
N ALA A 37 44.36 -55.92 48.44
CA ALA A 37 43.74 -55.58 49.71
C ALA A 37 44.12 -54.17 50.17
N ASP A 38 45.28 -53.68 49.75
CA ASP A 38 45.69 -52.33 50.14
C ASP A 38 44.69 -51.27 49.67
N PRO A 39 44.23 -51.27 48.42
CA PRO A 39 43.22 -50.26 48.02
C PRO A 39 41.97 -50.31 48.87
N ASP A 40 41.62 -51.48 49.41
CA ASP A 40 40.46 -51.57 50.30
C ASP A 40 40.66 -50.68 51.52
N ASN A 41 41.82 -50.76 52.16
CA ASN A 41 42.10 -49.89 53.30
C ASN A 41 42.23 -48.43 52.86
N LEU A 42 42.86 -48.20 51.70
CA LEU A 42 43.00 -46.84 51.20
C LEU A 42 41.65 -46.18 50.93
N LYS A 43 40.62 -46.96 50.62
CA LYS A 43 39.30 -46.39 50.37
C LYS A 43 38.68 -45.82 51.64
N TYR A 44 39.18 -46.19 52.81
CA TYR A 44 38.63 -45.69 54.07
C TYR A 44 38.72 -44.17 54.14
N SER A 61 43.11 -38.65 51.94
CA SER A 61 41.69 -38.35 51.85
C SER A 61 41.04 -39.09 50.69
N ASN A 62 40.36 -38.33 49.82
CA ASN A 62 39.71 -38.92 48.67
C ASN A 62 40.69 -39.36 47.58
N SER A 63 41.96 -38.95 47.68
CA SER A 63 42.94 -39.36 46.67
C SER A 63 43.11 -40.87 46.65
N ALA A 64 43.36 -41.47 47.82
CA ALA A 64 43.50 -42.92 47.89
C ALA A 64 42.21 -43.62 47.52
N VAL A 65 41.06 -43.05 47.89
CA VAL A 65 39.78 -43.66 47.54
C VAL A 65 39.62 -43.72 46.03
N VAL A 66 39.96 -42.63 45.34
CA VAL A 66 39.87 -42.61 43.88
C VAL A 66 40.88 -43.56 43.27
N SER A 67 42.10 -43.59 43.80
CA SER A 67 43.11 -44.50 43.26
C SER A 67 42.69 -45.96 43.41
N ARG A 68 41.98 -46.29 44.49
CA ARG A 68 41.50 -47.65 44.69
C ARG A 68 40.25 -47.95 43.88
N GLN A 69 39.46 -46.91 43.55
CA GLN A 69 38.24 -47.12 42.78
C GLN A 69 38.54 -47.69 41.40
N ARG A 70 39.76 -47.54 40.89
CA ARG A 70 40.11 -48.08 39.59
C ARG A 70 40.34 -49.59 39.62
N HIS A 71 40.67 -50.15 40.79
CA HIS A 71 40.83 -51.59 40.90
C HIS A 71 39.51 -52.34 40.78
N ASP A 72 38.38 -51.64 40.97
CA ASP A 72 37.09 -52.31 40.88
C ASP A 72 36.84 -52.85 39.49
N ASP A 73 37.42 -52.23 38.46
CA ASP A 73 37.23 -52.70 37.10
C ASP A 73 37.88 -54.07 36.86
N THR A 74 38.87 -54.43 37.66
CA THR A 74 39.54 -55.72 37.51
C THR A 74 38.61 -56.87 37.88
N HIS A 77 38.85 -58.08 44.35
CA HIS A 77 38.90 -59.27 45.19
C HIS A 77 37.55 -59.57 45.83
N ALA A 78 37.52 -60.53 46.75
CA ALA A 78 36.28 -60.90 47.41
C ALA A 78 36.00 -60.09 48.66
N ASP A 79 37.04 -59.66 49.38
CA ASP A 79 36.84 -58.87 50.59
C ASP A 79 36.40 -57.45 50.31
N ILE A 80 36.35 -57.04 49.02
CA ILE A 80 35.92 -55.68 48.69
C ILE A 80 34.42 -55.55 48.56
N GLN A 81 33.70 -56.67 48.46
CA GLN A 81 32.24 -56.61 48.32
C GLN A 81 31.61 -55.87 49.50
N ASN A 82 31.85 -56.35 50.71
CA ASN A 82 31.32 -55.71 51.91
C ASN A 82 32.09 -54.45 52.30
N ASP A 83 33.24 -54.20 51.69
CA ASP A 83 34.03 -53.02 52.05
C ASP A 83 33.23 -51.74 51.83
N GLU A 84 32.69 -51.57 50.62
CA GLU A 84 31.94 -50.35 50.33
C GLU A 84 30.66 -50.28 51.13
N LYS A 85 30.01 -51.42 51.37
CA LYS A 85 28.78 -51.43 52.16
C LYS A 85 29.03 -51.05 53.61
N GLY A 86 30.22 -51.36 54.13
CA GLY A 86 30.54 -50.99 55.50
C GLY A 86 31.20 -49.64 55.60
N GLY A 87 31.65 -49.10 54.47
CA GLY A 87 32.28 -47.80 54.44
C GLY A 87 31.35 -46.70 53.95
N TYR A 88 30.53 -47.02 52.95
CA TYR A 88 29.58 -46.04 52.45
C TYR A 88 28.49 -45.73 53.47
N SER A 89 28.11 -46.70 54.29
CA SER A 89 27.10 -46.49 55.32
C SER A 89 27.66 -45.87 56.58
N VAL A 90 28.98 -45.67 56.66
CA VAL A 90 29.62 -45.07 57.82
C VAL A 90 30.17 -43.68 57.49
N ASN A 91 30.67 -43.49 56.28
CA ASN A 91 31.23 -42.21 55.87
C ASN A 91 30.09 -41.22 55.59
N GLY A 92 30.43 -40.02 55.13
CA GLY A 92 29.43 -39.01 54.87
C GLY A 92 28.65 -39.27 53.59
N GLY A 93 27.62 -38.46 53.39
CA GLY A 93 26.78 -38.61 52.21
C GLY A 93 27.51 -38.30 50.92
N SER A 94 28.45 -37.36 50.96
CA SER A 94 29.19 -37.01 49.75
C SER A 94 29.96 -38.21 49.22
N GLY A 95 30.75 -38.85 50.08
CA GLY A 95 31.50 -40.03 49.68
C GLY A 95 30.75 -41.32 49.93
N GLU A 96 29.53 -41.41 49.42
CA GLU A 96 28.69 -42.60 49.59
C GLU A 96 28.34 -43.26 48.27
N ASN A 97 27.87 -42.47 47.29
CA ASN A 97 27.52 -43.05 46.00
C ASN A 97 28.74 -43.60 45.29
N THR A 98 29.90 -42.95 45.45
CA THR A 98 31.13 -43.47 44.87
C THR A 98 31.42 -44.88 45.36
N TYR A 99 31.38 -45.08 46.68
CA TYR A 99 31.58 -46.42 47.22
C TYR A 99 30.49 -47.38 46.76
N GLY A 100 29.24 -46.92 46.76
CA GLY A 100 28.15 -47.77 46.30
C GLY A 100 28.33 -48.28 44.89
N ARG A 101 28.94 -47.46 44.03
CA ARG A 101 29.19 -47.85 42.64
C ARG A 101 30.52 -48.57 42.45
N LYS A 102 31.46 -48.44 43.39
CA LYS A 102 32.75 -49.10 43.24
C LYS A 102 32.59 -50.61 43.14
N SER A 103 32.09 -51.24 44.19
CA SER A 103 32.01 -52.69 44.26
C SER A 103 31.04 -53.29 43.24
N LEU A 104 30.33 -52.46 42.48
CA LEU A 104 29.36 -52.95 41.49
C LEU A 104 30.00 -53.33 40.17
N GLY A 105 31.32 -53.42 40.10
CA GLY A 105 31.99 -53.77 38.86
C GLY A 105 33.15 -54.72 39.04
N GLN A 106 33.30 -55.28 40.25
CA GLN A 106 34.42 -56.17 40.54
C GLN A 106 34.09 -57.62 40.22
N GLU A 107 33.05 -58.16 40.87
CA GLU A 107 32.71 -59.57 40.71
C GLU A 107 31.22 -59.75 40.41
N LEU A 108 30.77 -61.00 40.40
CA LEU A 108 29.36 -61.28 40.10
C LEU A 108 28.44 -60.91 41.25
N ARG A 109 28.93 -61.00 42.50
CA ARG A 109 28.15 -60.64 43.68
C ARG A 109 26.82 -61.39 43.71
N VAL A 110 26.93 -62.73 43.69
CA VAL A 110 25.74 -63.56 43.72
C VAL A 110 25.10 -63.53 45.10
N ASN A 111 25.89 -63.75 46.15
CA ASN A 111 25.39 -63.75 47.52
C ASN A 111 26.25 -62.97 48.49
N ASN A 112 27.41 -62.46 48.09
CA ASN A 112 28.28 -61.73 49.01
C ASN A 112 27.80 -60.29 49.19
N VAL A 113 27.53 -59.60 48.08
CA VAL A 113 27.10 -58.20 48.17
C VAL A 113 25.67 -58.11 48.67
N THR A 114 24.79 -58.98 48.18
CA THR A 114 23.39 -58.96 48.58
C THR A 114 23.17 -59.43 50.01
N SER A 115 24.20 -59.97 50.67
CA SER A 115 24.02 -60.45 52.04
C SER A 115 23.90 -59.31 53.03
N PRO A 116 24.88 -58.41 53.16
CA PRO A 116 24.78 -57.33 54.16
C PRO A 116 23.78 -56.25 53.81
N GLU A 117 23.31 -56.21 52.55
CA GLU A 117 22.36 -55.16 52.18
C GLU A 117 21.04 -55.31 52.92
N PHE A 118 20.61 -56.54 53.21
CA PHE A 118 19.38 -56.75 53.94
C PHE A 118 19.51 -56.31 55.40
N THR A 119 20.74 -56.30 55.92
CA THR A 119 21.00 -55.89 57.30
C THR A 119 21.30 -54.41 57.42
N SER A 120 20.84 -53.59 56.47
CA SER A 120 21.08 -52.15 56.49
C SER A 120 19.88 -51.39 57.03
N VAL A 121 19.16 -51.96 58.00
CA VAL A 121 17.99 -51.32 58.58
C VAL A 121 18.35 -50.24 59.59
N GLN A 122 19.64 -49.99 59.82
CA GLN A 122 20.04 -48.97 60.79
C GLN A 122 19.53 -47.59 60.39
N HIS A 123 19.75 -47.21 59.13
CA HIS A 123 19.34 -45.91 58.61
C HIS A 123 18.68 -46.09 57.25
N GLY A 124 18.03 -45.04 56.79
CA GLY A 124 17.34 -45.07 55.51
C GLY A 124 18.29 -45.01 54.33
N SER A 125 19.18 -44.02 54.32
CA SER A 125 20.14 -43.91 53.22
C SER A 125 21.10 -45.09 53.20
N ARG A 126 21.53 -45.56 54.36
CA ARG A 126 22.43 -46.70 54.42
C ARG A 126 21.81 -47.93 53.75
N ALA A 127 20.48 -48.02 53.73
CA ALA A 127 19.80 -49.11 53.06
C ALA A 127 19.51 -48.81 51.60
N LEU A 128 19.12 -47.58 51.29
CA LEU A 128 18.82 -47.24 49.90
C LEU A 128 20.07 -47.35 49.03
N ALA A 129 21.17 -46.75 49.47
CA ALA A 129 22.41 -46.81 48.69
C ALA A 129 22.88 -48.24 48.51
N THR A 130 22.75 -49.08 49.54
CA THR A 130 23.20 -50.46 49.42
C THR A 130 22.30 -51.25 48.48
N LYS A 131 20.98 -51.12 48.62
CA LYS A 131 20.06 -51.75 47.68
C LYS A 131 20.31 -51.29 46.25
N ASP A 132 20.82 -50.07 46.08
CA ASP A 132 21.31 -49.68 44.76
C ASP A 132 22.37 -50.63 44.25
N MET A 133 23.19 -51.17 45.15
CA MET A 133 24.19 -52.16 44.75
C MET A 133 23.53 -53.42 44.21
N ARG A 134 22.51 -53.94 44.92
CA ARG A 134 21.77 -55.09 44.41
C ARG A 134 21.18 -54.79 43.04
N LYS A 135 20.56 -53.61 42.89
CA LYS A 135 19.96 -53.26 41.61
C LYS A 135 20.99 -53.25 40.49
N SER A 136 22.12 -52.57 40.71
CA SER A 136 23.16 -52.50 39.69
C SER A 136 23.74 -53.88 39.37
N GLN A 137 23.96 -54.73 40.37
CA GLN A 137 24.53 -56.04 40.11
C GLN A 137 23.53 -56.92 39.35
N GLU A 138 22.24 -56.82 39.68
CA GLU A 138 21.24 -57.60 38.98
C GLU A 138 21.05 -57.11 37.55
N ARG A 139 21.23 -55.82 37.31
CA ARG A 139 21.13 -55.28 35.95
C ARG A 139 22.41 -55.48 35.15
N SER A 140 23.54 -55.76 35.81
CA SER A 140 24.79 -56.01 35.11
C SER A 140 25.09 -57.48 34.87
N MET A 141 24.61 -58.38 35.73
CA MET A 141 24.87 -59.80 35.53
C MET A 141 24.29 -60.29 34.21
N SER A 142 22.96 -60.26 34.10
CA SER A 142 22.22 -60.58 32.88
C SER A 142 22.26 -62.06 32.52
N TYR A 143 22.78 -62.92 33.39
CA TYR A 143 22.82 -64.35 33.13
C TYR A 143 21.87 -65.15 34.03
N SER A 144 21.04 -64.47 34.82
CA SER A 144 19.95 -65.12 35.56
C SER A 144 20.49 -66.05 36.64
N ASP A 145 21.45 -65.56 37.42
CA ASP A 145 21.92 -66.28 38.60
C ASP A 145 21.45 -65.63 39.90
N GLU A 146 21.72 -64.35 40.08
CA GLU A 146 21.15 -63.59 41.21
C GLU A 146 20.64 -62.27 40.65
N SER A 147 19.38 -62.27 40.21
CA SER A 147 18.73 -61.06 39.70
C SER A 147 17.23 -61.34 39.70
N ARG A 148 16.52 -60.76 40.67
CA ARG A 148 15.10 -61.06 40.87
C ARG A 148 14.91 -62.56 41.05
N LEU A 149 15.77 -63.17 41.87
CA LEU A 149 15.87 -64.61 42.00
C LEU A 149 14.81 -65.20 42.93
N SER A 150 15.04 -66.43 43.37
CA SER A 150 14.08 -67.19 44.15
C SER A 150 14.06 -66.66 45.59
N ASN A 151 13.50 -67.45 46.51
CA ASN A 151 13.14 -67.02 47.85
C ASN A 151 14.16 -66.09 48.49
N LEU A 152 15.45 -66.21 48.11
CA LEU A 152 16.42 -65.21 48.52
C LEU A 152 15.96 -63.80 48.16
N LEU A 153 15.44 -63.63 46.95
CA LEU A 153 14.92 -62.34 46.52
C LEU A 153 13.88 -61.78 47.47
N ARG A 154 13.31 -62.63 48.33
CA ARG A 154 12.36 -62.14 49.34
C ARG A 154 12.95 -60.99 50.15
N ARG A 155 14.27 -60.97 50.31
CA ARG A 155 14.90 -59.84 51.00
C ARG A 155 14.47 -58.52 50.36
N ILE A 156 14.63 -58.40 49.04
CA ILE A 156 14.17 -57.20 48.35
C ILE A 156 12.69 -56.96 48.61
N THR A 157 11.90 -58.03 48.66
CA THR A 157 10.48 -57.89 49.00
C THR A 157 10.33 -57.24 50.37
N ARG A 158 11.09 -57.73 51.36
CA ARG A 158 11.13 -57.05 52.65
C ARG A 158 11.50 -55.59 52.48
N GLU A 159 12.49 -55.31 51.63
CA GLU A 159 12.81 -53.93 51.28
C GLU A 159 11.58 -53.21 50.75
N ASP A 160 10.87 -53.84 49.80
CA ASP A 160 9.63 -53.25 49.29
C ASP A 160 8.60 -53.08 50.40
N ASP A 161 8.65 -53.95 51.42
CA ASP A 161 7.75 -53.84 52.55
C ASP A 161 8.15 -52.74 53.53
N ARG A 162 9.37 -52.20 53.39
CA ARG A 162 9.83 -51.13 54.26
C ARG A 162 9.99 -49.79 53.56
N ASP A 163 10.11 -49.78 52.23
CA ASP A 163 10.27 -48.52 51.51
C ASP A 163 9.09 -47.59 51.71
N ARG A 164 7.91 -48.12 52.07
CA ARG A 164 6.76 -47.28 52.34
C ARG A 164 6.87 -46.53 53.66
N ARG A 165 7.74 -46.98 54.57
CA ARG A 165 7.92 -46.28 55.84
C ARG A 165 8.53 -44.89 55.61
N LEU A 166 9.45 -44.78 54.66
CA LEU A 166 10.09 -43.51 54.34
C LEU A 166 9.16 -42.68 53.45
N ALA A 167 9.69 -41.61 52.87
CA ALA A 167 8.94 -40.74 51.99
C ALA A 167 8.90 -41.24 50.55
N THR A 168 9.12 -42.54 50.34
CA THR A 168 9.17 -43.19 49.03
C THR A 168 10.50 -42.95 48.33
N VAL A 169 11.48 -42.34 49.00
CA VAL A 169 12.79 -42.16 48.39
C VAL A 169 13.44 -43.50 48.08
N LYS A 170 13.22 -44.50 48.94
CA LYS A 170 13.75 -45.83 48.68
C LYS A 170 13.03 -46.52 47.53
N GLN A 171 11.86 -46.02 47.13
CA GLN A 171 11.12 -46.59 46.00
C GLN A 171 11.47 -45.94 44.67
N LEU A 172 12.22 -44.84 44.68
CA LEU A 172 12.55 -44.17 43.43
C LEU A 172 13.38 -45.05 42.51
N LYS A 173 14.17 -45.97 43.09
CA LYS A 173 15.00 -46.87 42.29
C LYS A 173 14.82 -48.34 42.64
N GLU A 174 14.33 -48.68 43.82
CA GLU A 174 14.14 -50.06 44.22
C GLU A 174 12.85 -50.68 43.70
N PHE A 175 12.15 -49.99 42.79
CA PHE A 175 10.93 -50.52 42.19
C PHE A 175 10.96 -50.35 40.68
N ILE A 176 11.77 -49.41 40.19
CA ILE A 176 11.84 -49.16 38.75
C ILE A 176 12.68 -50.21 38.05
N GLN A 177 13.72 -50.70 38.70
CA GLN A 177 14.58 -51.74 38.12
C GLN A 177 14.12 -53.15 38.43
N GLN A 178 13.18 -53.32 39.37
CA GLN A 178 12.70 -54.67 39.68
C GLN A 178 12.04 -55.33 38.48
N PRO A 179 11.10 -54.72 37.78
CA PRO A 179 10.51 -55.40 36.62
C PRO A 179 11.53 -55.69 35.52
N GLU A 180 12.52 -54.81 35.35
CA GLU A 180 13.55 -55.06 34.34
C GLU A 180 14.46 -56.21 34.74
N ASN A 181 14.72 -56.38 36.04
CA ASN A 181 15.54 -57.49 36.51
C ASN A 181 14.85 -58.83 36.30
N LYS A 182 13.51 -58.85 36.23
CA LYS A 182 12.77 -60.09 36.01
C LYS A 182 12.59 -60.29 34.51
N LEU A 183 13.38 -61.19 33.94
CA LEU A 183 13.35 -61.46 32.50
C LEU A 183 12.85 -62.85 32.15
N VAL A 184 13.01 -63.83 33.04
CA VAL A 184 12.60 -65.21 32.79
C VAL A 184 11.54 -65.66 33.79
N LEU A 185 11.78 -65.43 35.08
CA LEU A 185 10.83 -65.83 36.11
C LEU A 185 9.74 -64.78 36.28
N VAL A 186 8.52 -65.24 36.53
CA VAL A 186 7.37 -64.37 36.69
C VAL A 186 6.90 -64.43 38.13
N LYS A 187 6.33 -63.32 38.60
CA LYS A 187 5.79 -63.23 39.96
C LYS A 187 4.64 -62.24 39.96
N GLN A 188 3.49 -62.66 40.49
CA GLN A 188 2.29 -61.84 40.53
C GLN A 188 1.97 -61.29 41.90
N LEU A 189 2.31 -62.03 42.97
CA LEU A 189 2.06 -61.52 44.32
C LEU A 189 2.82 -60.23 44.58
N ASP A 190 3.90 -59.99 43.84
CA ASP A 190 4.65 -58.74 44.02
C ASP A 190 3.78 -57.53 43.71
N ASN A 191 2.91 -57.63 42.70
CA ASN A 191 2.02 -56.52 42.39
C ASN A 191 1.10 -56.20 43.56
N ILE A 192 0.54 -57.23 44.20
CA ILE A 192 -0.35 -57.01 45.34
C ILE A 192 0.43 -56.44 46.52
N LEU A 193 1.59 -57.01 46.81
CA LEU A 193 2.39 -56.51 47.94
C LEU A 193 2.82 -55.07 47.71
N ALA A 194 3.02 -54.67 46.46
CA ALA A 194 3.36 -53.27 46.17
C ALA A 194 2.14 -52.37 46.32
N ALA A 195 1.03 -52.73 45.68
CA ALA A 195 -0.18 -51.92 45.76
C ALA A 195 -0.70 -51.79 47.18
N VAL A 196 -0.34 -52.72 48.07
CA VAL A 196 -0.80 -52.62 49.45
C VAL A 196 -0.36 -51.32 50.09
N HIS A 197 0.76 -50.76 49.65
CA HIS A 197 1.29 -49.52 50.21
C HIS A 197 1.39 -48.38 49.19
N ASP A 198 1.54 -48.69 47.90
CA ASP A 198 1.65 -47.63 46.90
C ASP A 198 0.40 -46.78 46.80
N VAL A 199 -0.73 -47.26 47.33
CA VAL A 199 -1.98 -46.50 47.29
C VAL A 199 -2.63 -46.33 48.65
N LEU A 200 -2.29 -47.13 49.66
CA LEU A 200 -2.84 -46.96 50.99
C LEU A 200 -2.01 -46.01 51.84
N ASN A 201 -0.71 -46.28 51.96
CA ASN A 201 0.17 -45.38 52.70
C ASN A 201 0.29 -44.03 52.00
N GLU A 202 0.30 -44.04 50.67
CA GLU A 202 0.40 -42.79 49.91
C GLU A 202 -0.91 -42.03 49.86
N SER A 203 -2.04 -42.68 50.18
CA SER A 203 -3.33 -42.00 50.15
C SER A 203 -3.34 -40.80 51.10
N SER A 204 -2.57 -40.87 52.19
CA SER A 204 -2.48 -39.77 53.14
C SER A 204 -1.04 -39.52 53.55
N LYS A 205 -0.10 -39.69 52.63
CA LYS A 205 1.32 -39.52 52.92
C LYS A 205 1.78 -38.06 52.79
N LEU A 206 0.84 -37.12 52.74
CA LEU A 206 1.15 -35.69 52.73
C LEU A 206 2.02 -35.33 51.52
N LEU A 207 1.44 -35.52 50.34
CA LEU A 207 2.08 -35.15 49.08
C LEU A 207 3.42 -35.88 48.92
N GLN A 208 3.37 -37.20 48.72
CA GLN A 208 2.16 -37.96 48.33
C GLN A 208 1.43 -37.32 47.15
N GLU A 209 2.19 -36.75 46.22
CA GLU A 209 1.65 -36.17 44.99
C GLU A 209 2.12 -36.89 43.73
N LEU A 210 3.42 -37.12 43.59
CA LEU A 210 3.96 -37.84 42.44
C LEU A 210 4.26 -39.30 42.73
N ARG A 211 4.16 -39.72 44.00
CA ARG A 211 4.43 -41.12 44.33
C ARG A 211 3.42 -42.05 43.68
N GLN A 212 2.17 -41.60 43.57
CA GLN A 212 1.16 -42.41 42.88
C GLN A 212 1.55 -42.63 41.43
N GLU A 213 1.89 -41.55 40.71
CA GLU A 213 2.31 -41.70 39.32
C GLU A 213 3.59 -42.51 39.20
N GLY A 214 4.52 -42.35 40.16
CA GLY A 214 5.74 -43.13 40.12
C GLY A 214 5.48 -44.62 40.26
N ALA A 215 4.59 -45.00 41.18
CA ALA A 215 4.24 -46.39 41.36
C ALA A 215 3.36 -46.93 40.25
N CYS A 216 2.65 -46.04 39.53
CA CYS A 216 1.83 -46.50 38.41
C CYS A 216 2.64 -47.31 37.40
N CYS A 217 3.89 -46.89 37.16
CA CYS A 217 4.75 -47.63 36.24
C CYS A 217 5.01 -49.04 36.70
N LEU A 218 4.98 -49.30 38.01
CA LEU A 218 5.18 -50.66 38.50
C LEU A 218 4.16 -51.61 37.90
N GLY A 219 2.88 -51.31 38.08
CA GLY A 219 1.84 -52.13 37.47
C GLY A 219 1.88 -52.15 35.96
N LEU A 220 2.27 -51.03 35.33
CA LEU A 220 2.36 -51.00 33.88
C LEU A 220 3.38 -52.01 33.38
N LEU A 221 4.55 -52.06 34.01
CA LEU A 221 5.61 -52.98 33.61
C LEU A 221 5.47 -54.36 34.21
N CYS A 222 4.53 -54.57 35.14
CA CYS A 222 4.36 -55.86 35.79
C CYS A 222 3.01 -56.52 35.52
N ALA A 223 1.97 -55.73 35.26
CA ALA A 223 0.64 -56.29 35.03
C ALA A 223 0.49 -56.95 33.67
N SER A 224 1.55 -57.00 32.86
CA SER A 224 1.47 -57.67 31.57
C SER A 224 1.07 -59.12 31.72
N LEU A 225 1.49 -59.78 32.80
CA LEU A 225 1.12 -61.14 33.09
C LEU A 225 -0.12 -61.16 33.97
N SER A 226 -0.47 -62.34 34.49
CA SER A 226 -1.62 -62.49 35.37
C SER A 226 -2.91 -62.07 34.66
N TYR A 227 -3.27 -62.83 33.63
CA TYR A 227 -4.48 -62.56 32.87
C TYR A 227 -5.69 -62.36 33.78
N GLU A 228 -5.74 -63.09 34.90
CA GLU A 228 -6.82 -62.95 35.87
C GLU A 228 -6.43 -61.93 36.95
N ALA A 229 -6.22 -60.69 36.50
CA ALA A 229 -5.84 -59.60 37.38
C ALA A 229 -7.03 -58.83 37.92
N GLU A 230 -8.26 -59.25 37.61
CA GLU A 230 -9.43 -58.56 38.11
C GLU A 230 -9.64 -58.75 39.61
N LYS A 231 -8.88 -59.65 40.24
CA LYS A 231 -8.99 -59.82 41.68
C LYS A 231 -8.58 -58.56 42.42
N ILE A 232 -7.59 -57.83 41.91
CA ILE A 232 -7.19 -56.57 42.52
C ILE A 232 -8.34 -55.57 42.47
N PHE A 233 -8.99 -55.45 41.32
CA PHE A 233 -10.14 -54.56 41.20
C PHE A 233 -11.26 -55.00 42.14
N LYS A 234 -11.50 -56.31 42.24
CA LYS A 234 -12.56 -56.79 43.13
C LYS A 234 -12.26 -56.43 44.58
N TRP A 235 -11.01 -56.62 45.02
CA TRP A 235 -10.64 -56.30 46.39
C TRP A 235 -10.69 -54.79 46.64
N ILE A 236 -10.38 -53.99 45.63
CA ILE A 236 -10.40 -52.55 45.81
C ILE A 236 -11.82 -52.00 45.78
N PHE A 237 -12.74 -52.70 45.12
CA PHE A 237 -14.12 -52.24 45.00
C PHE A 237 -15.05 -52.84 46.04
N SER A 238 -14.67 -53.94 46.69
CA SER A 238 -15.50 -54.50 47.75
C SER A 238 -15.74 -53.47 48.85
N LYS A 239 -14.67 -52.91 49.41
CA LYS A 239 -14.79 -51.82 50.37
C LYS A 239 -15.10 -50.49 49.70
N PHE A 240 -15.02 -50.44 48.36
CA PHE A 240 -15.34 -49.21 47.64
C PHE A 240 -16.75 -48.73 47.97
N SER A 241 -17.76 -49.54 47.66
CA SER A 241 -19.13 -49.15 47.93
C SER A 241 -19.39 -48.98 49.42
N SER A 242 -18.72 -49.78 50.26
CA SER A 242 -18.90 -49.65 51.69
C SER A 242 -18.49 -48.27 52.18
N SER A 243 -17.29 -47.82 51.80
CA SER A 243 -16.82 -46.50 52.17
C SER A 243 -17.60 -45.40 51.46
N ALA A 244 -18.18 -45.69 50.29
CA ALA A 244 -18.96 -44.67 49.58
C ALA A 244 -20.28 -44.41 50.27
N LYS A 245 -21.08 -45.46 50.50
CA LYS A 245 -22.40 -45.29 51.09
C LYS A 245 -22.35 -45.00 52.59
N ASP A 246 -21.28 -45.41 53.28
CA ASP A 246 -21.16 -45.20 54.71
C ASP A 246 -19.89 -44.41 55.00
N GLU A 247 -19.96 -43.53 55.99
CA GLU A 247 -21.20 -43.32 56.74
C GLU A 247 -21.74 -41.91 56.54
N VAL A 248 -20.90 -40.91 56.83
CA VAL A 248 -21.25 -39.51 56.73
C VAL A 248 -20.05 -38.75 56.14
N LYS A 249 -20.21 -37.44 55.98
CA LYS A 249 -19.15 -36.60 55.45
C LYS A 249 -18.00 -36.54 56.45
N LEU A 250 -16.90 -37.23 56.14
CA LEU A 250 -15.75 -37.28 57.01
C LEU A 250 -14.48 -37.26 56.19
N LEU A 251 -13.38 -36.80 56.80
CA LEU A 251 -12.12 -36.70 56.09
C LEU A 251 -11.54 -38.07 55.78
N TYR A 252 -11.56 -38.98 56.77
CA TYR A 252 -11.06 -40.33 56.54
C TYR A 252 -11.79 -41.00 55.38
N LEU A 253 -13.11 -40.88 55.35
CA LEU A 253 -13.90 -41.45 54.28
C LEU A 253 -13.42 -40.90 52.95
N CYS A 254 -13.60 -39.61 52.72
CA CYS A 254 -13.18 -38.98 51.47
C CYS A 254 -11.78 -39.42 51.06
N ALA A 255 -10.85 -39.47 52.01
CA ALA A 255 -9.48 -39.85 51.70
C ALA A 255 -9.42 -41.27 51.15
N THR A 256 -9.98 -42.24 51.87
CA THR A 256 -9.93 -43.62 51.42
C THR A 256 -10.69 -43.81 50.11
N TYR A 257 -11.80 -43.06 49.94
CA TYR A 257 -12.57 -43.15 48.71
C TYR A 257 -11.75 -42.68 47.52
N LYS A 258 -11.07 -41.53 47.66
CA LYS A 258 -10.23 -41.04 46.58
C LYS A 258 -9.06 -41.97 46.32
N ALA A 259 -8.51 -42.59 47.37
CA ALA A 259 -7.43 -43.54 47.19
C ALA A 259 -7.90 -44.75 46.38
N LEU A 260 -9.06 -45.30 46.74
CA LEU A 260 -9.60 -46.44 46.00
C LEU A 260 -9.89 -46.07 44.56
N GLU A 261 -10.47 -44.89 44.34
CA GLU A 261 -10.73 -44.45 42.96
C GLU A 261 -9.44 -44.34 42.18
N THR A 262 -8.41 -43.73 42.77
CA THR A 262 -7.12 -43.60 42.08
C THR A 262 -6.54 -44.96 41.75
N VAL A 263 -6.66 -45.92 42.67
CA VAL A 263 -6.23 -47.28 42.37
C VAL A 263 -7.02 -47.85 41.19
N GLY A 264 -8.30 -47.51 41.12
CA GLY A 264 -9.13 -48.00 40.02
C GLY A 264 -8.54 -47.72 38.66
N GLU A 265 -7.86 -46.58 38.50
CA GLU A 265 -7.18 -46.26 37.26
C GLU A 265 -5.73 -46.71 37.24
N LYS A 266 -5.04 -46.65 38.38
CA LYS A 266 -3.65 -47.11 38.43
C LYS A 266 -3.54 -48.56 37.97
N LYS A 267 -4.49 -49.39 38.37
CA LYS A 267 -4.48 -50.79 37.95
C LYS A 267 -5.13 -50.99 36.59
N ALA A 268 -6.12 -50.16 36.24
CA ALA A 268 -6.79 -50.30 34.96
C ALA A 268 -5.89 -49.93 33.80
N PHE A 269 -4.94 -49.03 34.02
CA PHE A 269 -4.04 -48.61 32.94
C PHE A 269 -3.34 -49.81 32.31
N SER A 270 -3.06 -50.86 33.09
CA SER A 270 -2.35 -52.03 32.59
C SER A 270 -3.29 -53.15 32.16
N SER A 271 -4.36 -53.39 32.90
CA SER A 271 -5.29 -54.48 32.60
C SER A 271 -6.11 -54.11 31.37
N VAL A 272 -5.65 -54.53 30.20
CA VAL A 272 -6.35 -54.29 28.94
C VAL A 272 -6.45 -55.60 28.17
N MET A 273 -5.79 -56.64 28.68
CA MET A 273 -5.76 -57.92 27.98
C MET A 273 -7.12 -58.60 28.02
N GLN A 274 -7.64 -58.86 29.22
CA GLN A 274 -8.89 -59.60 29.37
C GLN A 274 -9.78 -58.91 30.38
N LEU A 275 -11.08 -59.15 30.25
CA LEU A 275 -11.59 -60.00 29.18
C LEU A 275 -12.04 -59.16 27.97
N VAL A 276 -13.02 -58.27 28.16
CA VAL A 276 -13.74 -58.12 29.41
C VAL A 276 -15.20 -58.50 29.18
N MET A 277 -15.67 -59.53 29.89
CA MET A 277 -17.00 -60.08 29.68
C MET A 277 -18.07 -59.23 30.37
N THR A 278 -18.17 -57.97 29.93
CA THR A 278 -19.20 -57.01 30.32
C THR A 278 -19.07 -56.59 31.78
N SER A 279 -18.09 -57.11 32.52
CA SER A 279 -17.94 -56.69 33.92
C SER A 279 -17.67 -55.20 34.03
N LEU A 280 -17.11 -54.59 32.98
CA LEU A 280 -16.85 -53.16 33.02
C LEU A 280 -18.13 -52.35 33.07
N GLN A 281 -19.23 -52.86 32.51
CA GLN A 281 -20.51 -52.18 32.65
C GLN A 281 -20.94 -52.11 34.11
N SER A 282 -20.87 -53.24 34.81
CA SER A 282 -21.18 -53.24 36.23
C SER A 282 -20.22 -52.35 37.01
N ILE A 283 -18.95 -52.30 36.58
CA ILE A 283 -18.00 -51.42 37.25
C ILE A 283 -18.42 -49.96 37.10
N LEU A 284 -18.76 -49.55 35.87
CA LEU A 284 -19.25 -48.20 35.65
C LEU A 284 -20.47 -47.91 36.50
N GLU A 285 -21.43 -48.83 36.54
CA GLU A 285 -22.64 -48.60 37.31
C GLU A 285 -22.34 -48.44 38.79
N ASN A 286 -21.52 -49.33 39.34
CA ASN A 286 -21.21 -49.31 40.77
C ASN A 286 -20.19 -48.23 41.13
N VAL A 287 -19.59 -47.56 40.15
CA VAL A 287 -18.72 -46.42 40.43
C VAL A 287 -19.52 -45.14 40.33
N ASP A 288 -20.55 -45.13 39.47
CA ASP A 288 -21.39 -43.95 39.32
C ASP A 288 -22.42 -43.84 40.44
N THR A 289 -22.98 -44.97 40.87
CA THR A 289 -23.97 -44.93 41.94
C THR A 289 -23.41 -44.38 43.24
N PRO A 290 -22.22 -44.76 43.70
CA PRO A 290 -21.72 -44.29 44.99
C PRO A 290 -21.17 -42.87 44.97
N GLU A 291 -21.16 -42.20 43.82
CA GLU A 291 -20.66 -40.84 43.72
C GLU A 291 -21.70 -39.83 43.24
N LEU A 292 -22.66 -40.24 42.42
CA LEU A 292 -23.66 -39.31 41.92
C LEU A 292 -24.56 -38.84 43.05
N LEU A 293 -25.24 -39.76 43.73
CA LEU A 293 -26.18 -39.40 44.79
C LEU A 293 -25.56 -39.42 46.17
N CYS A 294 -24.51 -40.23 46.39
CA CYS A 294 -23.91 -40.32 47.71
C CYS A 294 -23.25 -39.02 48.12
N LYS A 295 -22.34 -38.51 47.30
CA LYS A 295 -21.60 -37.28 47.59
C LYS A 295 -21.56 -36.46 46.31
N CYS A 296 -22.38 -35.42 46.21
CA CYS A 296 -23.34 -34.99 47.23
C CYS A 296 -22.65 -34.49 48.50
N VAL A 297 -21.32 -34.33 48.44
CA VAL A 297 -20.56 -33.76 49.54
C VAL A 297 -19.59 -32.67 49.08
N LYS A 298 -19.42 -32.48 47.77
CA LYS A 298 -18.50 -31.48 47.23
C LYS A 298 -17.05 -31.85 47.53
N CYS A 299 -16.75 -33.14 47.55
CA CYS A 299 -15.40 -33.61 47.81
C CYS A 299 -14.56 -33.49 46.54
N ILE A 300 -13.38 -34.11 46.53
CA ILE A 300 -12.49 -34.07 45.37
C ILE A 300 -12.97 -35.08 44.34
N LEU A 301 -13.77 -34.63 43.38
CA LEU A 301 -14.26 -35.48 42.31
C LEU A 301 -13.25 -35.69 41.19
N LEU A 302 -12.02 -35.18 41.35
CA LEU A 302 -11.02 -35.35 40.30
C LEU A 302 -10.86 -36.82 39.91
N VAL A 303 -10.46 -37.65 40.88
CA VAL A 303 -10.34 -39.08 40.61
C VAL A 303 -11.72 -39.69 40.38
N ALA A 304 -12.75 -39.15 41.03
CA ALA A 304 -14.10 -39.66 40.79
C ALA A 304 -14.53 -39.42 39.35
N ARG A 305 -14.08 -38.32 38.76
CA ARG A 305 -14.38 -38.03 37.36
C ARG A 305 -13.44 -38.76 36.41
N CYS A 306 -12.23 -39.08 36.85
CA CYS A 306 -11.27 -39.79 36.00
C CYS A 306 -11.53 -41.28 35.94
N TYR A 307 -12.11 -41.86 37.00
CA TYR A 307 -12.41 -43.30 36.98
C TYR A 307 -13.31 -43.68 35.83
N PRO A 308 -14.48 -43.06 35.62
CA PRO A 308 -15.30 -43.43 34.46
C PRO A 308 -14.59 -43.24 33.14
N HIS A 309 -13.62 -42.32 33.07
CA HIS A 309 -12.83 -42.15 31.85
C HIS A 309 -12.18 -43.46 31.43
N ILE A 310 -11.31 -44.00 32.29
CA ILE A 310 -10.64 -45.26 31.98
C ILE A 310 -11.64 -46.40 31.92
N PHE A 311 -12.71 -46.33 32.72
CA PHE A 311 -13.69 -47.41 32.74
C PHE A 311 -14.36 -47.57 31.38
N SER A 312 -14.77 -46.47 30.77
CA SER A 312 -15.45 -46.49 29.48
C SER A 312 -14.49 -46.40 28.30
N THR A 313 -13.21 -46.15 28.54
CA THR A 313 -12.24 -46.09 27.45
C THR A 313 -12.06 -47.42 26.73
N ASN A 314 -12.67 -48.50 27.22
CA ASN A 314 -12.51 -49.82 26.64
C ASN A 314 -13.68 -50.21 25.73
N PHE A 315 -14.75 -49.42 25.71
CA PHE A 315 -15.90 -49.70 24.87
C PHE A 315 -16.06 -48.57 23.85
N ARG A 316 -16.04 -48.92 22.57
CA ARG A 316 -16.15 -47.90 21.52
C ARG A 316 -17.61 -47.53 21.25
N ASP A 317 -18.40 -48.47 20.74
CA ASP A 317 -19.78 -48.19 20.39
C ASP A 317 -20.79 -49.28 20.75
N THR A 318 -20.37 -50.53 20.96
CA THR A 318 -21.26 -51.68 20.97
C THR A 318 -22.55 -51.44 21.76
N VAL A 319 -22.43 -51.25 23.07
CA VAL A 319 -23.61 -51.01 23.91
C VAL A 319 -23.17 -50.57 25.30
N ASP A 320 -24.01 -49.79 25.96
CA ASP A 320 -23.76 -49.38 27.34
C ASP A 320 -25.05 -48.75 27.87
N ILE A 321 -24.96 -48.16 29.07
CA ILE A 321 -26.09 -47.50 29.72
C ILE A 321 -25.89 -46.00 29.66
N LEU A 322 -25.25 -45.53 28.59
CA LEU A 322 -24.84 -44.14 28.43
C LEU A 322 -25.93 -43.15 28.88
N VAL A 323 -27.20 -43.55 28.79
CA VAL A 323 -28.27 -42.70 29.27
C VAL A 323 -28.06 -42.31 30.72
N GLY A 324 -27.50 -43.21 31.51
CA GLY A 324 -27.27 -42.94 32.93
C GLY A 324 -25.93 -42.28 33.20
N TRP A 325 -25.29 -41.76 32.15
CA TRP A 325 -24.00 -41.08 32.27
C TRP A 325 -24.11 -39.56 32.25
N HIS A 326 -25.11 -39.01 31.55
CA HIS A 326 -25.24 -37.56 31.47
C HIS A 326 -25.33 -36.95 32.86
N ILE A 327 -26.25 -37.46 33.69
CA ILE A 327 -26.38 -36.94 35.05
C ILE A 327 -25.06 -37.04 35.80
N ASP A 328 -24.24 -38.03 35.47
CA ASP A 328 -22.94 -38.14 36.11
C ASP A 328 -22.01 -37.02 35.67
N HIS A 329 -22.02 -36.68 34.38
CA HIS A 329 -21.15 -35.64 33.83
C HIS A 329 -21.85 -34.29 33.70
N THR A 330 -23.09 -34.28 33.21
CA THR A 330 -23.79 -33.02 33.03
C THR A 330 -24.00 -32.29 34.34
N GLN A 331 -24.03 -33.02 35.45
CA GLN A 331 -24.22 -32.40 36.76
C GLN A 331 -22.91 -31.96 37.40
N LYS A 332 -21.78 -32.46 36.93
CA LYS A 332 -20.49 -32.05 37.50
C LYS A 332 -20.16 -30.59 37.27
N PRO A 333 -20.54 -29.95 36.16
CA PRO A 333 -20.15 -28.55 35.96
C PRO A 333 -20.84 -27.59 36.92
N SER A 334 -20.39 -27.58 38.17
CA SER A 334 -20.91 -26.69 39.20
C SER A 334 -19.74 -25.83 39.66
N LEU A 335 -19.63 -24.63 39.10
CA LEU A 335 -18.51 -23.75 39.41
C LEU A 335 -18.48 -23.42 40.89
N THR A 336 -17.28 -23.11 41.38
CA THR A 336 -16.09 -23.11 40.53
C THR A 336 -14.87 -23.65 41.27
N GLN A 337 -14.64 -24.95 41.15
CA GLN A 337 -13.48 -25.58 41.75
C GLN A 337 -13.39 -27.03 41.28
N GLN A 338 -12.18 -27.49 41.00
CA GLN A 338 -10.99 -26.65 41.05
C GLN A 338 -10.41 -26.48 39.65
N VAL A 339 -9.24 -25.83 39.56
CA VAL A 339 -8.61 -25.66 38.25
C VAL A 339 -8.33 -27.01 37.61
N SER A 340 -7.86 -27.98 38.40
CA SER A 340 -7.68 -29.32 37.89
C SER A 340 -9.00 -30.07 37.78
N GLY A 341 -9.97 -29.73 38.62
CA GLY A 341 -11.29 -30.33 38.52
C GLY A 341 -11.97 -30.01 37.21
N TRP A 342 -11.73 -28.81 36.66
CA TRP A 342 -12.31 -28.48 35.36
C TRP A 342 -11.81 -29.44 34.28
N LEU A 343 -10.51 -29.73 34.26
CA LEU A 343 -9.98 -30.68 33.30
C LEU A 343 -10.50 -32.09 33.57
N GLN A 344 -10.49 -32.50 34.85
CA GLN A 344 -10.96 -33.83 35.22
C GLN A 344 -12.44 -34.04 34.92
N SER A 345 -13.21 -32.96 34.78
CA SER A 345 -14.62 -33.04 34.40
C SER A 345 -14.83 -32.91 32.90
N LEU A 346 -14.04 -32.08 32.22
CA LEU A 346 -14.17 -31.95 30.77
C LEU A 346 -13.70 -33.21 30.05
N GLU A 347 -12.70 -33.91 30.61
CA GLU A 347 -12.29 -35.17 30.02
C GLU A 347 -13.44 -36.16 29.96
N PRO A 348 -14.25 -36.34 31.01
CA PRO A 348 -15.46 -37.15 30.86
C PRO A 348 -16.37 -36.69 29.74
N PHE A 349 -16.39 -35.38 29.44
CA PHE A 349 -17.15 -34.91 28.28
C PHE A 349 -16.61 -35.52 27.00
N TRP A 350 -15.28 -35.51 26.84
CA TRP A 350 -14.67 -36.14 25.68
C TRP A 350 -14.98 -37.63 25.62
N VAL A 351 -14.95 -38.29 26.78
CA VAL A 351 -15.25 -39.73 26.81
C VAL A 351 -16.67 -39.98 26.36
N ALA A 352 -17.63 -39.21 26.88
CA ALA A 352 -19.02 -39.37 26.49
C ALA A 352 -19.21 -39.08 25.00
N ASP A 353 -18.53 -38.07 24.48
CA ASP A 353 -18.59 -37.78 23.06
C ASP A 353 -18.02 -38.91 22.23
N LEU A 354 -17.02 -39.64 22.74
CA LEU A 354 -16.51 -40.81 22.06
C LEU A 354 -17.48 -41.98 22.11
N ALA A 355 -18.34 -42.03 23.13
CA ALA A 355 -19.35 -43.07 23.24
C ALA A 355 -20.63 -42.73 22.50
N PHE A 356 -20.86 -41.46 22.18
CA PHE A 356 -22.03 -41.03 21.42
C PHE A 356 -21.76 -41.09 19.91
N SER A 357 -21.33 -42.26 19.44
CA SER A 357 -20.98 -42.40 18.03
C SER A 357 -22.17 -42.11 17.14
N THR A 358 -23.29 -42.79 17.38
CA THR A 358 -24.47 -42.63 16.53
C THR A 358 -25.77 -42.45 17.29
N THR A 359 -25.82 -42.70 18.59
CA THR A 359 -27.07 -42.61 19.36
C THR A 359 -26.89 -41.58 20.47
N LEU A 360 -27.10 -40.31 20.14
CA LEU A 360 -27.16 -39.26 21.14
C LEU A 360 -27.60 -37.97 20.45
N LEU A 361 -28.46 -37.21 21.13
CA LEU A 361 -28.94 -35.94 20.59
C LEU A 361 -29.85 -35.24 21.58
N GLY A 362 -30.30 -34.03 21.22
CA GLY A 362 -31.30 -33.34 22.01
C GLY A 362 -30.67 -32.39 23.01
N GLN A 363 -31.07 -32.53 24.28
CA GLN A 363 -30.65 -31.57 25.30
C GLN A 363 -29.16 -31.62 25.58
N PHE A 364 -28.48 -32.70 25.18
CA PHE A 364 -27.04 -32.82 25.47
C PHE A 364 -26.27 -31.62 24.92
N LEU A 365 -26.31 -31.44 23.59
CA LEU A 365 -25.60 -30.32 22.99
C LEU A 365 -26.24 -28.99 23.37
N GLU A 366 -27.56 -28.95 23.52
CA GLU A 366 -28.23 -27.72 23.91
C GLU A 366 -27.76 -27.22 25.26
N ASP A 367 -27.27 -28.10 26.13
CA ASP A 367 -26.72 -27.71 27.41
C ASP A 367 -25.32 -27.12 27.30
N MET A 368 -24.84 -26.87 26.08
CA MET A 368 -23.54 -26.26 25.84
C MET A 368 -23.68 -24.84 25.34
N GLU A 369 -24.71 -24.14 25.80
CA GLU A 369 -24.99 -22.76 25.42
C GLU A 369 -24.39 -21.75 26.38
N ALA A 370 -24.67 -21.88 27.68
CA ALA A 370 -24.13 -20.97 28.68
C ALA A 370 -23.69 -21.73 29.94
N TYR A 371 -23.29 -22.99 29.79
CA TYR A 371 -22.89 -23.82 30.91
C TYR A 371 -21.41 -24.18 30.88
N ALA A 372 -20.93 -24.76 29.78
CA ALA A 372 -19.53 -25.18 29.67
C ALA A 372 -18.65 -24.14 29.01
N GLU A 373 -19.22 -23.06 28.49
CA GLU A 373 -18.42 -22.03 27.82
C GLU A 373 -17.65 -21.16 28.80
N ASP A 374 -17.91 -21.28 30.10
CA ASP A 374 -17.21 -20.48 31.10
C ASP A 374 -15.84 -21.02 31.45
N LEU A 375 -15.41 -22.11 30.81
CA LEU A 375 -14.10 -22.73 31.07
C LEU A 375 -13.08 -22.33 30.02
N SER A 376 -13.15 -21.11 29.51
CA SER A 376 -12.27 -20.61 28.46
C SER A 376 -11.38 -19.49 28.97
N HIS A 377 -10.82 -19.67 30.16
CA HIS A 377 -10.03 -18.65 30.81
C HIS A 377 -8.54 -18.89 30.59
N VAL A 378 -7.70 -18.10 31.26
CA VAL A 378 -6.26 -18.09 30.99
C VAL A 378 -5.67 -19.48 31.11
N ALA A 379 -6.21 -20.31 32.01
CA ALA A 379 -5.66 -21.64 32.24
C ALA A 379 -5.53 -22.40 30.93
N SER A 380 -4.29 -22.76 30.56
CA SER A 380 -4.05 -23.46 29.31
C SER A 380 -4.60 -24.87 29.34
N GLY A 381 -4.39 -25.59 30.44
CA GLY A 381 -4.90 -26.93 30.57
C GLY A 381 -6.39 -27.01 30.38
N GLU A 382 -7.13 -26.26 31.20
CA GLU A 382 -8.59 -26.22 31.05
C GLU A 382 -9.00 -25.66 29.70
N SER A 383 -8.21 -24.71 29.16
CA SER A 383 -8.51 -24.17 27.84
C SER A 383 -8.56 -25.26 26.79
N VAL A 384 -7.50 -26.09 26.74
CA VAL A 384 -7.47 -27.16 25.75
C VAL A 384 -8.49 -28.24 26.07
N ASP A 385 -8.68 -28.53 27.36
CA ASP A 385 -9.65 -29.56 27.74
C ASP A 385 -11.08 -29.14 27.42
N GLU A 386 -11.35 -27.84 27.31
CA GLU A 386 -12.65 -27.36 26.86
C GLU A 386 -12.73 -27.17 25.36
N ASP A 387 -11.59 -26.92 24.71
CA ASP A 387 -11.56 -26.81 23.26
C ASP A 387 -11.59 -28.17 22.57
N VAL A 388 -11.33 -29.25 23.30
CA VAL A 388 -11.44 -30.60 22.76
C VAL A 388 -12.90 -31.04 22.62
N PRO A 389 -13.77 -30.68 23.56
CA PRO A 389 -15.19 -31.04 23.43
C PRO A 389 -15.80 -30.58 22.11
N PRO A 390 -15.42 -29.40 21.61
CA PRO A 390 -15.93 -28.96 20.31
C PRO A 390 -15.63 -29.99 19.23
N PRO A 391 -14.38 -30.43 19.11
CA PRO A 391 -14.09 -31.52 18.16
C PRO A 391 -14.88 -32.79 18.47
N SER A 392 -14.88 -33.21 19.74
CA SER A 392 -15.57 -34.44 20.11
C SER A 392 -17.06 -34.40 19.77
N VAL A 393 -17.64 -33.21 19.65
CA VAL A 393 -19.05 -33.06 19.35
C VAL A 393 -19.30 -32.89 17.85
N SER A 394 -18.44 -32.12 17.17
CA SER A 394 -18.63 -31.83 15.75
C SER A 394 -18.01 -32.87 14.83
N LEU A 395 -17.08 -33.68 15.33
CA LEU A 395 -16.40 -34.67 14.51
C LEU A 395 -17.25 -35.92 14.30
N PRO A 396 -17.85 -36.47 15.35
CA PRO A 396 -18.56 -37.76 15.20
C PRO A 396 -19.67 -37.69 14.17
N LYS A 397 -20.24 -38.86 13.90
CA LYS A 397 -21.30 -39.04 12.92
C LYS A 397 -22.63 -38.60 13.52
N LEU A 398 -23.74 -39.01 12.88
CA LEU A 398 -25.07 -38.60 13.28
C LEU A 398 -25.26 -37.09 13.09
N ALA A 399 -25.17 -36.67 11.83
CA ALA A 399 -25.31 -35.27 11.46
C ALA A 399 -26.53 -34.62 12.09
N ALA A 400 -27.55 -35.39 12.47
CA ALA A 400 -28.71 -34.82 13.14
C ALA A 400 -28.29 -34.02 14.37
N LEU A 401 -27.23 -34.44 15.05
CA LEU A 401 -26.72 -33.73 16.21
C LEU A 401 -25.56 -32.80 15.88
N LEU A 402 -24.75 -33.15 14.86
CA LEU A 402 -23.70 -32.25 14.43
C LEU A 402 -24.27 -30.93 13.93
N ARG A 403 -25.44 -30.97 13.28
CA ARG A 403 -26.08 -29.73 12.84
C ARG A 403 -26.45 -28.85 14.02
N VAL A 404 -26.97 -29.44 15.09
CA VAL A 404 -27.31 -28.65 16.28
C VAL A 404 -26.04 -28.07 16.90
N PHE A 405 -25.00 -28.89 17.02
CA PHE A 405 -23.74 -28.41 17.59
C PHE A 405 -23.20 -27.23 16.79
N SER A 406 -23.14 -27.38 15.46
CA SER A 406 -22.71 -26.29 14.61
C SER A 406 -23.57 -25.06 14.84
N THR A 407 -24.87 -25.16 14.52
CA THR A 407 -25.79 -24.05 14.73
C THR A 407 -25.52 -23.32 16.05
N VAL A 408 -25.34 -24.07 17.14
CA VAL A 408 -25.12 -23.43 18.44
C VAL A 408 -23.81 -22.67 18.46
N VAL A 409 -22.73 -23.29 17.99
CA VAL A 409 -21.42 -22.64 18.04
C VAL A 409 -21.42 -21.39 17.14
N ARG A 410 -21.88 -21.54 15.91
CA ARG A 410 -21.96 -20.43 14.96
C ARG A 410 -22.88 -19.34 15.48
N SER A 411 -23.92 -19.69 16.25
CA SER A 411 -24.80 -18.68 16.82
C SER A 411 -24.09 -17.90 17.91
N ILE A 412 -23.41 -18.60 18.81
CA ILE A 412 -22.61 -17.92 19.83
C ILE A 412 -21.60 -16.98 19.16
N GLY A 413 -21.00 -17.43 18.06
CA GLY A 413 -20.05 -16.62 17.33
C GLY A 413 -20.67 -15.37 16.74
N GLU A 414 -21.67 -15.54 15.87
CA GLU A 414 -22.34 -14.42 15.23
C GLU A 414 -23.16 -13.58 16.20
N ARG A 415 -23.25 -13.97 17.47
CA ARG A 415 -23.83 -13.12 18.49
C ARG A 415 -22.79 -12.35 19.28
N PHE A 416 -21.62 -12.95 19.52
CA PHE A 416 -20.53 -12.21 20.16
C PHE A 416 -19.96 -11.17 19.21
N SER A 417 -19.80 -11.53 17.93
CA SER A 417 -19.29 -10.59 16.93
C SER A 417 -20.05 -9.28 16.92
N PRO A 418 -21.39 -9.26 16.87
CA PRO A 418 -22.10 -7.97 16.93
C PRO A 418 -22.03 -7.30 18.28
N ILE A 419 -21.65 -8.02 19.34
CA ILE A 419 -21.54 -7.41 20.66
C ILE A 419 -20.51 -6.29 20.65
N ARG A 420 -19.44 -6.45 19.86
CA ARG A 420 -18.47 -5.38 19.68
C ARG A 420 -18.95 -4.30 18.73
N GLY A 421 -20.15 -4.43 18.17
CA GLY A 421 -20.73 -3.42 17.33
C GLY A 421 -21.03 -2.15 18.08
N PRO A 422 -21.76 -2.25 19.18
CA PRO A 422 -22.07 -1.07 20.00
C PRO A 422 -20.80 -0.30 20.34
N PRO A 423 -19.78 -0.97 20.89
CA PRO A 423 -18.52 -0.25 21.15
C PRO A 423 -17.89 0.33 19.90
N ILE A 424 -18.13 -0.28 18.74
CA ILE A 424 -17.66 0.28 17.48
C ILE A 424 -18.73 1.11 16.78
N THR A 425 -19.98 1.07 17.26
CA THR A 425 -21.07 1.84 16.68
C THR A 425 -21.41 1.37 15.27
N GLU A 426 -21.26 0.07 15.01
CA GLU A 426 -21.56 -0.50 13.71
C GLU A 426 -22.91 -1.21 13.73
N ALA A 427 -23.49 -1.37 12.55
CA ALA A 427 -24.78 -2.01 12.41
C ALA A 427 -24.64 -3.52 12.56
N TYR A 428 -25.56 -4.12 13.31
CA TYR A 428 -25.53 -5.56 13.52
C TYR A 428 -25.72 -6.29 12.19
N VAL A 429 -24.79 -7.19 11.88
CA VAL A 429 -24.79 -7.94 10.63
C VAL A 429 -24.57 -9.43 10.96
N THR A 430 -24.51 -10.24 9.91
CA THR A 430 -24.34 -11.68 10.06
C THR A 430 -25.47 -12.29 10.89
N ASP A 431 -26.66 -11.74 10.74
CA ASP A 431 -27.84 -12.21 11.49
C ASP A 431 -28.59 -13.29 10.72
N VAL A 432 -27.88 -14.33 10.31
CA VAL A 432 -28.49 -15.45 9.59
C VAL A 432 -28.21 -16.80 10.22
N LEU A 433 -27.16 -16.96 11.02
CA LEU A 433 -26.87 -18.22 11.69
C LEU A 433 -27.09 -18.15 13.20
N TYR A 434 -27.50 -16.99 13.73
CA TYR A 434 -27.64 -16.84 15.17
C TYR A 434 -28.90 -17.55 15.67
N ARG A 435 -28.74 -18.31 16.76
CA ARG A 435 -29.86 -18.97 17.40
C ARG A 435 -30.54 -17.98 18.35
N VAL A 436 -31.48 -18.46 19.15
CA VAL A 436 -32.18 -17.61 20.13
C VAL A 436 -31.33 -17.65 21.40
N MET A 437 -30.30 -16.81 21.42
CA MET A 437 -29.40 -16.71 22.57
C MET A 437 -28.85 -15.28 22.60
N ARG A 438 -29.47 -14.43 23.41
CA ARG A 438 -29.09 -13.02 23.49
C ARG A 438 -28.10 -12.80 24.64
N CYS A 439 -26.95 -13.44 24.55
CA CYS A 439 -25.90 -13.25 25.52
C CYS A 439 -25.28 -11.86 25.37
N VAL A 440 -24.87 -11.28 26.50
CA VAL A 440 -24.32 -9.93 26.53
C VAL A 440 -22.94 -10.03 27.16
N THR A 441 -21.91 -10.14 26.31
CA THR A 441 -20.54 -10.16 26.80
C THR A 441 -20.04 -8.73 27.06
N ALA A 442 -20.00 -7.91 26.01
CA ALA A 442 -19.63 -6.51 26.12
C ALA A 442 -18.31 -6.34 26.87
N ALA A 443 -17.31 -7.07 26.44
CA ALA A 443 -15.98 -7.03 27.05
C ALA A 443 -15.01 -7.77 26.13
N ASN A 444 -13.77 -7.93 26.58
CA ASN A 444 -12.79 -8.67 25.80
C ASN A 444 -13.18 -10.13 25.63
N GLN A 445 -14.17 -10.61 26.38
CA GLN A 445 -14.62 -12.00 26.24
C GLN A 445 -15.07 -12.31 24.81
N VAL A 446 -15.44 -11.29 24.04
CA VAL A 446 -15.86 -11.54 22.66
C VAL A 446 -14.72 -12.12 21.84
N PHE A 447 -13.51 -11.57 22.02
CA PHE A 447 -12.34 -12.08 21.30
C PHE A 447 -12.16 -13.58 21.56
N PHE A 448 -12.08 -13.96 22.83
CA PHE A 448 -11.82 -15.35 23.17
C PHE A 448 -12.98 -16.25 22.72
N SER A 449 -14.21 -15.79 22.89
CA SER A 449 -15.36 -16.59 22.46
C SER A 449 -15.33 -16.85 20.97
N GLU A 450 -15.09 -15.81 20.16
CA GLU A 450 -15.04 -15.99 18.72
C GLU A 450 -13.87 -16.87 18.32
N ALA A 451 -12.71 -16.70 18.97
CA ALA A 451 -11.56 -17.53 18.64
C ALA A 451 -11.83 -19.00 18.94
N VAL A 452 -12.47 -19.28 20.08
CA VAL A 452 -12.74 -20.67 20.43
C VAL A 452 -13.85 -21.25 19.56
N LEU A 453 -14.78 -20.42 19.10
CA LEU A 453 -15.86 -20.92 18.24
C LEU A 453 -15.41 -21.09 16.79
N THR A 454 -14.38 -20.38 16.36
CA THR A 454 -13.84 -20.55 15.02
C THR A 454 -12.79 -21.65 14.95
N ALA A 455 -11.91 -21.71 15.95
CA ALA A 455 -10.93 -22.80 16.00
C ALA A 455 -11.61 -24.16 16.11
N ALA A 456 -12.75 -24.22 16.79
CA ALA A 456 -13.49 -25.47 16.88
C ALA A 456 -14.05 -25.90 15.53
N ASN A 457 -14.34 -24.93 14.65
CA ASN A 457 -14.86 -25.25 13.33
C ASN A 457 -13.83 -25.94 12.45
N GLU A 458 -12.54 -25.89 12.83
CA GLU A 458 -11.51 -26.54 12.03
C GLU A 458 -11.78 -28.04 11.90
N CYS A 459 -12.44 -28.64 12.90
CA CYS A 459 -12.73 -30.06 12.84
C CYS A 459 -13.55 -30.42 11.60
N VAL A 460 -14.45 -29.53 11.20
CA VAL A 460 -15.23 -29.77 9.99
C VAL A 460 -14.48 -29.34 8.73
N GLY A 461 -13.57 -28.37 8.86
CA GLY A 461 -12.77 -27.91 7.73
C GLY A 461 -11.47 -28.66 7.58
N VAL A 462 -11.50 -29.97 7.81
CA VAL A 462 -10.32 -30.82 7.70
C VAL A 462 -10.75 -32.18 7.18
N LEU A 463 -9.94 -32.76 6.31
CA LEU A 463 -10.26 -34.06 5.75
C LEU A 463 -10.35 -35.11 6.85
N LEU A 464 -11.12 -36.16 6.57
CA LEU A 464 -11.82 -36.29 5.30
C LEU A 464 -13.12 -35.48 5.29
N GLY A 465 -14.01 -35.82 6.22
CA GLY A 465 -15.28 -35.13 6.30
C GLY A 465 -16.08 -35.18 5.01
N SER A 466 -16.41 -36.39 4.56
CA SER A 466 -17.13 -36.58 3.30
C SER A 466 -18.63 -36.30 3.53
N LEU A 467 -18.91 -35.05 3.86
CA LEU A 467 -20.28 -34.60 4.08
C LEU A 467 -20.30 -33.08 4.16
N ASP A 468 -21.32 -32.48 3.55
CA ASP A 468 -21.51 -31.03 3.61
C ASP A 468 -22.98 -30.71 3.86
N PRO A 469 -23.56 -31.26 4.93
CA PRO A 469 -24.93 -30.91 5.29
C PRO A 469 -25.05 -29.71 6.22
N SER A 470 -23.93 -29.16 6.67
CA SER A 470 -23.92 -28.05 7.60
C SER A 470 -24.02 -26.72 6.84
N MET A 471 -23.75 -25.62 7.53
CA MET A 471 -23.85 -24.28 6.93
C MET A 471 -22.71 -24.03 5.95
N THR A 472 -21.94 -25.07 5.63
CA THR A 472 -20.85 -24.98 4.65
C THR A 472 -19.80 -23.96 5.12
N ILE A 473 -19.09 -24.35 6.18
CA ILE A 473 -18.03 -23.55 6.77
C ILE A 473 -17.15 -22.95 5.67
N HIS A 474 -16.96 -23.70 4.58
CA HIS A 474 -16.32 -23.13 3.41
C HIS A 474 -16.99 -21.82 3.01
N CYS A 475 -18.32 -21.78 3.07
CA CYS A 475 -19.07 -20.56 2.82
C CYS A 475 -19.29 -19.74 4.08
N ASP A 476 -19.15 -20.36 5.26
CA ASP A 476 -19.30 -19.60 6.50
C ASP A 476 -18.16 -18.60 6.68
N MET A 477 -16.94 -18.98 6.29
CA MET A 477 -15.80 -18.09 6.40
C MET A 477 -15.89 -16.92 5.42
N VAL A 478 -16.82 -16.96 4.47
CA VAL A 478 -17.01 -15.86 3.54
C VAL A 478 -18.29 -15.09 3.79
N ILE A 479 -19.30 -15.70 4.43
CA ILE A 479 -20.53 -14.98 4.73
C ILE A 479 -20.27 -13.89 5.76
N THR A 480 -19.26 -14.06 6.60
CA THR A 480 -18.89 -13.07 7.59
C THR A 480 -17.80 -12.12 7.09
N TYR A 481 -17.52 -12.15 5.79
CA TYR A 481 -16.50 -11.26 5.24
C TYR A 481 -16.84 -9.80 5.49
N GLY A 482 -17.99 -9.36 4.97
CA GLY A 482 -18.39 -7.98 5.16
C GLY A 482 -18.46 -7.54 6.60
N LEU A 483 -18.58 -8.49 7.54
CA LEU A 483 -18.64 -8.15 8.95
C LEU A 483 -17.27 -8.21 9.62
N ASP A 484 -16.60 -9.37 9.53
CA ASP A 484 -15.31 -9.57 10.17
C ASP A 484 -14.15 -9.10 9.30
N GLN A 485 -14.40 -8.27 8.29
CA GLN A 485 -13.35 -7.72 7.45
C GLN A 485 -13.46 -6.22 7.25
N LEU A 486 -14.61 -5.62 7.56
CA LEU A 486 -14.78 -4.17 7.51
C LEU A 486 -14.50 -3.51 8.85
N GLU A 487 -14.94 -4.13 9.95
CA GLU A 487 -14.62 -3.69 11.29
C GLU A 487 -13.47 -4.49 11.91
N ASN A 488 -12.94 -5.47 11.18
CA ASN A 488 -11.84 -6.28 11.71
C ASN A 488 -10.65 -5.43 12.11
N CYS A 489 -10.48 -4.26 11.52
CA CYS A 489 -9.39 -3.37 11.92
C CYS A 489 -9.52 -2.99 13.39
N GLN A 490 -10.66 -2.43 13.78
CA GLN A 490 -10.89 -2.04 15.17
C GLN A 490 -10.72 -3.21 16.12
N THR A 491 -10.81 -4.44 15.63
CA THR A 491 -10.64 -5.65 16.42
C THR A 491 -9.32 -6.36 16.14
N CYS A 492 -8.95 -6.48 14.87
CA CYS A 492 -7.68 -7.06 14.44
C CYS A 492 -7.41 -8.41 15.10
N GLY A 493 -8.46 -9.12 15.52
CA GLY A 493 -8.30 -10.42 16.12
C GLY A 493 -9.06 -11.52 15.40
N THR A 494 -10.14 -11.14 14.71
CA THR A 494 -10.99 -12.11 14.04
C THR A 494 -10.65 -12.26 12.56
N ASP A 495 -10.22 -11.19 11.90
CA ASP A 495 -9.89 -11.28 10.48
C ASP A 495 -8.79 -12.31 10.23
N TYR A 496 -7.70 -12.23 10.99
CA TYR A 496 -6.59 -13.14 10.78
C TYR A 496 -6.98 -14.59 11.11
N ILE A 497 -7.76 -14.78 12.17
CA ILE A 497 -8.16 -16.14 12.55
C ILE A 497 -9.07 -16.74 11.48
N ILE A 498 -9.99 -15.92 10.94
CA ILE A 498 -10.87 -16.40 9.87
C ILE A 498 -10.05 -16.74 8.63
N SER A 499 -9.09 -15.89 8.29
CA SER A 499 -8.24 -16.17 7.12
C SER A 499 -7.44 -17.44 7.32
N VAL A 500 -6.92 -17.66 8.53
CA VAL A 500 -6.14 -18.87 8.81
C VAL A 500 -7.02 -20.10 8.72
N LEU A 501 -8.23 -20.04 9.27
CA LEU A 501 -9.14 -21.17 9.17
C LEU A 501 -9.50 -21.47 7.73
N ASN A 502 -9.73 -20.43 6.93
CA ASN A 502 -10.04 -20.64 5.52
C ASN A 502 -8.87 -21.26 4.78
N LEU A 503 -7.65 -20.76 5.03
CA LEU A 503 -6.48 -21.32 4.37
C LEU A 503 -6.26 -22.77 4.78
N LEU A 504 -6.54 -23.10 6.04
CA LEU A 504 -6.43 -24.49 6.48
C LEU A 504 -7.45 -25.37 5.76
N THR A 505 -8.70 -24.91 5.70
CA THR A 505 -9.73 -25.68 5.01
C THR A 505 -9.41 -25.85 3.53
N LEU A 506 -8.69 -24.89 2.95
CA LEU A 506 -8.35 -24.95 1.53
C LEU A 506 -7.07 -25.73 1.24
N ILE A 507 -6.19 -25.88 2.23
CA ILE A 507 -4.96 -26.62 1.98
C ILE A 507 -5.25 -28.10 1.70
N VAL A 508 -6.28 -28.65 2.33
CA VAL A 508 -6.64 -30.04 2.09
C VAL A 508 -7.29 -30.20 0.71
N GLU A 509 -8.07 -29.20 0.30
CA GLU A 509 -8.64 -29.17 -1.05
C GLU A 509 -8.68 -27.73 -1.52
N GLN A 510 -7.95 -27.43 -2.59
CA GLN A 510 -7.79 -26.06 -3.07
C GLN A 510 -8.54 -25.82 -4.38
N ILE A 511 -8.26 -26.61 -5.41
CA ILE A 511 -8.89 -26.43 -6.72
C ILE A 511 -9.03 -27.78 -7.39
N ASN A 512 -10.23 -28.05 -7.91
CA ASN A 512 -10.49 -29.29 -8.64
C ASN A 512 -11.21 -29.08 -9.96
N THR A 513 -11.91 -27.96 -10.16
CA THR A 513 -12.63 -27.71 -11.39
C THR A 513 -12.48 -26.25 -11.82
N VAL A 541 -21.59 -31.03 -5.79
CA VAL A 541 -20.19 -30.86 -5.44
C VAL A 541 -19.82 -29.38 -5.43
N VAL A 542 -18.90 -29.00 -4.56
CA VAL A 542 -18.46 -27.61 -4.45
C VAL A 542 -17.61 -27.29 -5.68
N ALA A 543 -18.08 -26.37 -6.51
CA ALA A 543 -17.39 -25.98 -7.73
C ALA A 543 -16.93 -24.53 -7.73
N VAL A 544 -17.76 -23.61 -7.23
CA VAL A 544 -17.39 -22.20 -7.20
C VAL A 544 -16.33 -21.89 -6.16
N ALA A 545 -15.95 -22.87 -5.34
CA ALA A 545 -14.92 -22.64 -4.31
C ALA A 545 -13.62 -22.18 -4.95
N HIS A 546 -13.16 -22.88 -5.98
CA HIS A 546 -11.92 -22.50 -6.64
C HIS A 546 -11.95 -21.07 -7.16
N ALA A 547 -13.14 -20.54 -7.47
CA ALA A 547 -13.28 -19.16 -7.91
C ALA A 547 -13.60 -18.22 -6.76
N VAL A 548 -14.37 -18.68 -5.78
CA VAL A 548 -14.69 -17.85 -4.62
C VAL A 548 -13.42 -17.51 -3.85
N TYR A 549 -12.45 -18.43 -3.81
CA TYR A 549 -11.19 -18.13 -3.14
C TYR A 549 -10.54 -16.88 -3.71
N GLN A 550 -10.37 -16.84 -5.03
CA GLN A 550 -9.75 -15.68 -5.66
C GLN A 550 -10.65 -14.45 -5.56
N ALA A 551 -11.97 -14.63 -5.67
CA ALA A 551 -12.88 -13.50 -5.57
C ALA A 551 -12.86 -12.86 -4.20
N VAL A 552 -12.56 -13.63 -3.16
CA VAL A 552 -12.52 -13.10 -1.80
C VAL A 552 -11.12 -12.55 -1.52
N LEU A 553 -10.10 -13.17 -2.11
CA LEU A 553 -8.74 -12.69 -1.92
C LEU A 553 -8.55 -11.33 -2.56
N SER A 554 -9.00 -11.17 -3.81
CA SER A 554 -8.86 -9.89 -4.50
C SER A 554 -9.53 -8.76 -3.73
N LEU A 555 -10.64 -9.06 -3.05
CA LEU A 555 -11.31 -8.03 -2.25
C LEU A 555 -10.58 -7.80 -0.93
N LYS A 556 -10.09 -8.86 -0.30
CA LYS A 556 -9.37 -8.76 0.96
C LYS A 556 -7.86 -8.59 0.76
N ASN A 557 -7.41 -8.36 -0.47
CA ASN A 557 -5.97 -8.26 -0.73
C ASN A 557 -5.44 -6.84 -0.63
N ILE A 558 -6.26 -5.84 -0.94
CA ILE A 558 -5.83 -4.46 -0.75
C ILE A 558 -6.87 -3.63 0.01
N PRO A 559 -7.51 -4.18 1.06
CA PRO A 559 -8.18 -3.35 2.07
C PRO A 559 -7.19 -3.08 3.21
N VAL A 560 -6.30 -2.11 3.00
CA VAL A 560 -5.04 -2.02 3.73
C VAL A 560 -5.23 -2.37 5.20
N LEU A 561 -4.43 -3.32 5.68
CA LEU A 561 -4.54 -3.89 7.02
C LEU A 561 -3.16 -3.91 7.67
N GLU A 562 -3.09 -4.59 8.81
CA GLU A 562 -1.84 -4.73 9.54
C GLU A 562 -0.90 -5.71 8.82
N THR A 563 0.37 -5.68 9.20
CA THR A 563 1.37 -6.53 8.58
C THR A 563 1.10 -8.01 8.80
N ALA A 564 0.31 -8.37 9.82
CA ALA A 564 0.01 -9.76 10.11
C ALA A 564 -1.08 -10.33 9.22
N TYR A 565 -1.64 -9.54 8.31
CA TYR A 565 -2.67 -9.98 7.38
C TYR A 565 -2.15 -10.18 5.97
N LYS A 566 -1.43 -9.20 5.43
CA LYS A 566 -0.84 -9.37 4.11
C LYS A 566 0.17 -10.51 4.10
N LEU A 567 0.86 -10.74 5.21
CA LEU A 567 1.81 -11.85 5.29
C LEU A 567 1.15 -13.21 5.10
N ILE A 568 -0.13 -13.33 5.38
CA ILE A 568 -0.85 -14.58 5.17
C ILE A 568 -1.66 -14.56 3.87
N LEU A 569 -2.25 -13.43 3.50
CA LEU A 569 -2.97 -13.34 2.23
C LEU A 569 -2.03 -13.57 1.06
N GLY A 570 -0.89 -12.87 1.05
CA GLY A 570 0.12 -13.11 0.04
C GLY A 570 0.69 -14.51 0.01
N GLU A 571 0.84 -15.15 1.17
CA GLU A 571 1.26 -16.54 1.24
C GLU A 571 0.25 -17.49 0.62
N MET A 572 -1.04 -17.33 0.97
CA MET A 572 -2.09 -18.12 0.34
C MET A 572 -2.10 -17.89 -1.17
N THR A 573 -1.91 -16.65 -1.60
CA THR A 573 -1.91 -16.36 -3.03
C THR A 573 -0.73 -17.00 -3.75
N CYS A 574 0.45 -16.94 -3.14
CA CYS A 574 1.62 -17.60 -3.73
C CYS A 574 1.45 -19.11 -3.77
N ALA A 575 0.79 -19.69 -2.76
CA ALA A 575 0.54 -21.12 -2.76
C ALA A 575 -0.50 -21.52 -3.80
N LEU A 576 -1.48 -20.64 -4.06
CA LEU A 576 -2.47 -20.92 -5.09
C LEU A 576 -1.92 -20.72 -6.49
N ASN A 577 -0.97 -19.81 -6.65
CA ASN A 577 -0.35 -19.62 -7.96
C ASN A 577 0.39 -20.87 -8.40
N ASN A 578 1.07 -21.55 -7.47
CA ASN A 578 1.76 -22.78 -7.81
C ASN A 578 0.80 -23.89 -8.20
N LEU A 579 -0.45 -23.83 -7.75
CA LEU A 579 -1.44 -24.81 -8.15
C LEU A 579 -2.08 -24.45 -9.49
N LEU A 580 -2.27 -23.15 -9.75
CA LEU A 580 -2.82 -22.72 -11.03
C LEU A 580 -1.93 -23.18 -12.18
N HIS A 581 -0.61 -23.11 -12.01
CA HIS A 581 0.34 -23.55 -13.01
C HIS A 581 0.96 -24.90 -12.67
N SER A 582 0.21 -25.77 -11.99
CA SER A 582 0.71 -27.08 -11.61
C SER A 582 0.19 -28.16 -12.57
N ALA A 596 -5.02 -24.53 -13.68
CA ALA A 596 -4.91 -25.96 -13.96
C ALA A 596 -6.24 -26.53 -14.44
N PHE A 597 -6.55 -26.28 -15.70
CA PHE A 597 -5.67 -25.52 -16.58
C PHE A 597 -6.38 -24.28 -17.13
N LYS A 598 -7.67 -24.43 -17.43
CA LYS A 598 -8.46 -23.34 -17.97
C LYS A 598 -8.98 -22.40 -16.89
N ASN A 599 -8.54 -22.57 -15.64
CA ASN A 599 -9.01 -21.69 -14.57
C ASN A 599 -8.63 -20.24 -14.82
N HIS A 600 -7.56 -20.01 -15.59
CA HIS A 600 -7.15 -18.63 -15.89
C HIS A 600 -8.27 -17.86 -16.56
N VAL A 601 -9.02 -18.51 -17.45
CA VAL A 601 -10.18 -17.87 -18.10
C VAL A 601 -11.37 -18.19 -17.20
N PHE A 602 -11.55 -17.36 -16.17
CA PHE A 602 -12.63 -17.50 -15.21
C PHE A 602 -13.81 -16.57 -15.49
N ASN A 603 -13.56 -15.26 -15.57
CA ASN A 603 -12.24 -14.69 -15.42
C ASN A 603 -12.28 -13.46 -14.52
N VAL A 604 -13.44 -13.22 -13.91
CA VAL A 604 -13.61 -12.06 -13.04
C VAL A 604 -12.73 -12.15 -11.82
N ASP A 605 -12.24 -13.35 -11.48
CA ASP A 605 -11.40 -13.54 -10.30
C ASP A 605 -9.92 -13.39 -10.66
N ASN A 606 -9.43 -14.20 -11.60
CA ASN A 606 -8.03 -14.11 -11.98
C ASN A 606 -7.69 -12.76 -12.58
N ALA A 607 -8.52 -12.26 -13.50
CA ALA A 607 -8.31 -10.94 -14.09
C ALA A 607 -8.34 -9.82 -13.05
N LYS A 608 -8.80 -10.09 -11.85
CA LYS A 608 -8.74 -9.16 -10.73
C LYS A 608 -7.79 -9.62 -9.64
N PHE A 609 -7.63 -10.93 -9.48
CA PHE A 609 -6.63 -11.46 -8.55
C PHE A 609 -5.23 -10.99 -8.94
N VAL A 610 -4.98 -10.82 -10.24
CA VAL A 610 -3.69 -10.33 -10.69
C VAL A 610 -3.64 -8.80 -10.63
N VAL A 611 -4.77 -8.13 -10.89
CA VAL A 611 -4.81 -6.68 -10.75
C VAL A 611 -4.50 -6.27 -9.33
N ILE A 612 -4.93 -7.07 -8.34
CA ILE A 612 -4.63 -6.76 -6.95
C ILE A 612 -3.20 -7.15 -6.59
N PHE A 613 -2.66 -8.20 -7.21
CA PHE A 613 -1.23 -8.46 -7.09
C PHE A 613 -0.42 -7.25 -7.54
N ASP A 614 -0.86 -6.61 -8.64
CA ASP A 614 -0.15 -5.43 -9.14
C ASP A 614 -0.10 -4.33 -8.08
N LEU A 615 -1.20 -4.13 -7.35
CA LEU A 615 -1.21 -3.11 -6.31
C LEU A 615 -0.42 -3.53 -5.07
N SER A 616 -0.45 -4.82 -4.73
CA SER A 616 0.27 -5.33 -3.57
C SER A 616 1.75 -5.49 -3.82
N ALA A 617 2.21 -5.35 -5.07
CA ALA A 617 3.63 -5.47 -5.36
C ALA A 617 4.45 -4.37 -4.71
N LEU A 618 3.83 -3.23 -4.42
CA LEU A 618 4.51 -2.10 -3.77
C LEU A 618 3.98 -1.80 -2.38
N THR A 619 2.67 -1.85 -2.18
CA THR A 619 2.06 -1.54 -0.90
C THR A 619 1.76 -2.84 -0.16
N THR A 620 2.27 -2.95 1.07
CA THR A 620 3.08 -1.89 1.66
C THR A 620 4.56 -2.13 1.40
N ILE A 621 5.39 -1.22 1.90
CA ILE A 621 6.85 -1.32 1.74
C ILE A 621 7.36 -2.14 2.93
N GLY A 622 7.33 -3.46 2.80
CA GLY A 622 7.79 -4.33 3.85
C GLY A 622 8.99 -5.15 3.46
N ASN A 623 9.22 -5.30 2.16
CA ASN A 623 10.34 -6.06 1.63
C ASN A 623 10.08 -7.57 1.77
N ALA A 624 8.99 -7.92 2.44
CA ALA A 624 8.58 -9.31 2.59
C ALA A 624 7.31 -9.66 1.83
N LYS A 625 6.41 -8.69 1.64
CA LYS A 625 5.22 -8.93 0.85
C LYS A 625 5.52 -8.83 -0.65
N ASN A 626 6.42 -7.92 -1.03
CA ASN A 626 6.82 -7.82 -2.44
C ASN A 626 7.43 -9.13 -2.93
N SER A 627 8.36 -9.68 -2.15
CA SER A 627 8.93 -10.98 -2.51
C SER A 627 7.84 -12.05 -2.58
N LEU A 628 6.86 -11.99 -1.69
CA LEU A 628 5.71 -12.88 -1.77
C LEU A 628 4.80 -12.56 -2.94
N ILE A 629 4.95 -11.38 -3.56
CA ILE A 629 4.19 -11.01 -4.73
C ILE A 629 5.02 -11.15 -6.00
N GLY A 630 6.27 -10.72 -5.97
CA GLY A 630 7.14 -10.92 -7.12
C GLY A 630 7.31 -12.38 -7.48
N MET A 631 7.29 -13.26 -6.47
CA MET A 631 7.36 -14.70 -6.70
C MET A 631 5.99 -15.33 -6.93
N TRP A 632 4.93 -14.71 -6.40
CA TRP A 632 3.58 -15.22 -6.64
C TRP A 632 3.10 -14.87 -8.04
N ALA A 633 3.42 -13.68 -8.52
CA ALA A 633 3.08 -13.28 -9.88
C ALA A 633 4.07 -13.80 -10.91
N LEU A 634 5.28 -14.19 -10.48
CA LEU A 634 6.26 -14.73 -11.42
C LEU A 634 5.78 -16.05 -12.01
N SER A 635 5.01 -16.83 -11.25
CA SER A 635 4.48 -18.08 -11.79
C SER A 635 3.49 -17.83 -12.92
N PRO A 636 2.46 -16.98 -12.75
CA PRO A 636 1.55 -16.72 -13.86
C PRO A 636 2.29 -16.21 -15.09
N THR A 637 1.83 -16.64 -16.26
CA THR A 637 2.49 -16.27 -17.51
C THR A 637 2.39 -14.78 -17.78
N VAL A 638 1.17 -14.23 -17.81
CA VAL A 638 -0.07 -14.97 -17.56
C VAL A 638 -0.72 -15.45 -18.86
N PHE A 639 -1.01 -14.55 -19.79
CA PHE A 639 -0.74 -13.12 -19.63
C PHE A 639 -1.94 -12.28 -20.05
N ALA A 640 -2.48 -11.49 -19.12
CA ALA A 640 -3.63 -10.64 -19.38
C ALA A 640 -3.28 -9.16 -19.36
N LEU A 641 -2.62 -8.69 -18.31
CA LEU A 641 -2.28 -7.27 -18.14
C LEU A 641 -0.82 -7.12 -17.74
N LEU A 642 0.07 -7.79 -18.48
CA LEU A 642 1.50 -7.70 -18.19
C LEU A 642 2.01 -6.26 -18.22
N SER A 643 1.24 -5.33 -18.78
CA SER A 643 1.67 -3.93 -18.77
C SER A 643 1.83 -3.41 -17.35
N LYS A 644 0.90 -3.73 -16.47
CA LYS A 644 1.01 -3.32 -15.07
C LYS A 644 2.22 -3.97 -14.40
N ASN A 645 2.47 -5.24 -14.70
CA ASN A 645 3.64 -5.91 -14.13
C ASN A 645 4.93 -5.24 -14.57
N LEU A 646 5.01 -4.87 -15.85
CA LEU A 646 6.21 -4.19 -16.35
C LEU A 646 6.35 -2.80 -15.72
N MET A 647 5.24 -2.08 -15.57
CA MET A 647 5.30 -0.78 -14.92
C MET A 647 5.73 -0.90 -13.46
N ILE A 648 5.35 -2.00 -12.80
CA ILE A 648 5.77 -2.21 -11.41
C ILE A 648 7.25 -2.57 -11.35
N VAL A 649 7.71 -3.41 -12.28
CA VAL A 649 9.11 -3.83 -12.27
C VAL A 649 10.03 -2.66 -12.61
N HIS A 650 9.60 -1.80 -13.53
CA HIS A 650 10.42 -0.65 -13.92
C HIS A 650 10.76 0.21 -12.71
N SER A 651 9.91 0.20 -11.69
CA SER A 651 10.17 0.95 -10.46
C SER A 651 10.83 0.10 -9.38
N ASP A 652 10.48 -1.18 -9.30
CA ASP A 652 11.06 -2.05 -8.27
C ASP A 652 12.49 -2.46 -8.57
N LEU A 653 12.94 -2.29 -9.81
CA LEU A 653 14.32 -2.67 -10.15
C LEU A 653 15.37 -1.79 -9.48
N ALA A 654 14.96 -0.77 -8.72
CA ALA A 654 15.90 0.12 -8.07
C ALA A 654 15.61 0.28 -6.57
N VAL A 655 14.79 -0.59 -5.99
CA VAL A 655 14.38 -0.47 -4.60
C VAL A 655 15.59 -0.44 -3.67
N HIS A 656 16.73 -0.93 -4.15
CA HIS A 656 17.97 -1.00 -3.40
C HIS A 656 17.94 -2.07 -2.31
N PHE A 657 17.02 -3.02 -2.41
CA PHE A 657 16.88 -4.10 -1.45
C PHE A 657 16.88 -5.44 -2.18
N PRO A 658 16.80 -6.57 -1.48
CA PRO A 658 16.74 -7.86 -2.17
C PRO A 658 15.59 -7.98 -3.15
N ALA A 659 14.65 -7.04 -3.15
CA ALA A 659 13.56 -7.07 -4.12
C ALA A 659 14.02 -6.73 -5.53
N ILE A 660 15.22 -6.13 -5.67
CA ILE A 660 15.73 -5.82 -7.00
C ILE A 660 15.92 -7.10 -7.80
N GLN A 661 16.52 -8.12 -7.20
CA GLN A 661 16.73 -9.38 -7.90
C GLN A 661 15.40 -10.03 -8.28
N TYR A 662 14.42 -9.99 -7.38
CA TYR A 662 13.12 -10.55 -7.69
C TYR A 662 12.46 -9.83 -8.86
N ALA A 663 12.50 -8.50 -8.84
CA ALA A 663 11.91 -7.73 -9.94
C ALA A 663 12.62 -8.01 -11.26
N VAL A 664 13.96 -8.14 -11.21
CA VAL A 664 14.71 -8.43 -12.42
C VAL A 664 14.34 -9.79 -12.98
N LEU A 665 14.31 -10.80 -12.11
CA LEU A 665 13.95 -12.15 -12.54
C LEU A 665 12.51 -12.25 -13.00
N TYR A 666 11.63 -11.38 -12.51
CA TYR A 666 10.25 -11.39 -12.96
C TYR A 666 10.10 -10.69 -14.31
N THR A 667 10.82 -9.57 -14.50
CA THR A 667 10.74 -8.88 -15.79
C THR A 667 11.44 -9.66 -16.89
N LEU A 668 12.46 -10.46 -16.54
CA LEU A 668 13.15 -11.27 -17.54
C LEU A 668 12.40 -12.54 -17.89
N TYR A 669 11.41 -12.93 -17.09
CA TYR A 669 10.69 -14.18 -17.29
C TYR A 669 9.23 -14.00 -17.67
N SER A 670 8.63 -12.84 -17.41
CA SER A 670 7.22 -12.64 -17.72
C SER A 670 6.97 -12.77 -19.22
N HIS A 671 7.48 -11.82 -19.99
CA HIS A 671 7.33 -11.85 -21.44
C HIS A 671 8.09 -10.64 -22.00
N CYS A 672 8.31 -10.67 -23.31
CA CYS A 672 8.92 -9.56 -24.04
C CYS A 672 7.87 -8.87 -24.89
N THR A 673 8.30 -7.83 -25.60
CA THR A 673 7.47 -7.03 -26.49
C THR A 673 6.48 -6.14 -25.74
N ARG A 674 6.54 -6.11 -24.40
CA ARG A 674 5.67 -5.26 -23.59
C ARG A 674 6.50 -4.52 -22.57
N HIS A 675 7.63 -3.96 -22.99
CA HIS A 675 8.57 -3.29 -22.10
C HIS A 675 8.76 -1.81 -22.37
N ASP A 676 8.87 -1.34 -23.63
CA ASP A 676 8.74 -2.05 -24.91
C ASP A 676 7.29 -2.39 -25.22
N HIS A 677 6.37 -1.70 -24.56
CA HIS A 677 4.94 -1.93 -24.77
C HIS A 677 4.29 -0.71 -25.41
N ASN A 712 4.38 3.05 -17.45
CA ASN A 712 3.60 4.28 -17.59
C ASN A 712 2.65 4.47 -16.42
N LEU A 713 2.16 3.36 -15.87
CA LEU A 713 1.22 3.44 -14.76
C LEU A 713 1.92 3.89 -13.48
N LEU A 714 3.08 3.31 -13.18
CA LEU A 714 3.82 3.65 -11.97
C LEU A 714 4.76 4.84 -12.16
N GLY A 715 5.40 4.94 -13.32
CA GLY A 715 6.27 6.08 -13.59
C GLY A 715 5.57 7.42 -13.44
N ILE A 716 4.30 7.50 -13.82
CA ILE A 716 3.55 8.74 -13.63
C ILE A 716 3.44 9.08 -12.15
N LEU A 717 3.37 8.06 -11.28
CA LEU A 717 3.33 8.33 -9.85
C LEU A 717 4.59 9.03 -9.38
N LEU A 718 5.76 8.51 -9.79
CA LEU A 718 7.02 9.15 -9.42
C LEU A 718 7.13 10.55 -10.04
N LYS A 719 6.66 10.71 -11.27
CA LYS A 719 6.67 12.01 -11.91
C LYS A 719 5.86 13.02 -11.10
N LYS A 720 4.64 12.64 -10.71
CA LYS A 720 3.80 13.53 -9.92
C LYS A 720 4.40 13.80 -8.56
N ASP A 721 5.03 12.80 -7.94
CA ASP A 721 5.67 13.00 -6.65
C ASP A 721 6.79 14.02 -6.76
N ASN A 722 7.64 13.89 -7.78
CA ASN A 722 8.73 14.84 -7.96
C ASN A 722 8.19 16.23 -8.29
N LEU A 723 7.12 16.31 -9.09
CA LEU A 723 6.52 17.60 -9.39
C LEU A 723 6.00 18.28 -8.14
N ASN A 724 5.36 17.51 -7.25
CA ASN A 724 4.86 18.09 -6.00
C ASN A 724 6.00 18.46 -5.06
N GLN A 725 7.10 17.69 -5.09
CA GLN A 725 8.25 18.04 -4.25
C GLN A 725 8.96 19.28 -4.73
N ASP A 726 8.99 19.50 -6.05
CA ASP A 726 9.65 20.67 -6.63
C ASP A 726 8.84 21.95 -6.49
N THR A 727 7.72 21.92 -5.78
CA THR A 727 6.84 23.08 -5.67
C THR A 727 6.57 23.43 -4.19
N ARG A 728 7.54 23.22 -3.33
CA ARG A 728 7.38 23.55 -1.92
C ARG A 728 8.50 24.43 -1.38
N LYS A 729 9.73 24.23 -1.85
CA LYS A 729 10.87 25.06 -1.44
C LYS A 729 11.18 24.88 0.05
N LEU A 730 11.23 23.62 0.49
CA LEU A 730 11.63 23.31 1.86
C LEU A 730 13.14 23.54 1.98
N LEU A 731 13.52 24.68 2.55
CA LEU A 731 14.91 25.11 2.58
C LEU A 731 15.65 24.62 3.82
N MET A 732 15.46 23.35 4.17
CA MET A 732 16.27 22.73 5.23
C MET A 732 17.59 22.26 4.63
N THR A 733 17.52 21.34 3.68
CA THR A 733 18.58 20.96 2.75
C THR A 733 19.81 20.37 3.42
N TRP A 734 19.89 20.38 4.75
CA TRP A 734 21.02 19.82 5.47
C TRP A 734 22.35 20.18 4.79
N ALA A 735 22.65 21.47 4.72
CA ALA A 735 23.83 21.98 4.01
C ALA A 735 25.06 21.11 4.24
N LEU A 736 25.26 20.66 5.47
CA LEU A 736 26.37 19.76 5.74
C LEU A 736 26.17 18.41 5.07
N GLU A 737 24.93 18.01 4.84
CA GLU A 737 24.63 16.75 4.17
C GLU A 737 24.76 16.83 2.66
N ALA A 738 24.73 18.03 2.08
CA ALA A 738 24.88 18.17 0.63
C ALA A 738 26.30 17.89 0.18
N ALA A 739 27.28 18.01 1.09
CA ALA A 739 28.67 17.72 0.72
C ALA A 739 28.86 16.24 0.41
N VAL A 740 28.26 15.36 1.23
CA VAL A 740 28.36 13.93 0.98
C VAL A 740 27.63 13.50 -0.28
N LEU A 741 26.78 14.36 -0.82
CA LEU A 741 26.10 14.10 -2.10
C LEU A 741 26.93 14.55 -3.29
N MET A 742 27.57 15.72 -3.20
CA MET A 742 28.49 16.13 -4.25
C MET A 742 29.69 15.18 -4.30
N LYS A 743 30.19 14.76 -3.14
CA LYS A 743 31.27 13.78 -3.11
C LYS A 743 30.87 12.44 -3.72
N LYS A 744 29.56 12.19 -3.87
CA LYS A 744 29.08 10.98 -4.52
C LYS A 744 28.74 11.20 -5.98
N SER A 745 28.45 12.44 -6.38
CA SER A 745 28.15 12.75 -7.78
C SER A 745 29.42 13.03 -8.56
N GLU A 746 30.21 14.02 -8.12
CA GLU A 746 31.45 14.35 -8.81
C GLU A 746 32.57 13.36 -8.51
N THR A 747 32.48 12.65 -7.38
CA THR A 747 33.44 11.61 -7.03
C THR A 747 32.70 10.34 -6.65
N TYR A 748 33.43 9.22 -6.67
CA TYR A 748 32.82 7.93 -6.35
C TYR A 748 32.81 7.64 -4.86
N ALA A 749 33.68 8.27 -4.08
CA ALA A 749 33.78 8.03 -2.64
C ALA A 749 32.45 8.33 -1.96
N PRO A 750 31.74 7.31 -1.48
CA PRO A 750 30.48 7.56 -0.76
C PRO A 750 30.76 7.90 0.69
N LEU A 751 30.27 9.06 1.14
CA LEU A 751 30.51 9.50 2.50
C LEU A 751 29.50 8.93 3.49
N PHE A 752 28.31 8.57 3.04
CA PHE A 752 27.27 7.98 3.88
C PHE A 752 27.17 6.50 3.55
N SER A 753 27.65 5.66 4.46
CA SER A 753 27.60 4.21 4.26
C SER A 753 26.23 3.65 4.62
N CYS A 761 20.75 2.77 0.84
CA CYS A 761 20.29 2.82 2.23
C CYS A 761 20.52 4.21 2.82
N LYS A 762 21.72 4.74 2.63
CA LYS A 762 22.04 6.07 3.17
C LYS A 762 21.10 7.13 2.60
N GLY A 763 20.62 6.94 1.37
CA GLY A 763 19.68 7.89 0.81
C GLY A 763 18.33 7.85 1.50
N LEU A 764 17.90 6.66 1.91
CA LEU A 764 16.63 6.55 2.63
C LEU A 764 16.70 7.25 3.97
N LEU A 765 17.86 7.21 4.63
CA LEU A 765 18.05 7.92 5.89
C LEU A 765 18.16 9.42 5.71
N ALA A 766 18.11 9.91 4.46
CA ALA A 766 18.18 11.34 4.17
C ALA A 766 16.82 11.97 3.99
N ASN A 767 15.96 11.37 3.17
CA ASN A 767 14.61 11.91 2.95
C ASN A 767 13.87 12.03 4.28
N THR A 768 13.83 10.94 5.04
CA THR A 768 13.19 10.99 6.36
C THR A 768 13.84 12.03 7.27
N LEU A 769 15.10 12.37 7.02
CA LEU A 769 15.76 13.41 7.79
C LEU A 769 15.37 14.80 7.28
N VAL A 770 15.28 14.97 5.96
CA VAL A 770 14.93 16.25 5.35
C VAL A 770 13.45 16.53 5.60
N GLU A 771 13.03 17.76 5.32
CA GLU A 771 11.64 18.21 5.31
C GLU A 771 11.03 18.20 6.71
N ASP A 772 11.79 17.74 7.71
CA ASP A 772 11.53 18.01 9.11
C ASP A 772 10.04 18.03 9.48
N VAL A 773 9.34 16.94 9.24
CA VAL A 773 7.92 16.85 9.61
C VAL A 773 7.84 16.56 11.10
N ASN A 774 7.37 17.54 11.88
CA ASN A 774 6.98 18.82 11.33
C ASN A 774 7.12 19.91 12.38
N VAL A 801 3.77 15.36 1.44
CA VAL A 801 5.06 15.40 0.75
C VAL A 801 5.12 14.30 -0.31
N CYS A 802 5.88 13.26 -0.01
CA CYS A 802 6.01 12.12 -0.90
C CYS A 802 5.22 10.93 -0.35
N ARG A 803 5.17 9.86 -1.16
CA ARG A 803 4.45 8.66 -0.76
C ARG A 803 5.32 7.86 0.21
N VAL A 804 4.88 6.64 0.54
CA VAL A 804 5.60 5.78 1.46
C VAL A 804 6.62 4.90 0.74
N GLN A 805 6.79 5.09 -0.57
CA GLN A 805 7.76 4.29 -1.32
C GLN A 805 9.19 4.69 -0.95
N LEU A 806 9.55 5.95 -1.18
CA LEU A 806 10.87 6.48 -0.81
C LEU A 806 12.01 5.64 -1.35
N VAL A 807 11.74 4.80 -2.35
CA VAL A 807 12.76 3.92 -2.92
C VAL A 807 12.46 3.68 -4.40
N HIS A 808 13.41 4.02 -5.25
CA HIS A 808 14.64 4.68 -4.83
C HIS A 808 14.97 5.84 -5.76
N SER A 809 14.44 5.78 -6.99
CA SER A 809 14.64 6.88 -7.92
C SER A 809 14.05 8.17 -7.38
N GLY A 810 12.91 8.09 -6.69
CA GLY A 810 12.34 9.27 -6.08
C GLY A 810 13.30 9.97 -5.14
N THR A 811 13.86 9.24 -4.18
CA THR A 811 14.84 9.81 -3.27
C THR A 811 16.15 10.14 -3.98
N ARG A 812 16.54 9.31 -4.96
CA ARG A 812 17.77 9.57 -5.70
C ARG A 812 17.70 10.90 -6.44
N ILE A 813 16.51 11.34 -6.84
CA ILE A 813 16.36 12.59 -7.57
C ILE A 813 16.08 13.72 -6.59
N ARG A 814 15.36 13.42 -5.51
CA ARG A 814 15.10 14.45 -4.50
C ARG A 814 16.38 14.89 -3.82
N GLN A 815 17.36 13.98 -3.69
CA GLN A 815 18.65 14.37 -3.11
C GLN A 815 19.32 15.43 -3.98
N ALA A 816 19.36 15.21 -5.29
CA ALA A 816 19.95 16.19 -6.19
C ALA A 816 19.15 17.49 -6.17
N PHE A 817 17.82 17.39 -6.13
CA PHE A 817 16.99 18.60 -6.08
C PHE A 817 17.28 19.41 -4.82
N GLY A 818 17.43 18.74 -3.68
CA GLY A 818 17.74 19.45 -2.45
C GLY A 818 19.14 20.04 -2.47
N LYS A 819 20.12 19.30 -3.01
CA LYS A 819 21.46 19.86 -3.15
C LYS A 819 21.43 21.10 -4.04
N LEU A 820 20.61 21.10 -5.07
CA LEU A 820 20.51 22.26 -5.95
C LEU A 820 19.83 23.43 -5.25
N LEU A 821 18.76 23.16 -4.50
CA LEU A 821 18.13 24.21 -3.72
C LEU A 821 19.09 24.81 -2.70
N LYS A 822 20.00 23.99 -2.16
CA LYS A 822 20.99 24.49 -1.22
C LYS A 822 22.10 25.26 -1.91
N SER A 823 22.43 24.89 -3.15
CA SER A 823 23.43 25.63 -3.92
C SER A 823 22.86 26.94 -4.48
N ILE A 824 21.55 27.05 -4.61
CA ILE A 824 20.95 28.29 -5.08
C ILE A 824 21.36 29.48 -4.22
N PRO A 825 21.42 29.37 -2.89
CA PRO A 825 21.91 30.48 -2.07
C PRO A 825 23.26 30.99 -2.58
N LEU A 826 23.61 32.20 -2.14
CA LEU A 826 24.81 32.87 -2.63
C LEU A 826 26.03 31.96 -2.55
N ASP A 827 26.39 31.52 -1.34
CA ASP A 827 27.57 30.70 -1.13
C ASP A 827 27.17 29.23 -1.05
N VAL A 828 27.92 28.38 -1.74
CA VAL A 828 27.70 26.94 -1.71
C VAL A 828 28.69 26.38 -0.69
N VAL A 829 28.20 26.15 0.53
CA VAL A 829 29.05 25.70 1.62
C VAL A 829 29.81 24.43 1.26
N LEU A 830 29.21 23.58 0.41
CA LEU A 830 29.89 22.35 -0.01
C LEU A 830 31.25 22.66 -0.61
N SER A 831 31.34 23.73 -1.39
CA SER A 831 32.56 24.18 -2.04
C SER A 831 32.91 25.57 -1.53
N ASN A 832 33.89 26.20 -2.17
CA ASN A 832 34.24 27.58 -1.85
C ASN A 832 33.17 28.50 -2.41
N ASN A 833 33.48 29.79 -2.50
CA ASN A 833 32.48 30.77 -2.93
C ASN A 833 31.95 30.42 -4.32
N ASN A 834 30.87 31.10 -4.70
CA ASN A 834 30.15 30.75 -5.93
C ASN A 834 31.08 30.56 -7.11
N HIS A 835 32.03 31.49 -7.30
CA HIS A 835 32.95 31.37 -8.43
C HIS A 835 33.86 30.17 -8.32
N THR A 836 33.97 29.56 -7.15
CA THR A 836 34.77 28.35 -6.99
C THR A 836 33.96 27.09 -7.26
N GLU A 837 32.74 27.01 -6.73
CA GLU A 837 31.89 25.87 -7.03
C GLU A 837 31.53 25.81 -8.51
N ILE A 838 31.23 26.97 -9.10
CA ILE A 838 30.94 27.01 -10.54
C ILE A 838 32.15 26.56 -11.34
N GLN A 839 33.35 27.00 -10.95
CA GLN A 839 34.55 26.58 -11.65
C GLN A 839 34.80 25.09 -11.51
N GLU A 840 34.57 24.54 -10.31
CA GLU A 840 34.73 23.10 -10.10
C GLU A 840 33.75 22.32 -10.97
N ILE A 841 32.50 22.77 -11.05
CA ILE A 841 31.51 22.08 -11.88
C ILE A 841 31.91 22.16 -13.35
N SER A 842 32.34 23.33 -13.80
CA SER A 842 32.75 23.48 -15.19
C SER A 842 33.93 22.58 -15.52
N LEU A 843 34.89 22.49 -14.60
CA LEU A 843 36.05 21.63 -14.84
C LEU A 843 35.65 20.16 -14.86
N ALA A 844 34.80 19.73 -13.92
CA ALA A 844 34.35 18.35 -13.89
C ALA A 844 33.52 17.99 -15.12
N LEU A 845 32.82 18.97 -15.72
CA LEU A 845 32.07 18.71 -16.94
C LEU A 845 32.96 18.70 -18.17
N ARG A 846 33.98 19.56 -18.21
CA ARG A 846 34.86 19.62 -19.37
C ARG A 846 35.79 18.43 -19.42
N SER A 847 36.34 18.03 -18.27
CA SER A 847 37.21 16.86 -18.22
C SER A 847 36.48 15.58 -18.56
N HIS A 848 35.15 15.59 -18.58
CA HIS A 848 34.36 14.42 -18.93
C HIS A 848 33.76 14.51 -20.33
N MET A 849 33.48 15.71 -20.83
CA MET A 849 32.97 15.85 -22.19
C MET A 849 34.07 15.57 -23.21
N SER A 850 35.28 16.07 -22.96
CA SER A 850 36.40 15.77 -23.85
C SER A 850 36.69 14.28 -23.91
N LYS A 851 36.34 13.54 -22.85
CA LYS A 851 36.56 12.10 -22.84
C LYS A 851 35.84 11.39 -23.97
N ALA A 852 34.79 12.01 -24.53
CA ALA A 852 34.10 11.38 -25.65
C ALA A 852 34.99 11.30 -26.89
N PRO A 853 35.44 12.41 -27.48
CA PRO A 853 36.35 12.32 -28.63
C PRO A 853 37.80 12.16 -28.19
N SER A 854 38.06 11.25 -27.26
CA SER A 854 39.41 11.01 -26.76
C SER A 854 39.34 9.86 -25.77
N ASN A 855 40.50 9.52 -25.20
CA ASN A 855 40.62 8.48 -24.18
C ASN A 855 41.39 9.06 -23.00
N THR A 856 40.76 9.10 -21.84
CA THR A 856 41.40 9.64 -20.65
C THR A 856 40.86 8.93 -19.42
N PHE A 857 41.69 8.88 -18.37
CA PHE A 857 41.35 8.23 -17.12
C PHE A 857 41.00 9.27 -16.07
N HIS A 858 39.99 8.98 -15.27
CA HIS A 858 39.54 9.89 -14.21
C HIS A 858 38.53 9.19 -13.32
N PRO A 859 38.14 9.81 -12.19
CA PRO A 859 37.22 9.13 -11.26
C PRO A 859 35.82 8.93 -11.82
N GLN A 860 35.53 9.39 -13.03
CA GLN A 860 34.21 9.20 -13.62
C GLN A 860 34.09 7.92 -14.43
N ASP A 861 35.21 7.28 -14.78
CA ASP A 861 35.20 6.04 -15.55
C ASP A 861 36.11 4.96 -14.98
N PHE A 862 37.08 5.29 -14.14
CA PHE A 862 38.02 4.31 -13.61
C PHE A 862 37.41 3.68 -12.35
N SER A 863 36.64 2.62 -12.56
CA SER A 863 36.03 1.86 -11.48
C SER A 863 36.58 0.44 -11.52
N ASP A 864 37.42 0.11 -10.54
CA ASP A 864 38.10 -1.20 -10.50
C ASP A 864 37.29 -2.22 -9.71
N VAL A 865 36.00 -2.34 -10.03
CA VAL A 865 35.14 -3.32 -9.39
C VAL A 865 33.85 -3.44 -10.18
N ILE A 866 33.30 -4.67 -10.25
CA ILE A 866 32.03 -4.85 -10.93
C ILE A 866 30.90 -4.30 -10.07
N SER A 867 29.79 -3.96 -10.72
CA SER A 867 28.63 -3.32 -10.13
C SER A 867 28.91 -1.87 -9.76
N PHE A 868 30.14 -1.39 -9.94
CA PHE A 868 30.48 0.01 -9.72
C PHE A 868 30.78 0.77 -11.00
N ILE A 869 31.35 0.11 -12.02
CA ILE A 869 31.50 0.74 -13.32
C ILE A 869 30.15 1.12 -13.89
N LEU A 870 29.10 0.38 -13.54
CA LEU A 870 27.75 0.76 -13.89
C LEU A 870 27.24 1.93 -13.07
N TYR A 871 27.87 2.21 -11.93
CA TYR A 871 27.54 3.40 -11.16
C TYR A 871 28.12 4.67 -11.78
N GLY A 872 29.16 4.54 -12.62
CA GLY A 872 29.65 5.69 -13.34
C GLY A 872 28.62 6.29 -14.27
N ASN A 873 27.87 5.44 -14.98
CA ASN A 873 26.73 5.94 -15.74
C ASN A 873 25.72 6.60 -14.82
N SER A 874 25.50 6.02 -13.64
CA SER A 874 24.66 6.67 -12.63
C SER A 874 25.22 8.01 -12.21
N HIS A 875 26.54 8.14 -12.08
CA HIS A 875 27.14 9.43 -11.76
C HIS A 875 26.85 10.46 -12.84
N ARG A 876 27.01 10.07 -14.11
CA ARG A 876 26.74 10.99 -15.21
C ARG A 876 25.27 11.41 -15.23
N THR A 877 24.36 10.44 -15.03
CA THR A 877 22.94 10.77 -15.00
C THR A 877 22.63 11.71 -13.83
N GLY A 878 23.21 11.45 -12.67
CA GLY A 878 22.98 12.32 -11.53
C GLY A 878 23.51 13.73 -11.77
N LYS A 879 24.68 13.84 -12.39
CA LYS A 879 25.23 15.16 -12.69
C LYS A 879 24.37 15.90 -13.71
N ASP A 880 23.88 15.19 -14.72
CA ASP A 880 23.00 15.83 -15.70
C ASP A 880 21.71 16.31 -15.05
N ASN A 881 21.08 15.47 -14.23
CA ASN A 881 19.88 15.89 -13.53
C ASN A 881 20.16 17.04 -12.58
N TRP A 882 21.34 17.05 -11.96
CA TRP A 882 21.72 18.13 -11.07
C TRP A 882 21.80 19.45 -11.83
N LEU A 883 22.50 19.44 -12.96
CA LEU A 883 22.58 20.65 -13.78
C LEU A 883 21.20 21.08 -14.26
N GLU A 884 20.36 20.13 -14.66
CA GLU A 884 19.03 20.47 -15.16
C GLU A 884 18.19 21.14 -14.07
N ARG A 885 18.11 20.52 -12.89
CA ARG A 885 17.33 21.10 -11.81
C ARG A 885 17.96 22.37 -11.26
N LEU A 886 19.28 22.55 -11.41
CA LEU A 886 19.89 23.83 -11.04
C LEU A 886 19.44 24.93 -11.98
N PHE A 887 19.56 24.69 -13.29
CA PHE A 887 19.00 25.65 -14.25
C PHE A 887 17.52 25.90 -13.97
N TYR A 888 16.79 24.88 -13.52
CA TYR A 888 15.42 25.07 -13.07
C TYR A 888 15.37 26.11 -11.96
N SER A 889 16.02 25.83 -10.83
CA SER A 889 15.98 26.71 -9.68
C SER A 889 16.85 27.95 -9.86
N CYS A 890 17.78 27.94 -10.82
CA CYS A 890 18.62 29.09 -11.08
C CYS A 890 17.90 30.18 -11.88
N GLN A 891 16.59 30.03 -12.08
CA GLN A 891 15.79 31.01 -12.82
C GLN A 891 15.18 32.07 -11.90
N ARG A 892 15.79 32.31 -10.74
CA ARG A 892 15.35 33.42 -9.91
C ARG A 892 15.36 34.73 -10.69
N LEU A 893 16.30 34.88 -11.63
CA LEU A 893 16.26 36.03 -12.53
C LEU A 893 15.20 35.85 -13.61
N ASP A 894 15.05 34.63 -14.12
CA ASP A 894 14.03 34.36 -15.13
C ASP A 894 12.62 34.45 -14.58
N LYS A 895 12.46 34.42 -13.25
CA LYS A 895 11.16 34.50 -12.62
C LYS A 895 10.28 33.33 -13.02
N ARG A 896 10.63 32.15 -12.50
CA ARG A 896 9.90 30.94 -12.81
C ARG A 896 8.40 31.13 -12.60
N ASP A 897 7.61 30.41 -13.38
CA ASP A 897 6.16 30.49 -13.32
C ASP A 897 5.66 29.63 -12.14
N GLN A 898 4.34 29.41 -12.10
CA GLN A 898 3.74 28.66 -11.00
C GLN A 898 4.36 27.28 -10.83
N SER A 899 5.02 26.75 -11.85
CA SER A 899 5.66 25.44 -11.74
C SER A 899 6.63 25.41 -10.56
N THR A 900 7.28 26.54 -10.29
CA THR A 900 8.20 26.67 -9.16
C THR A 900 7.94 27.99 -8.47
N ILE A 901 7.68 27.92 -7.17
CA ILE A 901 7.37 29.11 -6.38
C ILE A 901 8.61 29.99 -6.29
N PRO A 902 8.49 31.25 -5.85
CA PRO A 902 9.68 32.09 -5.71
C PRO A 902 10.73 31.42 -4.83
N ARG A 903 11.99 31.65 -5.16
CA ARG A 903 13.08 30.98 -4.48
C ARG A 903 13.19 31.42 -3.03
N ASN A 904 13.45 32.71 -2.82
CA ASN A 904 13.58 33.26 -1.48
C ASN A 904 13.77 34.77 -1.61
N LEU A 905 14.00 35.43 -0.47
CA LEU A 905 14.34 36.84 -0.50
C LEU A 905 15.60 37.13 -1.30
N LEU A 906 16.44 36.12 -1.53
CA LEU A 906 17.64 36.25 -2.34
C LEU A 906 17.34 36.26 -3.83
N LYS A 907 16.08 36.43 -4.21
CA LYS A 907 15.68 36.44 -5.63
C LYS A 907 16.31 37.60 -6.37
N THR A 908 17.01 38.48 -5.65
CA THR A 908 17.70 39.60 -6.25
C THR A 908 19.13 39.29 -6.66
N ASP A 909 19.83 38.44 -5.89
CA ASP A 909 21.20 38.09 -6.26
C ASP A 909 21.23 37.40 -7.63
N ALA A 910 20.26 36.52 -7.89
CA ALA A 910 20.19 35.88 -9.20
C ALA A 910 19.81 36.86 -10.30
N VAL A 911 19.28 38.03 -9.96
CA VAL A 911 18.97 39.05 -10.95
C VAL A 911 20.11 40.04 -11.10
N LEU A 912 20.70 40.48 -9.99
CA LEU A 912 21.89 41.33 -10.07
C LEU A 912 23.02 40.61 -10.81
N TRP A 913 23.47 39.49 -10.27
CA TRP A 913 24.45 38.67 -10.94
C TRP A 913 23.78 37.80 -12.00
N GLN A 914 24.51 37.52 -13.07
CA GLN A 914 23.99 36.75 -14.21
C GLN A 914 24.84 35.51 -14.40
N TRP A 915 24.28 34.35 -14.06
CA TRP A 915 24.95 33.08 -14.27
C TRP A 915 24.70 32.51 -15.66
N ALA A 916 23.79 33.09 -16.43
CA ALA A 916 23.55 32.62 -17.79
C ALA A 916 24.81 32.70 -18.65
N ILE A 917 25.70 33.63 -18.34
CA ILE A 917 26.96 33.71 -19.07
C ILE A 917 27.77 32.44 -18.88
N TRP A 918 27.80 31.92 -17.65
CA TRP A 918 28.51 30.67 -17.41
C TRP A 918 27.83 29.50 -18.10
N GLU A 919 26.49 29.47 -18.08
CA GLU A 919 25.78 28.42 -18.80
C GLU A 919 26.11 28.44 -20.28
N ALA A 920 26.21 29.63 -20.87
CA ALA A 920 26.53 29.74 -22.28
C ALA A 920 27.96 29.31 -22.56
N ALA A 921 28.91 29.82 -21.78
CA ALA A 921 30.32 29.50 -21.97
C ALA A 921 30.66 28.08 -21.54
N GLN A 922 29.72 27.35 -20.95
CA GLN A 922 29.94 25.98 -20.47
C GLN A 922 28.84 25.07 -20.97
N PHE A 923 28.54 25.16 -22.27
CA PHE A 923 27.55 24.29 -22.89
C PHE A 923 28.15 22.96 -23.36
N THR A 924 29.31 22.58 -22.81
CA THR A 924 29.89 21.27 -23.13
C THR A 924 29.08 20.13 -22.54
N VAL A 925 28.02 20.41 -21.79
CA VAL A 925 27.17 19.36 -21.24
C VAL A 925 26.54 18.53 -22.34
N LEU A 926 26.45 19.06 -23.56
CA LEU A 926 25.88 18.31 -24.66
C LEU A 926 26.66 17.02 -24.89
N SER A 927 27.98 17.11 -24.93
CA SER A 927 28.81 15.92 -25.15
C SER A 927 28.75 14.98 -23.95
N LYS A 928 28.88 15.53 -22.74
CA LYS A 928 28.86 14.71 -21.53
C LYS A 928 27.48 14.10 -21.27
N LEU A 929 26.45 14.53 -21.98
CA LEU A 929 25.11 14.01 -21.80
C LEU A 929 24.67 13.06 -22.91
N ARG A 930 24.98 13.39 -24.17
CA ARG A 930 24.61 12.52 -25.27
C ARG A 930 25.11 11.09 -25.06
N THR A 931 26.21 10.93 -24.31
CA THR A 931 26.71 9.58 -24.04
C THR A 931 25.78 8.84 -23.09
N PRO A 932 25.60 9.28 -21.84
CA PRO A 932 24.72 8.54 -20.92
C PRO A 932 23.26 8.56 -21.33
N LEU A 933 22.72 9.76 -21.56
CA LEU A 933 21.31 9.93 -21.90
C LEU A 933 21.18 10.96 -23.02
N GLY A 934 20.64 10.54 -24.15
CA GLY A 934 20.47 11.41 -25.29
C GLY A 934 19.67 12.66 -24.98
N ARG A 935 18.47 12.48 -24.44
CA ARG A 935 17.56 13.59 -24.19
C ARG A 935 18.16 14.60 -23.22
N ALA A 936 19.27 14.25 -22.58
CA ALA A 936 19.94 15.16 -21.65
C ALA A 936 20.72 16.25 -22.34
N GLN A 937 20.73 16.28 -23.68
CA GLN A 937 21.44 17.29 -24.45
C GLN A 937 20.51 18.29 -25.13
N ASP A 938 19.35 17.85 -25.61
CA ASP A 938 18.43 18.77 -26.28
C ASP A 938 18.02 19.90 -25.34
N THR A 939 17.85 19.59 -24.05
CA THR A 939 17.54 20.65 -23.08
C THR A 939 18.55 21.78 -23.15
N PHE A 940 19.84 21.44 -23.24
CA PHE A 940 20.88 22.44 -23.40
C PHE A 940 21.19 22.73 -24.86
N GLN A 941 21.01 21.72 -25.73
CA GLN A 941 21.28 21.92 -27.15
C GLN A 941 20.24 22.84 -27.79
N THR A 942 18.98 22.74 -27.39
CA THR A 942 17.93 23.60 -27.90
C THR A 942 17.98 25.00 -27.29
N ILE A 943 18.98 25.29 -26.46
CA ILE A 943 19.18 26.60 -25.87
C ILE A 943 20.41 27.29 -26.47
N GLU A 944 21.57 26.65 -26.37
CA GLU A 944 22.77 27.20 -26.98
C GLU A 944 22.62 27.30 -28.49
N GLY A 945 21.94 26.32 -29.09
CA GLY A 945 21.70 26.35 -30.52
C GLY A 945 20.60 27.29 -30.97
N ILE A 946 19.85 27.86 -30.03
CA ILE A 946 18.80 28.81 -30.34
C ILE A 946 19.16 30.21 -29.86
N ILE A 947 19.84 30.33 -28.73
CA ILE A 947 20.24 31.64 -28.22
C ILE A 947 21.19 32.33 -29.20
N ARG A 948 22.00 31.54 -29.91
CA ARG A 948 22.95 32.09 -30.88
C ARG A 948 22.27 32.22 -32.26
N SER A 949 21.16 32.95 -32.26
CA SER A 949 20.40 33.17 -33.49
C SER A 949 21.22 33.94 -34.51
N ASP A 970 30.58 26.46 -32.60
CA ASP A 970 29.93 26.99 -33.79
C ASP A 970 28.63 26.25 -34.07
N GLU A 971 27.92 26.69 -35.11
CA GLU A 971 26.65 26.03 -35.47
C GLU A 971 26.90 24.63 -36.01
N GLY A 972 27.97 24.44 -36.79
CA GLY A 972 28.27 23.12 -37.31
C GLY A 972 28.44 22.09 -36.22
N HIS A 973 29.13 22.46 -35.13
CA HIS A 973 29.29 21.55 -34.00
C HIS A 973 28.09 21.59 -33.07
N GLY A 974 27.34 22.69 -33.05
CA GLY A 974 26.17 22.79 -32.21
C GLY A 974 24.91 22.28 -32.87
N ASN A 975 25.07 21.52 -33.94
CA ASN A 975 23.95 20.89 -34.64
C ASN A 975 24.14 19.39 -34.83
N ASN A 976 25.38 18.95 -35.07
CA ASN A 976 25.64 17.51 -35.17
C ASN A 976 25.32 16.81 -33.84
N GLN A 977 25.62 17.47 -32.72
CA GLN A 977 25.29 16.89 -31.42
C GLN A 977 23.78 16.76 -31.25
N LEU A 978 23.03 17.79 -31.65
CA LEU A 978 21.57 17.70 -31.56
C LEU A 978 21.04 16.59 -32.45
N ARG A 979 21.57 16.46 -33.67
CA ARG A 979 21.11 15.39 -34.56
C ARG A 979 21.42 14.01 -33.99
N LEU A 980 22.63 13.82 -33.46
CA LEU A 980 22.98 12.53 -32.85
C LEU A 980 22.10 12.24 -31.64
N VAL A 981 21.81 13.26 -30.82
CA VAL A 981 20.91 13.06 -29.69
C VAL A 981 19.54 12.61 -30.18
N LEU A 982 18.98 13.33 -31.14
CA LEU A 982 17.67 12.97 -31.67
C LEU A 982 17.67 11.54 -32.20
N LEU A 983 18.78 11.13 -32.83
CA LEU A 983 18.85 9.76 -33.32
C LEU A 983 18.92 8.75 -32.18
N LEU A 984 19.60 9.10 -31.09
CA LEU A 984 19.73 8.19 -29.96
C LEU A 984 18.37 7.80 -29.40
N GLN A 985 17.40 8.71 -29.43
CA GLN A 985 16.06 8.40 -28.93
C GLN A 985 15.33 7.37 -29.77
N TYR A 986 15.93 6.91 -30.88
CA TYR A 986 15.30 5.95 -31.78
C TYR A 986 14.00 6.50 -32.36
N LEU A 987 13.80 7.80 -32.28
CA LEU A 987 12.58 8.47 -32.77
C LEU A 987 12.88 9.96 -32.83
N GLU A 988 11.83 10.76 -33.05
CA GLU A 988 11.94 12.21 -33.14
C GLU A 988 12.59 12.67 -34.43
N ASN A 989 12.53 11.85 -35.49
CA ASN A 989 13.08 12.26 -36.78
C ASN A 989 12.45 13.56 -37.26
N LEU A 990 11.22 13.85 -36.81
CA LEU A 990 10.63 15.15 -37.12
C LEU A 990 11.44 16.28 -36.50
N GLU A 991 11.98 16.06 -35.30
CA GLU A 991 12.83 17.07 -34.68
C GLU A 991 14.07 17.34 -35.51
N LYS A 992 14.60 16.32 -36.19
CA LYS A 992 15.77 16.52 -37.04
C LYS A 992 15.39 17.16 -38.37
N LEU A 993 14.23 16.79 -38.92
CA LEU A 993 13.74 17.48 -40.11
C LEU A 993 13.50 18.96 -39.82
N MET A 994 13.16 19.29 -38.57
CA MET A 994 13.02 20.69 -38.20
C MET A 994 14.32 21.46 -38.43
N TYR A 995 15.43 20.92 -37.95
CA TYR A 995 16.73 21.55 -38.20
C TYR A 995 17.07 21.51 -39.68
N ASN A 996 16.71 20.43 -40.36
CA ASN A 996 16.93 20.36 -41.81
C ASN A 996 16.26 21.53 -42.51
N ALA A 997 15.06 21.90 -42.06
CA ALA A 997 14.39 23.11 -42.53
C ALA A 997 14.80 24.34 -41.74
N TYR A 998 15.55 24.17 -40.66
CA TYR A 998 16.05 25.28 -39.84
C TYR A 998 17.42 25.78 -40.29
N GLU A 999 18.00 25.18 -41.34
CA GLU A 999 19.32 25.58 -41.80
C GLU A 999 19.38 27.02 -42.28
N GLY A 1000 18.24 27.71 -42.36
CA GLY A 1000 18.26 29.10 -42.80
C GLY A 1000 19.20 29.97 -41.99
N CYS A 1001 19.41 29.61 -40.71
CA CYS A 1001 20.34 30.34 -39.85
C CYS A 1001 21.76 29.94 -40.20
N ALA A 1002 22.24 30.49 -41.32
CA ALA A 1002 23.58 30.19 -41.81
C ALA A 1002 23.71 28.71 -42.17
N PRO A 1009 22.75 22.47 -42.96
CA PRO A 1009 22.95 22.03 -44.34
C PRO A 1009 22.07 20.85 -44.72
N LYS A 1010 22.24 20.34 -45.93
CA LYS A 1010 21.44 19.20 -46.40
C LYS A 1010 21.80 17.89 -45.70
N VAL A 1011 22.88 17.87 -44.91
CA VAL A 1011 23.27 16.65 -44.23
C VAL A 1011 22.19 16.21 -43.24
N ILE A 1012 21.47 17.18 -42.65
CA ILE A 1012 20.44 16.83 -41.68
C ILE A 1012 19.27 16.15 -42.35
N ARG A 1013 19.02 16.44 -43.62
CA ARG A 1013 17.91 15.80 -44.33
C ARG A 1013 18.05 14.28 -44.35
N THR A 1014 19.29 13.78 -44.37
CA THR A 1014 19.55 12.35 -44.34
C THR A 1014 19.94 11.85 -42.96
N PHE A 1015 20.48 12.71 -42.11
CA PHE A 1015 20.84 12.30 -40.76
C PHE A 1015 19.62 11.79 -39.99
N PHE A 1016 18.44 12.28 -40.33
CA PHE A 1016 17.20 11.84 -39.70
C PHE A 1016 16.47 10.79 -40.53
N TYR A 1017 16.92 10.52 -41.75
CA TYR A 1017 16.25 9.58 -42.63
C TYR A 1017 16.45 8.13 -42.21
N THR A 1018 17.20 7.88 -41.15
CA THR A 1018 17.41 6.51 -40.68
C THR A 1018 16.16 5.98 -39.97
N ASN A 1019 15.52 6.83 -39.15
CA ASN A 1019 14.30 6.44 -38.47
C ASN A 1019 13.05 6.77 -39.27
N ARG A 1020 13.13 7.75 -40.18
CA ARG A 1020 11.98 8.11 -41.00
C ARG A 1020 11.60 6.97 -41.94
N GLN A 1021 12.54 6.56 -42.80
CA GLN A 1021 12.28 5.51 -43.76
C GLN A 1021 12.93 4.17 -43.38
N THR A 1022 14.23 4.16 -43.13
CA THR A 1022 14.93 2.93 -42.77
C THR A 1022 16.38 3.26 -42.49
N CYS A 1023 17.11 2.25 -41.98
CA CYS A 1023 18.54 2.38 -41.75
C CYS A 1023 19.36 2.09 -43.00
N GLN A 1024 18.93 1.11 -43.80
CA GLN A 1024 19.58 0.87 -45.09
C GLN A 1024 19.60 2.14 -45.92
N ASP A 1025 18.42 2.70 -46.20
CA ASP A 1025 18.36 4.02 -46.80
C ASP A 1025 18.84 5.06 -45.79
N TRP A 1026 19.12 6.26 -46.30
CA TRP A 1026 19.69 7.33 -45.50
C TRP A 1026 21.16 7.05 -45.22
N LEU A 1027 21.64 5.87 -45.63
CA LEU A 1027 23.05 5.54 -45.57
C LEU A 1027 23.75 5.96 -46.87
N THR A 1028 23.20 5.57 -48.01
CA THR A 1028 23.70 6.07 -49.28
C THR A 1028 23.57 7.59 -49.38
N ARG A 1029 22.52 8.14 -48.75
CA ARG A 1029 22.37 9.59 -48.74
C ARG A 1029 23.51 10.27 -48.00
N ILE A 1030 23.94 9.71 -46.87
CA ILE A 1030 25.08 10.28 -46.15
C ILE A 1030 26.34 10.19 -46.99
N ARG A 1031 26.56 9.04 -47.65
CA ARG A 1031 27.72 8.91 -48.53
C ARG A 1031 27.71 9.99 -49.60
N LEU A 1032 26.56 10.15 -50.28
CA LEU A 1032 26.45 11.20 -51.30
C LEU A 1032 26.73 12.58 -50.72
N SER A 1033 26.21 12.85 -49.52
CA SER A 1033 26.48 14.12 -48.87
C SER A 1033 27.94 14.29 -48.51
N ILE A 1034 28.71 13.20 -48.39
CA ILE A 1034 30.15 13.30 -48.14
C ILE A 1034 30.90 13.81 -49.36
N MET A 1035 30.28 13.83 -50.53
CA MET A 1035 30.89 14.39 -51.73
C MET A 1035 30.35 15.80 -51.97
N ARG A 1036 31.11 16.59 -52.71
CA ARG A 1036 32.34 16.10 -53.36
C ARG A 1036 33.56 16.47 -52.53
N VAL A 1037 33.41 16.43 -51.21
CA VAL A 1037 34.50 16.75 -50.29
C VAL A 1037 35.52 15.63 -50.28
N GLY A 1038 35.26 14.58 -51.06
CA GLY A 1038 36.18 13.46 -51.14
C GLY A 1038 35.95 12.58 -52.36
N LEU A 1039 36.25 11.29 -52.23
CA LEU A 1039 36.10 10.35 -53.33
C LEU A 1039 34.63 9.92 -53.43
N LEU A 1040 34.37 8.91 -54.27
CA LEU A 1040 33.00 8.44 -54.45
C LEU A 1040 32.47 7.79 -53.17
N ALA A 1041 33.28 6.94 -52.54
CA ALA A 1041 32.96 6.22 -51.31
C ALA A 1041 31.85 5.20 -51.49
N GLY A 1042 31.38 4.97 -52.72
CA GLY A 1042 30.32 3.99 -52.92
C GLY A 1042 30.83 2.56 -52.77
N GLN A 1043 29.92 1.69 -52.37
CA GLN A 1043 30.22 0.28 -52.16
C GLN A 1043 29.84 -0.53 -53.39
N PRO A 1044 30.33 -1.77 -53.48
CA PRO A 1044 30.06 -2.58 -54.67
C PRO A 1044 28.57 -2.79 -54.92
N ALA A 1045 27.87 -3.36 -53.93
CA ALA A 1045 26.44 -3.66 -54.05
C ALA A 1045 25.67 -2.79 -53.07
N VAL A 1046 24.87 -1.87 -53.59
CA VAL A 1046 24.09 -0.96 -52.75
C VAL A 1046 22.65 -0.94 -53.22
N THR A 1047 22.41 -1.44 -54.43
CA THR A 1047 21.07 -1.45 -55.02
C THR A 1047 20.45 -0.04 -55.00
N VAL A 1048 21.25 0.95 -55.38
CA VAL A 1048 20.78 2.33 -55.39
C VAL A 1048 19.70 2.55 -56.44
N ARG A 1049 19.65 1.74 -57.48
CA ARG A 1049 18.65 1.92 -58.53
C ARG A 1049 17.24 1.84 -57.96
N HIS A 1050 16.96 0.78 -57.21
CA HIS A 1050 15.65 0.58 -56.60
C HIS A 1050 15.64 0.88 -55.12
N GLY A 1051 16.78 1.24 -54.53
CA GLY A 1051 16.86 1.52 -53.11
C GLY A 1051 16.23 2.81 -52.66
N PHE A 1052 15.56 3.54 -53.56
CA PHE A 1052 14.90 4.79 -53.22
C PHE A 1052 13.42 4.77 -53.55
N ASP A 1053 12.85 3.61 -53.86
CA ASP A 1053 11.42 3.48 -54.11
C ASP A 1053 10.64 3.04 -52.87
N LEU A 1054 11.15 3.36 -51.68
CA LEU A 1054 10.51 2.96 -50.44
C LEU A 1054 9.75 4.11 -49.81
N LEU A 1069 31.40 22.51 -48.65
CA LEU A 1069 32.37 23.34 -47.93
C LEU A 1069 33.23 22.51 -46.99
N GLU A 1070 34.48 22.92 -46.84
CA GLU A 1070 35.41 22.22 -45.95
C GLU A 1070 34.95 22.37 -44.51
N VAL A 1071 34.45 21.29 -43.92
CA VAL A 1071 33.97 21.29 -42.55
C VAL A 1071 35.04 20.83 -41.58
N THR A 1072 35.68 19.70 -41.87
CA THR A 1072 36.71 19.07 -41.04
C THR A 1072 36.14 18.41 -39.80
N ILE A 1073 34.84 18.55 -39.53
CA ILE A 1073 34.19 17.93 -38.39
C ILE A 1073 33.05 17.03 -38.83
N MET A 1074 32.14 17.54 -39.66
CA MET A 1074 31.05 16.72 -40.17
C MET A 1074 31.54 15.49 -40.92
N MET A 1075 32.75 15.55 -41.48
CA MET A 1075 33.32 14.39 -42.16
C MET A 1075 33.40 13.20 -41.22
N VAL A 1076 34.12 13.37 -40.09
CA VAL A 1076 34.17 12.31 -39.09
C VAL A 1076 32.79 12.10 -38.48
N VAL A 1077 32.00 13.17 -38.35
CA VAL A 1077 30.63 13.03 -37.85
C VAL A 1077 29.81 12.12 -38.74
N GLU A 1078 30.26 11.89 -39.98
CA GLU A 1078 29.58 10.95 -40.86
C GLU A 1078 29.77 9.51 -40.43
N ALA A 1079 30.39 9.27 -39.28
CA ALA A 1079 30.53 7.92 -38.76
C ALA A 1079 29.19 7.25 -38.50
N LEU A 1080 28.09 8.00 -38.52
CA LEU A 1080 26.77 7.39 -38.42
C LEU A 1080 26.58 6.30 -39.46
N CYS A 1081 27.23 6.43 -40.62
CA CYS A 1081 27.23 5.35 -41.59
C CYS A 1081 27.64 4.04 -40.94
N GLU A 1082 28.77 4.05 -40.21
CA GLU A 1082 29.25 2.86 -39.53
C GLU A 1082 28.20 2.28 -38.57
N LEU A 1083 27.12 3.00 -38.30
CA LEU A 1083 25.96 2.45 -37.60
C LEU A 1083 24.83 2.07 -38.54
N HIS A 1084 24.66 2.80 -39.64
CA HIS A 1084 23.69 2.44 -40.67
C HIS A 1084 24.29 1.52 -41.72
N CYS A 1085 25.62 1.46 -41.79
CA CYS A 1085 26.38 0.58 -42.67
C CYS A 1085 26.24 -0.87 -42.20
N PRO A 1086 26.91 -1.81 -42.86
CA PRO A 1086 26.79 -3.23 -42.48
C PRO A 1086 26.86 -3.52 -40.98
N GLU A 1087 27.21 -2.52 -40.16
CA GLU A 1087 27.07 -2.65 -38.72
C GLU A 1087 25.81 -3.43 -38.36
N ALA A 1088 24.66 -3.00 -38.89
CA ALA A 1088 23.50 -3.89 -38.97
C ALA A 1088 23.82 -5.01 -39.94
N ILE A 1089 23.58 -6.26 -39.52
CA ILE A 1089 24.30 -7.40 -40.06
C ILE A 1089 24.47 -7.29 -41.57
N GLN A 1090 25.72 -7.31 -42.01
CA GLN A 1090 26.08 -7.13 -43.42
C GLN A 1090 27.60 -7.22 -43.55
N GLY A 1091 28.11 -7.11 -44.77
CA GLY A 1091 29.55 -7.09 -44.97
C GLY A 1091 30.15 -5.72 -44.69
N ILE A 1092 30.82 -5.57 -43.55
CA ILE A 1092 31.30 -4.26 -43.11
C ILE A 1092 32.69 -3.93 -43.64
N ALA A 1093 33.49 -4.93 -44.03
CA ALA A 1093 34.86 -4.67 -44.44
C ALA A 1093 34.94 -3.65 -45.57
N VAL A 1094 33.93 -3.64 -46.45
CA VAL A 1094 33.96 -2.71 -47.59
C VAL A 1094 33.96 -1.26 -47.09
N TRP A 1095 33.10 -0.94 -46.12
CA TRP A 1095 33.01 0.43 -45.65
C TRP A 1095 34.28 0.84 -44.90
N SER A 1096 34.84 -0.06 -44.11
CA SER A 1096 36.10 0.25 -43.43
C SER A 1096 37.23 0.49 -44.43
N SER A 1097 37.32 -0.34 -45.46
CA SER A 1097 38.33 -0.15 -46.48
C SER A 1097 38.14 1.18 -47.21
N SER A 1098 36.88 1.53 -47.51
CA SER A 1098 36.62 2.80 -48.18
C SER A 1098 37.01 3.98 -47.28
N ILE A 1099 36.69 3.89 -45.98
CA ILE A 1099 37.05 4.96 -45.06
C ILE A 1099 38.57 5.10 -44.98
N VAL A 1100 39.28 3.97 -44.94
CA VAL A 1100 40.74 4.03 -44.89
C VAL A 1100 41.30 4.66 -46.15
N GLY A 1101 40.79 4.23 -47.31
CA GLY A 1101 41.26 4.80 -48.56
C GLY A 1101 40.98 6.27 -48.70
N LYS A 1102 39.87 6.74 -48.14
CA LYS A 1102 39.54 8.16 -48.21
C LYS A 1102 40.32 8.97 -47.20
N ASN A 1103 40.61 8.40 -46.03
CA ASN A 1103 41.45 9.08 -45.05
C ASN A 1103 42.90 9.13 -45.49
N LEU A 1104 43.34 8.20 -46.33
CA LEU A 1104 44.69 8.26 -46.86
C LEU A 1104 44.98 9.59 -47.54
N LEU A 1105 43.94 10.28 -47.99
CA LEU A 1105 44.08 11.57 -48.66
C LEU A 1105 43.85 12.75 -47.71
N TRP A 1106 43.56 12.50 -46.45
CA TRP A 1106 43.29 13.57 -45.49
C TRP A 1106 43.77 13.12 -44.12
N ILE A 1107 43.32 13.82 -43.07
CA ILE A 1107 43.70 13.52 -41.70
C ILE A 1107 42.52 13.80 -40.78
N ASN A 1108 42.59 13.25 -39.57
CA ASN A 1108 41.60 13.45 -38.52
C ASN A 1108 40.31 12.66 -38.77
N SER A 1109 40.39 11.59 -39.56
CA SER A 1109 39.25 10.70 -39.78
C SER A 1109 39.52 9.37 -39.09
N VAL A 1110 38.65 8.99 -38.16
CA VAL A 1110 38.83 7.78 -37.37
C VAL A 1110 37.53 6.99 -37.39
N ALA A 1111 37.64 5.68 -37.58
CA ALA A 1111 36.49 4.79 -37.57
C ALA A 1111 36.26 4.26 -36.16
N GLN A 1112 35.41 3.24 -36.03
CA GLN A 1112 35.12 2.63 -34.75
C GLN A 1112 35.97 1.38 -34.54
N GLN A 1113 35.74 0.70 -33.43
CA GLN A 1113 36.50 -0.50 -33.09
C GLN A 1113 36.20 -1.62 -34.07
N ALA A 1114 37.24 -2.11 -34.75
CA ALA A 1114 37.07 -3.22 -35.68
C ALA A 1114 36.96 -4.56 -34.97
N GLU A 1115 37.56 -4.68 -33.78
CA GLU A 1115 37.47 -5.94 -33.04
C GLU A 1115 36.03 -6.21 -32.63
N GLY A 1116 35.33 -5.21 -32.13
CA GLY A 1116 33.93 -5.37 -31.78
C GLY A 1116 33.04 -5.71 -32.96
N ARG A 1117 33.48 -5.38 -34.18
CA ARG A 1117 32.72 -5.70 -35.38
C ARG A 1117 33.10 -7.05 -35.98
N PHE A 1118 34.31 -7.54 -35.68
CA PHE A 1118 34.74 -8.84 -36.20
C PHE A 1118 34.01 -10.01 -35.56
N GLU A 1119 33.09 -9.76 -34.63
CA GLU A 1119 32.29 -10.84 -34.05
C GLU A 1119 31.26 -11.40 -35.02
N LYS A 1120 31.23 -10.92 -36.26
CA LYS A 1120 30.32 -11.41 -37.29
C LYS A 1120 30.87 -12.62 -38.03
N ALA A 1121 31.92 -13.25 -37.50
CA ALA A 1121 32.50 -14.40 -38.19
C ALA A 1121 31.50 -15.53 -38.37
N SER A 1122 30.55 -15.65 -37.45
CA SER A 1122 29.53 -16.69 -37.43
C SER A 1122 30.12 -18.05 -37.09
N VAL A 1123 31.40 -18.11 -36.72
CA VAL A 1123 32.07 -19.36 -36.35
C VAL A 1123 32.74 -19.15 -35.00
N GLU A 1124 32.50 -20.08 -34.07
CA GLU A 1124 33.04 -19.93 -32.72
C GLU A 1124 34.56 -19.83 -32.74
N TYR A 1125 35.23 -20.45 -33.71
CA TYR A 1125 36.67 -20.41 -33.76
C TYR A 1125 37.18 -18.98 -33.92
N GLN A 1126 36.85 -18.34 -35.05
CA GLN A 1126 37.29 -16.96 -35.27
C GLN A 1126 36.63 -16.01 -34.28
N GLU A 1127 35.41 -16.31 -33.85
CA GLU A 1127 34.75 -15.47 -32.84
C GLU A 1127 35.58 -15.40 -31.58
N HIS A 1128 36.07 -16.55 -31.11
CA HIS A 1128 36.91 -16.56 -29.91
C HIS A 1128 38.28 -15.95 -30.20
N LEU A 1129 38.84 -16.23 -31.39
CA LEU A 1129 40.15 -15.67 -31.73
C LEU A 1129 40.11 -14.15 -31.72
N CYS A 1130 38.98 -13.55 -32.10
CA CYS A 1130 38.87 -12.09 -32.15
C CYS A 1130 38.39 -11.51 -30.81
N ALA A 1131 37.53 -12.21 -30.09
CA ALA A 1131 37.01 -11.70 -28.83
C ALA A 1131 38.08 -11.65 -27.74
N MET A 1132 39.14 -12.46 -27.85
CA MET A 1132 40.20 -12.44 -26.85
C MET A 1132 41.01 -11.15 -26.88
N THR A 1133 40.87 -10.35 -27.94
CA THR A 1133 41.58 -9.07 -28.04
C THR A 1133 40.79 -7.91 -27.47
N GLY A 1134 39.50 -8.09 -27.20
CA GLY A 1134 38.67 -7.02 -26.67
C GLY A 1134 39.23 -6.41 -25.40
N VAL A 1135 38.73 -5.22 -25.05
CA VAL A 1135 39.21 -4.53 -23.86
C VAL A 1135 38.96 -5.36 -22.60
N ASP A 1136 37.91 -6.17 -22.61
CA ASP A 1136 37.58 -6.97 -21.44
C ASP A 1136 38.45 -8.22 -21.39
N CYS A 1137 38.46 -8.86 -20.21
CA CYS A 1137 39.25 -10.06 -19.99
C CYS A 1137 38.38 -11.29 -20.22
N CYS A 1138 38.76 -12.12 -21.18
CA CYS A 1138 38.00 -13.31 -21.51
C CYS A 1138 38.01 -14.29 -20.34
N ILE A 1139 37.26 -15.38 -20.49
CA ILE A 1139 37.15 -16.41 -19.47
C ILE A 1139 37.73 -17.71 -20.02
N SER A 1140 37.87 -18.69 -19.12
CA SER A 1140 38.40 -20.00 -19.48
C SER A 1140 37.60 -21.06 -18.72
N SER A 1141 36.81 -21.84 -19.45
CA SER A 1141 35.99 -22.88 -18.84
C SER A 1141 36.82 -24.13 -18.57
N ASN A 1184 30.46 -9.51 -15.37
CA ASN A 1184 31.62 -10.39 -15.46
C ASN A 1184 32.91 -9.62 -15.20
N TYR A 1185 32.81 -8.58 -14.35
CA TYR A 1185 33.96 -7.75 -14.01
C TYR A 1185 34.59 -7.15 -15.27
N LEU A 1186 33.80 -6.33 -15.96
CA LEU A 1186 34.25 -5.70 -17.18
C LEU A 1186 35.57 -4.96 -16.96
N GLY A 1187 36.39 -4.93 -17.99
CA GLY A 1187 37.68 -4.28 -17.91
C GLY A 1187 37.57 -2.80 -17.57
N ASN A 1188 38.13 -2.41 -16.43
CA ASN A 1188 38.12 -1.02 -16.00
C ASN A 1188 39.18 -0.17 -16.69
N LYS A 1189 39.78 -0.67 -17.78
CA LYS A 1189 40.82 0.05 -18.50
C LYS A 1189 40.17 1.18 -19.29
N ALA A 1190 39.82 2.25 -18.58
CA ALA A 1190 39.20 3.43 -19.17
C ALA A 1190 37.82 3.08 -19.76
N CYS A 1191 37.03 2.37 -18.97
CA CYS A 1191 35.67 2.01 -19.37
C CYS A 1191 34.80 3.26 -19.31
N GLU A 1192 34.56 3.88 -20.45
CA GLU A 1192 33.80 5.11 -20.50
C GLU A 1192 32.33 4.85 -20.14
N CYS A 1193 31.63 5.93 -19.81
CA CYS A 1193 30.23 5.81 -19.42
C CYS A 1193 29.37 5.45 -20.62
N TYR A 1194 28.38 4.59 -20.39
CA TYR A 1194 27.39 4.14 -21.37
C TYR A 1194 27.98 3.22 -22.43
N ILE A 1195 29.30 2.96 -22.40
CA ILE A 1195 29.90 2.05 -23.37
C ILE A 1195 29.65 0.58 -23.04
N SER A 1196 28.92 0.30 -21.96
CA SER A 1196 28.63 -1.07 -21.56
C SER A 1196 27.84 -1.84 -22.61
N ILE A 1197 27.24 -1.15 -23.59
CA ILE A 1197 26.51 -1.85 -24.64
C ILE A 1197 27.41 -2.83 -25.37
N ALA A 1198 28.64 -2.41 -25.67
CA ALA A 1198 29.59 -3.33 -26.29
C ALA A 1198 30.15 -4.31 -25.27
N ASP A 1199 30.47 -3.82 -24.06
CA ASP A 1199 30.97 -4.71 -23.02
C ASP A 1199 29.92 -5.75 -22.62
N TRP A 1200 28.65 -5.37 -22.63
CA TRP A 1200 27.58 -6.30 -22.33
C TRP A 1200 27.25 -7.22 -23.51
N ALA A 1201 27.67 -6.86 -24.73
CA ALA A 1201 27.49 -7.70 -25.89
C ALA A 1201 28.72 -8.48 -26.28
N ALA A 1202 29.91 -7.96 -26.00
CA ALA A 1202 31.16 -8.67 -26.24
C ALA A 1202 31.43 -9.75 -25.22
N VAL A 1203 30.61 -9.85 -24.18
CA VAL A 1203 30.74 -10.90 -23.17
C VAL A 1203 29.78 -12.06 -23.42
N GLN A 1204 28.54 -11.74 -23.82
CA GLN A 1204 27.58 -12.80 -24.13
C GLN A 1204 28.14 -13.78 -25.15
N GLU A 1205 28.95 -13.30 -26.09
CA GLU A 1205 29.61 -14.18 -27.03
C GLU A 1205 30.59 -15.12 -26.33
N TRP A 1206 31.21 -14.65 -25.24
CA TRP A 1206 32.11 -15.52 -24.47
C TRP A 1206 31.35 -16.67 -23.84
N GLN A 1207 30.27 -16.38 -23.13
CA GLN A 1207 29.43 -17.41 -22.53
C GLN A 1207 28.54 -18.10 -23.56
N ASN A 1208 28.64 -17.74 -24.83
CA ASN A 1208 27.91 -18.39 -25.91
C ASN A 1208 28.80 -19.21 -26.83
N ALA A 1209 29.99 -18.71 -27.15
CA ALA A 1209 30.94 -19.46 -27.95
C ALA A 1209 31.50 -20.66 -27.19
N ILE A 1210 31.51 -20.62 -25.85
CA ILE A 1210 32.00 -21.74 -25.08
C ILE A 1210 31.01 -22.90 -25.12
N HIS A 1211 29.72 -22.60 -25.24
CA HIS A 1211 28.72 -23.67 -25.34
C HIS A 1211 29.01 -24.57 -26.52
N ASP A 1212 29.39 -23.99 -27.66
CA ASP A 1212 29.74 -24.79 -28.83
C ASP A 1212 31.08 -25.50 -28.65
N LEU A 1213 31.95 -25.01 -27.76
CA LEU A 1213 33.22 -25.67 -27.51
C LEU A 1213 33.05 -26.92 -26.66
N LYS A 1214 32.09 -26.92 -25.73
CA LYS A 1214 31.83 -28.06 -24.87
C LYS A 1214 30.70 -28.94 -25.41
N LYS A 1215 29.54 -28.35 -25.70
CA LYS A 1215 28.41 -29.10 -26.23
C LYS A 1215 28.61 -29.44 -27.70
N ASP A 1281 31.38 -28.28 -15.84
CA ASP A 1281 31.90 -27.41 -16.88
C ASP A 1281 31.16 -26.07 -16.92
N PRO A 1282 29.83 -26.12 -17.07
CA PRO A 1282 29.05 -24.87 -17.12
C PRO A 1282 28.95 -24.17 -15.77
N ARG A 1283 29.47 -24.77 -14.70
CA ARG A 1283 29.41 -24.12 -13.39
C ARG A 1283 30.14 -22.78 -13.37
N GLU A 1284 31.11 -22.60 -14.25
CA GLU A 1284 31.86 -21.34 -14.33
C GLU A 1284 31.26 -20.38 -15.35
N LEU A 1285 30.12 -20.73 -15.95
CA LEU A 1285 29.44 -19.88 -16.92
C LEU A 1285 28.30 -19.08 -16.32
N GLN A 1286 27.49 -19.70 -15.45
CA GLN A 1286 26.43 -18.96 -14.77
C GLN A 1286 27.01 -17.83 -13.93
N LYS A 1287 28.13 -18.10 -13.26
CA LYS A 1287 28.81 -17.05 -12.51
C LYS A 1287 29.36 -15.96 -13.41
N SER A 1288 29.54 -16.25 -14.70
CA SER A 1288 29.97 -15.27 -15.68
C SER A 1288 28.82 -14.64 -16.45
N ILE A 1289 27.58 -15.11 -16.23
CA ILE A 1289 26.39 -14.57 -16.86
C ILE A 1289 25.49 -13.89 -15.84
N GLU A 1290 25.13 -14.60 -14.77
CA GLU A 1290 24.35 -13.99 -13.70
C GLU A 1290 25.03 -12.73 -13.18
N VAL A 1291 26.34 -12.82 -12.90
CA VAL A 1291 27.10 -11.63 -12.57
C VAL A 1291 27.14 -10.67 -13.74
N GLN A 1292 26.87 -11.15 -14.95
CA GLN A 1292 26.75 -10.30 -16.12
C GLN A 1292 25.37 -9.67 -16.25
N LEU A 1293 24.33 -10.41 -15.88
CA LEU A 1293 23.00 -9.83 -15.82
C LEU A 1293 22.92 -8.73 -14.75
N LEU A 1294 23.62 -8.93 -13.63
CA LEU A 1294 23.64 -7.92 -12.58
C LEU A 1294 24.09 -6.57 -13.09
N ARG A 1295 24.92 -6.54 -14.14
CA ARG A 1295 25.37 -5.30 -14.75
C ARG A 1295 24.55 -4.91 -15.96
N SER A 1296 24.07 -5.88 -16.74
CA SER A 1296 23.24 -5.56 -17.90
C SER A 1296 21.92 -4.92 -17.47
N SER A 1297 21.41 -5.30 -16.30
CA SER A 1297 20.17 -4.70 -15.80
C SER A 1297 20.38 -3.27 -15.30
N VAL A 1298 21.63 -2.82 -15.17
CA VAL A 1298 21.88 -1.46 -14.72
C VAL A 1298 21.37 -0.45 -15.73
N CYS A 1299 21.48 -0.79 -17.03
CA CYS A 1299 20.96 0.11 -18.06
C CYS A 1299 19.47 0.36 -17.91
N LEU A 1300 18.72 -0.67 -17.51
CA LEU A 1300 17.30 -0.49 -17.22
C LEU A 1300 17.06 0.14 -15.87
N ALA A 1301 17.95 -0.07 -14.91
CA ALA A 1301 17.84 0.61 -13.62
C ALA A 1301 18.00 2.12 -13.79
N THR A 1302 18.83 2.55 -14.73
CA THR A 1302 18.94 3.97 -15.05
C THR A 1302 17.81 4.46 -15.94
N ALA A 1303 17.09 3.55 -16.60
CA ALA A 1303 15.91 3.94 -17.36
C ALA A 1303 14.83 4.54 -16.46
N LEU A 1304 14.91 4.29 -15.16
CA LEU A 1304 14.01 4.90 -14.19
C LEU A 1304 14.67 6.07 -13.46
N ASN A 1305 15.89 6.43 -13.84
CA ASN A 1305 16.63 7.51 -13.19
C ASN A 1305 16.97 8.56 -14.22
N PRO A 1306 16.50 9.81 -14.07
CA PRO A 1306 15.56 10.10 -12.98
C PRO A 1306 14.12 9.73 -13.34
N ILE A 1307 13.71 10.03 -14.57
CA ILE A 1307 12.39 9.66 -15.08
C ILE A 1307 12.47 9.43 -16.57
N GLU A 1308 12.21 8.20 -17.01
CA GLU A 1308 12.20 7.87 -18.43
C GLU A 1308 11.03 6.94 -18.73
N GLN A 1309 10.70 6.84 -20.01
CA GLN A 1309 9.63 5.96 -20.47
C GLN A 1309 10.14 4.53 -20.64
N ASP A 1310 9.34 3.69 -21.30
CA ASP A 1310 9.67 2.28 -21.51
C ASP A 1310 11.12 2.08 -21.95
N GLN A 1311 11.69 3.07 -22.64
CA GLN A 1311 13.07 3.00 -23.09
C GLN A 1311 14.00 2.75 -21.90
N LYS A 1312 15.23 2.30 -22.17
CA LYS A 1312 15.69 2.08 -23.54
C LYS A 1312 15.16 0.76 -24.11
N TRP A 1313 15.40 0.54 -25.38
CA TRP A 1313 14.98 -0.67 -26.08
C TRP A 1313 16.13 -1.51 -26.59
N GLN A 1314 17.21 -0.88 -27.06
CA GLN A 1314 18.36 -1.61 -27.56
C GLN A 1314 19.20 -2.23 -26.44
N SER A 1315 19.00 -1.80 -25.20
CA SER A 1315 19.72 -2.36 -24.06
C SER A 1315 18.93 -3.43 -23.33
N ILE A 1316 17.62 -3.24 -23.16
CA ILE A 1316 16.80 -4.27 -22.53
C ILE A 1316 16.86 -5.56 -23.33
N THR A 1317 17.01 -5.46 -24.66
CA THR A 1317 17.18 -6.65 -25.47
C THR A 1317 18.44 -7.39 -25.09
N GLU A 1318 19.52 -6.66 -24.77
CA GLU A 1318 20.75 -7.31 -24.33
C GLU A 1318 20.54 -8.04 -23.00
N ASN A 1319 19.79 -7.43 -22.08
CA ASN A 1319 19.49 -8.10 -20.81
C ASN A 1319 18.69 -9.36 -21.04
N VAL A 1320 17.68 -9.30 -21.93
CA VAL A 1320 16.86 -10.47 -22.20
C VAL A 1320 17.69 -11.57 -22.84
N VAL A 1321 18.57 -11.21 -23.77
CA VAL A 1321 19.38 -12.22 -24.44
C VAL A 1321 20.40 -12.82 -23.47
N LYS A 1322 20.92 -12.02 -22.54
CA LYS A 1322 21.82 -12.57 -21.53
C LYS A 1322 21.09 -13.51 -20.59
N TYR A 1323 19.85 -13.18 -20.22
CA TYR A 1323 19.05 -14.10 -19.43
C TYR A 1323 18.79 -15.40 -20.19
N LEU A 1324 18.53 -15.29 -21.49
CA LEU A 1324 18.35 -16.49 -22.32
C LEU A 1324 19.61 -17.33 -22.33
N LYS A 1325 20.77 -16.68 -22.45
CA LYS A 1325 22.03 -17.41 -22.45
C LYS A 1325 22.26 -18.13 -21.12
N GLN A 1326 21.99 -17.43 -20.01
CA GLN A 1326 22.16 -18.05 -18.70
C GLN A 1326 21.20 -19.21 -18.51
N THR A 1327 19.98 -19.09 -19.05
CA THR A 1327 19.02 -20.18 -18.93
C THR A 1327 19.42 -21.38 -19.79
N SER A 1328 19.99 -21.13 -20.97
CA SER A 1328 20.43 -22.19 -21.85
C SER A 1328 21.77 -22.79 -21.42
N ARG A 1329 22.51 -22.12 -20.53
CA ARG A 1329 23.77 -22.65 -20.03
C ARG A 1329 23.57 -23.56 -18.82
N ILE A 1330 22.62 -23.23 -17.93
CA ILE A 1330 22.31 -24.09 -16.80
C ILE A 1330 21.87 -25.47 -17.30
N ALA A 1331 20.79 -25.50 -18.06
CA ALA A 1331 20.32 -26.72 -18.70
C ALA A 1331 20.90 -26.79 -20.11
N ILE A 1332 20.40 -27.72 -20.92
CA ILE A 1332 20.82 -27.86 -22.30
C ILE A 1332 19.89 -27.11 -23.25
N GLY A 1333 18.99 -26.28 -22.73
CA GLY A 1333 18.04 -25.56 -23.54
C GLY A 1333 16.94 -26.44 -24.08
N PRO A 1334 16.27 -27.17 -23.19
CA PRO A 1334 15.24 -28.13 -23.65
C PRO A 1334 14.00 -27.44 -24.18
N LEU A 1335 13.39 -26.57 -23.38
CA LEU A 1335 12.15 -25.90 -23.76
C LEU A 1335 12.32 -24.40 -23.89
N ARG A 1336 12.88 -23.75 -22.87
CA ARG A 1336 13.02 -22.30 -22.87
C ARG A 1336 14.22 -21.93 -22.02
N LEU A 1337 14.62 -20.66 -22.09
CA LEU A 1337 13.92 -19.67 -22.91
C LEU A 1337 14.35 -19.72 -24.37
N SER A 1338 13.66 -18.95 -25.21
CA SER A 1338 13.92 -18.92 -26.64
C SER A 1338 14.77 -17.71 -27.05
N THR A 1339 14.31 -16.50 -26.74
CA THR A 1339 13.03 -16.25 -26.09
C THR A 1339 11.95 -15.91 -27.11
N LEU A 1340 10.80 -15.48 -26.60
CA LEU A 1340 9.67 -15.08 -27.45
C LEU A 1340 9.71 -13.57 -27.65
N THR A 1341 9.90 -13.15 -28.90
CA THR A 1341 9.95 -11.74 -29.26
C THR A 1341 9.05 -11.44 -30.44
N VAL A 1342 7.96 -12.20 -30.59
CA VAL A 1342 7.02 -11.96 -31.69
C VAL A 1342 6.32 -10.62 -31.48
N SER A 1343 5.83 -10.06 -32.59
CA SER A 1343 5.14 -8.78 -32.56
C SER A 1343 4.11 -8.75 -31.44
N GLN A 1344 4.25 -7.79 -30.52
CA GLN A 1344 5.27 -6.73 -30.55
C GLN A 1344 5.09 -5.79 -31.75
N SER A 1345 3.88 -5.27 -31.90
CA SER A 1345 3.59 -4.26 -32.91
C SER A 1345 3.65 -2.87 -32.31
N LEU A 1346 4.85 -2.51 -31.84
CA LEU A 1346 5.02 -1.20 -31.20
C LEU A 1346 4.76 -0.05 -32.14
N PRO A 1347 5.17 -0.07 -33.42
CA PRO A 1347 6.04 -1.07 -34.03
C PRO A 1347 7.40 -0.52 -34.47
N VAL A 1348 7.94 0.45 -33.74
CA VAL A 1348 9.20 1.07 -34.14
C VAL A 1348 10.25 -0.01 -34.27
N LEU A 1349 10.54 -0.69 -33.17
CA LEU A 1349 11.40 -1.89 -33.14
C LEU A 1349 12.48 -1.83 -34.21
N SER A 1350 13.30 -0.78 -34.13
CA SER A 1350 14.40 -0.62 -35.07
C SER A 1350 15.21 -1.91 -35.16
N THR A 1351 15.52 -2.31 -36.39
CA THR A 1351 16.23 -3.57 -36.62
C THR A 1351 17.39 -3.76 -35.64
N LEU A 1352 18.28 -2.78 -35.57
CA LEU A 1352 19.42 -2.82 -34.67
C LEU A 1352 19.25 -1.76 -33.58
N GLN A 1353 19.36 -2.19 -32.32
CA GLN A 1353 19.66 -3.58 -32.00
C GLN A 1353 18.47 -4.28 -31.34
N LEU A 1354 17.26 -3.97 -31.82
CA LEU A 1354 16.07 -4.60 -31.27
C LEU A 1354 15.93 -6.05 -31.75
N TYR A 1355 15.87 -6.24 -33.07
CA TYR A 1355 15.77 -7.57 -33.65
C TYR A 1355 17.13 -8.12 -34.09
N CYS A 1356 17.98 -7.28 -34.68
CA CYS A 1356 19.30 -7.76 -35.10
C CYS A 1356 20.11 -8.28 -33.93
N SER A 1357 19.92 -7.70 -32.73
CA SER A 1357 20.62 -8.18 -31.56
C SER A 1357 19.99 -9.43 -30.95
N SER A 1358 18.69 -9.63 -31.15
CA SER A 1358 18.05 -10.85 -30.69
C SER A 1358 18.29 -12.00 -31.65
N ALA A 1359 18.08 -11.76 -32.95
CA ALA A 1359 18.38 -12.80 -33.93
C ALA A 1359 19.85 -13.17 -33.93
N LEU A 1360 20.72 -12.25 -33.52
CA LEU A 1360 22.15 -12.55 -33.45
C LEU A 1360 22.40 -13.77 -32.57
N GLU A 1361 21.88 -13.76 -31.34
CA GLU A 1361 22.03 -14.90 -30.45
C GLU A 1361 21.06 -16.03 -30.76
N ASN A 1362 19.92 -15.73 -31.39
CA ASN A 1362 18.99 -16.78 -31.77
C ASN A 1362 19.61 -17.71 -32.80
N THR A 1363 20.33 -17.15 -33.79
CA THR A 1363 21.00 -17.98 -34.78
C THR A 1363 22.02 -18.90 -34.12
N VAL A 1364 22.75 -18.39 -33.12
CA VAL A 1364 23.73 -19.21 -32.42
C VAL A 1364 23.03 -20.32 -31.64
N SER A 1365 21.97 -19.97 -30.91
CA SER A 1365 21.23 -20.98 -30.14
C SER A 1365 20.65 -22.04 -31.06
N ASN A 1366 20.30 -21.68 -32.29
CA ASN A 1366 19.75 -22.65 -33.24
C ASN A 1366 20.84 -23.46 -33.94
N ARG A 1367 22.06 -22.92 -34.05
CA ARG A 1367 23.13 -23.62 -34.72
C ARG A 1367 23.68 -24.78 -33.91
N LEU A 1368 23.38 -24.85 -32.62
CA LEU A 1368 23.85 -25.94 -31.76
C LEU A 1368 22.73 -26.97 -31.62
N SER A 1369 22.61 -27.83 -32.63
CA SER A 1369 21.60 -28.88 -32.66
C SER A 1369 22.01 -30.11 -31.86
N THR A 1370 23.12 -30.06 -31.13
CA THR A 1370 23.58 -31.19 -30.33
C THR A 1370 22.58 -31.53 -29.24
N ALA A 1396 14.69 -27.26 -27.22
CA ALA A 1396 13.91 -27.78 -28.34
C ALA A 1396 12.94 -26.73 -28.87
N LEU A 1397 12.44 -26.94 -30.09
CA LEU A 1397 11.50 -26.05 -30.75
C LEU A 1397 12.15 -24.70 -31.10
N ARG A 1398 13.47 -24.67 -31.26
CA ARG A 1398 14.18 -23.45 -31.61
C ARG A 1398 14.22 -23.20 -33.11
N TYR A 1399 13.36 -23.87 -33.87
CA TYR A 1399 13.31 -23.69 -35.32
C TYR A 1399 12.10 -22.90 -35.80
N THR A 1400 11.01 -22.89 -35.04
CA THR A 1400 9.83 -22.12 -35.41
C THR A 1400 9.89 -20.69 -34.89
N MET A 1401 10.34 -20.49 -33.66
CA MET A 1401 10.51 -19.13 -33.15
C MET A 1401 11.59 -18.37 -33.93
N TYR A 1402 12.64 -19.07 -34.34
CA TYR A 1402 13.67 -18.44 -35.17
C TYR A 1402 13.08 -17.98 -36.50
N GLN A 1403 12.25 -18.83 -37.13
CA GLN A 1403 11.61 -18.44 -38.39
C GLN A 1403 10.67 -17.26 -38.16
N ASN A 1404 9.94 -17.25 -37.05
CA ASN A 1404 9.05 -16.13 -36.75
C ASN A 1404 9.84 -14.84 -36.59
N GLN A 1405 10.96 -14.90 -35.88
CA GLN A 1405 11.80 -13.71 -35.72
C GLN A 1405 12.33 -13.24 -37.07
N LEU A 1406 12.80 -14.16 -37.90
CA LEU A 1406 13.32 -13.78 -39.21
C LEU A 1406 12.23 -13.15 -40.07
N LEU A 1407 11.01 -13.69 -40.01
CA LEU A 1407 9.91 -13.12 -40.79
C LEU A 1407 9.54 -11.74 -40.29
N GLU A 1408 9.46 -11.56 -38.96
CA GLU A 1408 9.16 -10.24 -38.42
C GLU A 1408 10.23 -9.23 -38.80
N LYS A 1409 11.49 -9.67 -38.87
CA LYS A 1409 12.56 -8.80 -39.35
C LYS A 1409 12.45 -8.54 -40.84
N ILE A 1410 11.85 -9.48 -41.58
CA ILE A 1410 11.68 -9.32 -43.02
C ILE A 1410 10.57 -8.31 -43.32
N LYS A 1411 9.48 -8.37 -42.56
CA LYS A 1411 8.35 -7.47 -42.78
C LYS A 1411 8.63 -6.11 -42.15
N GLU A 1412 9.75 -5.49 -42.54
CA GLU A 1412 10.10 -4.16 -42.07
C GLU A 1412 10.93 -3.50 -43.17
N GLN A 1413 10.30 -2.66 -43.99
CA GLN A 1413 8.88 -2.33 -43.90
C GLN A 1413 8.50 -1.73 -42.54
N THR A 1414 9.07 -0.57 -42.23
CA THR A 1414 9.86 0.19 -43.20
C THR A 1414 11.22 0.59 -42.65
N VAL A 1415 12.28 0.37 -43.44
CA VAL A 1415 12.20 -0.41 -44.67
C VAL A 1415 13.59 -0.82 -45.16
N PRO A 1416 14.32 -1.61 -44.35
CA PRO A 1416 15.61 -2.14 -44.80
C PRO A 1416 15.41 -3.21 -45.87
N ILE A 1417 15.93 -2.95 -47.07
CA ILE A 1417 15.77 -3.90 -48.17
C ILE A 1417 16.86 -4.98 -48.11
N ARG A 1418 18.10 -4.59 -47.84
CA ARG A 1418 19.18 -5.56 -47.76
C ARG A 1418 18.96 -6.53 -46.60
N SER A 1419 18.61 -5.99 -45.42
CA SER A 1419 18.33 -6.86 -44.28
C SER A 1419 17.12 -7.74 -44.54
N HIS A 1420 16.10 -7.20 -45.21
CA HIS A 1420 14.93 -8.01 -45.55
C HIS A 1420 15.32 -9.18 -46.44
N LEU A 1421 16.12 -8.91 -47.47
CA LEU A 1421 16.56 -9.98 -48.36
C LEU A 1421 17.41 -11.01 -47.63
N MET A 1422 18.28 -10.54 -46.72
CA MET A 1422 19.11 -11.46 -45.96
C MET A 1422 18.26 -12.38 -45.09
N GLU A 1423 17.29 -11.81 -44.38
CA GLU A 1423 16.44 -12.63 -43.53
C GLU A 1423 15.54 -13.54 -44.35
N LEU A 1424 15.12 -13.11 -45.54
CA LEU A 1424 14.37 -14.00 -46.42
C LEU A 1424 15.22 -15.19 -46.84
N GLY A 1425 16.45 -14.93 -47.28
CA GLY A 1425 17.34 -16.03 -47.63
C GLY A 1425 17.60 -16.95 -46.45
N LEU A 1426 17.73 -16.39 -45.25
CA LEU A 1426 17.94 -17.22 -44.07
C LEU A 1426 16.75 -18.12 -43.81
N THR A 1427 15.54 -17.55 -43.81
CA THR A 1427 14.34 -18.36 -43.58
C THR A 1427 14.10 -19.33 -44.73
N ALA A 1428 14.38 -18.91 -45.95
CA ALA A 1428 14.19 -19.77 -47.11
C ALA A 1428 15.30 -20.82 -47.21
N VAL A 1451 3.95 -21.64 -40.14
CA VAL A 1451 4.20 -20.23 -40.38
C VAL A 1451 4.57 -20.00 -41.84
N GLN A 1452 3.57 -20.02 -42.72
CA GLN A 1452 3.79 -19.81 -44.14
C GLN A 1452 3.89 -18.35 -44.52
N LEU A 1453 3.87 -17.44 -43.55
CA LEU A 1453 3.97 -16.01 -43.86
C LEU A 1453 5.20 -15.69 -44.69
N GLY A 1454 6.23 -16.52 -44.59
CA GLY A 1454 7.43 -16.33 -45.39
C GLY A 1454 7.18 -16.30 -46.89
N LYS A 1455 6.02 -16.78 -47.34
CA LYS A 1455 5.67 -16.73 -48.75
C LYS A 1455 4.94 -15.45 -49.13
N THR A 1456 4.29 -14.79 -48.18
CA THR A 1456 3.61 -13.53 -48.45
C THR A 1456 4.49 -12.32 -48.19
N THR A 1457 5.42 -12.40 -47.24
CA THR A 1457 6.33 -11.29 -46.99
C THR A 1457 7.26 -11.07 -48.17
N THR A 1458 7.69 -12.14 -48.81
CA THR A 1458 8.54 -12.01 -50.00
C THR A 1458 7.84 -11.23 -51.09
N ALA A 1459 6.50 -11.28 -51.14
CA ALA A 1459 5.74 -10.56 -52.15
C ALA A 1459 5.67 -9.06 -51.88
N GLN A 1460 6.14 -8.60 -50.73
CA GLN A 1460 6.15 -7.18 -50.40
C GLN A 1460 7.47 -6.50 -50.74
N ASP A 1461 8.59 -7.20 -50.58
CA ASP A 1461 9.86 -6.66 -51.06
C ASP A 1461 9.83 -6.43 -52.56
N LEU A 1462 9.03 -7.22 -53.28
CA LEU A 1462 8.85 -6.99 -54.71
C LEU A 1462 7.97 -5.76 -54.96
N VAL A 1463 6.88 -5.64 -54.20
CA VAL A 1463 6.02 -4.46 -54.32
C VAL A 1463 6.81 -3.19 -54.09
N GLN A 1464 7.73 -3.21 -53.13
CA GLN A 1464 8.57 -2.05 -52.87
C GLN A 1464 9.39 -1.67 -54.10
N HIS A 1465 9.73 -2.65 -54.93
CA HIS A 1465 10.55 -2.40 -56.12
C HIS A 1465 9.83 -2.76 -57.42
N PHE A 1466 9.30 -3.97 -57.52
CA PHE A 1466 8.68 -4.46 -58.75
C PHE A 1466 7.19 -4.65 -58.48
N LYS A 1467 6.39 -3.66 -58.88
CA LYS A 1467 4.95 -3.75 -58.68
C LYS A 1467 4.35 -4.89 -59.49
N LYS A 1468 4.75 -5.02 -60.76
CA LYS A 1468 4.15 -6.03 -61.63
C LYS A 1468 4.46 -7.44 -61.14
N LEU A 1469 5.75 -7.75 -60.96
CA LEU A 1469 6.13 -9.08 -60.50
C LEU A 1469 5.61 -9.35 -59.10
N SER A 1470 5.54 -8.32 -58.25
CA SER A 1470 5.00 -8.51 -56.91
C SER A 1470 3.52 -8.87 -56.95
N THR A 1471 2.75 -8.17 -57.76
CA THR A 1471 1.34 -8.52 -57.91
C THR A 1471 1.17 -9.91 -58.50
N GLN A 1472 2.03 -10.27 -59.47
CA GLN A 1472 1.99 -11.61 -60.03
C GLN A 1472 2.20 -12.66 -58.95
N GLY A 1473 3.24 -12.48 -58.14
CA GLY A 1473 3.52 -13.43 -57.08
C GLY A 1473 2.40 -13.49 -56.05
N GLN A 1474 1.83 -12.34 -55.69
CA GLN A 1474 0.75 -12.34 -54.71
C GLN A 1474 -0.49 -13.05 -55.24
N VAL A 1475 -0.83 -12.81 -56.51
CA VAL A 1475 -2.00 -13.47 -57.08
C VAL A 1475 -1.76 -14.96 -57.26
N ASP A 1476 -0.51 -15.35 -57.55
CA ASP A 1476 -0.19 -16.77 -57.65
C ASP A 1476 -0.28 -17.45 -56.28
N GLU A 1477 0.18 -16.77 -55.23
CA GLU A 1477 0.09 -17.32 -53.89
C GLU A 1477 -1.34 -17.38 -53.39
N LYS A 1478 -2.18 -16.42 -53.80
CA LYS A 1478 -3.57 -16.41 -53.36
C LYS A 1478 -4.31 -17.66 -53.86
N TRP A 1479 -3.96 -18.16 -55.04
CA TRP A 1479 -4.58 -19.37 -55.56
C TRP A 1479 -4.10 -20.62 -54.84
N GLY A 1480 -2.97 -20.55 -54.15
CA GLY A 1480 -2.38 -21.69 -53.49
C GLY A 1480 -3.20 -22.24 -52.34
N PRO A 1481 -3.57 -21.38 -51.38
CA PRO A 1481 -4.19 -21.90 -50.15
C PRO A 1481 -5.67 -22.23 -50.33
N GLU A 1482 -5.95 -23.31 -51.07
CA GLU A 1482 -7.31 -23.81 -51.18
C GLU A 1482 -7.75 -24.57 -49.93
N LEU A 1483 -6.80 -25.04 -49.13
CA LEU A 1483 -7.13 -25.72 -47.89
C LEU A 1483 -7.76 -24.73 -46.90
N ASP A 1484 -8.24 -25.27 -45.79
CA ASP A 1484 -8.94 -24.44 -44.80
C ASP A 1484 -7.95 -23.58 -44.02
N ILE A 1485 -7.44 -22.53 -44.66
CA ILE A 1485 -6.55 -21.56 -44.03
C ILE A 1485 -7.13 -20.19 -44.31
N GLU A 1486 -7.91 -19.66 -43.36
CA GLU A 1486 -8.64 -18.42 -43.57
C GLU A 1486 -7.80 -17.18 -43.29
N LYS A 1487 -6.93 -17.22 -42.27
CA LYS A 1487 -6.18 -16.05 -41.88
C LYS A 1487 -5.17 -15.60 -42.93
N THR A 1488 -4.89 -16.44 -43.94
CA THR A 1488 -3.92 -16.10 -44.97
C THR A 1488 -4.58 -15.64 -46.27
N LYS A 1489 -5.68 -16.28 -46.67
CA LYS A 1489 -6.34 -15.90 -47.92
C LYS A 1489 -6.86 -14.48 -47.87
N LEU A 1490 -7.51 -14.11 -46.77
CA LEU A 1490 -8.03 -12.75 -46.63
C LEU A 1490 -6.90 -11.73 -46.63
N LEU A 1491 -5.81 -12.04 -45.94
CA LEU A 1491 -4.67 -11.13 -45.91
C LEU A 1491 -4.07 -10.96 -47.30
N TYR A 1492 -3.92 -12.06 -48.03
CA TYR A 1492 -3.38 -11.97 -49.38
C TYR A 1492 -4.29 -11.15 -50.29
N THR A 1493 -5.59 -11.40 -50.21
CA THR A 1493 -6.55 -10.65 -51.03
C THR A 1493 -6.50 -9.16 -50.70
N ALA A 1494 -6.40 -8.82 -49.41
CA ALA A 1494 -6.32 -7.42 -49.02
C ALA A 1494 -5.04 -6.77 -49.53
N GLY A 1495 -3.91 -7.45 -49.34
CA GLY A 1495 -2.64 -6.93 -49.83
C GLY A 1495 -2.58 -6.78 -51.34
N GLN A 1496 -3.30 -7.63 -52.07
CA GLN A 1496 -3.33 -7.54 -53.52
C GLN A 1496 -4.30 -6.46 -54.01
N SER A 1497 -5.41 -6.26 -53.30
CA SER A 1497 -6.35 -5.22 -53.70
C SER A 1497 -5.72 -3.84 -53.59
N THR A 1498 -5.00 -3.58 -52.50
CA THR A 1498 -4.31 -2.30 -52.36
C THR A 1498 -3.30 -2.10 -53.48
N HIS A 1499 -2.49 -3.13 -53.76
CA HIS A 1499 -1.57 -3.05 -54.88
C HIS A 1499 -2.33 -2.96 -56.21
N ALA A 1500 -3.46 -3.63 -56.31
CA ALA A 1500 -4.31 -3.57 -57.49
C ALA A 1500 -5.13 -2.29 -57.56
N MET A 1501 -4.88 -1.33 -56.67
CA MET A 1501 -5.60 -0.07 -56.67
C MET A 1501 -5.32 0.78 -57.91
N GLU A 1502 -4.47 0.30 -58.81
CA GLU A 1502 -4.18 0.97 -60.08
C GLU A 1502 -4.93 0.24 -61.18
N MET A 1503 -5.65 0.98 -62.04
CA MET A 1503 -5.74 2.44 -62.06
C MET A 1503 -4.45 3.10 -62.55
N LEU A 1504 -3.45 2.27 -62.82
CA LEU A 1504 -2.23 2.71 -63.50
C LEU A 1504 -1.99 1.95 -64.79
N SER A 1505 -2.09 0.62 -64.76
CA SER A 1505 -1.97 -0.17 -65.97
C SER A 1505 -3.30 -0.27 -66.70
N SER A 1506 -4.40 -0.34 -65.96
CA SER A 1506 -5.75 -0.40 -66.55
C SER A 1506 -5.96 -1.70 -67.33
N CYS A 1507 -5.57 -2.82 -66.72
CA CYS A 1507 -5.75 -4.13 -67.33
C CYS A 1507 -6.85 -4.96 -66.70
N ALA A 1508 -7.17 -4.72 -65.42
CA ALA A 1508 -8.24 -5.47 -64.76
C ALA A 1508 -9.59 -5.15 -65.39
N ILE A 1509 -9.97 -3.87 -65.38
CA ILE A 1509 -11.26 -3.47 -65.95
C ILE A 1509 -11.22 -3.58 -67.46
N SER A 1510 -10.07 -3.27 -68.08
CA SER A 1510 -9.95 -3.43 -69.53
C SER A 1510 -10.17 -4.87 -69.95
N PHE A 1511 -9.84 -5.83 -69.09
CA PHE A 1511 -10.08 -7.23 -69.33
C PHE A 1511 -11.34 -7.73 -68.62
N CYS A 1512 -12.20 -6.81 -68.17
CA CYS A 1512 -13.44 -7.23 -67.52
C CYS A 1512 -14.26 -8.15 -68.41
N LYS A 1513 -14.29 -7.86 -69.71
CA LYS A 1513 -14.98 -8.74 -70.64
C LYS A 1513 -14.39 -10.15 -70.63
N SER A 1514 -13.09 -10.27 -70.36
CA SER A 1514 -12.45 -11.57 -70.33
C SER A 1514 -13.08 -12.53 -69.33
N VAL A 1515 -13.92 -12.02 -68.42
CA VAL A 1515 -14.62 -12.89 -67.47
C VAL A 1515 -15.38 -13.97 -68.22
N LYS A 1516 -16.33 -13.55 -69.07
CA LYS A 1516 -17.02 -14.45 -70.00
C LYS A 1516 -16.97 -13.83 -71.39
N ALA A 1517 -15.84 -14.05 -72.09
CA ALA A 1517 -15.72 -13.59 -73.47
C ALA A 1517 -14.81 -14.49 -74.30
N GLU A 1518 -14.58 -15.72 -73.88
CA GLU A 1518 -13.55 -16.58 -74.47
C GLU A 1518 -12.18 -15.93 -74.29
N TYR A 1519 -11.83 -15.70 -73.03
CA TYR A 1519 -10.63 -14.94 -72.71
C TYR A 1519 -9.36 -15.68 -73.13
N ALA A 1520 -8.42 -14.94 -73.70
CA ALA A 1520 -7.11 -15.48 -74.04
C ALA A 1520 -5.98 -14.50 -73.74
N VAL A 1521 -6.22 -13.47 -72.93
CA VAL A 1521 -5.27 -12.40 -72.68
C VAL A 1521 -5.50 -11.88 -71.26
N ALA A 1522 -4.56 -11.10 -70.75
CA ALA A 1522 -3.31 -10.81 -71.45
C ALA A 1522 -2.08 -11.27 -70.65
N LYS A 1523 -2.02 -10.85 -69.39
CA LYS A 1523 -0.87 -11.07 -68.54
C LYS A 1523 -1.17 -12.12 -67.49
N SER A 1524 -0.10 -12.66 -66.89
CA SER A 1524 -0.26 -13.66 -65.83
C SER A 1524 -1.10 -13.13 -64.69
N ILE A 1525 -0.99 -11.83 -64.39
CA ILE A 1525 -1.79 -11.24 -63.33
C ILE A 1525 -3.27 -11.37 -63.64
N LEU A 1526 -3.66 -11.02 -64.87
CA LEU A 1526 -5.06 -11.12 -65.26
C LEU A 1526 -5.55 -12.57 -65.21
N THR A 1527 -4.72 -13.50 -65.70
CA THR A 1527 -5.11 -14.91 -65.70
C THR A 1527 -5.32 -15.41 -64.27
N LEU A 1528 -4.39 -15.08 -63.38
CA LEU A 1528 -4.52 -15.53 -61.99
C LEU A 1528 -5.72 -14.89 -61.32
N ALA A 1529 -5.98 -13.61 -61.60
CA ALA A 1529 -7.15 -12.95 -61.03
C ALA A 1529 -8.44 -13.61 -61.51
N LYS A 1530 -8.51 -13.93 -62.80
CA LYS A 1530 -9.69 -14.62 -63.31
C LYS A 1530 -9.85 -16.00 -62.71
N TRP A 1531 -8.75 -16.75 -62.57
CA TRP A 1531 -8.82 -18.09 -62.00
C TRP A 1531 -9.20 -18.05 -60.52
N ILE A 1532 -8.81 -17.00 -59.80
CA ILE A 1532 -9.19 -16.91 -58.40
C ILE A 1532 -10.63 -16.43 -58.25
N GLN A 1533 -11.09 -15.55 -59.14
CA GLN A 1533 -12.48 -15.12 -59.11
C GLN A 1533 -13.43 -16.25 -59.49
N ALA A 1534 -12.99 -17.14 -60.39
CA ALA A 1534 -13.83 -18.27 -60.78
C ALA A 1534 -13.97 -19.29 -59.66
N GLU A 1535 -13.08 -19.26 -58.67
CA GLU A 1535 -13.17 -20.19 -57.55
C GLU A 1535 -14.25 -19.80 -56.54
N TRP A 1536 -14.82 -18.60 -56.65
CA TRP A 1536 -15.87 -18.19 -55.71
C TRP A 1536 -17.05 -19.15 -55.76
N LYS A 1537 -17.33 -19.75 -56.91
CA LYS A 1537 -18.43 -20.70 -57.01
C LYS A 1537 -18.15 -21.97 -56.20
N GLU A 1538 -16.88 -22.30 -55.99
CA GLU A 1538 -16.51 -23.48 -55.22
C GLU A 1538 -16.66 -23.29 -53.72
N ILE A 1539 -17.09 -22.12 -53.28
CA ILE A 1539 -17.27 -21.86 -51.86
C ILE A 1539 -18.63 -21.22 -51.60
N PRO A 1582 -24.68 -12.73 -48.47
CA PRO A 1582 -23.46 -12.60 -49.27
C PRO A 1582 -23.22 -13.79 -50.19
N ARG A 1583 -24.30 -14.32 -50.77
CA ARG A 1583 -24.18 -15.47 -51.67
C ARG A 1583 -23.57 -15.06 -53.00
N ILE A 1584 -24.14 -14.04 -53.64
CA ILE A 1584 -23.66 -13.57 -54.94
C ILE A 1584 -23.64 -12.04 -54.92
N GLU A 1585 -22.69 -11.46 -55.66
CA GLU A 1585 -22.55 -10.01 -55.70
C GLU A 1585 -23.32 -9.40 -56.87
N SER A 1586 -22.96 -9.78 -58.10
CA SER A 1586 -23.63 -9.29 -59.29
C SER A 1586 -23.35 -10.19 -60.48
N GLU A 1587 -24.37 -10.86 -61.00
CA GLU A 1587 -24.18 -11.73 -62.16
C GLU A 1587 -23.80 -10.91 -63.38
N SER A 1588 -24.72 -10.11 -63.88
CA SER A 1588 -24.46 -9.32 -65.09
C SER A 1588 -24.85 -7.86 -64.97
N THR A 1589 -25.94 -7.54 -64.26
CA THR A 1589 -26.55 -6.23 -64.39
C THR A 1589 -26.20 -5.29 -63.25
N VAL A 1590 -25.99 -5.83 -62.04
CA VAL A 1590 -25.84 -4.97 -60.86
C VAL A 1590 -24.74 -3.95 -61.08
N HIS A 1591 -23.56 -4.40 -61.51
CA HIS A 1591 -22.42 -3.49 -61.68
C HIS A 1591 -22.32 -2.94 -63.11
N ILE A 1592 -22.16 -3.82 -64.09
CA ILE A 1592 -21.96 -3.35 -65.46
C ILE A 1592 -23.30 -3.10 -66.15
N GLY A 1593 -24.37 -3.77 -65.71
CA GLY A 1593 -25.66 -3.56 -66.32
C GLY A 1593 -26.14 -2.12 -66.21
N VAL A 1594 -25.88 -1.48 -65.07
CA VAL A 1594 -26.30 -0.11 -64.83
C VAL A 1594 -25.14 0.85 -64.69
N GLY A 1595 -23.89 0.35 -64.75
CA GLY A 1595 -22.74 1.21 -64.60
C GLY A 1595 -22.15 1.17 -63.20
N GLU A 1596 -20.96 0.57 -63.08
CA GLU A 1596 -20.32 0.41 -61.78
C GLU A 1596 -18.81 0.27 -61.96
N PRO A 1597 -18.05 0.16 -60.87
CA PRO A 1597 -16.59 0.05 -61.00
C PRO A 1597 -16.15 -1.30 -61.54
N ASP A 1598 -14.83 -1.52 -61.57
CA ASP A 1598 -14.29 -2.76 -62.11
C ASP A 1598 -14.81 -3.95 -61.31
N PHE A 1599 -15.24 -4.99 -62.02
CA PHE A 1599 -15.67 -6.22 -61.36
C PHE A 1599 -14.54 -6.88 -60.59
N ILE A 1600 -13.28 -6.60 -60.95
CA ILE A 1600 -12.17 -7.27 -60.30
C ILE A 1600 -12.15 -6.96 -58.81
N LEU A 1601 -12.25 -5.67 -58.47
CA LEU A 1601 -12.19 -5.28 -57.06
C LEU A 1601 -13.34 -5.89 -56.26
N GLY A 1602 -14.55 -5.85 -56.81
CA GLY A 1602 -15.69 -6.42 -56.12
C GLY A 1602 -15.55 -7.92 -55.91
N GLN A 1603 -15.16 -8.64 -56.97
CA GLN A 1603 -14.96 -10.08 -56.85
C GLN A 1603 -13.89 -10.41 -55.83
N LEU A 1604 -12.80 -9.64 -55.81
CA LEU A 1604 -11.73 -9.89 -54.84
C LEU A 1604 -12.21 -9.64 -53.43
N TYR A 1605 -12.89 -8.51 -53.19
CA TYR A 1605 -13.39 -8.21 -51.85
C TYR A 1605 -14.41 -9.23 -51.39
N HIS A 1606 -15.18 -9.81 -52.32
CA HIS A 1606 -16.15 -10.83 -51.93
C HIS A 1606 -15.47 -12.16 -51.64
N LEU A 1607 -14.53 -12.58 -52.48
CA LEU A 1607 -13.83 -13.83 -52.24
C LEU A 1607 -12.98 -13.75 -50.98
N SER A 1608 -12.57 -12.55 -50.59
CA SER A 1608 -11.81 -12.39 -49.36
C SER A 1608 -12.63 -12.68 -48.11
N SER A 1609 -13.93 -12.92 -48.25
CA SER A 1609 -14.77 -13.22 -47.09
C SER A 1609 -14.38 -14.53 -46.43
N VAL A 1610 -13.73 -15.43 -47.16
CA VAL A 1610 -13.31 -16.71 -46.59
C VAL A 1610 -12.26 -16.46 -45.51
N GLN A 1611 -12.59 -16.78 -44.28
CA GLN A 1611 -13.90 -17.36 -43.95
C GLN A 1611 -14.62 -16.51 -42.92
N ALA A 1612 -13.86 -15.94 -41.99
CA ALA A 1612 -14.44 -15.11 -40.93
C ALA A 1612 -14.31 -13.63 -41.28
N ALA A 1616 -11.80 -11.54 -40.82
CA ALA A 1616 -12.24 -10.59 -39.81
C ALA A 1616 -12.59 -9.25 -40.45
N LYS A 1617 -11.55 -8.46 -40.73
CA LYS A 1617 -11.74 -7.15 -41.34
C LYS A 1617 -11.93 -7.22 -42.85
N SER A 1618 -12.08 -8.42 -43.42
CA SER A 1618 -12.26 -8.56 -44.85
C SER A 1618 -13.63 -8.07 -45.31
N TRP A 1619 -14.58 -7.89 -44.39
CA TRP A 1619 -15.90 -7.42 -44.76
C TRP A 1619 -15.95 -5.90 -44.85
N ALA A 1620 -15.13 -5.20 -44.08
CA ALA A 1620 -15.11 -3.74 -44.14
C ALA A 1620 -14.66 -3.26 -45.51
N ALA A 1621 -13.55 -3.81 -46.01
CA ALA A 1621 -13.05 -3.40 -47.31
C ALA A 1621 -14.06 -3.67 -48.41
N LEU A 1622 -14.90 -4.69 -48.25
CA LEU A 1622 -15.91 -5.00 -49.25
C LEU A 1622 -17.16 -4.15 -49.07
N ALA A 1623 -17.65 -4.03 -47.83
CA ALA A 1623 -18.87 -3.28 -47.58
C ALA A 1623 -18.69 -1.79 -47.91
N SER A 1624 -17.57 -1.21 -47.47
CA SER A 1624 -17.33 0.20 -47.74
C SER A 1624 -17.26 0.47 -49.24
N TRP A 1625 -16.54 -0.38 -49.98
CA TRP A 1625 -16.45 -0.22 -51.42
C TRP A 1625 -17.83 -0.33 -52.07
N ALA A 1626 -18.57 -1.38 -51.71
CA ALA A 1626 -19.89 -1.59 -52.29
C ALA A 1626 -20.80 -0.41 -52.03
N TYR A 1627 -20.79 0.14 -50.81
CA TYR A 1627 -21.66 1.26 -50.49
C TYR A 1627 -21.22 2.53 -51.21
N ARG A 1628 -19.90 2.79 -51.23
CA ARG A 1628 -19.41 3.99 -51.89
C ARG A 1628 -19.71 3.97 -53.37
N TRP A 1629 -19.78 2.79 -53.98
CA TRP A 1629 -20.14 2.73 -55.40
C TRP A 1629 -21.65 2.68 -55.62
N GLY A 1630 -22.41 2.08 -54.70
CA GLY A 1630 -23.86 2.13 -54.81
C GLY A 1630 -24.39 3.54 -54.66
N ARG A 1631 -23.71 4.37 -53.88
CA ARG A 1631 -24.09 5.77 -53.78
C ARG A 1631 -24.04 6.45 -55.14
N LYS A 1632 -22.91 6.31 -55.84
CA LYS A 1632 -22.79 6.88 -57.19
C LYS A 1632 -23.76 6.22 -58.17
N VAL A 1633 -24.00 4.92 -58.02
CA VAL A 1633 -24.95 4.25 -58.91
C VAL A 1633 -26.35 4.85 -58.76
N VAL A 1634 -26.80 5.01 -57.51
CA VAL A 1634 -28.12 5.58 -57.28
C VAL A 1634 -28.16 7.06 -57.70
N ASP A 1635 -27.05 7.77 -57.56
CA ASP A 1635 -27.00 9.15 -58.02
C ASP A 1635 -27.18 9.21 -59.54
N ASN A 1636 -26.39 8.43 -60.28
CA ASN A 1636 -26.54 8.40 -61.73
C ASN A 1636 -27.92 7.92 -62.14
N ALA A 1637 -28.54 7.03 -61.35
CA ALA A 1637 -29.89 6.57 -61.65
C ALA A 1637 -30.89 7.71 -61.50
N SER A 1638 -30.87 8.40 -60.36
CA SER A 1638 -31.73 9.57 -60.18
C SER A 1638 -31.48 10.60 -61.26
N GLN A 1639 -30.26 10.66 -61.79
CA GLN A 1639 -29.94 11.54 -62.91
C GLN A 1639 -30.30 10.89 -64.25
N GLY A 1640 -29.99 9.61 -64.40
CA GLY A 1640 -30.30 8.89 -65.62
C GLY A 1640 -31.39 7.86 -65.45
N GLU A 1641 -31.12 6.62 -65.83
CA GLU A 1641 -32.08 5.53 -65.73
C GLU A 1641 -31.32 4.21 -65.81
N GLY A 1642 -32.07 3.11 -65.91
CA GLY A 1642 -31.46 1.79 -66.00
C GLY A 1642 -32.47 0.69 -66.21
N VAL A 1643 -32.12 -0.28 -67.07
CA VAL A 1643 -33.01 -1.40 -67.38
C VAL A 1643 -32.16 -2.56 -67.86
N ARG A 1644 -32.67 -3.77 -67.65
CA ARG A 1644 -32.00 -5.00 -68.07
C ARG A 1644 -32.71 -5.59 -69.28
N LEU A 1645 -32.00 -6.51 -69.96
CA LEU A 1645 -32.54 -7.11 -71.17
C LEU A 1645 -33.66 -8.10 -70.85
N LEU A 1646 -33.44 -8.98 -69.87
CA LEU A 1646 -34.46 -9.96 -69.52
C LEU A 1646 -35.75 -9.32 -69.04
N PRO A 1647 -35.73 -8.43 -68.05
CA PRO A 1647 -36.99 -7.80 -67.63
C PRO A 1647 -37.63 -6.94 -68.69
N ARG A 1648 -36.83 -6.27 -69.52
CA ARG A 1648 -37.42 -5.46 -70.59
C ARG A 1648 -38.12 -6.34 -71.62
N GLU A 1649 -37.50 -7.48 -71.99
CA GLU A 1649 -38.15 -8.40 -72.91
C GLU A 1649 -39.40 -8.99 -72.28
N LYS A 1650 -39.36 -9.30 -70.99
CA LYS A 1650 -40.55 -9.79 -70.30
C LYS A 1650 -41.68 -8.77 -70.37
N SER A 1651 -41.38 -7.51 -70.04
CA SER A 1651 -42.41 -6.47 -70.11
C SER A 1651 -42.94 -6.32 -71.53
N GLU A 1652 -42.05 -6.36 -72.53
CA GLU A 1652 -42.50 -6.23 -73.92
C GLU A 1652 -43.45 -7.36 -74.29
N VAL A 1653 -43.14 -8.59 -73.88
CA VAL A 1653 -44.01 -9.73 -74.18
C VAL A 1653 -45.25 -9.77 -73.31
N GLN A 1654 -45.29 -8.98 -72.23
CA GLN A 1654 -46.45 -8.97 -71.35
C GLN A 1654 -47.62 -8.21 -71.96
N ASN A 1655 -47.41 -6.96 -72.34
CA ASN A 1655 -48.49 -6.07 -72.78
C ASN A 1655 -48.89 -6.30 -74.23
N LEU A 1656 -48.42 -7.39 -74.85
CA LEU A 1656 -48.91 -7.76 -76.16
C LEU A 1656 -50.40 -8.10 -76.07
N LEU A 1657 -51.05 -8.24 -77.23
CA LEU A 1657 -50.45 -8.06 -78.54
C LEU A 1657 -50.15 -6.61 -78.99
N PRO A 1658 -50.99 -5.64 -78.56
CA PRO A 1658 -51.12 -4.39 -79.32
C PRO A 1658 -49.85 -3.85 -79.96
N ASP A 1659 -48.80 -3.61 -79.18
CA ASP A 1659 -47.61 -3.03 -79.77
C ASP A 1659 -46.47 -3.01 -78.76
N THR A 1660 -45.24 -3.14 -79.26
CA THR A 1660 -44.05 -3.00 -78.44
C THR A 1660 -43.42 -1.62 -78.54
N ILE A 1661 -43.81 -0.82 -79.53
CA ILE A 1661 -43.30 0.54 -79.64
C ILE A 1661 -43.62 1.32 -78.37
N THR A 1662 -44.90 1.34 -78.00
CA THR A 1662 -45.27 1.97 -76.73
C THR A 1662 -44.61 1.27 -75.55
N GLU A 1663 -44.36 -0.04 -75.67
CA GLU A 1663 -43.63 -0.74 -74.62
C GLU A 1663 -42.23 -0.19 -74.44
N GLU A 1664 -41.64 0.35 -75.50
CA GLU A 1664 -40.33 0.97 -75.37
C GLU A 1664 -40.37 2.14 -74.39
N GLU A 1665 -41.28 3.09 -74.61
CA GLU A 1665 -41.43 4.19 -73.67
C GLU A 1665 -41.87 3.71 -72.30
N LYS A 1666 -42.70 2.67 -72.24
CA LYS A 1666 -43.11 2.13 -70.95
C LYS A 1666 -41.91 1.66 -70.15
N GLU A 1667 -41.05 0.85 -70.76
CA GLU A 1667 -39.87 0.35 -70.05
C GLU A 1667 -38.91 1.47 -69.72
N ARG A 1668 -38.76 2.44 -70.63
CA ARG A 1668 -37.88 3.58 -70.34
C ARG A 1668 -38.36 4.37 -69.12
N ILE A 1669 -39.67 4.63 -69.05
CA ILE A 1669 -40.20 5.38 -67.91
C ILE A 1669 -40.12 4.55 -66.64
N TYR A 1670 -40.36 3.24 -66.75
CA TYR A 1670 -40.19 2.37 -65.59
C TYR A 1670 -38.77 2.44 -65.05
N GLY A 1671 -37.78 2.37 -65.94
CA GLY A 1671 -36.40 2.47 -65.51
C GLY A 1671 -36.08 3.82 -64.89
N ILE A 1672 -36.56 4.89 -65.54
CA ILE A 1672 -36.30 6.24 -65.02
C ILE A 1672 -36.89 6.39 -63.63
N LEU A 1673 -38.10 5.87 -63.41
CA LEU A 1673 -38.72 5.99 -62.09
C LEU A 1673 -37.99 5.15 -61.05
N GLY A 1674 -37.71 3.89 -61.38
CA GLY A 1674 -36.95 3.05 -60.46
C GLY A 1674 -35.60 3.65 -60.12
N GLN A 1675 -35.01 4.41 -61.05
CA GLN A 1675 -33.72 5.05 -60.78
C GLN A 1675 -33.91 6.27 -59.88
N ALA A 1676 -34.91 7.10 -60.16
CA ALA A 1676 -35.16 8.27 -59.33
C ALA A 1676 -35.58 7.91 -57.92
N VAL A 1677 -36.14 6.71 -57.73
CA VAL A 1677 -36.57 6.28 -56.40
C VAL A 1677 -35.46 5.46 -55.74
N GLU A 1700 -44.83 5.26 -51.20
CA GLU A 1700 -45.64 6.00 -52.16
C GLU A 1700 -44.92 6.14 -53.50
N ASP A 1701 -43.58 5.99 -53.46
CA ASP A 1701 -42.81 6.10 -54.69
C ASP A 1701 -43.24 5.07 -55.73
N ASP A 1702 -43.68 3.89 -55.29
CA ASP A 1702 -44.14 2.88 -56.23
C ASP A 1702 -45.36 3.37 -57.00
N MET A 1703 -46.21 4.18 -56.39
CA MET A 1703 -47.38 4.69 -57.09
C MET A 1703 -47.00 5.61 -58.23
N VAL A 1704 -45.81 6.24 -58.16
CA VAL A 1704 -45.35 7.08 -59.24
C VAL A 1704 -45.20 6.28 -60.53
N ASP A 1705 -44.87 4.99 -60.41
CA ASP A 1705 -44.76 4.14 -61.59
C ASP A 1705 -46.11 4.01 -62.29
N VAL A 1706 -47.15 3.65 -61.54
CA VAL A 1706 -48.48 3.52 -62.11
C VAL A 1706 -49.00 4.87 -62.60
N ILE A 1707 -48.53 5.96 -61.98
CA ILE A 1707 -48.96 7.29 -62.41
C ILE A 1707 -48.69 7.49 -63.89
N TRP A 1708 -47.49 7.12 -64.34
CA TRP A 1708 -47.12 7.29 -65.74
C TRP A 1708 -47.48 6.08 -66.60
N ARG A 1709 -47.50 4.88 -66.02
CA ARG A 1709 -47.86 3.70 -66.78
C ARG A 1709 -49.30 3.78 -67.27
N GLN A 1710 -50.18 4.35 -66.46
CA GLN A 1710 -51.59 4.48 -66.82
C GLN A 1710 -51.88 5.76 -67.62
N LEU A 1711 -50.84 6.51 -67.98
CA LEU A 1711 -51.05 7.74 -68.75
C LEU A 1711 -51.23 7.43 -70.24
N ILE A 1712 -50.24 6.77 -70.84
CA ILE A 1712 -50.32 6.45 -72.26
C ILE A 1712 -51.22 5.24 -72.49
N SER A 1713 -50.86 4.11 -71.88
CA SER A 1713 -51.65 2.89 -72.05
C SER A 1713 -52.93 2.94 -71.22
N SER A 1714 -52.82 3.30 -69.94
CA SER A 1714 -53.97 3.39 -69.05
C SER A 1714 -54.64 2.03 -68.86
N CYS A 1715 -53.86 0.94 -68.98
CA CYS A 1715 -54.39 -0.41 -68.83
C CYS A 1715 -53.63 -1.17 -67.76
N THR A 1726 -55.78 -4.82 -65.77
CA THR A 1726 -54.86 -5.93 -66.05
C THR A 1726 -53.44 -5.43 -66.21
N GLU A 1727 -52.48 -6.21 -65.71
CA GLU A 1727 -51.04 -5.94 -65.75
C GLU A 1727 -50.66 -4.88 -64.71
N GLY A 1728 -51.63 -4.31 -63.98
CA GLY A 1728 -51.29 -3.31 -62.98
C GLY A 1728 -50.35 -3.83 -61.91
N VAL A 1729 -50.47 -5.10 -61.55
CA VAL A 1729 -49.58 -5.68 -60.55
C VAL A 1729 -48.27 -6.11 -61.18
N ILE A 1730 -48.32 -6.62 -62.42
CA ILE A 1730 -47.10 -7.02 -63.10
C ILE A 1730 -46.22 -5.82 -63.38
N LYS A 1731 -46.83 -4.65 -63.61
CA LYS A 1731 -46.05 -3.43 -63.82
C LYS A 1731 -45.18 -3.13 -62.61
N VAL A 1732 -45.77 -3.18 -61.41
CA VAL A 1732 -45.00 -2.91 -60.21
C VAL A 1732 -44.02 -4.03 -59.93
N TRP A 1733 -44.40 -5.28 -60.22
CA TRP A 1733 -43.48 -6.40 -60.06
C TRP A 1733 -42.23 -6.22 -60.91
N ARG A 1734 -42.40 -5.69 -62.12
CA ARG A 1734 -41.25 -5.41 -62.98
C ARG A 1734 -40.50 -4.17 -62.50
N LYS A 1735 -41.21 -3.19 -61.95
CA LYS A 1735 -40.56 -1.99 -61.41
C LYS A 1735 -39.83 -2.26 -60.12
N VAL A 1736 -40.27 -3.25 -59.33
CA VAL A 1736 -39.56 -3.63 -58.12
C VAL A 1736 -38.38 -4.53 -58.41
N VAL A 1737 -38.20 -4.97 -59.65
CA VAL A 1737 -37.05 -5.75 -60.07
C VAL A 1737 -36.03 -4.91 -60.80
N ASP A 1738 -36.48 -4.01 -61.68
CA ASP A 1738 -35.57 -3.09 -62.33
C ASP A 1738 -34.83 -2.23 -61.31
N ARG A 1739 -35.51 -1.86 -60.22
CA ARG A 1739 -34.90 -1.15 -59.11
C ARG A 1739 -34.37 -2.09 -58.04
N ILE A 1740 -34.35 -3.40 -58.31
CA ILE A 1740 -33.85 -4.38 -57.36
C ILE A 1740 -32.34 -4.47 -57.47
N PHE A 1741 -31.84 -4.76 -58.68
CA PHE A 1741 -30.40 -4.80 -58.89
C PHE A 1741 -29.76 -3.42 -58.77
N SER A 1742 -30.55 -2.36 -58.86
CA SER A 1742 -29.99 -1.02 -58.69
C SER A 1742 -29.60 -0.75 -57.23
N LEU A 1743 -30.38 -1.29 -56.28
CA LEU A 1743 -30.08 -1.15 -54.87
C LEU A 1743 -29.42 -2.39 -54.28
N TYR A 1744 -29.23 -3.44 -55.08
CA TYR A 1744 -28.50 -4.60 -54.60
C TYR A 1744 -27.10 -4.24 -54.12
N LYS A 1745 -26.50 -3.20 -54.70
CA LYS A 1745 -25.19 -2.76 -54.23
C LYS A 1745 -25.25 -2.34 -52.77
N LEU A 1746 -26.16 -1.42 -52.44
CA LEU A 1746 -26.31 -0.99 -51.04
C LEU A 1746 -26.80 -2.13 -50.15
N SER A 1747 -27.59 -3.06 -50.69
CA SER A 1747 -28.04 -4.20 -49.90
C SER A 1747 -26.85 -5.06 -49.48
N CYS A 1748 -25.98 -5.39 -50.44
CA CYS A 1748 -24.78 -6.17 -50.12
C CYS A 1748 -23.85 -5.38 -49.21
N SER A 1749 -23.79 -4.06 -49.39
CA SER A 1749 -22.98 -3.23 -48.49
C SER A 1749 -23.46 -3.35 -47.06
N ALA A 1750 -24.78 -3.21 -46.84
CA ALA A 1750 -25.33 -3.33 -45.50
C ALA A 1750 -25.13 -4.74 -44.95
N TYR A 1751 -25.28 -5.76 -45.80
CA TYR A 1751 -25.07 -7.13 -45.34
C TYR A 1751 -23.64 -7.33 -44.86
N PHE A 1752 -22.67 -6.87 -45.65
CA PHE A 1752 -21.26 -7.00 -45.26
C PHE A 1752 -20.96 -6.19 -44.00
N THR A 1753 -21.57 -5.01 -43.88
CA THR A 1753 -21.35 -4.19 -42.70
C THR A 1753 -21.86 -4.88 -41.45
N PHE A 1754 -23.06 -5.46 -41.53
CA PHE A 1754 -23.60 -6.19 -40.39
C PHE A 1754 -22.76 -7.41 -40.06
N LEU A 1755 -22.29 -8.13 -41.09
CA LEU A 1755 -21.43 -9.29 -40.84
C LEU A 1755 -20.14 -8.88 -40.15
N LYS A 1756 -19.55 -7.76 -40.57
CA LYS A 1756 -18.31 -7.30 -39.94
C LYS A 1756 -18.56 -6.83 -38.52
N LEU A 1757 -19.69 -6.16 -38.28
CA LEU A 1757 -20.03 -5.73 -36.93
C LEU A 1757 -20.22 -6.94 -36.02
N ASN A 1758 -20.86 -7.99 -36.53
CA ASN A 1758 -21.01 -9.21 -35.73
C ASN A 1758 -19.66 -9.86 -35.46
N ALA A 1759 -18.82 -9.99 -36.48
CA ALA A 1759 -17.50 -10.57 -36.30
C ALA A 1759 -16.57 -9.64 -35.51
N GLY A 1760 -16.87 -8.35 -35.46
CA GLY A 1760 -16.04 -7.41 -34.73
C GLY A 1760 -16.43 -5.96 -34.99
N MET A 1784 -12.71 0.96 -39.63
CA MET A 1784 -13.37 1.58 -38.49
C MET A 1784 -14.80 1.09 -38.34
N ILE A 1785 -15.21 0.81 -37.11
CA ILE A 1785 -16.57 0.34 -36.86
C ILE A 1785 -17.56 1.50 -36.85
N VAL A 1786 -17.13 2.65 -36.31
CA VAL A 1786 -18.01 3.82 -36.29
C VAL A 1786 -18.38 4.22 -37.71
N MET A 1787 -17.43 4.10 -38.65
CA MET A 1787 -17.73 4.42 -40.05
C MET A 1787 -18.83 3.51 -40.58
N ALA A 1788 -18.75 2.22 -40.30
CA ALA A 1788 -19.77 1.29 -40.78
C ALA A 1788 -21.12 1.59 -40.14
N THR A 1789 -21.13 1.93 -38.86
CA THR A 1789 -22.38 2.27 -38.19
C THR A 1789 -23.02 3.50 -38.81
N LEU A 1790 -22.23 4.55 -39.04
CA LEU A 1790 -22.76 5.75 -39.68
C LEU A 1790 -23.24 5.46 -41.09
N ARG A 1791 -22.52 4.59 -41.82
CA ARG A 1791 -22.93 4.24 -43.17
C ARG A 1791 -24.27 3.52 -43.16
N LEU A 1792 -24.44 2.57 -42.25
CA LEU A 1792 -25.72 1.86 -42.14
C LEU A 1792 -26.84 2.82 -41.75
N LEU A 1793 -26.57 3.75 -40.83
CA LEU A 1793 -27.58 4.71 -40.42
C LEU A 1793 -27.99 5.59 -41.58
N ARG A 1794 -27.02 6.05 -42.38
CA ARG A 1794 -27.34 6.88 -43.54
C ARG A 1794 -28.10 6.08 -44.60
N LEU A 1795 -27.78 4.80 -44.74
CA LEU A 1795 -28.49 3.97 -45.72
C LEU A 1795 -29.93 3.71 -45.29
N LEU A 1796 -30.16 3.56 -43.98
CA LEU A 1796 -31.52 3.32 -43.50
C LEU A 1796 -32.37 4.58 -43.57
N VAL A 1797 -31.81 5.72 -43.14
CA VAL A 1797 -32.57 6.96 -43.15
C VAL A 1797 -32.84 7.41 -44.58
N LYS A 1798 -31.85 7.28 -45.47
CA LYS A 1798 -32.05 7.70 -46.85
C LYS A 1798 -33.17 6.93 -47.51
N HIS A 1799 -33.20 5.61 -47.33
CA HIS A 1799 -34.25 4.78 -47.91
C HIS A 1799 -34.29 3.46 -47.16
N ALA A 1800 -35.41 3.18 -46.50
CA ALA A 1800 -35.57 1.95 -45.73
C ALA A 1800 -36.45 0.92 -46.40
N GLY A 1801 -37.33 1.33 -47.32
CA GLY A 1801 -38.18 0.38 -48.00
C GLY A 1801 -37.45 -0.57 -48.92
N GLU A 1802 -36.26 -0.20 -49.37
CA GLU A 1802 -35.45 -1.05 -50.23
C GLU A 1802 -33.99 -0.90 -49.82
N LEU A 1803 -33.43 -1.95 -49.23
CA LEU A 1803 -34.16 -3.18 -48.98
C LEU A 1803 -34.42 -3.38 -47.49
N ARG A 1804 -35.66 -3.13 -47.07
CA ARG A 1804 -36.00 -3.29 -45.66
C ARG A 1804 -35.78 -4.73 -45.19
N GLN A 1805 -35.97 -5.70 -46.08
CA GLN A 1805 -35.81 -7.11 -45.70
C GLN A 1805 -34.43 -7.40 -45.14
N TYR A 1806 -33.44 -6.56 -45.42
CA TYR A 1806 -32.09 -6.72 -44.88
C TYR A 1806 -31.86 -5.88 -43.63
N LEU A 1807 -32.17 -4.58 -43.68
CA LEU A 1807 -31.94 -3.72 -42.53
C LEU A 1807 -32.79 -4.15 -41.34
N GLU A 1808 -34.11 -4.25 -41.53
CA GLU A 1808 -35.00 -4.62 -40.43
C GLU A 1808 -34.69 -6.03 -39.92
N HIS A 1809 -34.12 -6.88 -40.77
CA HIS A 1809 -33.83 -8.26 -40.37
C HIS A 1809 -32.50 -8.42 -39.67
N GLY A 1810 -31.53 -7.56 -39.95
CA GLY A 1810 -30.21 -7.70 -39.36
C GLY A 1810 -29.92 -6.75 -38.22
N LEU A 1811 -30.60 -5.60 -38.20
CA LEU A 1811 -30.35 -4.61 -37.16
C LEU A 1811 -30.84 -5.10 -35.80
N GLU A 1812 -32.13 -5.40 -35.69
CA GLU A 1812 -32.68 -5.85 -34.42
C GLU A 1812 -32.08 -7.18 -34.00
N THR A 1813 -31.90 -8.10 -34.94
CA THR A 1813 -31.37 -9.43 -34.64
C THR A 1813 -29.85 -9.34 -34.54
N THR A 1814 -29.35 -9.11 -33.33
CA THR A 1814 -27.92 -9.04 -33.05
C THR A 1814 -27.24 -8.05 -33.99
N PRO A 1815 -27.43 -6.74 -33.78
CA PRO A 1815 -26.80 -5.75 -34.67
C PRO A 1815 -25.28 -5.87 -34.67
N THR A 1816 -24.65 -5.72 -33.51
CA THR A 1816 -23.21 -5.87 -33.38
C THR A 1816 -22.83 -7.05 -32.49
N ALA A 1817 -23.31 -7.12 -31.26
CA ALA A 1817 -24.12 -6.06 -30.66
C ALA A 1817 -23.72 -5.84 -29.20
N PRO A 1818 -23.90 -4.60 -28.70
CA PRO A 1818 -24.38 -3.44 -29.45
C PRO A 1818 -23.28 -2.42 -29.72
N TRP A 1819 -23.63 -1.33 -30.40
CA TRP A 1819 -22.69 -0.23 -30.66
C TRP A 1819 -23.15 1.08 -30.01
N ARG A 1820 -23.89 0.97 -28.91
CA ARG A 1820 -24.44 2.18 -28.28
C ARG A 1820 -23.35 3.15 -27.88
N GLY A 1821 -22.19 2.66 -27.46
CA GLY A 1821 -21.10 3.53 -27.05
C GLY A 1821 -20.25 3.99 -28.22
N ILE A 1822 -20.83 4.02 -29.42
CA ILE A 1822 -20.09 4.42 -30.61
C ILE A 1822 -20.83 5.56 -31.31
N ILE A 1823 -22.08 5.33 -31.65
CA ILE A 1823 -22.88 6.29 -32.42
C ILE A 1823 -24.12 6.65 -31.62
N PRO A 1824 -24.10 7.79 -30.92
CA PRO A 1824 -25.31 8.28 -30.25
C PRO A 1824 -26.26 9.05 -31.16
N GLN A 1825 -26.02 9.03 -32.47
CA GLN A 1825 -26.87 9.77 -33.41
C GLN A 1825 -28.19 9.06 -33.70
N LEU A 1826 -28.41 7.88 -33.13
CA LEU A 1826 -29.66 7.16 -33.39
C LEU A 1826 -30.87 7.99 -33.00
N PHE A 1827 -30.74 8.84 -31.99
CA PHE A 1827 -31.87 9.67 -31.57
C PHE A 1827 -32.23 10.70 -32.64
N SER A 1828 -31.21 11.30 -33.28
CA SER A 1828 -31.48 12.28 -34.32
C SER A 1828 -32.32 11.70 -35.44
N ARG A 1829 -32.17 10.40 -35.72
CA ARG A 1829 -32.95 9.73 -36.75
C ARG A 1829 -34.21 9.08 -36.21
N LEU A 1830 -34.45 9.13 -34.90
CA LEU A 1830 -35.65 8.54 -34.33
C LEU A 1830 -36.90 9.21 -34.88
N ASN A 1831 -36.83 10.50 -35.18
CA ASN A 1831 -37.96 11.24 -35.74
C ASN A 1831 -37.94 11.21 -37.27
N HIS A 1832 -37.90 10.02 -37.84
CA HIS A 1832 -37.87 9.87 -39.28
C HIS A 1832 -39.26 10.09 -39.87
N PRO A 1833 -39.32 10.52 -41.13
CA PRO A 1833 -40.65 10.77 -41.74
C PRO A 1833 -41.38 9.50 -42.13
N GLU A 1834 -40.71 8.35 -42.14
CA GLU A 1834 -41.32 7.09 -42.54
C GLU A 1834 -41.35 6.11 -41.37
N VAL A 1835 -42.31 5.20 -41.43
CA VAL A 1835 -42.47 4.16 -40.41
C VAL A 1835 -41.53 3.01 -40.73
N TYR A 1836 -41.40 2.07 -39.81
CA TYR A 1836 -40.56 0.88 -39.90
C TYR A 1836 -39.09 1.21 -39.63
N VAL A 1837 -38.75 2.46 -39.35
CA VAL A 1837 -37.39 2.86 -39.02
C VAL A 1837 -37.23 3.12 -37.52
N ARG A 1838 -38.17 3.85 -36.93
CA ARG A 1838 -38.12 4.08 -35.49
C ARG A 1838 -38.48 2.82 -34.72
N GLN A 1839 -39.33 1.95 -35.29
CA GLN A 1839 -39.67 0.70 -34.61
C GLN A 1839 -38.43 -0.14 -34.36
N SER A 1840 -37.49 -0.13 -35.29
CA SER A 1840 -36.23 -0.86 -35.12
C SER A 1840 -35.22 -0.10 -34.28
N ILE A 1841 -35.21 1.23 -34.37
CA ILE A 1841 -34.29 2.03 -33.55
C ILE A 1841 -34.63 1.86 -32.08
N CYS A 1842 -35.92 1.78 -31.75
CA CYS A 1842 -36.32 1.58 -30.36
C CYS A 1842 -35.83 0.24 -29.84
N ASN A 1843 -35.98 -0.82 -30.63
CA ASN A 1843 -35.48 -2.13 -30.22
C ASN A 1843 -33.96 -2.11 -30.07
N LEU A 1844 -33.27 -1.43 -30.98
CA LEU A 1844 -31.82 -1.34 -30.88
C LEU A 1844 -31.39 -0.62 -29.61
N LEU A 1845 -32.06 0.48 -29.28
CA LEU A 1845 -31.74 1.20 -28.04
C LEU A 1845 -32.06 0.35 -26.81
N CYS A 1846 -33.18 -0.38 -26.84
CA CYS A 1846 -33.50 -1.26 -25.72
C CYS A 1846 -32.43 -2.34 -25.55
N ARG A 1847 -31.95 -2.91 -26.65
CA ARG A 1847 -30.91 -3.91 -26.56
C ARG A 1847 -29.60 -3.32 -26.05
N VAL A 1848 -29.25 -2.12 -26.51
CA VAL A 1848 -28.01 -1.49 -26.06
C VAL A 1848 -28.10 -1.12 -24.59
N ALA A 1849 -29.31 -0.82 -24.09
CA ALA A 1849 -29.47 -0.48 -22.69
C ALA A 1849 -29.55 -1.72 -21.80
N GLN A 1850 -30.01 -2.84 -22.35
CA GLN A 1850 -30.09 -4.07 -21.56
C GLN A 1850 -28.72 -4.50 -21.07
N ASP A 1851 -27.67 -4.19 -21.82
CA ASP A 1851 -26.29 -4.53 -21.44
C ASP A 1851 -25.44 -3.26 -21.47
N SER A 1852 -24.77 -2.98 -20.36
CA SER A 1852 -23.94 -1.78 -20.24
C SER A 1852 -24.80 -0.54 -20.46
N PRO A 1853 -25.88 -0.37 -19.68
CA PRO A 1853 -26.73 0.81 -19.87
C PRO A 1853 -26.04 2.12 -19.52
N HIS A 1854 -24.90 2.08 -18.84
CA HIS A 1854 -24.19 3.31 -18.50
C HIS A 1854 -23.73 4.07 -19.74
N LEU A 1855 -23.57 3.38 -20.88
CA LEU A 1855 -23.15 4.05 -22.09
C LEU A 1855 -24.11 5.18 -22.46
N ILE A 1856 -25.42 4.91 -22.37
CA ILE A 1856 -26.44 5.92 -22.66
C ILE A 1856 -26.69 6.67 -21.36
N LEU A 1857 -25.88 7.68 -21.10
CA LEU A 1857 -26.00 8.49 -19.89
C LEU A 1857 -27.01 9.61 -20.16
N TYR A 1858 -28.20 9.49 -19.58
CA TYR A 1858 -29.26 10.46 -19.80
C TYR A 1858 -29.57 10.56 -21.30
N PRO A 1859 -29.80 9.44 -21.99
CA PRO A 1859 -30.01 9.51 -23.44
C PRO A 1859 -31.41 9.99 -23.81
N ALA A 1860 -32.40 9.62 -23.02
CA ALA A 1860 -33.78 9.99 -23.29
C ALA A 1860 -34.44 10.74 -22.14
N ILE A 1861 -33.97 10.57 -20.91
CA ILE A 1861 -34.55 11.31 -19.78
C ILE A 1861 -34.45 12.80 -20.03
N VAL A 1862 -33.33 13.25 -20.61
CA VAL A 1862 -33.18 14.67 -20.93
C VAL A 1862 -34.04 15.04 -22.13
N GLY A 1863 -34.13 14.14 -23.11
CA GLY A 1863 -34.95 14.43 -24.28
C GLY A 1863 -36.43 14.51 -23.96
N THR A 1864 -36.92 13.62 -23.09
CA THR A 1864 -38.33 13.65 -22.72
C THR A 1864 -38.70 14.96 -22.05
N ILE A 1865 -37.75 15.62 -21.40
CA ILE A 1865 -38.03 16.89 -20.73
C ILE A 1865 -38.41 17.97 -21.73
N SER A 1866 -37.99 17.84 -22.99
CA SER A 1866 -38.30 18.83 -24.02
C SER A 1866 -39.01 18.18 -25.20
N MET A 1926 -40.57 12.63 -31.78
CA MET A 1926 -39.41 12.17 -31.02
C MET A 1926 -39.83 11.72 -29.62
N GLN A 1927 -40.65 12.53 -28.95
CA GLN A 1927 -41.11 12.17 -27.61
C GLN A 1927 -41.89 10.87 -27.61
N ASP A 1928 -42.66 10.61 -28.68
CA ASP A 1928 -43.42 9.36 -28.76
C ASP A 1928 -42.52 8.15 -28.64
N CYS A 1929 -41.29 8.24 -29.14
CA CYS A 1929 -40.32 7.16 -29.02
C CYS A 1929 -39.43 7.30 -27.80
N TYR A 1930 -39.12 8.53 -27.38
CA TYR A 1930 -38.32 8.72 -26.17
C TYR A 1930 -39.04 8.15 -24.96
N SER A 1931 -40.37 8.27 -24.91
CA SER A 1931 -41.13 7.72 -23.78
C SER A 1931 -40.95 6.21 -23.71
N LYS A 1932 -41.12 5.52 -24.84
CA LYS A 1932 -40.97 4.07 -24.85
C LYS A 1932 -39.52 3.65 -24.61
N ILE A 1933 -38.56 4.49 -24.98
CA ILE A 1933 -37.16 4.15 -24.78
C ILE A 1933 -36.77 4.32 -23.31
N VAL A 1934 -37.35 5.30 -22.62
CA VAL A 1934 -37.02 5.51 -21.22
C VAL A 1934 -37.47 4.32 -20.37
N ASP A 1935 -38.76 4.00 -20.41
CA ASP A 1935 -39.27 2.88 -19.62
C ASP A 1935 -38.57 1.58 -20.00
N LYS A 1936 -38.37 1.34 -21.30
CA LYS A 1936 -37.68 0.14 -21.73
C LYS A 1936 -36.28 0.07 -21.14
N LEU A 1937 -35.55 1.18 -21.14
CA LEU A 1937 -34.22 1.25 -20.57
C LEU A 1937 -34.21 1.56 -19.08
N SER A 1938 -35.38 1.79 -18.48
CA SER A 1938 -35.49 2.10 -17.07
C SER A 1938 -36.37 1.15 -16.28
N SER A 1939 -37.09 0.24 -16.95
CA SER A 1939 -37.93 -0.70 -16.24
C SER A 1939 -37.13 -1.55 -15.27
N ALA A 1940 -36.12 -2.25 -15.78
CA ALA A 1940 -35.26 -3.06 -14.93
C ALA A 1940 -34.39 -2.16 -14.05
N ASN A 1941 -34.39 -2.43 -12.75
CA ASN A 1941 -33.63 -1.63 -11.80
C ASN A 1941 -34.06 -0.17 -11.88
N PRO A 1942 -35.28 0.16 -11.45
CA PRO A 1942 -35.73 1.56 -11.54
C PRO A 1942 -35.00 2.50 -10.59
N THR A 1943 -34.23 1.98 -9.63
CA THR A 1943 -33.50 2.86 -8.72
C THR A 1943 -32.48 3.71 -9.48
N MET A 1944 -31.68 3.08 -10.33
CA MET A 1944 -30.65 3.81 -11.08
C MET A 1944 -31.25 4.78 -12.08
N VAL A 1945 -32.49 4.55 -12.52
CA VAL A 1945 -33.13 5.46 -13.47
C VAL A 1945 -33.86 6.58 -12.74
N LEU A 1946 -34.54 6.29 -11.65
CA LEU A 1946 -35.16 7.34 -10.85
C LEU A 1946 -34.11 8.28 -10.28
N GLN A 1947 -32.95 7.74 -9.90
CA GLN A 1947 -31.88 8.58 -9.39
C GLN A 1947 -31.42 9.59 -10.44
N VAL A 1948 -31.19 9.11 -11.67
CA VAL A 1948 -30.74 10.01 -12.73
C VAL A 1948 -31.85 10.98 -13.12
N GLN A 1949 -33.11 10.56 -13.06
CA GLN A 1949 -34.21 11.47 -13.33
C GLN A 1949 -34.25 12.60 -12.30
N MET A 1950 -34.12 12.27 -11.02
CA MET A 1950 -34.10 13.30 -9.99
C MET A 1950 -32.86 14.18 -10.11
N LEU A 1951 -31.73 13.61 -10.54
CA LEU A 1951 -30.54 14.43 -10.76
C LEU A 1951 -30.76 15.42 -11.89
N VAL A 1952 -31.38 14.98 -12.98
CA VAL A 1952 -31.69 15.89 -14.08
C VAL A 1952 -32.66 16.97 -13.63
N ALA A 1953 -33.66 16.59 -12.81
CA ALA A 1953 -34.59 17.57 -12.29
C ALA A 1953 -33.88 18.62 -11.44
N GLU A 1954 -32.98 18.18 -10.57
CA GLU A 1954 -32.24 19.11 -9.73
C GLU A 1954 -31.33 20.01 -10.56
N LEU A 1955 -30.74 19.46 -11.62
CA LEU A 1955 -29.89 20.27 -12.49
C LEU A 1955 -30.70 21.31 -13.23
N ARG A 1956 -31.90 20.95 -13.71
CA ARG A 1956 -32.77 21.93 -14.34
C ARG A 1956 -33.25 22.98 -13.34
N ARG A 1957 -33.45 22.59 -12.08
CA ARG A 1957 -33.85 23.55 -11.06
C ARG A 1957 -32.75 24.54 -10.76
N VAL A 1958 -31.51 24.04 -10.61
CA VAL A 1958 -30.38 24.92 -10.34
C VAL A 1958 -30.04 25.82 -11.52
N THR A 1959 -30.65 25.59 -12.68
CA THR A 1959 -30.48 26.43 -13.84
C THR A 1959 -31.74 27.27 -14.04
N VAL A 1960 -31.56 28.57 -14.26
CA VAL A 1960 -30.23 29.17 -14.38
C VAL A 1960 -29.48 29.29 -13.04
N LEU A 1961 -30.14 29.71 -11.96
CA LEU A 1961 -31.57 30.01 -11.93
C LEU A 1961 -31.90 31.36 -12.55
N TRP A 1962 -33.16 31.53 -12.94
CA TRP A 1962 -33.62 32.77 -13.57
C TRP A 1962 -33.88 33.89 -12.57
N ASP A 1963 -33.44 33.74 -11.33
CA ASP A 1963 -33.62 34.80 -10.34
C ASP A 1963 -32.96 36.10 -10.79
N GLU A 1964 -31.84 36.02 -11.52
CA GLU A 1964 -31.20 37.20 -12.09
C GLU A 1964 -31.61 37.47 -13.52
N LEU A 1965 -32.30 36.53 -14.18
CA LEU A 1965 -32.72 36.74 -15.56
C LEU A 1965 -33.77 37.83 -15.70
N TRP A 1966 -34.54 38.08 -14.64
CA TRP A 1966 -35.55 39.14 -14.70
C TRP A 1966 -34.90 40.50 -14.96
N LEU A 1967 -33.90 40.85 -14.17
CA LEU A 1967 -33.20 42.11 -14.37
C LEU A 1967 -32.47 42.13 -15.71
N GLY A 1968 -31.90 40.99 -16.11
CA GLY A 1968 -31.21 40.93 -17.39
C GLY A 1968 -32.14 41.21 -18.56
N VAL A 1969 -33.37 40.71 -18.49
CA VAL A 1969 -34.32 40.95 -19.57
C VAL A 1969 -34.93 42.34 -19.46
N LEU A 1970 -35.07 42.88 -18.25
CA LEU A 1970 -35.61 44.22 -18.09
C LEU A 1970 -34.61 45.29 -18.50
N LEU A 1971 -33.31 45.01 -18.44
CA LEU A 1971 -32.29 45.97 -18.84
C LEU A 1971 -32.29 46.24 -20.34
N GLN A 1972 -33.16 45.58 -21.11
CA GLN A 1972 -33.26 45.81 -22.54
C GLN A 1972 -34.14 47.00 -22.90
N GLN A 1973 -34.39 47.89 -21.93
CA GLN A 1973 -35.22 49.07 -22.13
C GLN A 1973 -34.39 50.35 -22.11
N HIS A 1974 -33.18 50.29 -22.69
CA HIS A 1974 -32.32 51.47 -22.74
C HIS A 1974 -33.03 52.63 -23.41
N MET A 1975 -33.87 52.35 -24.40
CA MET A 1975 -34.63 53.38 -25.08
C MET A 1975 -36.12 53.12 -25.12
N TYR A 1976 -36.58 51.93 -24.71
CA TYR A 1976 -38.01 51.65 -24.72
C TYR A 1976 -38.73 52.43 -23.62
N VAL A 1977 -38.22 52.36 -22.39
CA VAL A 1977 -38.82 53.11 -21.29
C VAL A 1977 -38.72 54.61 -21.55
N LEU A 1978 -37.60 55.05 -22.13
CA LEU A 1978 -37.45 56.46 -22.46
C LEU A 1978 -38.45 56.90 -23.52
N ARG A 1979 -38.65 56.06 -24.54
CA ARG A 1979 -39.64 56.39 -25.57
C ARG A 1979 -41.05 56.42 -24.99
N ARG A 1980 -41.36 55.50 -24.08
CA ARG A 1980 -42.66 55.50 -23.43
C ARG A 1980 -42.86 56.76 -22.59
N ILE A 1981 -41.82 57.18 -21.86
CA ILE A 1981 -41.92 58.40 -21.07
C ILE A 1981 -42.10 59.61 -21.98
N GLN A 1982 -41.39 59.64 -23.11
CA GLN A 1982 -41.54 60.74 -24.05
C GLN A 1982 -42.96 60.79 -24.60
N GLN A 1983 -43.51 59.64 -24.97
CA GLN A 1983 -44.88 59.61 -25.48
C GLN A 1983 -45.88 60.02 -24.41
N LEU A 1984 -45.66 59.62 -23.16
CA LEU A 1984 -46.54 60.02 -22.07
C LEU A 1984 -46.48 61.54 -21.87
N GLU A 1985 -45.28 62.11 -21.92
CA GLU A 1985 -45.15 63.56 -21.80
C GLU A 1985 -45.83 64.28 -22.95
N ASP A 1986 -45.71 63.75 -24.17
CA ASP A 1986 -46.39 64.36 -25.31
C ASP A 1986 -47.90 64.30 -25.15
N GLU A 1987 -48.41 63.16 -24.68
CA GLU A 1987 -49.84 63.03 -24.46
C GLU A 1987 -50.33 64.00 -23.38
N VAL A 1988 -49.54 64.16 -22.32
CA VAL A 1988 -49.90 65.11 -21.27
C VAL A 1988 -49.90 66.53 -21.82
N LYS A 1989 -48.93 66.86 -22.67
CA LYS A 1989 -48.90 68.18 -23.29
C LYS A 1989 -50.13 68.39 -24.17
N ARG A 1990 -50.54 67.36 -24.91
CA ARG A 1990 -51.74 67.47 -25.73
C ARG A 1990 -52.96 67.71 -24.87
N VAL A 1991 -53.17 66.88 -23.85
CA VAL A 1991 -54.31 67.02 -22.96
C VAL A 1991 -54.17 68.28 -22.11
N GLU A 2008 -56.26 53.26 -22.60
CA GLU A 2008 -54.88 53.11 -22.14
C GLU A 2008 -53.94 52.79 -23.29
N LYS A 2009 -53.07 53.73 -23.63
CA LYS A 2009 -52.11 53.58 -24.71
C LYS A 2009 -50.67 53.53 -24.22
N HIS A 2010 -50.26 54.49 -23.39
CA HIS A 2010 -48.90 54.49 -22.87
C HIS A 2010 -48.73 53.48 -21.74
N THR A 2011 -49.77 53.29 -20.93
CA THR A 2011 -49.68 52.33 -19.83
C THR A 2011 -49.64 50.90 -20.36
N ALA A 2012 -50.35 50.61 -21.44
CA ALA A 2012 -50.39 49.28 -22.03
C ALA A 2012 -49.37 49.11 -23.15
N LEU A 2013 -48.34 49.95 -23.21
CA LEU A 2013 -47.32 49.84 -24.24
C LEU A 2013 -46.22 48.86 -23.88
N MET A 2014 -46.05 48.55 -22.59
CA MET A 2014 -45.04 47.60 -22.13
C MET A 2014 -45.62 46.24 -21.81
N LYS A 2015 -46.62 45.80 -22.59
CA LYS A 2015 -47.26 44.52 -22.31
C LYS A 2015 -46.25 43.37 -22.26
N PRO A 2016 -45.20 43.34 -23.08
CA PRO A 2016 -44.23 42.24 -22.96
C PRO A 2016 -43.47 42.27 -21.65
N ILE A 2017 -43.07 43.45 -21.19
CA ILE A 2017 -42.37 43.55 -19.90
C ILE A 2017 -43.30 43.11 -18.77
N VAL A 2018 -44.58 43.48 -18.84
CA VAL A 2018 -45.53 43.06 -17.82
C VAL A 2018 -45.71 41.55 -17.85
N PHE A 2019 -45.80 40.97 -19.05
CA PHE A 2019 -45.93 39.53 -19.17
C PHE A 2019 -44.71 38.82 -18.57
N ALA A 2020 -43.52 39.36 -18.82
CA ALA A 2020 -42.31 38.76 -18.26
C ALA A 2020 -42.28 38.90 -16.73
N LEU A 2021 -42.67 40.05 -16.20
CA LEU A 2021 -42.67 40.24 -14.76
C LEU A 2021 -43.72 39.36 -14.08
N GLU A 2022 -44.78 39.02 -14.81
CA GLU A 2022 -45.77 38.10 -14.27
C GLU A 2022 -45.30 36.65 -14.36
N HIS A 2023 -44.60 36.30 -15.44
CA HIS A 2023 -44.08 34.94 -15.59
C HIS A 2023 -43.00 34.65 -14.56
N VAL A 2024 -42.15 35.63 -14.27
CA VAL A 2024 -41.09 35.43 -13.29
C VAL A 2024 -41.67 35.06 -11.93
N ARG A 2025 -42.84 35.62 -11.60
CA ARG A 2025 -43.49 35.27 -10.34
C ARG A 2025 -44.27 33.96 -10.46
N SER A 2026 -44.90 33.71 -11.62
CA SER A 2026 -45.62 32.47 -11.81
C SER A 2026 -44.71 31.26 -11.70
N ILE A 2027 -43.43 31.41 -12.10
CA ILE A 2027 -42.46 30.34 -11.99
C ILE A 2027 -41.76 30.32 -10.64
N THR A 2028 -41.74 31.44 -9.92
CA THR A 2028 -41.10 31.52 -8.61
C THR A 2028 -42.14 31.29 -7.52
N ALA A 2029 -41.96 30.23 -6.74
CA ALA A 2029 -42.87 29.90 -5.65
C ALA A 2029 -42.31 28.71 -4.88
N ALA A 2030 -42.81 28.54 -3.67
CA ALA A 2030 -42.38 27.44 -2.81
C ALA A 2030 -43.32 26.26 -2.93
N GLU A 2037 -30.67 26.31 0.46
CA GLU A 2037 -31.25 27.65 0.43
C GLU A 2037 -32.54 27.67 -0.37
N LYS A 2038 -33.18 26.50 -0.48
CA LYS A 2038 -34.44 26.42 -1.21
C LYS A 2038 -35.45 27.41 -0.65
N TRP A 2039 -35.44 27.63 0.67
CA TRP A 2039 -36.30 28.64 1.28
C TRP A 2039 -35.77 30.06 1.09
N PHE A 2040 -34.51 30.20 0.64
CA PHE A 2040 -33.95 31.53 0.42
C PHE A 2040 -34.34 32.11 -0.93
N GLN A 2041 -34.50 31.27 -1.95
CA GLN A 2041 -34.89 31.77 -3.26
C GLN A 2041 -36.23 32.50 -3.22
N ASP A 2042 -37.10 32.12 -2.29
CA ASP A 2042 -38.37 32.82 -2.08
C ASP A 2042 -38.33 33.77 -0.88
N ASN A 2043 -37.31 33.68 -0.04
CA ASN A 2043 -37.14 34.60 1.07
C ASN A 2043 -35.97 35.55 0.90
N TYR A 2044 -35.11 35.32 -0.09
CA TYR A 2044 -34.00 36.22 -0.40
C TYR A 2044 -34.12 36.83 -1.79
N GLY A 2045 -34.48 36.03 -2.80
CA GLY A 2045 -34.74 36.54 -4.12
C GLY A 2045 -36.17 37.03 -4.27
N ASP A 2046 -37.11 36.24 -3.76
CA ASP A 2046 -38.52 36.59 -3.75
C ASP A 2046 -38.90 37.42 -2.52
N ALA A 2047 -37.93 37.82 -1.71
CA ALA A 2047 -38.23 38.63 -0.53
C ALA A 2047 -38.87 39.95 -0.93
N ILE A 2048 -38.41 40.54 -2.04
CA ILE A 2048 -38.95 41.80 -2.54
C ILE A 2048 -39.58 41.64 -3.92
N GLU A 2049 -39.65 40.42 -4.44
CA GLU A 2049 -40.26 40.20 -5.74
C GLU A 2049 -41.73 40.62 -5.72
N ASN A 2050 -42.42 40.37 -4.62
CA ASN A 2050 -43.81 40.80 -4.50
C ASN A 2050 -43.95 42.31 -4.48
N ALA A 2051 -42.89 43.04 -4.14
CA ALA A 2051 -42.91 44.50 -4.14
C ALA A 2051 -42.16 45.12 -5.31
N LEU A 2052 -41.30 44.35 -5.99
CA LEU A 2052 -40.57 44.88 -7.13
C LEU A 2052 -41.50 45.28 -8.27
N GLU A 2053 -42.70 44.72 -8.33
CA GLU A 2053 -43.68 45.04 -9.35
C GLU A 2053 -44.74 46.02 -8.86
N LYS A 2054 -44.40 46.85 -7.88
CA LYS A 2054 -45.35 47.81 -7.34
C LYS A 2054 -45.86 48.75 -8.43
N LEU A 2055 -44.94 49.44 -9.11
CA LEU A 2055 -45.32 50.35 -10.18
C LEU A 2055 -45.30 49.69 -11.55
N LYS A 2056 -44.41 48.70 -11.75
CA LYS A 2056 -44.33 48.04 -13.06
C LYS A 2056 -45.62 47.32 -13.40
N THR A 2057 -46.34 46.81 -12.39
CA THR A 2057 -47.59 46.09 -12.67
C THR A 2057 -48.67 47.04 -13.17
N PRO A 2058 -49.11 48.04 -12.39
CA PRO A 2058 -50.16 48.94 -12.89
C PRO A 2058 -49.67 49.95 -13.92
N LEU A 2059 -48.38 50.26 -13.94
CA LEU A 2059 -47.83 51.22 -14.89
C LEU A 2059 -46.84 50.54 -15.85
N SER A 2067 -43.13 56.45 -16.68
CA SER A 2067 -41.77 56.55 -16.16
C SER A 2067 -41.19 55.16 -15.88
N TRP A 2068 -41.84 54.43 -14.98
CA TRP A 2068 -41.41 53.09 -14.61
C TRP A 2068 -40.06 53.12 -13.88
N ILE A 2069 -39.87 54.09 -13.00
CA ILE A 2069 -38.64 54.24 -12.24
C ILE A 2069 -38.49 53.09 -11.24
N PRO A 2070 -39.57 52.61 -10.60
CA PRO A 2070 -39.42 51.48 -9.68
C PRO A 2070 -39.09 50.19 -10.41
N PHE A 2071 -37.87 50.09 -10.93
CA PHE A 2071 -37.44 48.90 -11.66
C PHE A 2071 -36.09 48.36 -11.21
N LYS A 2072 -35.24 49.17 -10.57
CA LYS A 2072 -33.94 48.70 -10.09
C LYS A 2072 -34.04 47.96 -8.77
N GLU A 2073 -35.19 47.96 -8.11
CA GLU A 2073 -35.34 47.26 -6.84
C GLU A 2073 -34.97 45.79 -6.98
N ILE A 2074 -35.69 45.07 -7.84
CA ILE A 2074 -35.39 43.66 -8.03
C ILE A 2074 -34.06 43.48 -8.75
N MET A 2075 -33.67 44.44 -9.59
CA MET A 2075 -32.41 44.32 -10.31
C MET A 2075 -31.21 44.33 -9.37
N LEU A 2076 -31.31 45.03 -8.24
CA LEU A 2076 -30.23 45.08 -7.27
C LEU A 2076 -30.42 44.13 -6.09
N SER A 2077 -31.66 43.74 -5.78
CA SER A 2077 -31.87 42.81 -4.69
C SER A 2077 -31.20 41.47 -4.96
N LEU A 2078 -31.06 41.09 -6.24
CA LEU A 2078 -30.38 39.86 -6.62
C LEU A 2078 -28.97 40.09 -7.12
N GLN A 2079 -28.70 41.23 -7.77
CA GLN A 2079 -27.35 41.51 -8.24
C GLN A 2079 -26.41 41.81 -7.08
N GLN A 2080 -26.87 42.60 -6.11
CA GLN A 2080 -26.02 42.90 -4.96
C GLN A 2080 -25.74 41.66 -4.13
N ARG A 2081 -26.69 40.73 -4.07
CA ARG A 2081 -26.47 39.49 -3.32
C ARG A 2081 -25.29 38.72 -3.88
N ALA A 2082 -25.20 38.63 -5.21
CA ALA A 2082 -24.07 37.93 -5.83
C ALA A 2082 -22.80 38.76 -5.72
N GLN A 2083 -22.90 40.07 -5.94
CA GLN A 2083 -21.74 40.95 -5.88
C GLN A 2083 -21.16 41.09 -4.48
N LYS A 2084 -21.89 40.66 -3.45
CA LYS A 2084 -21.37 40.75 -2.08
C LYS A 2084 -20.03 40.05 -1.95
N ARG A 2085 -19.83 38.95 -2.69
CA ARG A 2085 -18.58 38.21 -2.67
C ARG A 2085 -18.14 37.96 -4.11
N ALA A 2086 -16.95 37.39 -4.25
CA ALA A 2086 -16.42 37.07 -5.59
C ALA A 2086 -16.94 35.74 -6.08
N SER A 2087 -16.68 34.67 -5.33
CA SER A 2087 -17.16 33.33 -5.68
C SER A 2087 -18.47 33.03 -4.94
N TYR A 2088 -19.46 33.89 -5.18
CA TYR A 2088 -20.76 33.76 -4.53
C TYR A 2088 -21.44 32.49 -5.00
N ILE A 2089 -21.51 31.49 -4.13
CA ILE A 2089 -22.11 30.20 -4.46
C ILE A 2089 -22.49 29.51 -3.16
N LEU A 2090 -23.58 28.76 -3.19
CA LEU A 2090 -24.07 28.03 -2.03
C LEU A 2090 -23.69 26.55 -2.15
N ARG A 2091 -23.65 25.88 -1.00
CA ARG A 2091 -23.30 24.47 -0.94
C ARG A 2091 -24.48 23.64 -1.42
N LEU A 2092 -24.37 22.32 -1.30
CA LEU A 2092 -25.44 21.42 -1.73
C LEU A 2092 -26.73 21.62 -0.95
N GLU A 2093 -26.70 22.40 0.14
CA GLU A 2093 -27.89 22.76 0.89
C GLU A 2093 -28.74 23.82 0.20
N GLU A 2094 -28.43 24.08 -1.07
CA GLU A 2094 -29.13 25.10 -1.86
C GLU A 2094 -30.46 24.56 -2.37
N ILE A 2095 -31.06 25.26 -3.34
CA ILE A 2095 -32.35 24.88 -3.88
C ILE A 2095 -32.40 23.39 -4.20
N SER A 2096 -31.26 22.77 -4.47
CA SER A 2096 -31.21 21.34 -4.75
C SER A 2096 -30.49 20.62 -3.61
N PRO A 2097 -31.13 20.47 -2.45
CA PRO A 2097 -30.46 19.81 -1.32
C PRO A 2097 -30.36 18.30 -1.46
N TRP A 2098 -31.03 17.70 -2.45
CA TRP A 2098 -30.96 16.26 -2.61
C TRP A 2098 -29.52 15.79 -2.80
N LEU A 2099 -28.70 16.60 -3.47
CA LEU A 2099 -27.29 16.24 -3.65
C LEU A 2099 -26.62 16.01 -2.30
N ALA A 2100 -26.69 17.00 -1.40
CA ALA A 2100 -26.14 16.82 -0.06
C ALA A 2100 -26.85 15.70 0.69
N ALA A 2101 -28.11 15.43 0.35
CA ALA A 2101 -28.86 14.36 1.00
C ALA A 2101 -28.63 13.00 0.37
N MET A 2102 -28.29 12.94 -0.92
CA MET A 2102 -28.05 11.68 -1.61
C MET A 2102 -26.67 11.16 -1.22
N THR A 2103 -26.62 10.49 -0.08
CA THR A 2103 -25.38 9.95 0.45
C THR A 2103 -24.92 8.70 -0.28
N ASN A 2104 -25.73 8.15 -1.19
CA ASN A 2104 -25.34 6.98 -1.95
C ASN A 2104 -26.30 6.74 -3.11
N THR A 2105 -25.75 6.53 -4.31
CA THR A 2105 -26.57 6.26 -5.48
C THR A 2105 -25.86 5.25 -6.37
N GLU A 2106 -26.62 4.64 -7.27
CA GLU A 2106 -26.07 3.65 -8.17
C GLU A 2106 -25.19 4.32 -9.23
N ILE A 2107 -24.45 3.48 -9.97
CA ILE A 2107 -23.58 4.01 -11.01
C ILE A 2107 -24.42 4.73 -12.06
N ALA A 2108 -23.97 5.93 -12.44
CA ALA A 2108 -24.69 6.75 -13.41
C ALA A 2108 -23.87 7.11 -14.63
N LEU A 2109 -22.54 7.23 -14.49
CA LEU A 2109 -21.69 7.59 -15.62
C LEU A 2109 -22.10 8.95 -16.19
N PRO A 2110 -21.87 10.04 -15.45
CA PRO A 2110 -22.28 11.35 -15.95
C PRO A 2110 -21.44 11.83 -17.12
N GLY A 2111 -21.65 11.26 -18.30
CA GLY A 2111 -20.89 11.65 -19.47
C GLY A 2111 -19.53 10.99 -19.53
N GLU A 2112 -19.51 9.66 -19.56
CA GLU A 2112 -18.27 8.92 -19.62
C GLU A 2112 -18.60 7.48 -20.00
N VAL A 2113 -17.57 6.76 -20.45
CA VAL A 2113 -17.73 5.37 -20.86
C VAL A 2113 -16.93 4.45 -19.96
N VAL A 2119 -19.27 5.70 -14.39
CA VAL A 2119 -19.10 4.50 -13.57
C VAL A 2119 -18.75 4.89 -12.14
N THR A 2120 -18.47 6.18 -11.93
CA THR A 2120 -18.11 6.72 -10.61
C THR A 2120 -19.02 7.91 -10.32
N ILE A 2121 -20.23 7.62 -9.84
CA ILE A 2121 -21.18 8.64 -9.41
C ILE A 2121 -21.66 8.28 -8.01
N HIS A 2122 -20.77 7.65 -7.24
CA HIS A 2122 -21.16 6.88 -6.06
C HIS A 2122 -22.21 7.56 -5.19
N SER A 2123 -21.87 8.66 -4.51
CA SER A 2123 -22.82 9.31 -3.63
C SER A 2123 -23.14 10.74 -4.04
N VAL A 2124 -22.15 11.64 -4.03
CA VAL A 2124 -22.39 13.05 -4.31
C VAL A 2124 -21.05 13.75 -4.43
N GLY A 2125 -21.04 14.87 -5.15
CA GLY A 2125 -19.88 15.74 -5.14
C GLY A 2125 -19.73 16.47 -3.82
N GLY A 2126 -18.66 17.25 -3.73
CA GLY A 2126 -18.36 17.97 -2.50
C GLY A 2126 -19.07 19.30 -2.37
N THR A 2127 -18.86 20.20 -3.33
CA THR A 2127 -19.48 21.51 -3.31
C THR A 2127 -19.51 22.06 -4.73
N ILE A 2128 -20.09 23.26 -4.86
CA ILE A 2128 -20.22 23.92 -6.14
C ILE A 2128 -19.62 25.33 -6.05
N THR A 2129 -19.43 25.94 -7.21
CA THR A 2129 -18.89 27.28 -7.31
C THR A 2129 -19.56 28.00 -8.46
N ILE A 2130 -19.60 29.33 -8.37
CA ILE A 2130 -20.27 30.15 -9.36
C ILE A 2130 -19.30 30.52 -10.49
N LEU A 2131 -18.06 30.05 -10.38
CA LEU A 2131 -17.04 30.33 -11.39
C LEU A 2131 -16.91 31.83 -11.61
N PRO A 2132 -16.31 32.56 -10.68
CA PRO A 2132 -16.18 34.02 -10.87
C PRO A 2132 -15.36 34.41 -12.08
N THR A 2133 -14.69 33.46 -12.74
CA THR A 2133 -13.90 33.80 -13.93
C THR A 2133 -14.77 34.43 -15.00
N LYS A 2134 -15.80 33.70 -15.44
CA LYS A 2134 -16.71 34.19 -16.48
C LYS A 2134 -18.13 33.85 -16.05
N THR A 2135 -19.09 34.11 -16.94
CA THR A 2135 -20.50 33.84 -16.69
C THR A 2135 -21.01 32.86 -17.73
N LYS A 2136 -21.61 31.77 -17.26
CA LYS A 2136 -21.76 31.53 -15.83
C LYS A 2136 -21.85 30.03 -15.54
N PRO A 2137 -20.71 29.42 -15.21
CA PRO A 2137 -20.69 27.99 -14.92
C PRO A 2137 -20.89 27.71 -13.44
N LYS A 2138 -21.01 26.42 -13.13
CA LYS A 2138 -21.19 25.96 -11.74
C LYS A 2138 -20.46 24.63 -11.61
N LYS A 2139 -19.22 24.69 -11.12
CA LYS A 2139 -18.42 23.48 -10.95
C LYS A 2139 -18.94 22.68 -9.76
N LEU A 2140 -18.93 21.35 -9.90
CA LEU A 2140 -19.40 20.48 -8.83
C LEU A 2140 -18.80 19.10 -9.04
N LEU A 2141 -18.06 18.61 -8.05
CA LEU A 2141 -17.48 17.28 -8.12
C LEU A 2141 -18.56 16.22 -7.96
N PHE A 2142 -18.14 14.96 -7.95
CA PHE A 2142 -19.04 13.84 -7.70
C PHE A 2142 -18.50 12.80 -6.72
N LEU A 2143 -17.18 12.73 -6.52
CA LEU A 2143 -16.58 11.76 -5.59
C LEU A 2143 -17.01 10.34 -5.93
N GLY A 2144 -17.09 10.04 -7.22
CA GLY A 2144 -17.49 8.71 -7.66
C GLY A 2144 -16.56 7.63 -7.15
N SER A 2145 -17.05 6.39 -7.27
CA SER A 2145 -16.29 5.23 -6.83
C SER A 2145 -15.00 5.08 -7.64
N SER A 2149 -13.96 14.38 -7.08
CA SER A 2149 -12.94 13.69 -7.86
C SER A 2149 -13.18 13.87 -9.35
N TYR A 2150 -14.45 13.99 -9.74
CA TYR A 2150 -14.86 14.16 -11.13
C TYR A 2150 -15.62 15.47 -11.25
N PRO A 2151 -14.94 16.58 -11.48
CA PRO A 2151 -15.63 17.87 -11.53
C PRO A 2151 -16.46 18.01 -12.80
N TYR A 2152 -17.47 18.88 -12.72
CA TYR A 2152 -18.34 19.20 -13.84
C TYR A 2152 -18.72 20.67 -13.75
N LEU A 2153 -19.66 21.09 -14.57
CA LEU A 2153 -20.12 22.47 -14.55
C LEU A 2153 -21.42 22.58 -15.33
N PHE A 2154 -22.21 23.61 -15.00
CA PHE A 2154 -23.46 23.90 -15.68
C PHE A 2154 -23.29 25.10 -16.59
N LYS A 2155 -24.21 25.21 -17.56
CA LYS A 2155 -24.20 26.30 -18.53
C LYS A 2155 -25.65 26.65 -18.85
N GLY A 2156 -26.18 27.67 -18.17
CA GLY A 2156 -27.53 28.11 -18.43
C GLY A 2156 -27.60 29.03 -19.64
N LEU A 2157 -28.70 28.93 -20.38
CA LEU A 2157 -28.91 29.72 -21.58
C LEU A 2157 -27.82 29.45 -22.61
N GLU A 2158 -27.53 28.17 -22.82
CA GLU A 2158 -26.52 27.74 -23.78
C GLU A 2158 -26.91 26.38 -24.32
N ASP A 2159 -27.03 26.28 -25.64
CA ASP A 2159 -27.42 25.03 -26.30
C ASP A 2159 -26.19 24.13 -26.38
N LEU A 2160 -26.00 23.32 -25.33
CA LEU A 2160 -24.88 22.40 -25.30
C LEU A 2160 -25.19 21.13 -26.08
N HIS A 2161 -25.61 21.30 -27.34
CA HIS A 2161 -25.85 20.18 -28.24
C HIS A 2161 -24.84 20.13 -29.38
N LEU A 2162 -24.56 21.26 -30.01
CA LEU A 2162 -23.48 21.31 -30.99
C LEU A 2162 -22.14 20.99 -30.35
N ASP A 2163 -21.96 21.36 -29.07
CA ASP A 2163 -20.75 20.99 -28.36
C ASP A 2163 -20.62 19.48 -28.23
N GLU A 2164 -21.73 18.80 -27.94
CA GLU A 2164 -21.72 17.34 -27.89
C GLU A 2164 -21.40 16.71 -29.24
N ARG A 2165 -21.93 17.27 -30.33
CA ARG A 2165 -21.59 16.78 -31.66
C ARG A 2165 -20.11 16.99 -31.98
N ILE A 2166 -19.56 18.14 -31.60
CA ILE A 2166 -18.14 18.38 -31.83
C ILE A 2166 -17.27 17.45 -30.99
N MET A 2167 -17.69 17.15 -29.76
CA MET A 2167 -16.94 16.19 -28.95
C MET A 2167 -17.03 14.79 -29.52
N GLN A 2168 -18.19 14.41 -30.05
CA GLN A 2168 -18.29 13.12 -30.73
C GLN A 2168 -17.38 13.08 -31.96
N PHE A 2169 -17.32 14.18 -32.71
CA PHE A 2169 -16.43 14.24 -33.86
C PHE A 2169 -14.97 14.11 -33.43
N LEU A 2170 -14.60 14.77 -32.33
CA LEU A 2170 -13.23 14.65 -31.82
C LEU A 2170 -12.93 13.23 -31.37
N SER A 2171 -13.90 12.56 -30.75
CA SER A 2171 -13.72 11.17 -30.36
C SER A 2171 -13.52 10.28 -31.59
N ILE A 2172 -14.33 10.50 -32.63
CA ILE A 2172 -14.17 9.73 -33.86
C ILE A 2172 -12.79 9.98 -34.47
N VAL A 2173 -12.34 11.22 -34.45
CA VAL A 2173 -11.01 11.55 -34.98
C VAL A 2173 -9.93 10.80 -34.19
N ASN A 2174 -9.98 10.90 -32.86
CA ASN A 2174 -9.02 10.19 -32.03
C ASN A 2174 -9.03 8.70 -32.31
N THR A 2175 -10.21 8.13 -32.52
CA THR A 2175 -10.30 6.72 -32.90
C THR A 2175 -9.65 6.48 -34.26
N MET A 2176 -9.71 7.46 -35.15
CA MET A 2176 -9.03 7.36 -36.43
C MET A 2176 -7.51 7.34 -36.26
N PHE A 2177 -6.99 7.82 -35.13
CA PHE A 2177 -5.56 7.82 -34.88
C PHE A 2177 -5.08 6.57 -34.16
N ALA A 2178 -5.98 5.83 -33.52
CA ALA A 2178 -5.57 4.62 -32.81
C ALA A 2178 -4.84 3.65 -33.74
N THR A 2179 -5.22 3.62 -35.01
CA THR A 2179 -4.51 2.76 -35.96
C THR A 2179 -3.06 3.16 -36.11
N ILE A 2180 -2.75 4.45 -35.89
CA ILE A 2180 -1.40 4.97 -35.99
C ILE A 2180 -0.86 5.43 -34.64
N ASN A 2181 -1.64 5.27 -33.57
CA ASN A 2181 -1.20 5.65 -32.23
C ASN A 2181 -0.41 4.52 -31.57
N ARG A 2182 0.58 4.01 -32.29
CA ARG A 2182 1.49 2.97 -31.78
C ARG A 2182 2.92 3.43 -32.02
N GLN A 2183 3.45 4.23 -31.10
CA GLN A 2183 4.83 4.68 -31.11
C GLN A 2183 5.25 5.18 -32.50
N GLU A 2184 4.66 6.31 -32.92
CA GLU A 2184 3.66 7.11 -32.20
C GLU A 2184 3.93 7.35 -30.71
N THR A 2185 5.16 7.69 -30.36
CA THR A 2185 5.45 8.03 -28.97
C THR A 2185 4.61 9.23 -28.52
N PRO A 2186 4.65 10.37 -29.20
CA PRO A 2186 3.66 11.43 -28.91
C PRO A 2186 2.30 11.03 -29.45
N ARG A 2187 1.58 10.20 -28.70
CA ARG A 2187 0.31 9.65 -29.17
C ARG A 2187 -0.62 10.74 -29.68
N PHE A 2188 -1.20 10.52 -30.85
CA PHE A 2188 -2.18 11.44 -31.43
C PHE A 2188 -3.48 11.32 -30.64
N HIS A 2189 -3.86 12.38 -29.95
CA HIS A 2189 -5.08 12.37 -29.16
C HIS A 2189 -5.54 13.81 -28.94
N ALA A 2190 -6.69 14.16 -29.52
CA ALA A 2190 -7.28 15.48 -29.29
C ALA A 2190 -8.03 15.46 -27.97
N ARG A 2191 -7.61 16.29 -27.03
CA ARG A 2191 -8.22 16.32 -25.70
C ARG A 2191 -9.73 16.51 -25.82
N HIS A 2192 -10.46 15.67 -25.11
CA HIS A 2192 -11.92 15.67 -25.16
C HIS A 2192 -12.49 16.66 -24.15
N TYR A 2193 -13.81 16.82 -24.20
CA TYR A 2193 -14.52 17.71 -23.30
C TYR A 2193 -15.90 17.10 -23.07
N SER A 2194 -16.04 16.35 -21.98
CA SER A 2194 -17.27 15.59 -21.72
C SER A 2194 -18.41 16.58 -21.49
N VAL A 2195 -19.30 16.68 -22.48
CA VAL A 2195 -20.45 17.57 -22.41
C VAL A 2195 -21.71 16.71 -22.44
N THR A 2196 -22.63 16.98 -21.52
CA THR A 2196 -23.90 16.26 -21.43
C THR A 2196 -25.04 17.26 -21.48
N PRO A 2197 -25.78 17.37 -22.58
CA PRO A 2197 -26.86 18.35 -22.66
C PRO A 2197 -28.04 17.93 -21.80
N LEU A 2198 -28.46 18.82 -20.90
CA LEU A 2198 -29.61 18.60 -20.04
C LEU A 2198 -30.83 19.39 -20.50
N GLY A 2199 -31.00 19.54 -21.81
CA GLY A 2199 -32.08 20.31 -22.38
C GLY A 2199 -31.58 21.54 -23.10
N THR A 2200 -32.49 22.17 -23.84
CA THR A 2200 -32.16 23.37 -24.59
C THR A 2200 -31.70 24.47 -23.65
N ARG A 2201 -30.60 25.13 -24.02
CA ARG A 2201 -30.03 26.22 -23.23
C ARG A 2201 -29.50 25.75 -21.89
N SER A 2202 -29.02 24.51 -21.82
CA SER A 2202 -28.48 23.94 -20.60
C SER A 2202 -27.37 22.96 -20.97
N GLY A 2203 -26.91 22.19 -19.98
CA GLY A 2203 -25.86 21.22 -20.21
C GLY A 2203 -24.98 20.99 -18.99
N LEU A 2204 -24.52 19.76 -18.82
CA LEU A 2204 -23.65 19.38 -17.70
C LEU A 2204 -22.36 18.79 -18.28
N ILE A 2205 -21.27 19.54 -18.15
CA ILE A 2205 -19.97 19.13 -18.68
C ILE A 2205 -18.96 19.11 -17.54
N GLN A 2206 -17.94 18.27 -17.70
CA GLN A 2206 -16.84 18.21 -16.74
C GLN A 2206 -15.98 19.45 -16.88
N TRP A 2207 -15.69 20.10 -15.76
CA TRP A 2207 -14.99 21.38 -15.78
C TRP A 2207 -13.66 21.27 -16.52
N VAL A 2208 -12.70 20.54 -15.95
CA VAL A 2208 -11.43 20.29 -16.63
C VAL A 2208 -10.63 19.24 -15.88
N ASP A 2209 -9.77 18.52 -16.58
CA ASP A 2209 -8.75 17.70 -15.95
C ASP A 2209 -7.59 18.60 -15.54
N GLY A 2210 -6.50 18.01 -15.06
CA GLY A 2210 -5.34 18.81 -14.71
C GLY A 2210 -4.77 19.53 -15.92
N ALA A 2211 -5.02 20.84 -16.00
CA ALA A 2211 -4.55 21.63 -17.14
C ALA A 2211 -4.54 23.10 -16.71
N THR A 2212 -3.34 23.67 -16.62
CA THR A 2212 -3.23 25.08 -16.29
C THR A 2212 -3.41 25.94 -17.54
N PRO A 2213 -4.18 27.02 -17.45
CA PRO A 2213 -4.38 27.89 -18.62
C PRO A 2213 -3.11 28.65 -18.95
N LEU A 2214 -3.03 29.08 -20.22
CA LEU A 2214 -1.89 29.87 -20.68
C LEU A 2214 -2.01 31.31 -20.21
N PHE A 2215 -3.23 31.87 -20.25
CA PHE A 2215 -3.43 33.21 -19.71
C PHE A 2215 -3.05 33.27 -18.23
N GLY A 2216 -3.19 32.16 -17.52
CA GLY A 2216 -2.74 32.14 -16.13
C GLY A 2216 -1.25 32.44 -16.01
N LEU A 2217 -0.43 31.72 -16.77
CA LEU A 2217 1.00 31.96 -16.73
C LEU A 2217 1.37 33.32 -17.31
N TYR A 2218 0.62 33.82 -18.29
CA TYR A 2218 0.88 35.15 -18.79
C TYR A 2218 0.63 36.22 -17.72
N LYS A 2219 -0.49 36.11 -17.00
CA LYS A 2219 -0.75 37.02 -15.90
C LYS A 2219 0.26 36.87 -14.78
N ARG A 2220 0.72 35.64 -14.54
CA ARG A 2220 1.77 35.44 -13.54
C ARG A 2220 3.06 36.16 -13.95
N TRP A 2221 3.44 36.07 -15.23
CA TRP A 2221 4.61 36.78 -15.70
C TRP A 2221 4.42 38.29 -15.58
N GLN A 2222 3.22 38.78 -15.91
CA GLN A 2222 2.97 40.21 -15.78
C GLN A 2222 3.08 40.67 -14.33
N GLN A 2223 2.55 39.87 -13.40
CA GLN A 2223 2.66 40.21 -11.99
C GLN A 2223 4.11 40.19 -11.52
N ARG A 2224 4.89 39.19 -11.97
CA ARG A 2224 6.29 39.14 -11.62
C ARG A 2224 7.06 40.34 -12.16
N GLU A 2225 6.76 40.76 -13.40
CA GLU A 2225 7.40 41.94 -13.95
C GLU A 2225 7.01 43.20 -13.18
N ALA A 2226 5.74 43.32 -12.82
CA ALA A 2226 5.30 44.48 -12.03
C ALA A 2226 6.01 44.50 -10.68
N ALA A 2227 6.16 43.34 -10.04
CA ALA A 2227 6.84 43.30 -8.76
C ALA A 2227 8.32 43.65 -8.90
N LEU A 2228 8.97 43.15 -9.95
CA LEU A 2228 10.38 43.48 -10.18
C LEU A 2228 10.55 44.97 -10.47
N GLN A 2229 9.59 45.59 -11.15
CA GLN A 2229 9.67 47.02 -11.41
C GLN A 2229 9.43 47.85 -10.17
N ALA A 2230 8.45 47.44 -9.34
CA ALA A 2230 8.18 48.18 -8.11
C ALA A 2230 9.37 48.15 -7.17
N GLN A 2231 10.03 46.99 -7.05
CA GLN A 2231 11.19 46.84 -6.18
C GLN A 2231 12.46 47.41 -6.79
N LYS A 2232 12.38 48.04 -7.96
CA LYS A 2232 13.56 48.60 -8.61
C LYS A 2232 13.97 49.91 -7.95
N ILE A 2245 -2.10 44.77 -11.05
CA ILE A 2245 -1.33 43.77 -11.78
C ILE A 2245 -0.61 44.37 -12.98
N VAL A 2246 -1.30 45.14 -13.82
CA VAL A 2246 -2.74 45.36 -13.74
C VAL A 2246 -3.54 44.23 -14.38
N PRO A 2247 -3.17 43.82 -15.60
CA PRO A 2247 -2.09 44.37 -16.44
C PRO A 2247 -2.43 45.69 -17.15
N ARG A 2248 -3.63 45.86 -17.70
CA ARG A 2248 -4.63 44.80 -17.81
C ARG A 2248 -4.48 44.07 -19.14
N PRO A 2249 -5.16 42.93 -19.28
CA PRO A 2249 -5.04 42.15 -20.53
C PRO A 2249 -5.54 42.90 -21.75
N SER A 2250 -6.58 43.72 -21.60
CA SER A 2250 -7.15 44.46 -22.72
C SER A 2250 -6.58 45.87 -22.83
N GLU A 2251 -6.52 46.59 -21.70
CA GLU A 2251 -6.02 47.96 -21.73
C GLU A 2251 -4.56 48.01 -22.18
N LEU A 2252 -3.81 46.91 -22.03
CA LEU A 2252 -2.42 46.91 -22.46
C LEU A 2252 -2.30 47.12 -23.95
N TYR A 2253 -3.28 46.67 -24.73
CA TYR A 2253 -3.24 46.89 -26.17
C TYR A 2253 -3.48 48.36 -26.51
N TYR A 2254 -4.49 48.96 -25.90
CA TYR A 2254 -4.79 50.37 -26.17
C TYR A 2254 -3.70 51.29 -25.65
N SER A 2255 -2.98 50.88 -24.61
CA SER A 2255 -1.93 51.73 -24.06
C SER A 2255 -0.82 51.98 -25.07
N LYS A 2256 -0.53 51.01 -25.93
CA LYS A 2256 0.52 51.14 -26.92
C LYS A 2256 -0.02 51.30 -28.34
N ILE A 2257 -1.32 51.53 -28.50
CA ILE A 2257 -1.92 51.74 -29.81
C ILE A 2257 -2.36 53.18 -30.03
N GLY A 2258 -2.39 54.01 -28.99
CA GLY A 2258 -2.78 55.39 -29.11
C GLY A 2258 -1.93 56.14 -30.13
N PRO A 2259 -0.63 56.19 -29.89
CA PRO A 2259 0.26 56.88 -30.84
C PRO A 2259 0.42 56.12 -32.14
N ALA A 2260 -0.64 56.11 -32.95
CA ALA A 2260 -0.61 55.41 -34.24
C ALA A 2260 -0.24 56.37 -35.36
N ARG A 2272 -11.13 55.00 -33.63
CA ARG A 2272 -11.96 54.62 -34.77
C ARG A 2272 -12.24 53.12 -34.77
N ARG A 2273 -11.59 52.40 -35.69
CA ARG A 2273 -11.75 50.96 -35.82
C ARG A 2273 -10.49 50.20 -35.41
N ASP A 2274 -9.35 50.50 -36.01
CA ASP A 2274 -9.23 51.51 -37.05
C ASP A 2274 -8.32 51.03 -38.18
N TRP A 2275 -8.07 51.91 -39.15
CA TRP A 2275 -7.14 51.63 -40.24
C TRP A 2275 -5.73 51.98 -39.80
N PRO A 2276 -4.92 51.00 -39.40
CA PRO A 2276 -3.65 51.32 -38.76
C PRO A 2276 -2.53 51.79 -39.69
N LEU A 2277 -2.34 51.18 -40.86
CA LEU A 2277 -3.09 50.03 -41.33
C LEU A 2277 -2.57 48.65 -40.89
N HIS A 2278 -1.26 48.32 -40.94
CA HIS A 2278 -0.09 49.18 -41.21
C HIS A 2278 0.33 49.96 -39.97
N VAL A 2279 -0.43 49.81 -38.88
CA VAL A 2279 0.03 50.23 -37.57
C VAL A 2279 -0.13 49.14 -36.51
N MET A 2280 -1.04 48.18 -36.68
CA MET A 2280 -1.17 47.09 -35.71
C MET A 2280 -0.01 46.12 -35.80
N LYS A 2281 0.56 45.94 -37.00
CA LYS A 2281 1.73 45.09 -37.14
C LYS A 2281 2.93 45.64 -36.39
N ALA A 2282 2.92 46.92 -36.04
CA ALA A 2282 3.99 47.52 -35.26
C ALA A 2282 3.75 47.38 -33.76
N VAL A 2283 2.50 47.58 -33.31
CA VAL A 2283 2.18 47.36 -31.91
C VAL A 2283 2.35 45.90 -31.55
N LEU A 2284 2.02 44.99 -32.47
CA LEU A 2284 2.23 43.57 -32.23
C LEU A 2284 3.71 43.28 -31.98
N GLU A 2285 4.59 43.85 -32.80
CA GLU A 2285 6.03 43.67 -32.60
C GLU A 2285 6.47 44.27 -31.28
N GLU A 2286 6.04 45.50 -31.00
CA GLU A 2286 6.42 46.15 -29.75
C GLU A 2286 5.99 45.34 -28.54
N LEU A 2287 4.86 44.64 -28.63
CA LEU A 2287 4.40 43.79 -27.53
C LEU A 2287 5.22 42.50 -27.47
N MET A 2288 5.44 41.86 -28.61
CA MET A 2288 6.23 40.62 -28.61
C MET A 2288 7.67 40.89 -28.20
N GLU A 2289 8.24 42.04 -28.61
CA GLU A 2289 9.59 42.37 -28.22
C GLU A 2289 9.74 42.55 -26.72
N ALA A 2290 8.64 42.74 -26.00
CA ALA A 2290 8.65 42.87 -24.55
C ALA A 2290 8.29 41.58 -23.84
N THR A 2291 7.20 40.93 -24.24
CA THR A 2291 6.81 39.67 -23.65
C THR A 2291 7.76 38.57 -24.10
N PRO A 2292 8.41 37.85 -23.18
CA PRO A 2292 9.35 36.80 -23.59
C PRO A 2292 8.62 35.66 -24.26
N PRO A 2293 9.17 35.14 -25.37
CA PRO A 2293 8.52 34.02 -26.06
C PRO A 2293 8.66 32.69 -25.34
N ASN A 2294 9.41 32.63 -24.24
CA ASN A 2294 9.64 31.40 -23.50
C ASN A 2294 8.79 31.32 -22.23
N LEU A 2295 7.64 32.01 -22.21
CA LEU A 2295 6.77 31.92 -21.04
C LEU A 2295 6.22 30.52 -20.87
N LEU A 2296 5.67 29.93 -21.94
CA LEU A 2296 5.19 28.56 -21.87
C LEU A 2296 6.33 27.56 -22.02
N ALA A 2297 7.36 27.90 -22.79
CA ALA A 2297 8.51 27.01 -22.94
C ALA A 2297 9.18 26.76 -21.59
N LYS A 2298 9.55 27.83 -20.89
CA LYS A 2298 10.10 27.68 -19.55
C LYS A 2298 9.07 27.09 -18.58
N GLU A 2299 7.78 27.28 -18.86
CA GLU A 2299 6.76 26.68 -18.00
C GLU A 2299 6.79 25.16 -18.07
N LEU A 2300 6.80 24.60 -19.28
CA LEU A 2300 6.95 23.16 -19.43
C LEU A 2300 8.35 22.67 -19.06
N TRP A 2301 9.34 23.56 -19.14
CA TRP A 2301 10.70 23.15 -18.82
C TRP A 2301 10.90 22.99 -17.32
N SER A 2302 10.42 23.97 -16.53
CA SER A 2302 10.51 23.86 -15.09
C SER A 2302 9.52 22.84 -14.53
N SER A 2303 8.41 22.62 -15.23
CA SER A 2303 7.39 21.67 -14.80
C SER A 2303 7.71 20.24 -15.14
N CYS A 2304 8.97 19.94 -15.50
CA CYS A 2304 9.42 18.59 -15.78
C CYS A 2304 10.45 18.21 -14.73
N THR A 2305 10.16 17.13 -13.98
CA THR A 2305 11.02 16.73 -12.88
C THR A 2305 12.41 16.31 -13.34
N THR A 2306 12.56 15.90 -14.58
CA THR A 2306 13.80 15.37 -15.12
C THR A 2306 14.10 15.97 -16.48
N PRO A 2307 15.35 15.92 -16.93
CA PRO A 2307 15.67 16.39 -18.28
C PRO A 2307 15.20 15.47 -19.38
N ASP A 2308 15.02 14.18 -19.09
CA ASP A 2308 14.48 13.24 -20.07
C ASP A 2308 12.96 13.32 -20.15
N GLU A 2309 12.29 13.44 -19.01
CA GLU A 2309 10.85 13.65 -19.02
C GLU A 2309 10.49 14.95 -19.73
N TRP A 2310 11.39 15.94 -19.70
CA TRP A 2310 11.13 17.19 -20.41
C TRP A 2310 10.97 16.96 -21.90
N TRP A 2311 11.82 16.11 -22.49
CA TRP A 2311 11.72 15.83 -23.92
C TRP A 2311 10.39 15.18 -24.27
N ARG A 2312 10.00 14.16 -23.50
CA ARG A 2312 8.75 13.48 -23.76
C ARG A 2312 7.57 14.44 -23.59
N VAL A 2313 7.62 15.30 -22.57
CA VAL A 2313 6.54 16.25 -22.34
C VAL A 2313 6.44 17.23 -23.50
N THR A 2314 7.58 17.74 -23.98
CA THR A 2314 7.56 18.67 -25.09
C THR A 2314 7.07 18.00 -26.37
N GLN A 2315 7.44 16.73 -26.58
CA GLN A 2315 6.97 16.03 -27.77
C GLN A 2315 5.46 15.81 -27.72
N SER A 2316 4.96 15.33 -26.58
CA SER A 2316 3.52 15.17 -26.43
C SER A 2316 2.79 16.51 -26.61
N TYR A 2317 3.37 17.59 -26.08
CA TYR A 2317 2.80 18.91 -26.29
C TYR A 2317 2.70 19.19 -27.78
N ALA A 2318 3.85 19.28 -28.45
CA ALA A 2318 3.88 19.57 -29.88
C ALA A 2318 2.85 18.73 -30.63
N ARG A 2319 2.74 17.44 -30.30
CA ARG A 2319 1.81 16.57 -31.02
C ARG A 2319 0.37 16.99 -30.78
N SER A 2320 -0.01 17.22 -29.52
CA SER A 2320 -1.38 17.63 -29.23
C SER A 2320 -1.69 19.01 -29.82
N THR A 2321 -0.70 19.92 -29.79
CA THR A 2321 -0.88 21.22 -30.40
C THR A 2321 -1.13 21.10 -31.90
N ALA A 2322 -0.36 20.23 -32.57
CA ALA A 2322 -0.55 20.04 -34.01
C ALA A 2322 -1.92 19.44 -34.31
N VAL A 2323 -2.34 18.46 -33.51
CA VAL A 2323 -3.64 17.84 -33.76
C VAL A 2323 -4.76 18.84 -33.52
N MET A 2324 -4.67 19.64 -32.47
CA MET A 2324 -5.70 20.64 -32.20
C MET A 2324 -5.69 21.74 -33.27
N SER A 2325 -4.51 22.06 -33.79
CA SER A 2325 -4.44 23.03 -34.88
C SER A 2325 -5.10 22.50 -36.14
N MET A 2326 -4.86 21.23 -36.46
CA MET A 2326 -5.53 20.64 -37.62
C MET A 2326 -7.03 20.59 -37.41
N VAL A 2327 -7.47 20.33 -36.18
CA VAL A 2327 -8.90 20.32 -35.88
C VAL A 2327 -9.50 21.72 -36.09
N GLY A 2328 -8.86 22.73 -35.50
CA GLY A 2328 -9.31 24.10 -35.66
C GLY A 2328 -9.19 24.64 -37.07
N TYR A 2329 -8.38 23.99 -37.91
CA TYR A 2329 -8.32 24.33 -39.33
C TYR A 2329 -9.47 23.70 -40.10
N ILE A 2330 -9.67 22.39 -39.94
CA ILE A 2330 -10.81 21.73 -40.59
C ILE A 2330 -12.11 22.23 -40.00
N ILE A 2331 -12.28 22.08 -38.68
CA ILE A 2331 -13.43 22.65 -37.99
C ILE A 2331 -13.13 24.11 -37.68
N GLY A 2332 -14.13 24.97 -37.88
CA GLY A 2332 -13.92 26.40 -37.71
C GLY A 2332 -13.81 26.83 -36.27
N LEU A 2333 -12.94 26.18 -35.50
CA LEU A 2333 -12.76 26.53 -34.10
C LEU A 2333 -12.18 27.94 -33.98
N GLY A 2334 -12.79 28.74 -33.10
CA GLY A 2334 -12.31 30.09 -32.87
C GLY A 2334 -12.29 30.44 -31.40
N ASP A 2335 -12.29 31.74 -31.09
CA ASP A 2335 -12.29 32.22 -29.72
C ASP A 2335 -11.07 31.74 -28.94
N ARG A 2336 -9.98 31.43 -29.65
CA ARG A 2336 -8.77 30.87 -29.03
C ARG A 2336 -8.03 31.98 -28.29
N HIS A 2337 -8.31 32.10 -27.00
CA HIS A 2337 -7.58 33.02 -26.14
C HIS A 2337 -6.55 32.25 -25.32
N LEU A 2338 -5.85 32.97 -24.43
CA LEU A 2338 -4.91 32.34 -23.53
C LEU A 2338 -5.61 31.58 -22.40
N ASP A 2339 -6.93 31.60 -22.35
CA ASP A 2339 -7.71 30.84 -21.38
C ASP A 2339 -8.37 29.61 -22.00
N ASN A 2340 -8.88 29.72 -23.22
CA ASN A 2340 -9.51 28.58 -23.87
C ASN A 2340 -8.49 27.51 -24.24
N VAL A 2341 -7.23 27.90 -24.45
CA VAL A 2341 -6.17 26.96 -24.80
C VAL A 2341 -5.40 26.67 -23.51
N LEU A 2342 -5.83 25.62 -22.81
CA LEU A 2342 -5.17 25.22 -21.58
C LEU A 2342 -3.94 24.37 -21.91
N ILE A 2343 -3.28 23.83 -20.88
CA ILE A 2343 -2.13 22.98 -21.08
C ILE A 2343 -1.93 22.10 -19.86
N ASP A 2344 -1.68 20.81 -20.09
CA ASP A 2344 -1.47 19.85 -19.00
C ASP A 2344 0.04 19.78 -18.73
N MET A 2345 0.48 20.43 -17.66
CA MET A 2345 1.90 20.46 -17.33
C MET A 2345 2.46 19.07 -17.06
N THR A 2346 1.61 18.08 -16.81
CA THR A 2346 2.07 16.72 -16.54
C THR A 2346 2.23 15.91 -17.81
N THR A 2347 1.15 15.78 -18.59
CA THR A 2347 1.21 15.05 -19.85
C THR A 2347 1.67 15.91 -21.01
N GLY A 2348 1.68 17.23 -20.85
CA GLY A 2348 2.10 18.12 -21.91
C GLY A 2348 1.07 18.38 -22.99
N GLU A 2349 -0.05 17.66 -22.98
CA GLU A 2349 -1.07 17.84 -24.01
C GLU A 2349 -1.86 19.12 -23.75
N VAL A 2350 -2.43 19.65 -24.83
CA VAL A 2350 -3.18 20.91 -24.79
C VAL A 2350 -4.67 20.60 -24.87
N VAL A 2351 -5.44 21.17 -23.95
CA VAL A 2351 -6.89 21.03 -23.92
C VAL A 2351 -7.52 22.36 -24.26
N HIS A 2352 -8.60 22.34 -25.01
CA HIS A 2352 -9.30 23.54 -25.44
C HIS A 2352 -10.66 23.61 -24.75
N ILE A 2353 -11.02 24.81 -24.30
CA ILE A 2353 -12.29 25.06 -23.62
C ILE A 2353 -13.43 24.94 -24.63
N ASP A 2354 -14.66 24.91 -24.13
CA ASP A 2354 -15.85 24.75 -24.96
C ASP A 2354 -15.73 25.56 -26.25
N TYR A 2355 -16.04 24.91 -27.38
CA TYR A 2355 -15.92 25.53 -28.70
C TYR A 2355 -17.17 26.34 -29.00
N ASN A 2356 -17.33 27.44 -28.25
CA ASN A 2356 -18.47 28.31 -28.46
C ASN A 2356 -18.44 28.97 -29.83
N VAL A 2357 -17.23 29.23 -30.36
CA VAL A 2357 -17.08 29.82 -31.69
C VAL A 2357 -16.43 28.79 -32.60
N CYS A 2358 -17.26 28.05 -33.34
CA CYS A 2358 -16.77 26.97 -34.18
C CYS A 2358 -17.42 27.06 -35.56
N PHE A 2359 -16.79 26.39 -36.53
CA PHE A 2359 -17.29 26.36 -37.90
C PHE A 2359 -17.19 27.73 -38.56
N GLU A 2360 -16.07 28.42 -38.32
CA GLU A 2360 -15.79 29.73 -38.91
C GLU A 2360 -16.70 30.83 -38.39
N LYS A 2361 -17.35 30.62 -37.24
CA LYS A 2361 -18.19 31.65 -36.66
C LYS A 2361 -17.40 32.89 -36.25
N GLY A 2362 -16.10 32.74 -36.03
CA GLY A 2362 -15.27 33.88 -35.69
C GLY A 2362 -15.12 34.90 -36.80
N LYS A 2363 -15.60 34.58 -38.00
CA LYS A 2363 -15.56 35.50 -39.14
C LYS A 2363 -16.90 36.18 -39.40
N SER A 2364 -17.79 36.16 -38.41
CA SER A 2364 -19.10 36.80 -38.53
C SER A 2364 -19.30 37.95 -37.57
N LEU A 2365 -18.57 38.00 -36.46
CA LEU A 2365 -18.63 39.11 -35.52
C LEU A 2365 -18.35 40.43 -36.26
N ARG A 2366 -18.65 41.59 -35.68
CA ARG A 2366 -19.05 41.83 -34.28
C ARG A 2366 -17.80 41.80 -33.40
N VAL A 2367 -16.66 41.54 -34.04
CA VAL A 2367 -15.35 41.46 -33.41
C VAL A 2367 -14.33 41.54 -34.54
N PRO A 2368 -13.20 42.23 -34.37
CA PRO A 2368 -12.20 42.29 -35.45
C PRO A 2368 -11.95 40.93 -36.08
N GLU A 2369 -12.26 40.81 -37.37
CA GLU A 2369 -12.23 39.51 -38.03
C GLU A 2369 -10.82 38.97 -38.11
N LYS A 2370 -10.53 37.94 -37.33
CA LYS A 2370 -9.24 37.26 -37.37
C LYS A 2370 -9.35 36.01 -38.24
N VAL A 2371 -8.28 35.72 -38.97
CA VAL A 2371 -8.26 34.54 -39.83
C VAL A 2371 -7.10 33.62 -39.47
N PRO A 2372 -6.85 33.33 -38.18
CA PRO A 2372 -5.85 32.30 -37.86
C PRO A 2372 -6.50 30.92 -37.77
N PHE A 2373 -5.96 29.95 -38.50
CA PHE A 2373 -6.52 28.60 -38.44
C PHE A 2373 -6.38 27.97 -37.06
N ARG A 2374 -5.52 28.51 -36.21
CA ARG A 2374 -5.38 28.06 -34.83
C ARG A 2374 -4.47 29.06 -34.12
N MET A 2375 -4.15 28.76 -32.87
CA MET A 2375 -3.30 29.62 -32.06
C MET A 2375 -1.84 29.23 -32.29
N THR A 2376 -1.06 30.16 -32.83
CA THR A 2376 0.37 29.99 -33.05
C THR A 2376 1.12 31.23 -32.56
N GLN A 2377 0.78 31.67 -31.35
CA GLN A 2377 1.34 32.90 -30.81
C GLN A 2377 2.84 32.75 -30.59
N ASN A 2378 3.47 33.88 -30.21
CA ASN A 2378 4.91 33.88 -30.01
C ASN A 2378 5.32 32.98 -28.84
N ILE A 2379 4.43 32.78 -27.87
CA ILE A 2379 4.74 31.98 -26.69
C ILE A 2379 4.41 30.52 -26.96
N GLU A 2380 4.11 30.20 -28.22
CA GLU A 2380 3.86 28.82 -28.63
C GLU A 2380 4.83 28.33 -29.69
N THR A 2381 5.22 29.20 -30.63
CA THR A 2381 6.22 28.80 -31.63
C THR A 2381 7.57 28.55 -30.98
N ALA A 2382 7.89 29.26 -29.91
CA ALA A 2382 9.13 29.06 -29.17
C ALA A 2382 9.08 27.88 -28.22
N LEU A 2383 8.03 27.06 -28.30
CA LEU A 2383 7.88 25.89 -27.44
C LEU A 2383 8.41 24.62 -28.07
N GLY A 2384 8.22 24.45 -29.38
CA GLY A 2384 8.76 23.30 -30.08
C GLY A 2384 10.28 23.32 -30.11
N VAL A 2385 10.84 22.38 -30.87
CA VAL A 2385 12.29 22.30 -30.99
C VAL A 2385 12.86 23.57 -31.60
N THR A 2386 12.39 23.91 -32.80
CA THR A 2386 12.84 25.11 -33.50
C THR A 2386 11.73 26.11 -33.73
N GLY A 2387 10.61 25.68 -34.31
CA GLY A 2387 9.52 26.57 -34.60
C GLY A 2387 8.23 25.86 -34.94
N VAL A 2388 7.51 26.36 -35.95
CA VAL A 2388 6.25 25.75 -36.36
C VAL A 2388 6.39 25.18 -37.77
N GLU A 2389 6.75 26.03 -38.73
CA GLU A 2389 6.91 25.59 -40.11
C GLU A 2389 8.22 24.85 -40.28
N GLY A 2390 8.18 23.73 -41.00
CA GLY A 2390 9.36 22.90 -41.17
C GLY A 2390 9.95 22.44 -39.85
N VAL A 2391 9.10 22.05 -38.90
CA VAL A 2391 9.51 21.66 -37.56
C VAL A 2391 8.77 20.39 -37.17
N PHE A 2392 8.99 19.94 -35.93
CA PHE A 2392 8.36 18.72 -35.46
C PHE A 2392 6.84 18.78 -35.59
N ARG A 2393 6.25 19.97 -35.47
CA ARG A 2393 4.79 20.07 -35.55
C ARG A 2393 4.30 20.04 -36.99
N LEU A 2394 5.04 20.67 -37.90
CA LEU A 2394 4.65 20.62 -39.31
C LEU A 2394 4.84 19.23 -39.91
N SER A 2395 5.70 18.41 -39.32
CA SER A 2395 5.91 17.05 -39.82
C SER A 2395 4.84 16.08 -39.32
N CYS A 2396 4.14 16.41 -38.24
CA CYS A 2396 3.06 15.58 -37.73
C CYS A 2396 1.69 16.04 -38.22
N GLU A 2397 1.53 17.32 -38.54
CA GLU A 2397 0.28 17.78 -39.12
C GLU A 2397 0.03 17.18 -40.50
N GLN A 2398 1.09 16.97 -41.28
CA GLN A 2398 0.94 16.29 -42.56
C GLN A 2398 0.45 14.86 -42.36
N VAL A 2399 1.02 14.15 -41.39
CA VAL A 2399 0.56 12.78 -41.11
C VAL A 2399 -0.88 12.81 -40.62
N LEU A 2400 -1.24 13.82 -39.84
CA LEU A 2400 -2.62 13.95 -39.38
C LEU A 2400 -3.57 14.11 -40.55
N HIS A 2401 -3.25 15.02 -41.47
CA HIS A 2401 -4.08 15.21 -42.66
C HIS A 2401 -4.15 13.93 -43.49
N ILE A 2402 -3.04 13.22 -43.63
CA ILE A 2402 -3.03 11.99 -44.42
C ILE A 2402 -3.94 10.94 -43.78
N MET A 2403 -3.85 10.79 -42.46
CA MET A 2403 -4.71 9.83 -41.77
C MET A 2403 -6.16 10.27 -41.74
N ARG A 2404 -6.43 11.57 -41.90
CA ARG A 2404 -7.80 12.06 -41.91
C ARG A 2404 -8.39 12.07 -43.31
N ARG A 2405 -7.60 12.43 -44.32
CA ARG A 2405 -8.09 12.39 -45.70
C ARG A 2405 -8.33 10.95 -46.14
N GLY A 2406 -7.47 10.02 -45.71
CA GLY A 2406 -7.68 8.63 -46.05
C GLY A 2406 -8.99 8.09 -45.52
N ARG A 2407 -9.47 8.64 -44.40
CA ARG A 2407 -10.76 8.29 -43.82
C ARG A 2407 -11.70 9.50 -43.83
N GLU A 2408 -11.65 10.26 -44.92
CA GLU A 2408 -12.48 11.46 -45.02
C GLU A 2408 -13.96 11.16 -44.92
N THR A 2409 -14.40 9.97 -45.30
CA THR A 2409 -15.82 9.62 -45.21
C THR A 2409 -16.26 9.49 -43.77
N LEU A 2410 -15.40 8.95 -42.90
CA LEU A 2410 -15.75 8.81 -41.49
C LEU A 2410 -16.11 10.15 -40.85
N LEU A 2411 -15.58 11.25 -41.37
CA LEU A 2411 -15.91 12.58 -40.89
C LEU A 2411 -17.00 13.25 -41.70
N THR A 2412 -17.03 13.02 -43.02
CA THR A 2412 -18.08 13.60 -43.85
C THR A 2412 -19.45 13.10 -43.42
N LEU A 2413 -19.59 11.78 -43.21
CA LEU A 2413 -20.87 11.23 -42.78
C LEU A 2413 -21.22 11.70 -41.38
N LEU A 2414 -20.22 11.78 -40.49
CA LEU A 2414 -20.48 12.26 -39.14
C LEU A 2414 -21.01 13.69 -39.16
N GLU A 2415 -20.43 14.54 -40.01
CA GLU A 2415 -20.91 15.92 -40.11
C GLU A 2415 -22.29 15.98 -40.76
N ALA A 2416 -22.52 15.15 -41.78
CA ALA A 2416 -23.83 15.13 -42.43
C ALA A 2416 -24.92 14.72 -41.46
N PHE A 2417 -24.62 13.80 -40.54
CA PHE A 2417 -25.59 13.40 -39.53
C PHE A 2417 -25.66 14.38 -38.37
N VAL A 2418 -24.58 15.13 -38.11
CA VAL A 2418 -24.64 16.18 -37.10
C VAL A 2418 -25.44 17.37 -37.62
N TYR A 2419 -25.42 17.60 -38.93
CA TYR A 2419 -26.22 18.64 -39.55
C TYR A 2419 -27.57 18.09 -39.95
N ASP A 2420 -28.45 18.98 -40.43
CA ASP A 2420 -29.85 18.63 -40.63
C ASP A 2420 -30.40 18.00 -39.35
N PRO A 2421 -30.12 18.60 -38.18
CA PRO A 2421 -30.51 17.97 -36.92
C PRO A 2421 -31.90 18.39 -36.45
N LEU A 2422 -32.30 17.91 -35.27
CA LEU A 2422 -33.57 18.27 -34.66
C LEU A 2422 -33.42 19.11 -33.41
N VAL A 2423 -32.46 18.79 -32.54
CA VAL A 2423 -32.27 19.53 -31.30
C VAL A 2423 -30.82 19.97 -31.17
N ASP A 2424 -30.15 20.17 -32.30
CA ASP A 2424 -28.76 20.58 -32.30
C ASP A 2424 -28.59 22.09 -32.24
N TRP A 2425 -29.60 22.86 -32.66
CA TRP A 2425 -29.55 24.32 -32.63
C TRP A 2425 -28.36 24.85 -33.44
N THR A 2426 -28.40 24.57 -34.75
CA THR A 2426 -27.37 25.03 -35.67
C THR A 2426 -27.55 26.48 -36.10
N ALA A 2427 -28.43 27.23 -35.42
CA ALA A 2427 -28.69 28.63 -35.76
C ALA A 2427 -27.67 29.58 -35.15
N GLY A 2428 -26.53 29.09 -34.69
CA GLY A 2428 -25.52 29.93 -34.10
C GLY A 2428 -24.95 30.95 -35.08
N ASN A 3606 -32.49 26.13 -42.98
CA ASN A 3606 -31.52 25.07 -42.70
C ASN A 3606 -30.35 25.12 -43.68
N SER A 3607 -30.28 26.20 -44.45
CA SER A 3607 -29.21 26.38 -45.43
C SER A 3607 -27.90 26.82 -44.79
N TYR A 3608 -27.82 26.85 -43.47
CA TYR A 3608 -26.59 27.24 -42.79
C TYR A 3608 -25.71 26.03 -42.47
N ALA A 3609 -26.31 24.97 -41.92
CA ALA A 3609 -25.54 23.77 -41.63
C ALA A 3609 -24.88 23.22 -42.88
N VAL A 3610 -25.56 23.31 -44.02
CA VAL A 3610 -24.96 22.87 -45.28
C VAL A 3610 -23.76 23.73 -45.66
N SER A 3611 -23.80 25.03 -45.35
CA SER A 3611 -22.67 25.89 -45.66
C SER A 3611 -21.44 25.50 -44.86
N VAL A 3612 -21.63 24.95 -43.67
CA VAL A 3612 -20.50 24.46 -42.87
C VAL A 3612 -20.07 23.06 -43.29
N TRP A 3613 -21.02 22.20 -43.65
CA TRP A 3613 -20.65 20.88 -44.15
C TRP A 3613 -19.83 20.97 -45.43
N LYS A 3614 -20.22 21.86 -46.34
CA LYS A 3614 -19.47 22.04 -47.57
C LYS A 3614 -18.08 22.60 -47.29
N ARG A 3615 -17.99 23.54 -46.34
CA ARG A 3615 -16.69 24.10 -45.97
C ARG A 3615 -15.78 23.03 -45.39
N VAL A 3616 -16.33 22.16 -44.53
CA VAL A 3616 -15.52 21.09 -43.96
C VAL A 3616 -15.08 20.10 -45.03
N LYS A 3617 -15.98 19.77 -45.96
CA LYS A 3617 -15.63 18.85 -47.04
C LYS A 3617 -14.56 19.45 -47.95
N ALA A 3618 -14.60 20.76 -48.17
CA ALA A 3618 -13.58 21.40 -48.99
C ALA A 3618 -12.25 21.51 -48.25
N LYS A 3619 -12.28 21.72 -46.94
CA LYS A 3619 -11.05 21.74 -46.16
C LYS A 3619 -10.40 20.37 -46.13
N LEU A 3620 -11.20 19.31 -45.96
CA LEU A 3620 -10.66 17.96 -46.04
C LEU A 3620 -10.26 17.61 -47.47
N GLU A 3621 -11.04 18.05 -48.46
CA GLU A 3621 -10.69 17.82 -49.85
C GLU A 3621 -9.50 18.66 -50.28
N GLY A 3622 -9.01 19.54 -49.40
CA GLY A 3622 -7.86 20.38 -49.69
C GLY A 3622 -8.25 21.54 -50.60
N ARG A 3623 -9.55 21.73 -50.81
CA ARG A 3623 -10.05 22.82 -51.64
C ARG A 3623 -10.47 24.04 -50.81
N ASP A 3624 -9.82 24.25 -49.66
CA ASP A 3624 -10.16 25.38 -48.81
C ASP A 3624 -9.87 26.71 -49.50
N VAL A 3625 -8.60 26.92 -49.87
CA VAL A 3625 -8.22 28.19 -50.49
C VAL A 3625 -8.71 28.26 -51.94
N ASP A 3626 -8.41 27.24 -52.73
CA ASP A 3626 -8.81 27.17 -54.13
C ASP A 3626 -9.63 25.90 -54.34
N PRO A 3627 -10.89 26.08 -54.73
CA PRO A 3627 -11.79 24.95 -54.95
C PRO A 3627 -11.53 24.23 -56.28
N ASN A 3628 -10.47 24.59 -56.99
CA ASN A 3628 -10.12 23.96 -58.26
C ASN A 3628 -8.72 23.38 -58.25
N ARG A 3629 -8.12 23.21 -57.07
CA ARG A 3629 -6.77 22.66 -56.95
C ARG A 3629 -6.71 21.81 -55.70
N ARG A 3630 -6.43 20.51 -55.89
CA ARG A 3630 -6.31 19.58 -54.77
C ARG A 3630 -4.95 19.76 -54.12
N MET A 3631 -4.86 20.72 -53.21
CA MET A 3631 -3.61 20.99 -52.53
C MET A 3631 -3.17 19.79 -51.71
N SER A 3632 -1.90 19.43 -51.83
CA SER A 3632 -1.36 18.30 -51.07
C SER A 3632 -1.42 18.59 -49.58
N VAL A 3633 -1.30 17.52 -48.78
CA VAL A 3633 -1.33 17.69 -47.33
C VAL A 3633 -0.21 18.61 -46.86
N ALA A 3634 0.99 18.44 -47.40
CA ALA A 3634 2.10 19.30 -47.01
C ALA A 3634 1.85 20.75 -47.42
N GLU A 3635 1.33 20.96 -48.63
CA GLU A 3635 1.04 22.32 -49.08
C GLU A 3635 -0.03 22.97 -48.22
N GLN A 3636 -1.09 22.22 -47.89
CA GLN A 3636 -2.14 22.77 -47.04
C GLN A 3636 -1.62 23.09 -45.65
N VAL A 3637 -0.78 22.21 -45.09
CA VAL A 3637 -0.21 22.48 -43.78
C VAL A 3637 0.67 23.72 -43.81
N ASP A 3638 1.50 23.86 -44.85
CA ASP A 3638 2.35 25.04 -44.95
C ASP A 3638 1.53 26.31 -45.09
N TYR A 3639 0.47 26.26 -45.89
CA TYR A 3639 -0.39 27.44 -46.04
C TYR A 3639 -1.06 27.80 -44.72
N VAL A 3640 -1.58 26.81 -44.00
CA VAL A 3640 -2.22 27.08 -42.72
C VAL A 3640 -1.22 27.62 -41.71
N ILE A 3641 0.02 27.14 -41.72
CA ILE A 3641 1.03 27.64 -40.81
C ILE A 3641 1.41 29.08 -41.15
N LYS A 3642 1.56 29.38 -42.44
CA LYS A 3642 1.89 30.74 -42.84
C LYS A 3642 0.77 31.71 -42.47
N GLU A 3643 -0.47 31.35 -42.81
CA GLU A 3643 -1.59 32.23 -42.47
C GLU A 3643 -1.77 32.35 -40.96
N ALA A 3644 -1.45 31.30 -40.21
CA ALA A 3644 -1.57 31.32 -38.76
C ALA A 3644 -0.35 31.90 -38.07
N THR A 3645 0.67 32.31 -38.82
CA THR A 3645 1.88 32.87 -38.24
C THR A 3645 2.26 34.23 -38.84
N ASN A 3646 1.49 34.73 -39.80
CA ASN A 3646 1.82 36.02 -40.41
C ASN A 3646 1.49 37.14 -39.44
N LEU A 3647 2.43 38.08 -39.30
CA LEU A 3647 2.22 39.21 -38.39
C LEU A 3647 1.00 40.03 -38.80
N ASP A 3648 0.70 40.10 -40.09
CA ASP A 3648 -0.47 40.84 -40.55
C ASP A 3648 -1.74 40.26 -39.96
N ASN A 3649 -1.96 38.96 -40.14
CA ASN A 3649 -3.15 38.32 -39.58
C ASN A 3649 -3.13 38.31 -38.07
N LEU A 3650 -1.94 38.17 -37.47
CA LEU A 3650 -1.81 38.16 -36.02
C LEU A 3650 -1.97 39.55 -35.40
N ALA A 3651 -2.07 40.60 -36.22
CA ALA A 3651 -2.22 41.96 -35.72
C ALA A 3651 -3.66 42.46 -35.78
N GLN A 3652 -4.47 41.92 -36.68
CA GLN A 3652 -5.87 42.32 -36.82
C GLN A 3652 -6.80 41.52 -35.92
N LEU A 3653 -6.27 40.90 -34.86
CA LEU A 3653 -7.07 40.10 -33.94
C LEU A 3653 -7.47 40.93 -32.73
N TYR A 3654 -8.56 40.51 -32.09
CA TYR A 3654 -9.05 41.21 -30.92
C TYR A 3654 -8.01 41.21 -29.80
N GLU A 3655 -8.07 42.22 -28.95
CA GLU A 3655 -7.13 42.32 -27.84
C GLU A 3655 -7.25 41.12 -26.91
N GLY A 3656 -8.46 40.60 -26.74
CA GLY A 3656 -8.66 39.45 -25.85
C GLY A 3656 -7.86 38.24 -26.32
N TRP A 3657 -7.66 38.10 -27.63
CA TRP A 3657 -6.90 36.97 -28.14
C TRP A 3657 -5.46 37.00 -27.64
N THR A 3658 -4.90 38.19 -27.43
CA THR A 3658 -3.53 38.33 -26.93
C THR A 3658 -2.54 37.66 -27.86
N ALA A 3659 -2.62 38.00 -29.14
CA ALA A 3659 -1.71 37.41 -30.13
C ALA A 3659 -0.26 37.76 -29.84
N TRP A 3660 0.00 38.82 -29.07
CA TRP A 3660 1.38 39.18 -28.75
C TRP A 3660 2.02 38.16 -27.82
N VAL A 3661 1.22 37.49 -26.99
CA VAL A 3661 1.73 36.48 -26.08
C VAL A 3661 1.51 35.08 -26.63
N MET B 1 -17.73 -20.11 46.94
CA MET B 1 -18.76 -19.39 47.69
C MET B 1 -18.21 -18.09 48.26
N ALA B 2 -16.88 -17.97 48.29
CA ALA B 2 -16.24 -16.78 48.82
C ALA B 2 -16.36 -15.64 47.81
N GLY B 3 -16.74 -14.46 48.31
CA GLY B 3 -16.89 -13.31 47.46
C GLY B 3 -15.71 -12.36 47.55
N PRO B 4 -15.10 -12.06 46.40
CA PRO B 4 -13.95 -11.16 46.41
C PRO B 4 -14.34 -9.72 46.70
N VAL B 5 -14.65 -9.43 47.96
CA VAL B 5 -15.02 -8.08 48.38
C VAL B 5 -14.49 -7.86 49.79
N SER B 6 -14.08 -6.64 50.08
CA SER B 6 -13.54 -6.25 51.37
C SER B 6 -14.52 -5.45 52.21
N LEU B 7 -15.15 -4.44 51.62
CA LEU B 7 -16.12 -3.64 52.37
C LEU B 7 -17.26 -4.52 52.88
N ARG B 8 -17.80 -5.36 52.00
CA ARG B 8 -18.87 -6.27 52.41
C ARG B 8 -18.34 -7.38 53.32
N ASP B 9 -17.07 -7.73 53.17
CA ASP B 9 -16.50 -8.80 53.99
C ASP B 9 -16.46 -8.41 55.46
N LEU B 10 -15.98 -7.20 55.74
CA LEU B 10 -15.88 -6.75 57.12
C LEU B 10 -17.25 -6.48 57.75
N LEU B 11 -18.27 -6.25 56.93
CA LEU B 11 -19.61 -5.98 57.44
C LEU B 11 -20.37 -7.29 57.64
N MET B 12 -19.82 -8.12 58.52
CA MET B 12 -20.39 -9.42 58.84
C MET B 12 -20.68 -9.48 60.34
N GLY B 13 -21.73 -10.21 60.69
CA GLY B 13 -22.13 -10.36 62.08
C GLY B 13 -22.48 -11.79 62.45
N PRO B 41 -20.37 -20.44 59.70
CA PRO B 41 -19.47 -21.04 58.71
C PRO B 41 -18.03 -21.14 59.20
N TRP B 42 -17.08 -20.72 58.38
CA TRP B 42 -15.67 -20.73 58.75
C TRP B 42 -15.41 -19.60 59.73
N ARG B 43 -15.45 -19.92 61.02
CA ARG B 43 -15.36 -18.87 62.04
C ARG B 43 -13.91 -18.49 62.33
N GLU B 44 -13.10 -19.44 62.79
CA GLU B 44 -11.71 -19.15 63.13
C GLU B 44 -10.78 -19.45 61.95
N ASP B 45 -10.73 -20.70 61.51
CA ASP B 45 -10.03 -21.15 60.31
C ASP B 45 -8.50 -21.04 60.42
N GLU B 46 -7.97 -20.46 61.49
CA GLU B 46 -6.54 -20.19 61.61
C GLU B 46 -6.01 -19.57 60.32
N ILE B 47 -6.63 -18.45 59.94
CA ILE B 47 -6.33 -17.82 58.66
C ILE B 47 -4.95 -17.15 58.70
N CYS B 48 -4.46 -16.81 57.51
CA CYS B 48 -3.20 -16.09 57.35
C CYS B 48 -3.35 -15.14 56.19
N VAL B 49 -3.56 -13.86 56.49
CA VAL B 49 -3.85 -12.87 55.47
C VAL B 49 -2.58 -12.54 54.69
N VAL B 50 -2.77 -12.20 53.41
CA VAL B 50 -1.66 -11.88 52.51
C VAL B 50 -2.07 -10.65 51.71
N GLY B 51 -1.36 -9.54 51.89
CA GLY B 51 -1.64 -8.35 51.13
C GLY B 51 -0.97 -8.38 49.76
N ILE B 52 -1.63 -7.76 48.79
CA ILE B 52 -1.13 -7.73 47.41
C ILE B 52 -1.33 -6.33 46.83
N PHE B 53 -0.23 -5.59 46.72
CA PHE B 53 -0.23 -4.25 46.15
C PHE B 53 0.84 -4.17 45.08
N GLY B 54 1.01 -2.98 44.51
CA GLY B 54 2.00 -2.74 43.49
C GLY B 54 1.38 -2.23 42.20
N LYS B 55 2.25 -1.92 41.24
CA LYS B 55 1.84 -1.40 39.95
C LYS B 55 1.63 -2.53 38.96
N THR B 56 0.77 -2.29 37.97
CA THR B 56 0.50 -3.25 36.91
C THR B 56 0.26 -2.50 35.61
N ALA B 57 0.51 -3.19 34.50
CA ALA B 57 0.33 -2.62 33.18
C ALA B 57 -1.09 -2.85 32.68
N LEU B 58 -1.42 -2.16 31.59
CA LEU B 58 -2.74 -2.32 30.96
C LEU B 58 -2.81 -3.68 30.29
N ARG B 59 -3.56 -4.60 30.90
CA ARG B 59 -3.72 -5.95 30.37
C ARG B 59 -5.13 -6.43 30.66
N LEU B 60 -5.48 -7.58 30.10
CA LEU B 60 -6.80 -8.14 30.32
C LEU B 60 -6.96 -8.62 31.76
N ASN B 61 -5.99 -9.39 32.24
CA ASN B 61 -5.99 -9.89 33.61
C ASN B 61 -4.89 -9.21 34.39
N SER B 62 -5.27 -8.52 35.46
CA SER B 62 -4.28 -7.82 36.28
C SER B 62 -3.30 -8.81 36.91
N GLU B 63 -2.13 -8.29 37.29
CA GLU B 63 -1.12 -9.13 37.92
C GLU B 63 -1.61 -9.68 39.25
N LYS B 64 -2.25 -8.84 40.06
CA LYS B 64 -2.74 -9.29 41.35
C LYS B 64 -3.79 -10.39 41.20
N PHE B 65 -4.69 -10.24 40.21
CA PHE B 65 -5.69 -11.26 39.98
C PHE B 65 -5.05 -12.58 39.56
N SER B 66 -4.05 -12.51 38.67
CA SER B 66 -3.36 -13.73 38.24
C SER B 66 -2.66 -14.39 39.43
N LEU B 67 -2.05 -13.59 40.31
CA LEU B 67 -1.39 -14.16 41.48
C LEU B 67 -2.40 -14.84 42.40
N VAL B 68 -3.54 -14.18 42.64
CA VAL B 68 -4.57 -14.78 43.49
C VAL B 68 -5.07 -16.07 42.88
N ASN B 69 -5.21 -16.12 41.55
CA ASN B 69 -5.71 -17.32 40.89
C ASN B 69 -4.68 -18.45 40.94
N THR B 70 -3.40 -18.11 40.81
CA THR B 70 -2.38 -19.15 40.80
C THR B 70 -2.05 -19.68 42.19
N VAL B 71 -2.15 -18.82 43.21
CA VAL B 71 -1.83 -19.25 44.57
C VAL B 71 -2.81 -20.32 45.04
N CYS B 72 -4.09 -19.96 45.08
CA CYS B 72 -5.11 -20.90 45.53
C CYS B 72 -5.40 -22.01 44.53
N ASP B 73 -4.78 -21.98 43.35
CA ASP B 73 -4.94 -23.03 42.35
C ASP B 73 -6.38 -23.05 41.83
N ARG B 74 -6.91 -21.88 41.52
CA ARG B 74 -8.25 -21.76 40.96
C ARG B 74 -8.45 -20.32 40.49
N GLN B 75 -9.28 -20.16 39.47
CA GLN B 75 -9.55 -18.85 38.87
C GLN B 75 -10.61 -18.13 39.71
N VAL B 76 -10.13 -17.47 40.77
CA VAL B 76 -11.02 -16.70 41.62
C VAL B 76 -11.62 -15.52 40.85
N PHE B 77 -10.76 -14.75 40.19
CA PHE B 77 -11.20 -13.61 39.39
C PHE B 77 -11.25 -14.01 37.92
N PRO B 78 -12.41 -14.43 37.42
CA PRO B 78 -12.49 -14.88 36.02
C PRO B 78 -12.23 -13.73 35.05
N LEU B 79 -11.34 -13.96 34.09
CA LEU B 79 -11.02 -12.95 33.10
C LEU B 79 -12.18 -12.79 32.12
N PHE B 80 -11.99 -11.92 31.14
CA PHE B 80 -13.01 -11.66 30.13
C PHE B 80 -12.44 -11.75 28.73
N ASP B 134 -11.46 5.65 40.15
CA ASP B 134 -10.21 6.31 40.51
C ASP B 134 -9.97 6.25 42.01
N TYR B 135 -10.32 5.11 42.61
CA TYR B 135 -10.15 4.89 44.04
C TYR B 135 -9.37 3.61 44.27
N SER B 136 -9.02 3.36 45.54
CA SER B 136 -8.29 2.16 45.92
C SER B 136 -9.31 1.11 46.37
N LEU B 137 -9.91 0.44 45.38
CA LEU B 137 -10.94 -0.57 45.63
C LEU B 137 -10.26 -1.89 46.02
N LEU B 138 -9.92 -1.98 47.30
CA LEU B 138 -9.33 -3.04 48.10
C LEU B 138 -10.36 -4.16 48.26
N GLN B 139 -10.02 -5.36 47.78
CA GLN B 139 -10.95 -6.49 47.79
C GLN B 139 -10.28 -7.71 48.40
N ALA B 140 -11.04 -8.45 49.20
CA ALA B 140 -10.55 -9.61 49.93
C ALA B 140 -11.16 -10.89 49.39
N TYR B 141 -10.45 -11.99 49.63
CA TYR B 141 -10.92 -13.32 49.23
C TYR B 141 -10.27 -14.36 50.12
N TYR B 142 -11.08 -15.21 50.74
CA TYR B 142 -10.61 -16.24 51.64
C TYR B 142 -10.62 -17.58 50.94
N SER B 143 -9.51 -18.33 51.07
CA SER B 143 -9.38 -19.66 50.48
C SER B 143 -9.51 -20.70 51.58
N GLN B 144 -10.61 -21.48 51.54
CA GLN B 144 -10.84 -22.47 52.58
C GLN B 144 -9.84 -23.61 52.51
N GLU B 145 -9.39 -23.98 51.31
CA GLU B 145 -8.44 -25.07 51.15
C GLU B 145 -7.02 -24.68 51.55
N SER B 146 -6.76 -23.38 51.77
CA SER B 146 -5.44 -22.93 52.18
C SER B 146 -5.46 -22.02 53.40
N LYS B 147 -6.64 -21.59 53.86
CA LYS B 147 -6.75 -20.74 55.05
C LYS B 147 -5.99 -19.43 54.88
N VAL B 148 -5.99 -18.88 53.67
CA VAL B 148 -5.30 -17.65 53.35
C VAL B 148 -6.32 -16.62 52.93
N LEU B 149 -6.20 -15.40 53.47
CA LEU B 149 -7.10 -14.29 53.17
C LEU B 149 -6.31 -13.29 52.33
N TYR B 150 -6.44 -13.40 51.01
CA TYR B 150 -5.75 -12.49 50.11
C TYR B 150 -6.50 -11.16 50.02
N LEU B 151 -5.78 -10.08 50.29
CA LEU B 151 -6.34 -8.73 50.23
C LEU B 151 -5.59 -7.96 49.15
N LEU B 152 -6.20 -7.78 48.00
CA LEU B 152 -5.56 -7.10 46.88
C LEU B 152 -6.04 -5.67 46.80
N LEU B 153 -5.09 -4.74 46.65
CA LEU B 153 -5.36 -3.31 46.61
C LEU B 153 -5.30 -2.81 45.18
N THR B 154 -6.24 -1.93 44.82
CA THR B 154 -6.30 -1.33 43.49
C THR B 154 -5.73 0.08 43.47
N SER B 155 -4.64 0.32 44.20
CA SER B 155 -4.04 1.64 44.35
C SER B 155 -3.92 2.37 43.01
N ILE B 156 -4.01 3.70 43.05
CA ILE B 156 -3.95 4.49 41.83
C ILE B 156 -2.71 4.18 41.01
N CYS B 157 -1.63 3.75 41.67
CA CYS B 157 -0.44 3.33 40.95
C CYS B 157 -0.76 2.28 39.91
N ASP B 158 -1.75 1.44 40.18
CA ASP B 158 -2.21 0.47 39.19
C ASP B 158 -2.78 1.19 37.98
N ASN B 159 -2.65 0.55 36.81
CA ASN B 159 -3.10 1.13 35.56
C ASN B 159 -4.53 0.77 35.22
N SER B 160 -5.21 0.01 36.07
CA SER B 160 -6.63 -0.29 35.89
C SER B 160 -7.52 0.79 36.47
N GLN B 161 -7.25 1.21 37.71
CA GLN B 161 -7.99 2.34 38.27
C GLN B 161 -7.51 3.66 37.71
N LEU B 162 -6.24 3.73 37.31
CA LEU B 162 -5.72 4.97 36.72
C LEU B 162 -6.43 5.29 35.40
N LEU B 163 -6.83 4.27 34.66
CA LEU B 163 -7.56 4.49 33.42
C LEU B 163 -8.91 5.17 33.71
N ARG B 164 -9.64 4.64 34.69
CA ARG B 164 -10.91 5.27 35.06
C ARG B 164 -10.70 6.65 35.64
N ALA B 165 -9.58 6.87 36.34
CA ALA B 165 -9.28 8.20 36.87
C ALA B 165 -9.07 9.19 35.74
N CYS B 166 -8.28 8.81 34.74
CA CYS B 166 -8.05 9.69 33.59
C CYS B 166 -9.30 9.88 32.75
N ARG B 167 -10.20 8.89 32.73
CA ARG B 167 -11.45 9.05 32.00
C ARG B 167 -12.39 10.02 32.72
N ALA B 168 -12.54 9.86 34.04
CA ALA B 168 -13.36 10.77 34.80
C ALA B 168 -12.74 12.16 34.90
N LEU B 169 -11.41 12.26 34.81
CA LEU B 169 -10.74 13.56 34.81
C LEU B 169 -10.74 14.21 33.43
N GLN B 170 -11.08 13.47 32.38
CA GLN B 170 -11.08 14.02 31.03
C GLN B 170 -12.36 14.81 30.75
N SER B 171 -13.51 14.15 30.85
CA SER B 171 -14.78 14.79 30.51
C SER B 171 -15.29 15.65 31.66
N GLY B 172 -15.59 15.03 32.80
CA GLY B 172 -16.11 15.75 33.93
C GLY B 172 -15.67 15.19 35.27
N GLU B 173 -15.09 16.04 36.11
CA GLU B 173 -14.64 15.62 37.43
C GLU B 173 -15.78 15.07 38.26
N LEU B 180 -10.31 20.18 34.94
CA LEU B 180 -9.68 20.73 36.14
C LEU B 180 -8.38 21.45 35.80
N PRO B 181 -8.14 22.59 36.45
CA PRO B 181 -6.90 23.34 36.20
C PRO B 181 -5.67 22.59 36.68
N HIS B 182 -4.49 23.16 36.46
CA HIS B 182 -3.25 22.49 36.84
C HIS B 182 -3.21 22.24 38.34
N ALA B 183 -3.49 23.28 39.14
CA ALA B 183 -3.46 23.12 40.59
C ALA B 183 -4.49 22.10 41.06
N GLU B 184 -5.71 22.15 40.52
CA GLU B 184 -6.74 21.20 40.90
C GLU B 184 -6.39 19.78 40.50
N ALA B 185 -5.83 19.57 39.31
CA ALA B 185 -5.39 18.24 38.89
C ALA B 185 -4.25 17.72 39.77
N HIS B 186 -3.30 18.58 40.12
CA HIS B 186 -2.21 18.17 41.01
C HIS B 186 -2.75 17.78 42.37
N GLU B 187 -3.69 18.57 42.91
CA GLU B 187 -4.30 18.22 44.18
C GLU B 187 -5.11 16.94 44.10
N PHE B 188 -5.76 16.67 42.97
CA PHE B 188 -6.48 15.42 42.79
C PHE B 188 -5.52 14.22 42.80
N TRP B 189 -4.41 14.34 42.07
CA TRP B 189 -3.42 13.27 42.08
C TRP B 189 -2.83 13.07 43.47
N LYS B 190 -2.60 14.18 44.19
CA LYS B 190 -2.07 14.08 45.54
C LYS B 190 -3.06 13.38 46.47
N HIS B 191 -4.35 13.71 46.34
CA HIS B 191 -5.37 13.04 47.16
C HIS B 191 -5.46 11.56 46.82
N GLN B 192 -5.35 11.22 45.53
CA GLN B 192 -5.36 9.82 45.14
C GLN B 192 -4.17 9.07 45.73
N GLU B 193 -2.97 9.69 45.69
CA GLU B 193 -1.81 9.06 46.27
C GLU B 193 -1.94 8.92 47.79
N LYS B 194 -2.57 9.89 48.43
CA LYS B 194 -2.78 9.80 49.88
C LYS B 194 -3.75 8.69 50.22
N LEU B 195 -4.82 8.55 49.44
CA LEU B 195 -5.75 7.44 49.66
C LEU B 195 -5.06 6.11 49.42
N GLN B 196 -4.18 6.04 48.43
CA GLN B 196 -3.41 4.82 48.19
C GLN B 196 -2.52 4.50 49.37
N CYS B 197 -1.83 5.51 49.90
CA CYS B 197 -0.97 5.28 51.07
C CYS B 197 -1.79 4.84 52.27
N LEU B 198 -2.98 5.40 52.44
CA LEU B 198 -3.85 4.99 53.54
C LEU B 198 -4.26 3.53 53.39
N SER B 199 -4.74 3.16 52.20
CA SER B 199 -5.12 1.77 51.96
C SER B 199 -3.95 0.82 52.11
N LEU B 200 -2.73 1.30 51.82
CA LEU B 200 -1.55 0.46 51.97
C LEU B 200 -1.18 0.29 53.44
N LEU B 201 -1.32 1.35 54.24
CA LEU B 201 -1.12 1.22 55.68
C LEU B 201 -2.09 0.25 56.29
N TYR B 202 -3.27 0.07 55.68
CA TYR B 202 -4.21 -0.95 56.12
C TYR B 202 -3.69 -2.36 55.87
N LEU B 203 -2.71 -2.52 54.99
CA LEU B 203 -2.06 -3.81 54.75
C LEU B 203 -0.84 -4.03 55.63
N PHE B 204 -0.04 -2.99 55.86
CA PHE B 204 1.09 -3.05 56.78
C PHE B 204 0.66 -3.02 58.24
N SER B 205 -0.63 -2.90 58.51
CA SER B 205 -1.16 -2.86 59.87
C SER B 205 -1.90 -4.14 60.26
N VAL B 206 -2.67 -4.72 59.34
CA VAL B 206 -3.39 -5.97 59.58
C VAL B 206 -3.05 -6.90 58.41
N CYS B 207 -1.99 -7.68 58.56
CA CYS B 207 -1.55 -8.63 57.55
C CYS B 207 -0.37 -9.40 58.11
N HIS B 208 0.00 -10.47 57.41
CA HIS B 208 1.16 -11.29 57.77
C HIS B 208 2.24 -11.25 56.69
N ILE B 209 1.88 -11.50 55.44
CA ILE B 209 2.81 -11.46 54.32
C ILE B 209 2.32 -10.42 53.33
N LEU B 210 3.25 -9.86 52.56
CA LEU B 210 2.94 -8.86 51.55
C LEU B 210 3.67 -9.22 50.26
N LEU B 211 2.97 -9.10 49.13
CA LEU B 211 3.50 -9.45 47.82
C LEU B 211 3.42 -8.22 46.92
N LEU B 212 4.57 -7.65 46.60
CA LEU B 212 4.60 -6.52 45.67
C LEU B 212 4.41 -7.01 44.24
N VAL B 213 4.13 -6.06 43.35
CA VAL B 213 3.90 -6.35 41.93
C VAL B 213 4.55 -5.24 41.12
N HIS B 214 5.56 -5.60 40.33
CA HIS B 214 6.28 -4.64 39.49
C HIS B 214 6.78 -5.38 38.26
N PRO B 215 6.01 -5.39 37.16
CA PRO B 215 6.40 -6.16 35.96
C PRO B 215 7.53 -5.51 35.18
N THR B 216 8.67 -5.34 35.83
CA THR B 216 9.85 -4.76 35.20
C THR B 216 11.15 -5.48 35.48
N CYS B 217 11.23 -6.31 36.52
CA CYS B 217 12.45 -6.98 36.93
C CYS B 217 13.49 -6.01 37.47
N SER B 218 13.06 -4.82 37.88
CA SER B 218 13.96 -3.81 38.44
C SER B 218 13.27 -3.17 39.63
N PHE B 219 13.90 -3.25 40.80
CA PHE B 219 13.31 -2.70 42.01
C PHE B 219 13.05 -1.21 41.84
N ASP B 220 11.77 -0.82 41.93
CA ASP B 220 11.39 0.57 41.82
C ASP B 220 11.85 1.32 43.06
N ILE B 221 12.86 2.18 42.89
CA ILE B 221 13.41 2.91 44.03
C ILE B 221 12.33 3.78 44.67
N THR B 222 11.31 4.17 43.90
CA THR B 222 10.25 5.02 44.46
C THR B 222 9.62 4.38 45.69
N TYR B 223 9.38 3.07 45.64
CA TYR B 223 8.79 2.39 46.79
C TYR B 223 9.56 2.69 48.07
N ASP B 224 10.87 2.87 47.98
CA ASP B 224 11.65 3.26 49.15
C ASP B 224 11.05 4.50 49.80
N ARG B 225 10.96 5.60 49.05
CA ARG B 225 10.36 6.82 49.58
C ARG B 225 8.93 6.58 50.02
N VAL B 226 8.25 5.56 49.49
CA VAL B 226 6.93 5.20 49.97
C VAL B 226 7.03 4.46 51.30
N PHE B 227 7.93 3.47 51.38
CA PHE B 227 8.11 2.75 52.63
C PHE B 227 8.65 3.66 53.72
N ARG B 228 9.51 4.61 53.35
CA ARG B 228 9.96 5.62 54.30
C ARG B 228 8.88 6.64 54.63
N ALA B 229 7.82 6.70 53.82
CA ALA B 229 6.68 7.58 54.08
C ALA B 229 5.56 6.89 54.84
N LEU B 230 5.67 5.57 55.04
CA LEU B 230 4.69 4.82 55.81
C LEU B 230 5.06 4.68 57.27
N ASP B 231 6.36 4.70 57.59
CA ASP B 231 6.77 4.65 59.00
C ASP B 231 6.23 5.87 59.75
N GLY B 232 6.24 7.05 59.11
CA GLY B 232 5.66 8.21 59.75
C GLY B 232 4.19 8.02 60.07
N LEU B 233 3.43 7.50 59.11
CA LEU B 233 2.01 7.24 59.35
C LEU B 233 1.83 6.05 60.30
N ARG B 234 2.70 5.05 60.20
CA ARG B 234 2.61 3.87 61.06
C ARG B 234 2.94 4.19 62.51
N GLN B 235 3.63 5.30 62.77
CA GLN B 235 3.98 5.70 64.13
C GLN B 235 3.09 6.81 64.66
N LYS B 236 2.95 7.91 63.92
CA LYS B 236 2.09 9.01 64.38
C LYS B 236 0.64 8.57 64.44
N VAL B 237 0.20 7.74 63.50
CA VAL B 237 -1.17 7.25 63.48
C VAL B 237 -1.27 5.97 64.29
N LEU B 238 -0.19 5.63 65.01
CA LEU B 238 -0.22 4.43 65.83
C LEU B 238 -1.21 4.57 66.99
N PRO B 239 -1.15 5.60 67.82
CA PRO B 239 -2.15 5.71 68.89
C PRO B 239 -3.57 5.87 68.37
N LEU B 240 -3.75 6.55 67.23
CA LEU B 240 -5.07 6.68 66.64
C LEU B 240 -5.64 5.32 66.24
N LEU B 241 -4.79 4.32 66.02
CA LEU B 241 -5.24 2.97 65.73
C LEU B 241 -5.34 2.10 66.97
N LYS B 242 -4.45 2.30 67.96
CA LYS B 242 -4.55 1.55 69.20
C LYS B 242 -5.82 1.90 69.96
N THR B 243 -6.18 3.19 69.98
CA THR B 243 -7.38 3.63 70.68
C THR B 243 -8.67 3.21 69.98
N ALA B 244 -8.57 2.51 68.85
CA ALA B 244 -9.75 2.05 68.13
C ALA B 244 -9.80 0.53 67.98
N ILE B 245 -8.84 -0.19 68.54
CA ILE B 245 -8.81 -1.66 68.43
C ILE B 245 -8.62 -2.24 69.83
N LYS B 246 -8.84 -1.43 70.86
CA LYS B 246 -8.67 -1.90 72.23
C LYS B 246 -9.63 -3.04 72.54
N ASP B 247 -10.92 -2.84 72.26
CA ASP B 247 -11.94 -3.85 72.54
C ASP B 247 -11.97 -4.87 71.40
N CYS B 248 -10.90 -5.66 71.32
CA CYS B 248 -10.77 -6.68 70.28
C CYS B 248 -10.02 -7.87 70.85
N PRO B 249 -10.38 -9.09 70.46
CA PRO B 249 -9.66 -10.28 70.92
C PRO B 249 -8.33 -10.52 70.24
N VAL B 250 -7.79 -9.54 69.52
CA VAL B 250 -6.54 -9.73 68.78
C VAL B 250 -5.45 -10.24 69.70
N GLY B 251 -5.36 -9.70 70.91
CA GLY B 251 -4.36 -10.08 71.87
C GLY B 251 -3.56 -8.90 72.37
N LYS B 252 -2.48 -9.23 73.09
CA LYS B 252 -1.64 -8.20 73.69
C LYS B 252 -0.64 -7.64 72.68
N ASP B 253 0.08 -8.51 71.97
CA ASP B 253 1.11 -8.04 71.05
C ASP B 253 0.50 -7.27 69.88
N TRP B 254 -0.64 -7.74 69.35
CA TRP B 254 -1.29 -7.05 68.25
C TRP B 254 -1.65 -5.63 68.65
N LYS B 255 -2.28 -5.46 69.81
CA LYS B 255 -2.61 -4.12 70.29
C LYS B 255 -1.36 -3.33 70.64
N LEU B 256 -0.27 -3.99 71.00
CA LEU B 256 0.96 -3.29 71.34
C LEU B 256 1.60 -2.65 70.11
N ASN B 257 1.85 -3.46 69.08
CA ASN B 257 2.46 -2.97 67.85
C ASN B 257 1.46 -2.64 66.76
N CYS B 258 0.16 -2.81 67.03
CA CYS B 258 -0.92 -2.45 66.12
C CYS B 258 -1.05 -3.38 64.92
N ARG B 259 -0.28 -4.46 64.88
CA ARG B 259 -0.35 -5.40 63.78
C ARG B 259 -0.16 -6.82 64.32
N PRO B 260 -0.73 -7.82 63.64
CA PRO B 260 -0.55 -9.20 64.11
C PRO B 260 0.90 -9.60 64.26
N CYS B 261 1.75 -9.18 63.34
CA CYS B 261 3.18 -9.47 63.37
C CYS B 261 3.86 -8.70 62.24
N PRO B 262 5.17 -8.58 62.29
CA PRO B 262 5.89 -7.87 61.22
C PRO B 262 5.61 -8.52 59.87
N PRO B 263 4.96 -7.80 58.96
CA PRO B 263 4.64 -8.39 57.65
C PRO B 263 5.89 -8.53 56.80
N ARG B 264 6.04 -9.71 56.20
CA ARG B 264 7.17 -10.00 55.32
C ARG B 264 6.85 -9.55 53.90
N LEU B 265 7.74 -8.75 53.32
CA LEU B 265 7.59 -8.30 51.94
C LEU B 265 8.20 -9.34 51.02
N LEU B 266 7.40 -9.88 50.12
CA LEU B 266 7.83 -10.87 49.13
C LEU B 266 7.58 -10.27 47.75
N PHE B 267 8.56 -9.50 47.26
CA PHE B 267 8.40 -8.84 45.98
C PHE B 267 8.28 -9.87 44.86
N LEU B 268 7.47 -9.55 43.85
CA LEU B 268 7.17 -10.48 42.76
C LEU B 268 7.22 -9.68 41.46
N PHE B 269 8.29 -9.87 40.69
CA PHE B 269 8.48 -9.18 39.43
C PHE B 269 8.25 -10.11 38.26
N GLN B 270 7.69 -9.57 37.18
CA GLN B 270 7.43 -10.34 35.97
C GLN B 270 8.58 -10.17 34.97
N LEU B 271 8.79 -11.20 34.17
CA LEU B 271 9.88 -11.21 33.21
C LEU B 271 9.41 -10.64 31.87
N ASN B 272 10.34 -9.99 31.17
CA ASN B 272 10.11 -9.48 29.83
C ASN B 272 11.12 -9.99 28.83
N GLY B 273 12.38 -10.13 29.22
CA GLY B 273 13.40 -10.67 28.34
C GLY B 273 14.53 -11.34 29.10
N ALA B 274 14.84 -12.59 28.73
CA ALA B 274 15.90 -13.34 29.40
C ALA B 274 16.11 -14.69 28.73
N SER B 295 18.15 -21.48 35.84
CA SER B 295 19.46 -21.01 36.30
C SER B 295 19.58 -19.49 36.14
N PRO B 296 19.39 -18.99 34.92
CA PRO B 296 19.49 -17.54 34.71
C PRO B 296 18.56 -16.75 35.61
N LYS B 297 17.36 -17.26 35.89
CA LYS B 297 16.43 -16.55 36.76
C LYS B 297 16.76 -16.77 38.24
N ARG B 298 17.34 -17.93 38.58
CA ARG B 298 17.71 -18.18 39.97
C ARG B 298 18.71 -17.15 40.47
N ARG B 299 19.61 -16.68 39.59
CA ARG B 299 20.60 -15.69 40.00
C ARG B 299 20.00 -14.29 40.06
N LEU B 300 19.07 -13.99 39.15
CA LEU B 300 18.42 -12.67 39.17
C LEU B 300 17.63 -12.48 40.45
N GLN B 301 17.00 -13.55 40.95
CA GLN B 301 16.25 -13.44 42.20
C GLN B 301 17.16 -13.06 43.36
N HIS B 302 18.31 -13.73 43.46
CA HIS B 302 19.25 -13.40 44.54
C HIS B 302 19.84 -12.01 44.36
N ALA B 303 20.11 -11.60 43.13
CA ALA B 303 20.60 -10.25 42.89
C ALA B 303 19.59 -9.20 43.34
N LEU B 304 18.33 -9.37 42.96
CA LEU B 304 17.29 -8.45 43.40
C LEU B 304 17.10 -8.48 44.91
N GLU B 305 17.20 -9.66 45.53
CA GLU B 305 17.10 -9.74 46.98
C GLU B 305 18.21 -8.93 47.65
N ASP B 306 19.45 -9.11 47.19
CA ASP B 306 20.56 -8.35 47.76
C ASP B 306 20.40 -6.86 47.53
N GLN B 307 19.96 -6.45 46.33
CA GLN B 307 19.75 -5.04 46.05
C GLN B 307 18.70 -4.44 46.99
N ILE B 308 17.57 -5.13 47.13
CA ILE B 308 16.49 -4.63 47.99
C ILE B 308 16.95 -4.57 49.44
N TYR B 309 17.70 -5.58 49.89
CA TYR B 309 18.20 -5.59 51.25
C TYR B 309 19.12 -4.40 51.49
N ARG B 310 20.07 -4.18 50.58
CA ARG B 310 20.99 -3.06 50.74
C ARG B 310 20.23 -1.73 50.73
N ILE B 311 19.24 -1.61 49.84
CA ILE B 311 18.48 -0.36 49.75
C ILE B 311 17.74 -0.09 51.06
N PHE B 312 16.99 -1.08 51.54
CA PHE B 312 16.22 -0.89 52.77
C PHE B 312 17.10 -0.75 54.00
N ARG B 313 18.34 -1.26 53.95
CA ARG B 313 19.24 -1.08 55.08
C ARG B 313 19.87 0.32 55.07
N LYS B 314 20.22 0.83 53.89
CA LYS B 314 20.78 2.17 53.80
C LYS B 314 19.72 3.25 53.95
N SER B 315 18.45 2.93 53.74
CA SER B 315 17.36 3.89 53.87
C SER B 315 16.60 3.74 55.19
N ARG B 316 17.05 2.85 56.08
CA ARG B 316 16.40 2.61 57.36
C ARG B 316 15.01 2.02 57.19
N VAL B 317 14.70 1.47 56.01
CA VAL B 317 13.40 0.86 55.78
C VAL B 317 13.29 -0.50 56.45
N LEU B 318 14.41 -1.16 56.74
CA LEU B 318 14.43 -2.47 57.39
C LEU B 318 15.34 -2.37 58.61
N THR B 319 14.75 -2.02 59.75
CA THR B 319 15.48 -1.92 61.00
C THR B 319 15.55 -3.28 61.68
N ASN B 320 16.39 -3.37 62.71
CA ASN B 320 16.61 -4.61 63.44
C ASN B 320 15.59 -4.83 64.54
N GLN B 321 14.40 -4.23 64.42
CA GLN B 321 13.36 -4.36 65.42
C GLN B 321 12.03 -4.53 64.69
N SER B 322 10.92 -4.29 65.41
CA SER B 322 9.60 -4.43 64.82
C SER B 322 9.32 -3.29 63.85
N ILE B 323 10.07 -3.24 62.75
CA ILE B 323 9.91 -2.20 61.75
C ILE B 323 8.74 -2.56 60.84
N ASN B 324 8.29 -1.60 60.03
CA ASN B 324 7.14 -1.83 59.17
C ASN B 324 7.30 -3.06 58.28
N CYS B 325 8.54 -3.42 57.98
CA CYS B 325 8.79 -4.56 57.10
C CYS B 325 9.73 -5.58 57.75
N LEU B 326 10.15 -6.58 56.99
CA LEU B 326 11.04 -7.61 57.49
C LEU B 326 12.14 -7.89 56.47
N PHE B 327 13.19 -8.58 56.92
CA PHE B 327 14.31 -8.89 56.05
C PHE B 327 14.07 -10.17 55.25
N THR B 328 13.72 -11.27 55.93
CA THR B 328 13.54 -12.57 55.28
C THR B 328 14.86 -13.06 54.70
N VAL B 329 15.89 -13.07 55.54
CA VAL B 329 17.23 -13.48 55.13
C VAL B 329 17.24 -14.98 54.83
N PRO B 330 16.82 -15.83 55.77
CA PRO B 330 16.85 -17.28 55.50
C PRO B 330 16.08 -17.67 54.25
N ALA B 331 14.81 -17.27 54.16
CA ALA B 331 13.99 -17.59 52.99
C ALA B 331 14.26 -16.58 51.88
N ASN B 332 13.44 -16.63 50.83
CA ASN B 332 13.57 -15.73 49.69
C ASN B 332 12.33 -14.86 49.59
N GLN B 333 12.53 -13.60 49.22
CA GLN B 333 11.46 -12.61 49.11
C GLN B 333 11.55 -11.87 47.79
N ALA B 334 11.97 -12.57 46.73
CA ALA B 334 12.08 -11.96 45.40
C ALA B 334 11.79 -13.05 44.37
N PHE B 335 10.55 -13.10 43.91
CA PHE B 335 10.12 -14.06 42.90
C PHE B 335 10.12 -13.40 41.52
N VAL B 336 10.40 -14.21 40.50
CA VAL B 336 10.51 -13.74 39.13
C VAL B 336 9.57 -14.59 38.28
N TYR B 337 8.49 -13.99 37.77
CA TYR B 337 7.53 -14.72 36.97
C TYR B 337 8.11 -15.04 35.60
N ILE B 338 7.60 -16.12 35.00
CA ILE B 338 8.02 -16.52 33.66
C ILE B 338 7.38 -15.59 32.64
N VAL B 339 8.07 -15.40 31.52
CA VAL B 339 7.57 -14.53 30.46
C VAL B 339 6.27 -15.10 29.89
N GLU B 345 -0.09 -15.82 26.52
CA GLU B 345 -0.38 -16.36 27.83
C GLU B 345 -1.49 -15.57 28.52
N ASP B 346 -1.17 -14.33 28.89
CA ASP B 346 -2.18 -13.50 29.57
C ASP B 346 -3.25 -13.02 28.60
N PRO B 347 -2.92 -12.36 27.50
CA PRO B 347 -3.97 -11.92 26.56
C PRO B 347 -4.55 -13.09 25.77
N VAL B 348 -5.39 -12.79 24.79
CA VAL B 348 -5.94 -13.82 23.93
C VAL B 348 -5.00 -14.08 22.76
N GLY B 349 -4.00 -14.92 22.99
CA GLY B 349 -3.05 -15.29 21.96
C GLY B 349 -2.74 -16.77 21.99
N MET B 350 -3.23 -17.45 23.03
CA MET B 350 -3.07 -18.89 23.12
C MET B 350 -3.93 -19.61 22.09
N LEU B 351 -5.14 -19.11 21.86
CA LEU B 351 -5.98 -19.69 20.82
C LEU B 351 -5.35 -19.50 19.45
N LEU B 352 -4.86 -18.30 19.15
CA LEU B 352 -4.18 -18.06 17.89
C LEU B 352 -2.90 -18.90 17.78
N ASP B 353 -2.24 -19.14 18.91
CA ASP B 353 -1.08 -20.02 18.92
C ASP B 353 -1.45 -21.50 18.82
N GLN B 354 -2.68 -21.86 19.20
CA GLN B 354 -3.16 -23.22 19.02
C GLN B 354 -3.66 -23.48 17.61
N LEU B 355 -4.03 -22.43 16.87
CA LEU B 355 -4.39 -22.62 15.47
C LEU B 355 -3.21 -23.12 14.67
N ARG B 356 -2.02 -22.60 14.94
CA ARG B 356 -0.83 -23.02 14.22
C ARG B 356 -0.52 -24.50 14.44
N SER B 357 -0.98 -25.07 15.55
CA SER B 357 -0.78 -26.49 15.82
C SER B 357 -1.93 -27.35 15.34
N HIS B 358 -3.16 -26.83 15.38
CA HIS B 358 -4.31 -27.60 14.92
C HIS B 358 -4.38 -27.66 13.40
N CYS B 359 -3.93 -26.61 12.71
CA CYS B 359 -3.96 -26.61 11.24
C CYS B 359 -2.95 -27.58 10.66
N THR B 360 -1.75 -27.64 11.25
CA THR B 360 -0.73 -28.55 10.74
C THR B 360 -1.19 -30.00 10.78
N VAL B 361 -1.83 -30.40 11.87
CA VAL B 361 -2.33 -31.76 12.02
C VAL B 361 -3.61 -31.95 11.22
N VAL B 406 13.09 -27.17 43.19
CA VAL B 406 13.77 -25.94 42.77
C VAL B 406 12.87 -25.12 41.86
N ASP B 407 13.08 -23.80 41.86
CA ASP B 407 12.30 -22.89 41.03
C ASP B 407 10.81 -23.00 41.34
N PHE B 408 10.46 -22.64 42.58
CA PHE B 408 9.07 -22.65 43.00
C PHE B 408 8.22 -21.83 42.04
N THR B 409 6.94 -22.18 41.94
CA THR B 409 6.00 -21.53 41.01
C THR B 409 4.74 -21.12 41.77
N LEU B 410 4.81 -19.96 42.43
CA LEU B 410 3.64 -19.30 42.99
C LEU B 410 3.01 -20.05 44.17
N ARG B 411 3.51 -21.25 44.47
CA ARG B 411 2.98 -22.02 45.59
C ARG B 411 4.05 -22.35 46.62
N GLU B 412 5.20 -22.86 46.19
CA GLU B 412 6.27 -23.16 47.13
C GLU B 412 6.94 -21.89 47.64
N PHE B 413 7.19 -20.92 46.75
CA PHE B 413 7.79 -19.66 47.16
C PHE B 413 6.91 -18.91 48.15
N LEU B 414 5.59 -19.08 48.06
CA LEU B 414 4.67 -18.42 48.98
C LEU B 414 4.36 -19.29 50.18
N TRP B 415 4.27 -20.61 50.00
CA TRP B 415 4.02 -21.49 51.14
C TRP B 415 5.19 -21.52 52.11
N GLN B 416 6.41 -21.37 51.61
CA GLN B 416 7.57 -21.33 52.49
C GLN B 416 7.46 -20.23 53.53
N HIS B 417 6.67 -19.19 53.26
CA HIS B 417 6.39 -18.13 54.22
C HIS B 417 5.03 -18.26 54.89
N VAL B 418 4.05 -18.84 54.19
CA VAL B 418 2.72 -19.01 54.78
C VAL B 418 2.74 -20.06 55.88
N GLU B 419 3.68 -21.02 55.81
CA GLU B 419 3.76 -22.05 56.85
C GLU B 419 4.27 -21.47 58.15
N LEU B 420 5.10 -20.42 58.09
CA LEU B 420 5.60 -19.78 59.30
C LEU B 420 4.52 -19.05 60.07
N VAL B 421 3.36 -18.82 59.46
CA VAL B 421 2.24 -18.18 60.13
C VAL B 421 1.11 -19.17 60.41
N LEU B 422 0.88 -20.13 59.51
CA LEU B 422 -0.13 -21.14 59.76
C LEU B 422 0.32 -22.12 60.84
N SER B 423 1.62 -22.36 60.95
CA SER B 423 2.17 -23.24 61.97
C SER B 423 2.65 -22.50 63.20
N LYS B 424 2.42 -21.19 63.28
CA LYS B 424 2.81 -20.36 64.42
C LYS B 424 4.33 -20.26 64.58
N LYS B 425 5.10 -20.61 63.54
CA LYS B 425 6.54 -20.49 63.63
C LYS B 425 6.97 -19.03 63.83
N GLY B 426 6.30 -18.10 63.18
CA GLY B 426 6.56 -16.68 63.38
C GLY B 426 7.50 -16.11 62.33
N PHE B 427 7.85 -14.85 62.55
CA PHE B 427 8.71 -14.08 61.67
C PHE B 427 9.90 -13.53 62.44
N ASP B 428 10.68 -14.42 63.06
CA ASP B 428 11.81 -14.04 63.88
C ASP B 428 13.06 -13.75 63.07
N ASP B 429 12.89 -13.58 61.75
CA ASP B 429 14.02 -13.36 60.85
C ASP B 429 14.57 -11.95 61.11
N SER B 430 15.29 -11.82 62.22
CA SER B 430 15.91 -10.56 62.62
C SER B 430 17.41 -10.76 62.80
N VAL B 431 18.17 -9.69 62.58
CA VAL B 431 19.61 -9.73 62.66
C VAL B 431 20.10 -8.57 63.52
N GLY B 432 21.22 -8.78 64.20
CA GLY B 432 21.82 -7.75 65.03
C GLY B 432 21.76 -8.05 66.51
N ARG B 433 21.58 -9.33 66.86
CA ARG B 433 21.51 -9.76 68.25
C ARG B 433 20.50 -8.93 69.03
N ASN B 434 19.29 -8.84 68.49
CA ASN B 434 18.21 -8.07 69.08
C ASN B 434 17.52 -8.90 70.16
N PRO B 435 16.53 -8.33 70.84
CA PRO B 435 15.77 -9.10 71.84
C PRO B 435 14.94 -10.23 71.24
N GLN B 436 14.92 -10.37 69.91
CA GLN B 436 14.14 -11.39 69.23
C GLN B 436 12.65 -11.31 69.59
N PRO B 437 12.01 -10.14 69.41
CA PRO B 437 10.56 -10.07 69.63
C PRO B 437 9.80 -10.67 68.46
N SER B 438 9.25 -11.87 68.65
CA SER B 438 8.57 -12.61 67.58
C SER B 438 7.23 -13.10 68.11
N HIS B 439 6.19 -12.28 67.92
CA HIS B 439 4.83 -12.64 68.29
C HIS B 439 4.12 -13.16 67.05
N PHE B 440 4.00 -14.49 66.95
CA PHE B 440 3.36 -15.08 65.77
C PHE B 440 1.96 -14.53 65.57
N GLU B 441 1.15 -14.54 66.62
CA GLU B 441 -0.22 -14.01 66.58
C GLU B 441 -0.99 -14.59 65.39
N LEU B 442 -1.20 -15.90 65.44
CA LEU B 442 -2.00 -16.57 64.42
C LEU B 442 -3.47 -16.24 64.67
N PRO B 443 -4.06 -15.37 63.85
CA PRO B 443 -5.43 -14.92 64.10
C PRO B 443 -6.46 -15.88 63.52
N THR B 444 -7.72 -15.62 63.88
CA THR B 444 -8.86 -16.36 63.37
C THR B 444 -9.71 -15.45 62.50
N TYR B 445 -10.50 -16.07 61.62
CA TYR B 445 -11.35 -15.31 60.71
C TYR B 445 -12.25 -14.35 61.49
N GLN B 446 -12.85 -14.82 62.58
CA GLN B 446 -13.74 -13.95 63.37
C GLN B 446 -12.97 -12.81 64.01
N LYS B 447 -11.88 -13.13 64.72
CA LYS B 447 -11.09 -12.08 65.37
C LYS B 447 -10.46 -11.15 64.33
N TRP B 448 -9.97 -11.72 63.23
CA TRP B 448 -9.37 -10.89 62.20
C TRP B 448 -10.39 -9.92 61.60
N ILE B 449 -11.62 -10.40 61.37
CA ILE B 449 -12.66 -9.51 60.85
C ILE B 449 -13.03 -8.46 61.87
N SER B 450 -13.10 -8.84 63.15
CA SER B 450 -13.42 -7.87 64.20
C SER B 450 -12.38 -6.76 64.25
N ALA B 451 -11.11 -7.11 64.07
CA ALA B 451 -10.05 -6.10 64.08
C ALA B 451 -10.08 -5.27 62.81
N ALA B 452 -10.26 -5.91 61.65
CA ALA B 452 -10.22 -5.22 60.38
C ALA B 452 -11.38 -4.26 60.21
N SER B 453 -12.54 -4.59 60.79
CA SER B 453 -13.67 -3.66 60.74
C SER B 453 -13.30 -2.31 61.35
N LYS B 454 -12.78 -2.32 62.56
CA LYS B 454 -12.34 -1.09 63.22
C LYS B 454 -11.18 -0.43 62.48
N LEU B 455 -10.22 -1.23 62.00
CA LEU B 455 -9.10 -0.66 61.25
C LEU B 455 -9.59 0.10 60.03
N TYR B 456 -10.56 -0.47 59.30
CA TYR B 456 -11.08 0.19 58.11
C TYR B 456 -11.93 1.40 58.47
N GLU B 457 -12.74 1.29 59.53
CA GLU B 457 -13.54 2.43 59.96
C GLU B 457 -12.65 3.59 60.40
N VAL B 458 -11.45 3.29 60.90
CA VAL B 458 -10.55 4.35 61.34
C VAL B 458 -9.68 4.87 60.20
N ALA B 459 -9.40 4.03 59.21
CA ALA B 459 -8.52 4.41 58.10
C ALA B 459 -9.15 4.28 56.73
N ILE B 460 -10.19 3.46 56.57
CA ILE B 460 -10.83 3.28 55.27
C ILE B 460 -9.85 2.70 54.26
N SER B 476 -11.82 7.86 61.08
CA SER B 476 -10.66 8.64 60.69
C SER B 476 -10.76 10.07 61.20
N LYS B 477 -10.95 10.21 62.51
CA LYS B 477 -11.06 11.54 63.11
C LYS B 477 -9.75 12.31 62.99
N ILE B 478 -8.67 11.77 63.56
CA ILE B 478 -7.37 12.41 63.50
C ILE B 478 -6.49 11.86 62.38
N LEU B 479 -6.77 10.65 61.90
CA LEU B 479 -5.97 10.10 60.81
C LEU B 479 -6.04 10.98 59.57
N SER B 480 -7.21 11.54 59.28
CA SER B 480 -7.33 12.45 58.14
C SER B 480 -6.48 13.69 58.33
N SER B 481 -6.17 14.06 59.57
CA SER B 481 -5.32 15.20 59.86
C SER B 481 -3.85 14.84 59.92
N ILE B 482 -3.50 13.55 59.78
CA ILE B 482 -2.10 13.13 59.79
C ILE B 482 -1.50 13.03 58.40
N LYS B 483 -2.33 13.08 57.35
CA LYS B 483 -1.81 13.00 55.99
C LYS B 483 -0.77 14.10 55.73
N VAL B 484 -0.95 15.27 56.35
CA VAL B 484 0.00 16.36 56.17
C VAL B 484 1.33 16.05 56.85
N LEU B 485 1.36 15.07 57.77
CA LEU B 485 2.57 14.70 58.48
C LEU B 485 3.51 13.84 57.65
N GLU B 486 3.20 13.62 56.37
CA GLU B 486 4.07 12.81 55.52
C GLU B 486 5.24 13.64 55.00
N GLY B 487 4.96 14.68 54.23
CA GLY B 487 5.99 15.54 53.69
C GLY B 487 7.05 14.82 52.88
N PHE B 488 6.74 13.60 52.43
CA PHE B 488 7.67 12.79 51.66
C PHE B 488 7.20 12.48 50.25
N LEU B 489 5.91 12.63 49.96
CA LEU B 489 5.38 12.37 48.62
C LEU B 489 4.83 13.62 47.94
N ASP B 490 4.48 14.66 48.70
CA ASP B 490 3.97 15.91 48.14
C ASP B 490 5.06 16.96 48.02
N ILE B 491 6.31 16.54 47.79
CA ILE B 491 7.41 17.49 47.68
C ILE B 491 7.19 18.45 46.53
N ASP B 492 6.49 18.01 45.49
CA ASP B 492 6.23 18.89 44.35
C ASP B 492 5.42 20.12 44.77
N THR B 493 4.41 19.92 45.61
CA THR B 493 3.59 21.04 46.07
C THR B 493 4.42 22.06 46.81
N LYS B 494 5.23 21.61 47.77
CA LYS B 494 6.05 22.53 48.55
C LYS B 494 7.09 23.23 47.67
N PHE B 495 7.68 22.49 46.73
CA PHE B 495 8.66 23.09 45.85
C PHE B 495 8.03 24.17 44.99
N SER B 496 6.85 23.91 44.43
CA SER B 496 6.16 24.92 43.64
C SER B 496 5.75 26.12 44.48
N GLU B 497 5.30 25.88 45.71
CA GLU B 497 4.94 26.99 46.59
C GLU B 497 6.16 27.86 46.89
N ASN B 498 7.31 27.23 47.15
CA ASN B 498 8.52 28.01 47.41
C ASN B 498 8.97 28.76 46.17
N ARG B 499 8.87 28.14 44.99
CA ARG B 499 9.21 28.84 43.76
C ARG B 499 8.32 30.05 43.55
N CYS B 500 7.03 29.91 43.83
CA CYS B 500 6.11 31.05 43.70
C CYS B 500 6.44 32.13 44.72
N GLN B 501 6.75 31.73 45.95
CA GLN B 501 7.07 32.72 46.98
C GLN B 501 8.38 33.43 46.70
N LYS B 502 9.27 32.79 45.95
CA LYS B 502 10.52 33.44 45.56
C LYS B 502 10.39 34.26 44.28
N ALA B 503 9.44 33.92 43.41
CA ALA B 503 9.25 34.66 42.16
C ALA B 503 8.34 35.87 42.31
N LEU B 504 7.34 35.80 43.19
CA LEU B 504 6.43 36.93 43.35
C LEU B 504 7.14 38.15 43.93
N PRO B 505 7.63 38.13 45.17
CA PRO B 505 8.27 39.33 45.74
C PRO B 505 9.52 39.75 44.99
N MET B 506 10.09 38.90 44.15
CA MET B 506 11.22 39.33 43.32
C MET B 506 10.74 40.02 42.05
N ALA B 507 10.01 39.28 41.20
CA ALA B 507 9.65 39.81 39.88
C ALA B 507 8.63 40.94 40.00
N HIS B 508 7.57 40.72 40.78
CA HIS B 508 6.56 41.77 40.93
C HIS B 508 7.12 43.00 41.62
N SER B 509 7.94 42.80 42.66
CA SER B 509 8.53 43.94 43.35
C SER B 509 9.51 44.70 42.46
N ALA B 510 10.18 43.99 41.54
CA ALA B 510 11.07 44.67 40.61
C ALA B 510 10.29 45.48 39.58
N TYR B 511 9.30 44.84 38.95
CA TYR B 511 8.54 45.53 37.90
C TYR B 511 7.55 46.55 38.46
N GLN B 512 7.33 46.58 39.77
CA GLN B 512 6.54 47.65 40.37
C GLN B 512 7.38 48.88 40.67
N SER B 513 8.71 48.72 40.77
CA SER B 513 9.62 49.84 40.97
C SER B 513 10.58 50.07 39.81
N ASN B 514 10.99 49.02 39.10
CA ASN B 514 11.82 49.20 37.92
C ASN B 514 11.05 49.92 36.82
N LEU B 515 9.80 49.54 36.60
CA LEU B 515 8.92 50.23 35.66
C LEU B 515 8.10 51.26 36.44
N PRO B 516 8.42 52.55 36.32
CA PRO B 516 7.75 53.56 37.15
C PRO B 516 6.24 53.55 37.01
N HIS B 517 5.75 53.77 35.79
CA HIS B 517 4.31 53.87 35.52
C HIS B 517 3.62 54.70 36.59
N ASN B 518 4.15 55.92 36.81
CA ASN B 518 3.59 56.78 37.84
C ASN B 518 2.13 57.09 37.58
N TYR B 519 1.78 57.41 36.32
CA TYR B 519 0.40 57.69 35.98
C TYR B 519 -0.45 56.43 36.16
N THR B 520 -1.41 56.50 37.08
CA THR B 520 -2.21 55.33 37.44
C THR B 520 -3.47 55.18 36.59
N MET B 521 -3.71 56.09 35.65
CA MET B 521 -4.92 56.02 34.82
C MET B 521 -4.69 55.03 33.69
N THR B 522 -5.34 53.87 33.78
CA THR B 522 -5.26 52.83 32.76
C THR B 522 -3.80 52.50 32.42
N VAL B 523 -3.03 52.19 33.46
CA VAL B 523 -1.63 51.82 33.30
C VAL B 523 -1.26 50.56 34.05
N HIS B 524 -2.16 50.02 34.88
CA HIS B 524 -1.86 48.81 35.64
C HIS B 524 -1.59 47.63 34.71
N LYS B 525 -2.50 47.37 33.77
CA LYS B 525 -2.32 46.26 32.86
C LYS B 525 -1.12 46.47 31.94
N ASN B 526 -0.83 47.72 31.59
CA ASN B 526 0.31 48.00 30.71
C ASN B 526 1.61 47.44 31.29
N GLN B 527 1.75 47.43 32.61
CA GLN B 527 2.92 46.86 33.27
C GLN B 527 2.69 45.42 33.71
N LEU B 528 1.46 45.04 34.01
CA LEU B 528 1.18 43.66 34.38
C LEU B 528 1.41 42.71 33.23
N ALA B 529 1.23 43.17 31.99
CA ALA B 529 1.48 42.33 30.83
C ALA B 529 2.91 41.80 30.83
N GLN B 530 3.85 42.60 31.31
CA GLN B 530 5.24 42.16 31.45
C GLN B 530 5.54 41.58 32.83
N ALA B 531 4.79 41.98 33.86
CA ALA B 531 4.98 41.40 35.19
C ALA B 531 4.69 39.91 35.20
N LEU B 532 3.85 39.43 34.28
CA LEU B 532 3.58 38.00 34.18
C LEU B 532 4.62 37.28 33.33
N ARG B 533 5.21 37.97 32.35
CA ARG B 533 6.27 37.36 31.55
C ARG B 533 7.50 37.07 32.39
N VAL B 534 7.74 37.86 33.44
CA VAL B 534 8.89 37.63 34.29
C VAL B 534 8.60 36.57 35.34
N TYR B 535 7.37 36.55 35.89
CA TYR B 535 7.03 35.54 36.88
C TYR B 535 6.90 34.16 36.26
N SER B 536 6.39 34.08 35.03
CA SER B 536 6.26 32.79 34.37
C SER B 536 7.60 32.08 34.27
N GLN B 537 8.69 32.83 34.08
CA GLN B 537 10.02 32.25 33.96
C GLN B 537 10.59 31.79 35.30
N HIS B 538 9.83 31.90 36.39
CA HIS B 538 10.31 31.44 37.68
C HIS B 538 9.28 30.58 38.42
N ALA B 539 8.13 30.31 37.80
CA ALA B 539 7.11 29.46 38.40
C ALA B 539 7.25 28.05 37.84
N ARG B 540 7.09 27.05 38.70
CA ARG B 540 7.30 25.66 38.32
C ARG B 540 6.29 24.77 39.04
N GLY B 541 6.00 23.63 38.42
CA GLY B 541 5.13 22.63 39.00
C GLY B 541 3.71 23.12 39.20
N PRO B 542 3.05 22.63 40.25
CA PRO B 542 1.69 23.09 40.54
C PRO B 542 1.68 24.52 41.05
N ALA B 543 1.76 25.47 40.12
CA ALA B 543 1.92 26.88 40.45
C ALA B 543 0.91 27.69 39.65
N PHE B 544 1.09 29.01 39.63
CA PHE B 544 0.21 29.99 39.03
C PHE B 544 -0.99 30.27 39.92
N HIS B 545 -1.12 29.59 41.06
CA HIS B 545 -2.14 29.99 42.03
C HIS B 545 -1.83 31.35 42.62
N LYS B 546 -0.56 31.67 42.81
CA LYS B 546 -0.19 33.00 43.27
C LYS B 546 -0.52 34.06 42.22
N TYR B 547 -0.59 33.65 40.94
CA TYR B 547 -0.99 34.58 39.89
C TYR B 547 -2.27 35.32 40.28
N ALA B 548 -3.25 34.60 40.79
CA ALA B 548 -4.45 35.26 41.31
C ALA B 548 -4.14 36.09 42.55
N MET B 549 -3.19 35.64 43.36
CA MET B 549 -2.74 36.37 44.54
C MET B 549 -1.72 37.44 44.21
N GLN B 550 -1.26 37.50 42.96
CA GLN B 550 -0.29 38.50 42.52
C GLN B 550 -0.89 39.61 41.69
N LEU B 551 -1.95 39.33 40.92
CA LEU B 551 -2.63 40.39 40.19
C LEU B 551 -3.21 41.45 41.11
N HIS B 552 -3.42 41.12 42.39
CA HIS B 552 -3.93 42.09 43.34
C HIS B 552 -2.87 43.12 43.71
N GLU B 553 -1.61 42.69 43.82
CA GLU B 553 -0.53 43.62 44.13
C GLU B 553 -0.45 44.72 43.07
N ASP B 554 -0.37 44.32 41.80
CA ASP B 554 -0.35 45.29 40.70
C ASP B 554 -1.69 46.01 40.54
N CYS B 555 -2.75 45.51 41.17
CA CYS B 555 -4.05 46.15 41.13
C CYS B 555 -4.36 46.95 42.39
N TYR B 556 -3.63 46.71 43.48
CA TYR B 556 -3.83 47.45 44.72
C TYR B 556 -2.87 48.62 44.89
N LYS B 557 -1.73 48.60 44.19
CA LYS B 557 -0.81 49.74 44.26
C LYS B 557 -1.35 50.93 43.47
N PHE B 558 -1.99 50.68 42.35
CA PHE B 558 -2.64 51.74 41.58
C PHE B 558 -4.01 52.03 42.18
N TRP B 559 -4.26 53.31 42.47
CA TRP B 559 -5.51 53.76 43.09
C TRP B 559 -6.00 52.79 44.17
N ALA C 169 38.57 16.98 -4.43
CA ALA C 169 37.86 15.88 -3.78
C ALA C 169 38.11 15.89 -2.27
N LYS C 170 39.01 16.78 -1.84
CA LYS C 170 39.35 16.90 -0.43
C LYS C 170 38.59 18.02 0.28
N LEU C 171 37.88 18.87 -0.46
CA LEU C 171 37.14 19.97 0.14
C LEU C 171 35.87 19.51 0.84
N LEU C 172 35.53 18.23 0.79
CA LEU C 172 34.34 17.69 1.44
C LEU C 172 34.71 16.49 2.30
N PRO C 173 35.59 16.67 3.28
CA PRO C 173 36.01 15.55 4.13
C PRO C 173 34.99 15.27 5.21
N PRO C 174 34.36 14.10 5.19
CA PRO C 174 33.39 13.76 6.23
C PRO C 174 34.06 13.25 7.50
N GLU C 175 33.25 12.88 8.50
CA GLU C 175 33.77 12.33 9.74
C GLU C 175 32.66 11.55 10.42
N ARG C 176 32.99 10.36 10.91
CA ARG C 176 32.02 9.46 11.52
C ARG C 176 32.59 8.88 12.80
N MET C 177 31.71 8.31 13.61
CA MET C 177 32.09 7.62 14.83
C MET C 177 32.00 6.11 14.65
N LYS C 178 32.47 5.39 15.66
CA LYS C 178 32.39 3.94 15.71
C LYS C 178 31.75 3.43 16.99
N HIS C 179 31.98 4.10 18.11
CA HIS C 179 31.38 3.75 19.39
C HIS C 179 30.94 5.02 20.09
N SER C 180 30.16 4.85 21.16
CA SER C 180 29.62 5.99 21.89
C SER C 180 30.74 6.77 22.57
N ILE C 181 30.38 7.97 23.02
CA ILE C 181 31.29 8.84 23.76
C ILE C 181 30.53 9.43 24.93
N LYS C 182 31.10 9.33 26.12
CA LYS C 182 30.44 9.74 27.36
C LYS C 182 30.80 11.19 27.68
N LEU C 183 29.80 12.06 27.66
CA LEU C 183 30.01 13.44 28.09
C LEU C 183 30.10 13.54 29.60
N VAL C 184 29.16 12.91 30.30
CA VAL C 184 29.12 12.89 31.75
C VAL C 184 29.74 11.58 32.23
N ASP C 185 30.79 11.69 33.05
CA ASP C 185 31.46 10.51 33.56
C ASP C 185 30.54 9.77 34.53
N ASP C 186 31.04 8.64 35.04
CA ASP C 186 30.27 7.86 36.00
C ASP C 186 29.95 8.67 37.25
N GLN C 187 30.84 9.59 37.63
CA GLN C 187 30.64 10.46 38.78
C GLN C 187 30.05 11.81 38.40
N MET C 188 29.34 11.87 37.26
CA MET C 188 28.71 13.10 36.80
C MET C 188 29.75 14.21 36.59
N ASN C 189 30.67 13.93 35.66
CA ASN C 189 31.73 14.86 35.31
C ASN C 189 31.71 15.10 33.80
N TRP C 190 31.62 16.36 33.40
CA TRP C 190 31.54 16.70 31.99
C TRP C 190 32.83 16.30 31.27
N CYS C 191 32.68 15.81 30.04
CA CYS C 191 33.80 15.39 29.21
C CYS C 191 33.85 16.25 27.96
N ASP C 192 35.06 16.52 27.48
CA ASP C 192 35.28 17.32 26.28
C ASP C 192 35.83 16.48 25.13
N SER C 193 35.40 15.22 25.04
CA SER C 193 35.85 14.32 23.99
C SER C 193 34.93 14.29 22.79
N ALA C 194 33.83 15.05 22.81
CA ALA C 194 32.88 15.06 21.70
C ALA C 194 33.16 16.15 20.69
N ILE C 195 33.93 17.18 21.06
CA ILE C 195 34.21 18.27 20.12
C ILE C 195 34.96 17.77 18.91
N GLU C 196 35.73 16.68 19.05
CA GLU C 196 36.49 16.16 17.93
C GLU C 196 35.57 15.74 16.79
N TYR C 197 34.37 15.26 17.12
CA TYR C 197 33.42 14.78 16.13
C TYR C 197 32.34 15.81 15.80
N LEU C 198 32.47 17.03 16.31
CA LEU C 198 31.49 18.08 16.04
C LEU C 198 31.91 18.90 14.83
N LEU C 199 30.92 19.53 14.20
CA LEU C 199 31.16 20.37 13.03
C LEU C 199 30.50 21.74 13.21
N ASP C 200 30.50 22.54 12.16
CA ASP C 200 29.98 23.90 12.20
C ASP C 200 28.63 24.02 11.50
N GLN C 201 27.80 22.99 11.63
CA GLN C 201 26.46 23.02 11.05
C GLN C 201 25.47 23.62 12.04
N THR C 202 24.41 24.21 11.50
CA THR C 202 23.40 24.89 12.32
C THR C 202 22.31 23.93 12.78
N ASP C 203 21.63 23.30 11.82
CA ASP C 203 20.55 22.38 12.15
C ASP C 203 21.10 21.06 12.67
N VAL C 204 21.23 20.93 13.99
CA VAL C 204 21.74 19.73 14.64
C VAL C 204 20.64 19.19 15.54
N LEU C 205 20.18 17.98 15.25
CA LEU C 205 19.17 17.33 16.06
C LEU C 205 19.81 16.65 17.26
N VAL C 206 19.19 16.82 18.42
CA VAL C 206 19.69 16.27 19.68
C VAL C 206 18.52 15.55 20.34
N VAL C 207 18.51 14.22 20.25
CA VAL C 207 17.47 13.38 20.83
C VAL C 207 18.06 12.63 22.02
N GLY C 208 17.44 12.80 23.19
CA GLY C 208 17.83 12.08 24.39
C GLY C 208 16.75 11.11 24.82
N VAL C 209 17.17 10.15 25.64
CA VAL C 209 16.26 9.12 26.14
C VAL C 209 16.38 9.01 27.65
N LEU C 210 15.24 8.90 28.32
CA LEU C 210 15.18 8.68 29.75
C LEU C 210 14.24 7.51 30.04
N GLY C 211 14.54 6.75 31.07
CA GLY C 211 13.72 5.60 31.40
C GLY C 211 14.18 4.95 32.68
N LEU C 212 13.55 3.81 32.98
CA LEU C 212 13.80 3.08 34.21
C LEU C 212 15.06 2.23 34.06
N GLN C 213 15.28 1.33 35.02
CA GLN C 213 16.49 0.51 35.01
C GLN C 213 16.58 -0.33 33.74
N GLY C 214 15.64 -1.24 33.54
CA GLY C 214 15.67 -2.11 32.39
C GLY C 214 14.65 -1.75 31.33
N THR C 215 14.44 -0.46 31.12
CA THR C 215 13.46 0.01 30.15
C THR C 215 13.94 -0.07 28.71
N GLY C 216 15.20 -0.44 28.48
CA GLY C 216 15.73 -0.52 27.13
C GLY C 216 15.81 0.83 26.45
N LYS C 217 16.70 1.70 26.95
CA LYS C 217 16.83 3.05 26.43
C LYS C 217 18.06 3.24 25.55
N SER C 218 18.92 2.23 25.43
CA SER C 218 20.09 2.30 24.57
C SER C 218 19.94 1.51 23.29
N MET C 219 19.29 0.35 23.35
CA MET C 219 19.01 -0.40 22.13
C MET C 219 18.20 0.44 21.16
N VAL C 220 17.27 1.24 21.67
CA VAL C 220 16.48 2.12 20.81
C VAL C 220 17.38 3.16 20.16
N MET C 221 18.23 3.82 20.96
CA MET C 221 19.15 4.80 20.41
C MET C 221 20.11 4.16 19.41
N SER C 222 20.58 2.95 19.70
CA SER C 222 21.49 2.28 18.79
C SER C 222 20.81 1.95 17.46
N LEU C 223 19.59 1.43 17.51
CA LEU C 223 18.86 1.10 16.30
C LEU C 223 18.39 2.33 15.54
N LEU C 224 18.27 3.48 16.20
CA LEU C 224 17.83 4.71 15.56
C LEU C 224 18.98 5.51 14.95
N SER C 225 20.14 5.54 15.59
CA SER C 225 21.22 6.39 15.11
C SER C 225 21.99 5.73 13.97
N ALA C 226 22.64 4.61 14.24
CA ALA C 226 23.45 3.92 13.24
C ALA C 226 22.99 2.49 12.99
N ASN C 227 22.84 1.69 14.03
CA ASN C 227 22.55 0.27 13.87
C ASN C 227 21.13 0.07 13.35
N THR C 228 20.83 -1.17 12.99
CA THR C 228 19.53 -1.59 12.50
C THR C 228 19.04 -2.76 13.32
N PRO C 229 17.76 -3.13 13.20
CA PRO C 229 17.24 -4.25 13.99
C PRO C 229 17.92 -5.57 13.68
N GLU C 230 18.41 -5.76 12.46
CA GLU C 230 19.10 -6.98 12.07
C GLU C 230 20.60 -6.76 12.16
N GLU C 231 21.13 -6.89 13.37
CA GLU C 231 22.55 -6.70 13.61
C GLU C 231 22.86 -7.14 15.04
N ASP C 232 24.08 -7.63 15.23
CA ASP C 232 24.48 -8.13 16.54
C ASP C 232 24.42 -7.02 17.58
N GLN C 233 24.17 -7.40 18.84
CA GLN C 233 24.08 -6.42 19.91
C GLN C 233 25.43 -5.83 20.25
N ARG C 234 26.50 -6.63 20.21
CA ARG C 234 27.84 -6.11 20.48
C ARG C 234 28.23 -5.02 19.50
N THR C 235 27.65 -5.01 18.31
CA THR C 235 27.92 -3.98 17.32
C THR C 235 27.20 -2.67 17.62
N TYR C 236 26.24 -2.68 18.55
CA TYR C 236 25.53 -1.45 18.88
C TYR C 236 26.50 -0.41 19.43
N VAL C 237 26.27 0.85 19.04
CA VAL C 237 27.09 1.95 19.56
C VAL C 237 26.99 2.01 21.08
N PHE C 238 25.77 1.97 21.58
CA PHE C 238 25.51 2.01 23.02
C PHE C 238 25.38 0.57 23.53
N ARG C 239 26.21 0.22 24.52
CA ARG C 239 26.21 -1.14 25.04
C ARG C 239 24.86 -1.50 25.61
N ALA C 240 24.30 -2.61 25.13
CA ALA C 240 23.04 -3.13 25.66
C ALA C 240 23.33 -4.13 26.77
N GLN C 241 22.27 -4.72 27.32
CA GLN C 241 22.38 -5.70 28.39
C GLN C 241 22.28 -7.10 27.79
N SER C 242 23.37 -7.85 27.86
CA SER C 242 23.42 -9.22 27.38
C SER C 242 23.60 -10.23 28.50
N ALA C 243 24.62 -10.04 29.33
CA ALA C 243 24.86 -10.92 30.48
C ALA C 243 24.67 -10.22 31.82
N GLU C 244 24.46 -8.90 31.82
CA GLU C 244 24.28 -8.17 33.07
C GLU C 244 22.86 -8.30 33.61
N MET C 245 21.89 -8.55 32.73
CA MET C 245 20.51 -8.73 33.18
C MET C 245 20.40 -9.89 34.16
N LYS C 246 20.92 -11.06 33.77
CA LYS C 246 20.86 -12.23 34.64
C LYS C 246 21.65 -12.01 35.93
N GLU C 247 22.71 -11.22 35.89
CA GLU C 247 23.51 -10.93 37.06
C GLU C 247 22.85 -9.83 37.88
N ARG C 248 23.58 -9.28 38.86
CA ARG C 248 23.03 -8.28 39.76
C ARG C 248 22.50 -7.07 38.98
N GLY C 249 21.18 -6.89 39.01
CA GLY C 249 20.50 -5.76 38.41
C GLY C 249 21.00 -5.47 37.00
N GLY C 250 20.96 -4.18 36.66
CA GLY C 250 21.37 -3.73 35.34
C GLY C 250 22.19 -2.46 35.39
N ASN C 251 21.76 -1.45 34.63
CA ASN C 251 22.44 -0.15 34.58
C ASN C 251 23.85 -0.29 34.00
N GLN C 252 23.90 -0.74 32.75
CA GLN C 252 25.15 -0.82 32.03
C GLN C 252 25.57 0.52 31.45
N THR C 253 24.65 1.46 31.28
CA THR C 253 24.95 2.80 30.80
C THR C 253 25.18 3.69 32.01
N SER C 254 26.45 3.81 32.41
CA SER C 254 26.79 4.57 33.60
C SER C 254 26.39 6.03 33.46
N GLY C 255 26.97 6.73 32.48
CA GLY C 255 26.73 8.15 32.28
C GLY C 255 26.15 8.44 30.91
N ILE C 256 25.86 9.71 30.69
CA ILE C 256 25.30 10.16 29.43
C ILE C 256 26.33 9.95 28.32
N ASP C 257 25.94 9.19 27.30
CA ASP C 257 26.82 8.94 26.17
C ASP C 257 26.57 9.97 25.07
N PHE C 258 27.27 9.80 23.94
CA PHE C 258 27.18 10.76 22.85
C PHE C 258 27.43 10.03 21.53
N PHE C 259 26.69 10.43 20.50
CA PHE C 259 26.88 9.86 19.17
C PHE C 259 26.18 10.72 18.12
N ILE C 260 26.89 11.08 17.06
CA ILE C 260 26.35 11.89 15.97
C ILE C 260 26.32 11.02 14.73
N THR C 261 25.11 10.65 14.30
CA THR C 261 24.95 9.86 13.10
C THR C 261 25.46 10.64 11.88
N GLN C 262 25.62 9.93 10.76
CA GLN C 262 26.03 10.58 9.52
C GLN C 262 25.14 11.78 9.21
N GLU C 263 23.87 11.74 9.64
CA GLU C 263 22.94 12.84 9.45
C GLU C 263 23.11 13.95 10.47
N ARG C 264 24.20 13.95 11.23
CA ARG C 264 24.47 14.97 12.23
C ARG C 264 23.42 14.97 13.34
N ILE C 265 22.81 13.81 13.60
CA ILE C 265 21.79 13.68 14.63
C ILE C 265 22.46 13.25 15.92
N VAL C 266 22.49 14.14 16.91
CA VAL C 266 23.09 13.81 18.20
C VAL C 266 22.13 12.93 18.99
N PHE C 267 22.67 11.92 19.66
CA PHE C 267 21.89 11.00 20.49
C PHE C 267 22.48 10.97 21.89
N LEU C 268 21.59 10.95 22.88
CA LEU C 268 21.98 10.98 24.31
C LEU C 268 21.25 9.86 25.04
N ASP C 269 21.91 8.73 25.19
CA ASP C 269 21.39 7.59 25.95
C ASP C 269 21.85 7.73 27.38
N THR C 270 21.09 8.49 28.18
CA THR C 270 21.45 8.70 29.57
C THR C 270 21.29 7.41 30.37
N GLN C 271 21.68 7.48 31.64
CA GLN C 271 21.56 6.34 32.52
C GLN C 271 20.11 6.17 32.98
N PRO C 272 19.75 4.99 33.48
CA PRO C 272 18.37 4.77 33.92
C PRO C 272 18.03 5.65 35.11
N ILE C 273 17.09 6.57 34.93
CA ILE C 273 16.68 7.46 36.00
C ILE C 273 16.00 6.64 37.09
N LEU C 274 16.41 6.86 38.34
CA LEU C 274 15.88 6.12 39.48
C LEU C 274 16.09 4.61 39.29
N SER C 275 17.37 4.23 39.18
CA SER C 275 17.74 2.86 38.95
C SER C 275 18.34 2.25 40.22
N PRO C 276 17.98 1.01 40.57
CA PRO C 276 18.55 0.40 41.78
C PRO C 276 20.02 0.07 41.67
N SER C 277 20.54 -0.16 40.46
CA SER C 277 21.96 -0.48 40.32
C SER C 277 22.83 0.71 40.71
N ILE C 278 22.43 1.92 40.31
CA ILE C 278 23.19 3.10 40.70
C ILE C 278 23.14 3.30 42.21
N LEU C 279 21.98 3.05 42.83
CA LEU C 279 21.87 3.14 44.27
C LEU C 279 22.77 2.12 44.97
N ASP C 280 22.85 0.91 44.43
CA ASP C 280 23.74 -0.10 45.01
C ASP C 280 25.19 0.32 44.88
N HIS C 281 25.58 0.82 43.71
CA HIS C 281 26.94 1.29 43.52
C HIS C 281 27.27 2.43 44.49
N LEU C 282 26.31 3.31 44.74
CA LEU C 282 26.54 4.40 45.68
C LEU C 282 26.66 3.89 47.11
N ILE C 283 25.84 2.90 47.48
CA ILE C 283 25.90 2.35 48.82
C ILE C 283 27.19 1.58 49.03
N ASN C 284 27.74 0.96 47.99
CA ASN C 284 28.98 0.22 48.09
C ASN C 284 30.21 1.06 47.75
N ASN C 285 30.02 2.23 47.15
CA ASN C 285 31.13 3.10 46.80
C ASN C 285 32.10 2.40 45.85
N PRO C 291 28.07 11.47 49.43
CA PRO C 291 28.68 12.40 48.47
C PRO C 291 28.03 13.77 48.50
N GLU C 292 28.32 14.55 49.53
CA GLU C 292 27.79 15.90 49.74
C GLU C 292 26.31 15.90 50.10
N TYR C 293 25.70 14.74 50.30
CA TYR C 293 24.30 14.61 50.67
C TYR C 293 24.18 13.85 51.99
N ASN C 294 22.94 13.69 52.44
CA ASN C 294 22.67 12.99 53.69
C ASN C 294 22.32 11.52 53.50
N LEU C 295 21.85 11.13 52.31
CA LEU C 295 21.46 9.77 52.05
C LEU C 295 21.66 9.47 50.57
N PRO C 296 22.14 8.27 50.22
CA PRO C 296 22.30 7.94 48.80
C PRO C 296 20.98 7.80 48.07
N HIS C 297 19.88 7.52 48.78
CA HIS C 297 18.58 7.39 48.11
C HIS C 297 18.10 8.73 47.57
N THR C 298 18.30 9.80 48.32
CA THR C 298 17.98 11.15 47.86
C THR C 298 19.01 11.69 46.88
N TYR C 299 20.05 10.91 46.56
CA TYR C 299 21.06 11.29 45.59
C TYR C 299 20.83 10.69 44.22
N VAL C 300 20.34 9.45 44.17
CA VAL C 300 19.97 8.87 42.88
C VAL C 300 18.80 9.62 42.25
N GLU C 301 17.99 10.28 43.05
CA GLU C 301 16.91 11.13 42.55
C GLU C 301 17.41 12.48 42.06
N MET C 302 18.55 12.94 42.56
CA MET C 302 19.13 14.19 42.07
C MET C 302 19.84 13.99 40.74
N GLN C 303 20.61 12.91 40.61
CA GLN C 303 21.21 12.59 39.32
C GLN C 303 20.14 12.41 38.26
N SER C 304 19.03 11.74 38.61
CA SER C 304 17.93 11.61 37.67
C SER C 304 17.39 12.98 37.26
N LEU C 305 17.19 13.88 38.23
CA LEU C 305 16.74 15.23 37.94
C LEU C 305 17.77 16.02 37.13
N GLN C 306 19.06 15.86 37.46
CA GLN C 306 20.09 16.56 36.71
C GLN C 306 20.12 16.10 35.25
N ILE C 307 19.90 14.81 35.01
CA ILE C 307 19.88 14.29 33.65
C ILE C 307 18.60 14.66 32.93
N ALA C 308 17.48 14.76 33.64
CA ALA C 308 16.22 15.15 33.01
C ALA C 308 16.23 16.63 32.65
N ALA C 309 16.85 17.48 33.47
CA ALA C 309 16.94 18.89 33.15
C ALA C 309 17.97 19.14 32.05
N PHE C 310 19.05 18.38 32.02
CA PHE C 310 20.02 18.52 30.94
C PHE C 310 19.48 17.98 29.63
N LEU C 311 18.55 17.02 29.69
CA LEU C 311 17.93 16.47 28.50
C LEU C 311 16.78 17.32 27.99
N PHE C 312 16.34 18.32 28.76
CA PHE C 312 15.26 19.21 28.33
C PHE C 312 15.76 20.57 27.86
N THR C 313 16.81 21.09 28.48
CA THR C 313 17.37 22.38 28.08
C THR C 313 18.35 22.26 26.93
N VAL C 314 18.73 21.04 26.54
CA VAL C 314 19.71 20.81 25.50
C VAL C 314 19.14 20.02 24.34
N CYS C 315 18.38 18.97 24.62
CA CYS C 315 17.86 18.09 23.58
C CYS C 315 16.62 18.68 22.93
N HIS C 316 16.41 18.34 21.66
CA HIS C 316 15.21 18.72 20.93
C HIS C 316 14.08 17.73 21.09
N VAL C 317 14.40 16.47 21.40
CA VAL C 317 13.40 15.43 21.62
C VAL C 317 13.83 14.59 22.81
N VAL C 318 12.86 14.21 23.63
CA VAL C 318 13.10 13.40 24.83
C VAL C 318 12.33 12.11 24.64
N ILE C 319 13.04 11.02 24.34
CA ILE C 319 12.41 9.72 24.09
C ILE C 319 12.26 9.04 25.44
N VAL C 320 11.09 9.19 26.04
CA VAL C 320 10.78 8.60 27.34
C VAL C 320 10.45 7.12 27.10
N VAL C 321 11.44 6.25 27.26
CA VAL C 321 11.24 4.83 27.06
C VAL C 321 10.68 4.21 28.33
N GLN C 322 9.81 3.21 28.17
CA GLN C 322 9.17 2.55 29.29
C GLN C 322 9.02 1.07 28.98
N ASP C 323 9.55 0.23 29.87
CA ASP C 323 9.37 -1.22 29.71
C ASP C 323 7.91 -1.61 29.82
N TRP C 324 7.22 -1.12 30.84
CA TRP C 324 5.79 -1.33 31.01
C TRP C 324 5.08 0.01 30.93
N PHE C 325 3.81 -0.04 30.54
CA PHE C 325 3.05 1.18 30.29
C PHE C 325 2.41 1.70 31.56
N THR C 326 2.29 3.03 31.64
CA THR C 326 1.74 3.96 32.63
C THR C 326 2.42 3.79 33.99
N ASP C 327 3.71 4.09 34.00
CA ASP C 327 4.47 4.15 35.25
C ASP C 327 4.24 5.54 35.84
N LEU C 328 3.25 5.63 36.73
CA LEU C 328 2.90 6.92 37.32
C LEU C 328 4.11 7.62 37.90
N SER C 329 5.09 6.87 38.39
CA SER C 329 6.33 7.48 38.87
C SER C 329 7.02 8.26 37.77
N LEU C 330 7.01 7.73 36.54
CA LEU C 330 7.65 8.43 35.44
C LEU C 330 6.93 9.74 35.12
N TYR C 331 5.60 9.73 35.12
CA TYR C 331 4.84 10.93 34.80
C TYR C 331 4.93 11.96 35.92
N ARG C 332 5.11 11.51 37.16
CA ARG C 332 5.28 12.42 38.28
C ARG C 332 6.71 12.92 38.40
N PHE C 333 7.68 12.22 37.81
CA PHE C 333 9.06 12.67 37.80
C PHE C 333 9.34 13.62 36.65
N LEU C 334 8.78 13.35 35.46
CA LEU C 334 8.95 14.27 34.34
C LEU C 334 8.41 15.65 34.68
N GLN C 335 7.28 15.71 35.38
CA GLN C 335 6.74 16.99 35.81
C GLN C 335 7.61 17.67 36.85
N THR C 336 8.43 16.90 37.57
CA THR C 336 9.38 17.48 38.52
C THR C 336 10.68 17.91 37.85
N ALA C 337 11.05 17.28 36.73
CA ALA C 337 12.22 17.72 35.98
C ALA C 337 11.99 19.02 35.24
N GLU C 338 10.74 19.32 34.87
CA GLU C 338 10.44 20.61 34.27
C GLU C 338 10.60 21.73 35.28
N MET C 339 10.28 21.47 36.54
CA MET C 339 10.43 22.49 37.57
C MET C 339 11.89 22.86 37.78
N VAL C 340 12.81 21.92 37.54
CA VAL C 340 14.23 22.20 37.68
C VAL C 340 14.85 22.73 36.38
N LYS C 341 14.14 22.64 35.26
CA LYS C 341 14.64 23.09 33.97
C LYS C 341 15.05 24.57 34.08
N PRO C 342 16.34 24.87 34.06
CA PRO C 342 16.76 26.28 34.18
C PRO C 342 16.41 27.06 32.92
N SER C 343 15.56 28.07 33.08
CA SER C 343 15.16 28.93 31.97
C SER C 343 16.01 30.20 31.97
N THR C 344 15.70 31.12 31.06
CA THR C 344 16.44 32.38 30.95
C THR C 344 17.93 32.11 30.81
N PRO C 345 18.38 31.61 29.65
CA PRO C 345 19.79 31.30 29.41
C PRO C 345 20.68 32.54 29.40
N THR C 361 9.98 33.36 26.60
CA THR C 361 9.39 32.03 26.48
C THR C 361 10.38 30.96 26.91
N GLU C 362 9.87 29.96 27.64
CA GLU C 362 10.70 28.88 28.14
C GLU C 362 10.78 27.77 27.10
N TYR C 363 12.00 27.36 26.76
CA TYR C 363 12.20 26.29 25.80
C TYR C 363 11.83 24.95 26.42
N TYR C 364 10.86 24.26 25.83
CA TYR C 364 10.41 22.95 26.30
C TYR C 364 10.47 21.97 25.14
N PRO C 365 11.33 20.96 25.20
CA PRO C 365 11.44 20.02 24.08
C PRO C 365 10.23 19.09 23.97
N HIS C 366 10.26 18.19 22.99
CA HIS C 366 9.17 17.26 22.79
C HIS C 366 9.27 16.10 23.79
N LEU C 367 8.38 15.13 23.65
CA LEU C 367 8.37 13.96 24.52
C LEU C 367 7.82 12.77 23.73
N VAL C 368 8.71 11.85 23.36
CA VAL C 368 8.33 10.63 22.65
C VAL C 368 8.25 9.50 23.66
N PHE C 369 7.05 8.96 23.83
CA PHE C 369 6.81 7.87 24.80
C PHE C 369 6.93 6.54 24.07
N LEU C 370 8.05 5.87 24.24
CA LEU C 370 8.29 4.56 23.63
C LEU C 370 7.92 3.47 24.63
N GLN C 371 7.03 2.57 24.20
CA GLN C 371 6.63 1.42 25.03
C GLN C 371 7.46 0.20 24.64
N ASN C 372 8.76 0.29 24.91
CA ASN C 372 9.68 -0.78 24.57
C ASN C 372 9.19 -2.09 25.18
N LYS C 373 9.40 -3.19 24.46
CA LYS C 373 8.92 -4.51 24.86
C LYS C 373 7.39 -4.50 24.96
N ALA C 374 6.75 -4.01 23.90
CA ALA C 374 5.30 -3.91 23.86
C ALA C 374 4.70 -5.24 23.40
N ARG C 375 3.62 -5.63 24.08
CA ARG C 375 2.93 -6.88 23.77
C ARG C 375 1.91 -6.64 22.66
N ARG C 376 1.19 -7.70 22.28
CA ARG C 376 0.18 -7.59 21.25
C ARG C 376 -1.00 -6.73 21.69
N GLU C 377 -1.21 -6.57 23.00
CA GLU C 377 -2.33 -5.76 23.49
C GLU C 377 -2.11 -4.29 23.16
N ASP C 378 -0.89 -3.79 23.35
CA ASP C 378 -0.62 -2.38 23.15
C ASP C 378 -0.93 -1.92 21.73
N PHE C 379 -1.02 -2.84 20.78
CA PHE C 379 -1.29 -2.52 19.39
C PHE C 379 -2.76 -2.71 19.02
N CYS C 380 -3.67 -2.49 19.97
CA CYS C 380 -5.10 -2.60 19.72
C CYS C 380 -5.75 -1.22 19.75
N PRO C 381 -6.80 -1.01 18.95
CA PRO C 381 -7.42 0.33 18.94
C PRO C 381 -7.89 0.79 20.32
N ARG C 382 -8.57 -0.09 21.06
CA ARG C 382 -9.02 0.27 22.39
C ARG C 382 -7.82 0.56 23.30
N LYS C 383 -6.78 -0.26 23.20
CA LYS C 383 -5.58 -0.02 24.00
C LYS C 383 -4.90 1.28 23.60
N LEU C 384 -4.87 1.58 22.29
CA LEU C 384 -4.30 2.85 21.84
C LEU C 384 -5.06 4.02 22.42
N ARG C 385 -6.39 3.96 22.38
CA ARG C 385 -7.20 5.06 22.91
C ARG C 385 -7.02 5.21 24.41
N GLN C 386 -6.99 4.09 25.14
CA GLN C 386 -6.76 4.15 26.57
C GLN C 386 -5.40 4.76 26.89
N MET C 387 -4.36 4.34 26.16
CA MET C 387 -3.03 4.88 26.39
C MET C 387 -2.97 6.37 26.10
N HIS C 388 -3.57 6.81 25.00
CA HIS C 388 -3.59 8.24 24.69
C HIS C 388 -4.33 9.03 25.76
N LEU C 389 -5.49 8.56 26.21
CA LEU C 389 -6.22 9.25 27.27
C LEU C 389 -5.38 9.34 28.55
N MET C 390 -4.76 8.22 28.93
CA MET C 390 -3.99 8.20 30.18
C MET C 390 -2.80 9.14 30.09
N ILE C 391 -2.08 9.12 28.98
CA ILE C 391 -0.88 9.96 28.85
C ILE C 391 -1.24 11.41 28.64
N ASP C 392 -2.45 11.70 28.15
CA ASP C 392 -2.89 13.09 28.03
C ASP C 392 -3.39 13.64 29.36
N GLN C 393 -3.97 12.79 30.20
CA GLN C 393 -4.42 13.24 31.51
C GLN C 393 -3.26 13.36 32.48
N LEU C 394 -2.29 12.44 32.41
CA LEU C 394 -1.12 12.53 33.27
C LEU C 394 -0.23 13.70 32.89
N MET C 395 -0.05 13.91 31.58
CA MET C 395 0.75 15.02 31.06
C MET C 395 -0.10 16.20 30.61
N ALA C 396 -1.28 16.36 31.19
CA ALA C 396 -2.17 17.44 30.78
C ALA C 396 -1.51 18.81 31.00
N HIS C 397 -0.74 18.94 32.08
CA HIS C 397 -0.05 20.18 32.42
C HIS C 397 1.44 19.87 32.49
N SER C 398 2.11 19.93 31.33
CA SER C 398 3.54 19.66 31.25
C SER C 398 4.27 20.81 30.57
N HIS C 399 3.61 21.45 29.61
CA HIS C 399 4.12 22.57 28.82
C HIS C 399 5.10 22.09 27.75
N LEU C 400 5.43 20.80 27.69
CA LEU C 400 6.27 19.99 26.83
C LEU C 400 5.45 19.47 25.65
N ARG C 401 6.06 19.48 24.46
CA ARG C 401 5.38 19.08 23.23
C ARG C 401 5.36 17.55 23.16
N TYR C 402 4.43 16.97 23.92
CA TYR C 402 4.28 15.51 23.97
C TYR C 402 3.27 14.98 22.98
N LYS C 403 2.61 15.84 22.20
CA LYS C 403 1.56 15.43 21.29
C LYS C 403 1.67 16.20 19.98
N GLY C 404 1.20 15.56 18.91
CA GLY C 404 1.06 16.25 17.64
C GLY C 404 1.62 15.55 16.42
N THR C 405 2.77 14.90 16.54
CA THR C 405 3.51 14.39 15.39
C THR C 405 4.01 12.98 15.62
N LEU C 406 3.12 12.07 16.04
CA LEU C 406 3.48 10.67 16.22
C LEU C 406 2.22 9.83 16.23
N SER C 407 2.41 8.52 16.13
CA SER C 407 1.38 7.49 16.29
C SER C 407 0.48 7.33 15.08
N MET C 408 0.79 7.93 13.94
CA MET C 408 -0.04 7.86 12.75
C MET C 408 0.76 7.47 11.53
N LEU C 409 1.71 6.55 11.70
CA LEU C 409 2.53 6.07 10.58
C LEU C 409 2.07 4.70 10.07
N GLN C 410 2.03 3.70 10.94
CA GLN C 410 1.69 2.34 10.57
C GLN C 410 0.55 1.86 11.44
N CYS C 411 -0.67 1.92 10.91
CA CYS C 411 -1.86 1.45 11.60
C CYS C 411 -2.85 0.94 10.57
N ASN C 412 -4.06 0.65 11.01
CA ASN C 412 -5.14 0.22 10.13
C ASN C 412 -5.76 1.45 9.47
N VAL C 413 -6.94 1.28 8.88
CA VAL C 413 -7.64 2.36 8.20
C VAL C 413 -8.14 3.38 9.22
N PHE C 414 -7.85 3.12 10.50
CA PHE C 414 -8.28 3.96 11.62
C PHE C 414 -8.13 5.45 11.33
N PRO C 415 -9.21 6.21 11.42
CA PRO C 415 -9.08 7.67 11.51
C PRO C 415 -8.66 8.03 12.92
N GLY C 416 -8.37 9.31 13.14
CA GLY C 416 -7.97 9.72 14.46
C GLY C 416 -9.12 9.64 15.44
N LEU C 417 -9.15 8.57 16.23
CA LEU C 417 -10.20 8.39 17.23
C LEU C 417 -9.95 9.29 18.43
N PRO C 418 -8.81 9.12 19.10
CA PRO C 418 -8.54 9.92 20.29
C PRO C 418 -7.77 11.18 19.94
N PRO C 419 -7.49 12.03 20.93
CA PRO C 419 -6.59 13.16 20.69
C PRO C 419 -5.15 12.68 20.52
N ASP C 420 -4.83 12.24 19.30
CA ASP C 420 -3.53 11.63 19.02
C ASP C 420 -2.40 12.48 19.58
N PHE C 421 -1.33 11.79 20.02
CA PHE C 421 -0.18 12.45 20.60
C PHE C 421 1.06 11.63 20.27
N LEU C 422 2.21 12.11 20.74
CA LEU C 422 3.48 11.44 20.49
C LEU C 422 3.52 10.13 21.26
N ASP C 423 3.27 9.03 20.58
CA ASP C 423 3.29 7.71 21.22
C ASP C 423 3.61 6.67 20.15
N SER C 424 4.86 6.20 20.14
CA SER C 424 5.32 5.18 19.20
C SER C 424 5.70 3.94 19.98
N GLU C 425 5.00 2.83 19.70
CA GLU C 425 5.22 1.58 20.40
C GLU C 425 6.24 0.73 19.66
N VAL C 426 7.12 0.09 20.41
CA VAL C 426 8.16 -0.79 19.87
C VAL C 426 7.96 -2.17 20.49
N ASN C 427 7.68 -3.16 19.66
CA ASN C 427 7.45 -4.51 20.13
C ASN C 427 8.74 -5.12 20.67
N LEU C 428 8.63 -6.34 21.18
CA LEU C 428 9.78 -7.04 21.74
C LEU C 428 10.40 -7.97 20.69
N PRO C 452 2.44 -27.42 2.18
CA PRO C 452 3.62 -26.81 1.55
C PRO C 452 3.93 -25.43 2.13
N LEU C 453 3.30 -24.40 1.56
CA LEU C 453 3.52 -23.03 2.04
C LEU C 453 2.69 -22.72 3.28
N PHE C 454 1.55 -23.37 3.44
CA PHE C 454 0.71 -23.11 4.60
C PHE C 454 1.41 -23.48 5.90
N SER C 455 2.18 -24.57 5.89
CA SER C 455 2.89 -24.99 7.09
C SER C 455 3.90 -23.96 7.54
N LEU C 456 4.46 -23.19 6.60
CA LEU C 456 5.47 -22.17 6.92
C LEU C 456 4.81 -20.80 7.09
N LEU C 457 3.89 -20.74 8.04
CA LEU C 457 3.19 -19.50 8.36
C LEU C 457 3.61 -19.02 9.75
N PRO C 458 4.26 -17.87 9.87
CA PRO C 458 4.66 -17.39 11.20
C PRO C 458 3.43 -17.13 12.07
N GLY C 459 3.63 -17.24 13.38
CA GLY C 459 2.56 -16.98 14.31
C GLY C 459 2.04 -15.56 14.22
N TYR C 460 0.83 -15.37 14.71
CA TYR C 460 0.20 -14.05 14.68
C TYR C 460 0.83 -13.13 15.72
N ARG C 461 1.80 -12.33 15.30
CA ARG C 461 2.46 -11.42 16.23
C ARG C 461 1.46 -10.42 16.80
N GLY C 462 0.48 -10.00 16.01
CA GLY C 462 -0.49 -9.02 16.43
C GLY C 462 0.00 -7.58 16.38
N HIS C 463 1.28 -7.36 16.11
CA HIS C 463 1.88 -6.04 16.04
C HIS C 463 2.73 -5.95 14.79
N PRO C 464 3.01 -4.73 14.32
CA PRO C 464 3.88 -4.57 13.15
C PRO C 464 5.26 -5.18 13.42
N SER C 465 5.95 -5.52 12.33
CA SER C 465 7.27 -6.11 12.45
C SER C 465 8.21 -5.17 13.20
N PHE C 466 9.14 -5.77 13.96
CA PHE C 466 10.11 -4.97 14.70
C PHE C 466 10.90 -4.05 13.77
N GLN C 467 11.31 -4.57 12.61
CA GLN C 467 12.05 -3.75 11.66
C GLN C 467 11.22 -2.58 11.16
N SER C 468 9.95 -2.84 10.82
CA SER C 468 9.09 -1.76 10.34
C SER C 468 8.87 -0.68 11.39
N LEU C 469 8.61 -1.07 12.64
CA LEU C 469 8.45 -0.09 13.71
C LEU C 469 9.73 0.69 13.98
N VAL C 470 10.89 0.01 13.97
CA VAL C 470 12.15 0.72 14.15
C VAL C 470 12.36 1.73 13.02
N SER C 471 12.07 1.35 11.79
CA SER C 471 12.25 2.26 10.66
C SER C 471 11.30 3.45 10.77
N LYS C 472 10.03 3.20 11.08
CA LYS C 472 9.04 4.26 11.18
C LYS C 472 9.25 5.17 12.38
N LEU C 473 9.94 4.70 13.42
CA LEU C 473 10.32 5.55 14.53
C LEU C 473 11.59 6.34 14.25
N ARG C 474 12.55 5.74 13.54
CA ARG C 474 13.75 6.46 13.14
C ARG C 474 13.40 7.58 12.17
N SER C 475 12.46 7.33 11.25
CA SER C 475 12.04 8.38 10.33
C SER C 475 11.40 9.54 11.08
N GLN C 476 10.61 9.25 12.11
CA GLN C 476 10.00 10.32 12.90
C GLN C 476 11.05 11.08 13.71
N VAL C 477 11.99 10.35 14.32
CA VAL C 477 13.03 11.01 15.12
C VAL C 477 13.86 11.93 14.24
N MET C 478 14.23 11.47 13.05
CA MET C 478 15.00 12.31 12.14
C MET C 478 14.17 13.50 11.66
N SER C 479 12.87 13.29 11.45
CA SER C 479 12.00 14.34 10.96
C SER C 479 11.44 15.22 12.07
N MET C 480 11.78 14.94 13.33
CA MET C 480 11.26 15.75 14.43
C MET C 480 11.62 17.21 14.25
N ALA C 481 10.72 18.10 14.67
CA ALA C 481 10.97 19.53 14.56
C ALA C 481 12.22 19.90 15.34
N ARG C 482 13.06 20.74 14.72
CA ARG C 482 14.30 21.17 15.34
C ARG C 482 14.24 22.67 15.62
N PRO C 483 13.47 23.08 16.62
CA PRO C 483 13.37 24.52 16.92
C PRO C 483 14.71 25.08 17.38
N GLN C 484 14.85 26.39 17.22
CA GLN C 484 16.08 27.06 17.62
C GLN C 484 16.34 26.84 19.11
N LEU C 485 17.61 26.97 19.49
CA LEU C 485 18.02 26.76 20.87
C LEU C 485 17.70 28.02 21.69
N SER C 486 18.29 28.10 22.88
CA SER C 486 17.94 29.13 23.85
C SER C 486 17.81 30.52 23.23
N HIS C 487 18.90 31.04 22.67
CA HIS C 487 18.88 32.40 22.12
C HIS C 487 19.68 32.57 20.84
N THR C 488 20.28 31.52 20.30
CA THR C 488 21.08 31.62 19.09
C THR C 488 20.96 30.32 18.30
N ILE C 489 21.65 30.28 17.16
CA ILE C 489 21.63 29.08 16.34
C ILE C 489 22.31 27.93 17.06
N LEU C 490 23.43 28.20 17.72
CA LEU C 490 24.16 27.21 18.50
C LEU C 490 24.51 25.99 17.65
N THR C 491 25.36 26.24 16.66
CA THR C 491 25.84 25.20 15.76
C THR C 491 26.45 24.05 16.54
N GLU C 492 26.64 22.91 15.88
CA GLU C 492 27.17 21.72 16.55
C GLU C 492 28.36 22.04 17.44
N LYS C 493 29.19 23.01 17.04
CA LYS C 493 30.29 23.43 17.89
C LYS C 493 29.80 24.32 19.04
N ASN C 494 28.96 25.30 18.73
CA ASN C 494 28.41 26.16 19.78
C ASN C 494 27.49 25.37 20.70
N TRP C 495 26.85 24.32 20.19
CA TRP C 495 25.98 23.50 21.03
C TRP C 495 26.76 22.89 22.18
N PHE C 496 27.91 22.28 21.88
CA PHE C 496 28.72 21.70 22.94
C PHE C 496 29.16 22.76 23.94
N HIS C 497 29.39 23.99 23.48
CA HIS C 497 29.67 25.11 24.36
C HIS C 497 28.41 25.62 25.06
N TYR C 498 27.23 25.20 24.61
CA TYR C 498 25.97 25.54 25.25
C TYR C 498 25.43 24.45 26.15
N ALA C 499 25.76 23.19 25.87
CA ALA C 499 25.38 22.08 26.75
C ALA C 499 26.32 21.92 27.92
N ALA C 500 27.56 22.41 27.82
CA ALA C 500 28.49 22.34 28.94
C ALA C 500 28.16 23.39 29.99
N ARG C 501 27.80 24.61 29.56
CA ARG C 501 27.41 25.64 30.52
C ARG C 501 26.13 25.25 31.23
N ILE C 502 25.19 24.61 30.52
CA ILE C 502 23.97 24.15 31.16
C ILE C 502 24.28 23.09 32.20
N TRP C 503 25.25 22.23 31.92
CA TRP C 503 25.62 21.21 32.89
C TRP C 503 26.17 21.83 34.17
N ASP C 504 27.05 22.84 34.04
CA ASP C 504 27.59 23.50 35.21
C ASP C 504 26.51 24.26 35.96
N GLY C 505 25.57 24.87 35.23
CA GLY C 505 24.50 25.61 35.86
C GLY C 505 23.47 24.74 36.55
N VAL C 506 23.28 23.51 36.08
CA VAL C 506 22.33 22.61 36.72
C VAL C 506 22.96 21.82 37.86
N ARG C 507 24.22 21.40 37.71
CA ARG C 507 24.88 20.66 38.79
C ARG C 507 25.09 21.54 40.01
N LYS C 508 25.14 22.86 39.83
CA LYS C 508 25.29 23.81 40.92
C LYS C 508 24.16 24.85 40.88
N SER C 509 22.95 24.40 40.60
CA SER C 509 21.80 25.28 40.51
C SER C 509 21.13 25.43 41.87
N SER C 510 20.24 26.43 41.96
CA SER C 510 19.48 26.64 43.19
C SER C 510 18.24 25.76 43.24
N ALA C 511 17.67 25.42 42.08
CA ALA C 511 16.49 24.56 42.07
C ALA C 511 16.78 23.22 42.73
N LEU C 512 17.88 22.57 42.33
CA LEU C 512 18.24 21.29 42.93
C LEU C 512 18.69 21.46 44.38
N ALA C 513 19.47 22.52 44.66
CA ALA C 513 19.90 22.77 46.02
C ALA C 513 18.72 22.90 46.96
N GLU C 514 17.60 23.44 46.48
CA GLU C 514 16.40 23.55 47.29
C GLU C 514 15.59 22.25 47.30
N TYR C 515 15.61 21.52 46.18
CA TYR C 515 14.86 20.27 46.11
C TYR C 515 15.53 19.19 46.96
N SER C 516 16.85 19.20 47.06
CA SER C 516 17.55 18.22 47.88
C SER C 516 17.16 18.33 49.34
N ARG C 517 16.88 19.55 49.81
CA ARG C 517 16.47 19.74 51.19
C ARG C 517 15.05 19.20 51.43
N LEU C 518 14.20 19.24 50.41
CA LEU C 518 12.84 18.74 50.52
C LEU C 518 12.76 17.22 50.45
N LEU C 519 13.88 16.54 50.20
CA LEU C 519 13.90 15.09 50.12
C LEU C 519 14.32 14.48 51.44
#